data_4U1Y
#
_entry.id   4U1Y
#
_cell.length_a   105.250
_cell.length_b   151.440
_cell.length_c   330.490
_cell.angle_alpha   90.000
_cell.angle_beta   90.000
_cell.angle_gamma   90.000
#
_symmetry.space_group_name_H-M   'P 21 21 21'
#
loop_
_entity.id
_entity.type
_entity.pdbx_description
1 polymer 'Glutamate receptor 2'
2 non-polymer 2-acetamido-2-deoxy-beta-D-glucopyranose
3 non-polymer '2-AMINO-3-(5-FLUORO-2,4-DIOXO-3,4-DIHYDRO-2H-PYRIMIDIN-1-YL)-PROPIONIC ACID'
4 non-polymer "N,N'-[biphenyl-4,4'-diyldi(2R)propane-2,1-diyl]dipropane-2-sulfonamide"
#
_entity_poly.entity_id   1
_entity_poly.type   'polypeptide(L)'
_entity_poly.pdbx_seq_one_letter_code
;NSIQIGGLFPRGADQEYSAFRVGMVQFSTSEFRLTPHIDNLEVANSFAVTNAFCSQFSRGVYAIFGFYDKKSVNTITSFC
GTLHVSFITPSFPTDGTHPFVIQMRPDLKGALLSLIEYYQWDKFAYLYDSDRGLSTLQAVLDSAAEKKWQVTAINVGNIN
NDKKDETYRSLFQDLELKKERRVILDCERDKVNDIVDQVITIGKHVKGYHYIIANLGFTDGDLLKIQFGGAEVSGFQIVD
YDDSLVSKFIERWSTLEEKEYPGAHTATIKYTSALTYDAVQVMTEAFRNLRKQRIEISRRGNAGDCLANPAVPWGQGVEI
ERALKQVQVEGLSGNIKFDQNGKRINYTINIMELKTNGPRKIGYWSEVDKMVVTLTEDDTSGLEQKTVVVTTILESPYVM
MKKNHEMLEGNERYEGYCVDLAAEIAKHCGFKYKLTIVGDGKYGARDADTKIWNGMVGELVYGKADIAIAPLTITLVREE
VIDFSKPFMSLGISIMIKKPQKSKPGVFSFLDPLAYEIWMAIVFAYILVSVVLFLVSRFSPYEWHTEEFEDGEESTNEFG
IFNSFWFALKLFFQQGADISPRSLSARIVAGVWWFFTLIIISSYTANLAAFLTVERMVSPIESAEDLSKQTEIAYGTLDS
GSTKEFFRRSKIAVFDKMWTYMRSAEPSVFVRTTAEGVARVRKSKGKYAYLLESTMNEYIEQRKPCDTMKVGGNLDSKGY
GIATPKGSSLGTPVNLAVLKLSEQGVLDKLKNKWWYDKGECGAKDSGSKEKTSALSLSNVAGVFYILVGGLGLAMLVALI
EFAYKSRAEAKRMKGLVPR
;
_entity_poly.pdbx_strand_id   A,B,C,D
#
# COMPACT_ATOMS: atom_id res chain seq x y z
N ASN A 1 76.65 34.24 7.40
CA ASN A 1 75.87 33.22 8.09
C ASN A 1 75.41 32.13 7.13
N SER A 2 76.05 30.97 7.21
CA SER A 2 75.68 29.87 6.33
C SER A 2 74.63 28.98 6.99
N ILE A 3 73.42 29.03 6.44
CA ILE A 3 72.31 28.28 7.01
C ILE A 3 72.25 26.90 6.39
N GLN A 4 72.52 25.87 7.21
CA GLN A 4 72.52 24.50 6.74
C GLN A 4 71.10 23.99 6.50
N ILE A 5 70.86 23.49 5.28
CA ILE A 5 69.56 22.91 4.94
C ILE A 5 69.78 21.65 4.11
N GLY A 6 68.77 20.80 4.08
CA GLY A 6 68.86 19.59 3.29
C GLY A 6 68.03 19.72 2.04
N GLY A 7 68.43 19.06 0.96
CA GLY A 7 67.44 18.85 -0.06
C GLY A 7 67.59 17.45 -0.61
N LEU A 8 66.42 16.82 -0.79
CA LEU A 8 66.33 15.44 -1.23
C LEU A 8 65.64 15.38 -2.57
N PHE A 9 66.30 14.82 -3.57
CA PHE A 9 65.74 14.75 -4.91
C PHE A 9 65.64 13.32 -5.40
N PRO A 10 64.41 12.90 -5.77
CA PRO A 10 64.18 11.57 -6.33
C PRO A 10 64.87 11.46 -7.67
N ARG A 11 65.38 10.29 -8.01
CA ARG A 11 66.03 10.13 -9.29
C ARG A 11 65.01 10.42 -10.38
N GLY A 12 65.38 11.35 -11.25
CA GLY A 12 64.52 11.70 -12.37
C GLY A 12 63.89 13.07 -12.24
N ALA A 13 64.03 13.74 -11.11
CA ALA A 13 63.44 15.08 -11.10
C ALA A 13 64.55 16.06 -11.43
N ASP A 14 64.73 16.27 -12.73
CA ASP A 14 65.77 17.16 -13.24
C ASP A 14 65.35 18.62 -13.17
N GLN A 15 64.21 18.91 -13.78
CA GLN A 15 63.74 20.28 -13.92
C GLN A 15 63.45 20.91 -12.56
N GLU A 16 63.10 20.07 -11.59
CA GLU A 16 62.83 20.54 -10.25
C GLU A 16 64.12 20.98 -9.61
N TYR A 17 65.18 20.26 -9.92
CA TYR A 17 66.47 20.65 -9.40
C TYR A 17 66.99 21.89 -10.12
N SER A 18 66.61 22.03 -11.40
CA SER A 18 66.97 23.21 -12.18
C SER A 18 66.34 24.45 -11.56
N ALA A 19 65.07 24.34 -11.21
CA ALA A 19 64.37 25.45 -10.59
C ALA A 19 64.94 25.71 -9.20
N PHE A 20 65.41 24.65 -8.55
CA PHE A 20 66.04 24.79 -7.24
C PHE A 20 67.31 25.64 -7.34
N ARG A 21 68.15 25.32 -8.32
CA ARG A 21 69.41 26.03 -8.51
C ARG A 21 69.17 27.49 -8.90
N VAL A 22 68.22 27.70 -9.82
CA VAL A 22 67.89 29.06 -10.27
C VAL A 22 67.40 29.90 -9.11
N GLY A 23 66.59 29.27 -8.25
CA GLY A 23 66.10 29.95 -7.07
C GLY A 23 67.17 30.16 -6.02
N MET A 24 68.22 29.35 -6.05
CA MET A 24 69.30 29.55 -5.09
C MET A 24 70.15 30.74 -5.49
N VAL A 25 70.40 30.90 -6.79
CA VAL A 25 71.16 32.07 -7.22
C VAL A 25 70.31 33.36 -7.18
N GLN A 26 69.07 33.31 -7.68
CA GLN A 26 68.21 34.50 -7.70
C GLN A 26 67.85 35.08 -6.33
N PHE A 27 67.70 34.19 -5.34
CA PHE A 27 67.26 34.58 -4.00
C PHE A 27 68.40 34.59 -2.97
N SER A 28 69.63 34.45 -3.47
CA SER A 28 70.80 34.52 -2.62
C SER A 28 70.98 35.93 -2.11
N THR A 29 71.24 36.06 -0.81
CA THR A 29 71.42 37.38 -0.22
C THR A 29 72.81 37.56 0.36
N SER A 30 73.28 38.81 0.33
CA SER A 30 74.61 39.16 0.83
C SER A 30 74.73 39.02 2.35
N GLU A 31 73.67 39.39 3.06
CA GLU A 31 73.60 39.33 4.52
C GLU A 31 73.85 37.94 5.09
N PHE A 32 73.13 36.96 4.55
CA PHE A 32 73.26 35.57 4.98
C PHE A 32 73.20 34.65 3.77
N ARG A 33 73.99 33.57 3.81
CA ARG A 33 74.03 32.65 2.67
C ARG A 33 73.49 31.26 3.01
N LEU A 34 72.57 30.80 2.16
CA LEU A 34 71.90 29.51 2.32
C LEU A 34 72.83 28.37 1.90
N THR A 35 72.92 27.29 2.67
CA THR A 35 73.76 26.16 2.23
C THR A 35 73.03 24.84 2.03
N PRO A 36 72.83 24.42 0.76
CA PRO A 36 72.14 23.16 0.47
C PRO A 36 73.01 21.89 0.53
N HIS A 37 72.54 20.82 1.16
CA HIS A 37 73.18 19.51 1.06
C HIS A 37 72.30 18.54 0.25
N ILE A 38 72.73 18.26 -0.98
CA ILE A 38 71.94 17.45 -1.90
C ILE A 38 72.11 15.92 -1.82
N ASP A 39 70.98 15.22 -1.90
CA ASP A 39 70.95 13.77 -1.97
C ASP A 39 70.07 13.32 -3.14
N ASN A 40 70.53 12.31 -3.86
CA ASN A 40 69.76 11.74 -4.96
C ASN A 40 69.36 10.31 -4.60
N LEU A 41 68.06 10.06 -4.42
CA LEU A 41 67.60 8.77 -3.88
C LEU A 41 66.31 8.25 -4.49
N GLU A 42 66.07 6.94 -4.35
CA GLU A 42 64.77 6.37 -4.64
C GLU A 42 63.75 6.92 -3.65
N VAL A 43 62.80 7.70 -4.14
CA VAL A 43 61.84 8.38 -3.28
C VAL A 43 60.88 7.40 -2.56
N ALA A 44 60.48 6.35 -3.27
CA ALA A 44 59.47 5.41 -2.77
C ALA A 44 60.07 4.41 -1.80
N ASN A 45 61.39 4.35 -1.77
CA ASN A 45 62.07 3.42 -0.89
C ASN A 45 62.21 4.03 0.50
N SER A 46 61.36 3.56 1.41
CA SER A 46 61.33 4.04 2.80
C SER A 46 62.71 4.06 3.48
N PHE A 47 63.49 3.02 3.26
CA PHE A 47 64.79 2.86 3.88
C PHE A 47 65.73 4.01 3.48
N ALA A 48 65.91 4.19 2.17
CA ALA A 48 66.76 5.26 1.64
C ALA A 48 66.36 6.62 2.20
N VAL A 49 65.05 6.82 2.33
CA VAL A 49 64.51 8.05 2.91
C VAL A 49 64.96 8.24 4.36
N THR A 50 64.65 7.26 5.20
CA THR A 50 65.07 7.29 6.60
C THR A 50 66.56 7.56 6.76
N ASN A 51 67.35 6.85 5.96
CA ASN A 51 68.81 6.97 5.97
C ASN A 51 69.25 8.39 5.65
N ALA A 52 68.78 8.91 4.51
CA ALA A 52 69.06 10.28 4.11
C ALA A 52 68.69 11.29 5.20
N PHE A 53 67.45 11.19 5.69
CA PHE A 53 66.94 12.06 6.74
C PHE A 53 67.84 12.08 7.97
N CYS A 54 68.20 10.89 8.46
CA CYS A 54 69.09 10.82 9.62
C CYS A 54 70.45 11.42 9.32
N SER A 55 70.96 11.18 8.12
CA SER A 55 72.22 11.79 7.68
C SER A 55 72.16 13.31 7.75
N GLN A 56 71.05 13.87 7.28
CA GLN A 56 70.81 15.31 7.33
C GLN A 56 70.74 15.82 8.77
N PHE A 57 70.09 15.04 9.63
CA PHE A 57 69.94 15.42 11.02
C PHE A 57 71.32 15.49 11.68
N SER A 58 72.13 14.45 11.46
CA SER A 58 73.52 14.44 11.94
C SER A 58 74.34 15.59 11.37
N ARG A 59 74.10 15.91 10.10
CA ARG A 59 74.78 17.02 9.44
C ARG A 59 74.40 18.36 10.08
N GLY A 60 73.30 18.37 10.82
CA GLY A 60 72.87 19.55 11.54
C GLY A 60 72.18 20.57 10.64
N VAL A 61 71.11 20.13 9.98
CA VAL A 61 70.33 21.00 9.12
C VAL A 61 69.18 21.64 9.90
N TYR A 62 68.84 22.89 9.55
CA TYR A 62 67.78 23.59 10.27
C TYR A 62 66.42 23.32 9.64
N ALA A 63 66.45 22.86 8.39
CA ALA A 63 65.24 22.54 7.65
C ALA A 63 65.56 21.56 6.51
N ILE A 64 64.55 20.83 6.06
CA ILE A 64 64.74 19.88 4.97
C ILE A 64 63.70 20.02 3.86
N PHE A 65 64.16 20.30 2.65
CA PHE A 65 63.27 20.37 1.50
C PHE A 65 63.39 19.10 0.66
N GLY A 66 62.26 18.44 0.39
CA GLY A 66 62.29 17.21 -0.38
C GLY A 66 60.96 16.71 -0.88
N PHE A 67 61.01 15.68 -1.72
CA PHE A 67 59.84 15.03 -2.28
C PHE A 67 59.53 13.76 -1.50
N TYR A 68 58.27 13.34 -1.49
CA TYR A 68 57.95 12.03 -0.94
C TYR A 68 56.89 11.33 -1.78
N ASP A 69 56.72 10.04 -1.52
CA ASP A 69 55.78 9.21 -2.27
C ASP A 69 54.71 8.70 -1.34
N LYS A 70 53.73 7.98 -1.88
CA LYS A 70 52.64 7.47 -1.08
C LYS A 70 53.14 6.37 -0.15
N LYS A 71 54.29 5.79 -0.48
CA LYS A 71 54.89 4.80 0.38
C LYS A 71 55.75 5.45 1.46
N SER A 72 56.21 6.66 1.20
CA SER A 72 57.19 7.29 2.09
C SER A 72 56.62 8.41 2.95
N VAL A 73 55.37 8.79 2.72
CA VAL A 73 54.77 9.95 3.39
C VAL A 73 54.75 9.85 4.92
N ASN A 74 54.41 8.67 5.42
CA ASN A 74 54.22 8.48 6.86
C ASN A 74 55.53 8.54 7.64
N THR A 75 56.59 8.01 7.04
CA THR A 75 57.93 8.11 7.60
C THR A 75 58.29 9.57 7.85
N ILE A 76 58.24 10.37 6.78
CA ILE A 76 58.52 11.79 6.85
C ILE A 76 57.65 12.51 7.87
N THR A 77 56.34 12.31 7.80
CA THR A 77 55.42 12.99 8.71
C THR A 77 55.72 12.65 10.17
N SER A 78 55.92 11.37 10.44
CA SER A 78 56.20 10.89 11.78
C SER A 78 57.52 11.45 12.32
N PHE A 79 58.59 11.30 11.55
CA PHE A 79 59.91 11.74 12.00
C PHE A 79 60.00 13.26 12.15
N CYS A 80 59.28 13.99 11.32
CA CYS A 80 59.28 15.44 11.42
C CYS A 80 58.42 15.91 12.57
N GLY A 81 57.36 15.16 12.87
CA GLY A 81 56.50 15.50 13.98
C GLY A 81 57.15 15.14 15.31
N THR A 82 58.06 14.17 15.27
CA THR A 82 58.78 13.74 16.46
C THR A 82 60.00 14.59 16.76
N LEU A 83 60.85 14.82 15.76
CA LEU A 83 62.10 15.55 15.98
C LEU A 83 61.94 17.05 15.78
N HIS A 84 60.73 17.48 15.44
CA HIS A 84 60.40 18.89 15.28
C HIS A 84 61.27 19.61 14.24
N VAL A 85 61.89 18.82 13.35
CA VAL A 85 62.56 19.37 12.19
C VAL A 85 61.50 19.70 11.15
N SER A 86 61.71 20.77 10.38
CA SER A 86 60.71 21.20 9.42
C SER A 86 60.96 20.60 8.04
N PHE A 87 59.87 20.30 7.32
CA PHE A 87 59.94 19.67 6.01
C PHE A 87 59.13 20.46 4.97
N ILE A 88 59.78 20.79 3.86
CA ILE A 88 59.13 21.53 2.78
C ILE A 88 58.99 20.65 1.54
N THR A 89 57.77 20.49 1.05
CA THR A 89 57.54 19.60 -0.09
C THR A 89 56.58 20.14 -1.16
N PRO A 90 56.93 19.92 -2.43
CA PRO A 90 56.10 20.16 -3.62
C PRO A 90 55.11 19.03 -3.88
N SER A 91 55.24 17.93 -3.15
CA SER A 91 54.39 16.77 -3.40
C SER A 91 53.01 16.94 -2.77
N PHE A 92 52.14 15.97 -3.03
CA PHE A 92 50.74 16.07 -2.62
C PHE A 92 50.59 16.24 -1.12
N PRO A 93 49.50 16.88 -0.68
CA PRO A 93 49.31 17.17 0.74
C PRO A 93 48.91 15.95 1.55
N THR A 94 49.48 15.85 2.75
CA THR A 94 49.14 14.80 3.69
C THR A 94 47.65 14.83 4.06
N ASP A 95 47.09 13.66 4.32
CA ASP A 95 45.69 13.54 4.73
C ASP A 95 45.54 13.87 6.22
N GLY A 96 44.79 14.92 6.52
CA GLY A 96 44.53 15.28 7.91
C GLY A 96 45.44 16.38 8.39
N THR A 97 45.81 16.33 9.67
CA THR A 97 46.67 17.35 10.25
C THR A 97 47.99 16.77 10.72
N HIS A 98 49.06 17.06 9.99
CA HIS A 98 50.38 16.60 10.39
C HIS A 98 51.34 17.78 10.53
N PRO A 99 52.09 17.80 11.64
CA PRO A 99 52.95 18.93 12.02
C PRO A 99 54.27 18.96 11.28
N PHE A 100 54.89 20.14 11.23
CA PHE A 100 56.22 20.30 10.67
C PHE A 100 56.31 19.84 9.22
N VAL A 101 55.18 19.87 8.53
CA VAL A 101 55.15 19.53 7.12
C VAL A 101 54.54 20.69 6.34
N ILE A 102 55.32 21.25 5.42
CA ILE A 102 54.87 22.41 4.68
C ILE A 102 54.61 22.02 3.24
N GLN A 103 53.33 21.83 2.90
CA GLN A 103 52.98 21.39 1.56
C GLN A 103 52.81 22.58 0.62
N MET A 104 53.84 22.82 -0.19
CA MET A 104 53.81 23.86 -1.22
C MET A 104 52.63 23.73 -2.18
N ARG A 105 52.21 22.49 -2.40
CA ARG A 105 51.13 22.20 -3.32
C ARG A 105 49.78 22.44 -2.64
N PRO A 106 48.87 23.13 -3.34
CA PRO A 106 47.53 23.41 -2.79
C PRO A 106 46.65 22.16 -2.79
N ASP A 107 45.39 22.31 -2.39
CA ASP A 107 44.46 21.19 -2.40
C ASP A 107 43.54 21.30 -3.61
N LEU A 108 43.47 20.24 -4.40
CA LEU A 108 42.75 20.30 -5.67
C LEU A 108 41.32 19.75 -5.58
N LYS A 109 41.05 18.97 -4.53
CA LYS A 109 39.77 18.26 -4.39
C LYS A 109 38.54 19.15 -4.64
N GLY A 110 38.52 20.31 -4.01
CA GLY A 110 37.39 21.21 -4.11
C GLY A 110 37.25 21.80 -5.51
N ALA A 111 38.38 22.02 -6.17
CA ALA A 111 38.36 22.56 -7.53
C ALA A 111 37.83 21.51 -8.51
N LEU A 112 38.22 20.25 -8.30
CA LEU A 112 37.71 19.16 -9.13
C LEU A 112 36.22 18.98 -8.94
N LEU A 113 35.77 18.95 -7.69
CA LEU A 113 34.34 18.80 -7.41
C LEU A 113 33.55 19.99 -7.98
N SER A 114 34.08 21.20 -7.83
CA SER A 114 33.41 22.40 -8.35
C SER A 114 33.34 22.34 -9.87
N LEU A 115 34.37 21.78 -10.49
CA LEU A 115 34.38 21.63 -11.93
C LEU A 115 33.37 20.60 -12.44
N ILE A 116 33.26 19.50 -11.71
CA ILE A 116 32.31 18.47 -12.04
C ILE A 116 30.89 19.04 -11.90
N GLU A 117 30.73 19.93 -10.94
CA GLU A 117 29.45 20.57 -10.71
C GLU A 117 29.18 21.67 -11.75
N TYR A 118 30.24 22.20 -12.36
CA TYR A 118 30.10 23.22 -13.41
C TYR A 118 29.67 22.57 -14.71
N TYR A 119 30.28 21.44 -15.03
CA TYR A 119 29.86 20.67 -16.19
C TYR A 119 28.55 19.96 -15.89
N GLN A 120 28.19 19.94 -14.61
CA GLN A 120 26.92 19.39 -14.14
C GLN A 120 26.75 17.92 -14.52
N TRP A 121 27.83 17.16 -14.47
CA TRP A 121 27.79 15.73 -14.75
C TRP A 121 26.94 14.97 -13.72
N ASP A 122 26.23 13.94 -14.16
CA ASP A 122 25.53 13.10 -13.20
C ASP A 122 26.20 11.74 -13.06
N LYS A 123 26.90 11.34 -14.11
CA LYS A 123 27.61 10.07 -14.13
C LYS A 123 28.92 10.23 -14.87
N PHE A 124 29.96 9.56 -14.40
CA PHE A 124 31.26 9.67 -15.05
C PHE A 124 32.21 8.54 -14.69
N ALA A 125 33.36 8.53 -15.33
CA ALA A 125 34.36 7.50 -15.09
C ALA A 125 35.61 8.11 -14.47
N TYR A 126 36.04 7.53 -13.36
CA TYR A 126 37.19 8.01 -12.62
C TYR A 126 38.36 7.03 -12.69
N LEU A 127 39.43 7.42 -13.39
CA LEU A 127 40.64 6.61 -13.47
C LEU A 127 41.70 7.19 -12.54
N TYR A 128 41.97 6.48 -11.45
CA TYR A 128 42.88 6.97 -10.42
C TYR A 128 44.20 6.20 -10.37
N ASP A 129 45.28 6.92 -10.06
CA ASP A 129 46.57 6.29 -9.84
C ASP A 129 46.76 6.02 -8.36
N SER A 130 47.00 4.76 -8.02
CA SER A 130 47.24 4.35 -6.63
C SER A 130 48.45 5.05 -6.03
N ASP A 131 49.55 5.08 -6.78
CA ASP A 131 50.80 5.70 -6.32
C ASP A 131 50.70 7.17 -5.96
N ARG A 132 49.56 7.78 -6.28
CA ARG A 132 49.34 9.19 -5.99
C ARG A 132 48.60 9.40 -4.68
N GLY A 133 47.90 8.37 -4.24
CA GLY A 133 47.08 8.46 -3.05
C GLY A 133 45.60 8.50 -3.41
N LEU A 134 44.77 7.89 -2.57
CA LEU A 134 43.33 7.75 -2.83
C LEU A 134 42.49 8.85 -2.19
N SER A 135 43.14 9.94 -1.78
CA SER A 135 42.44 11.03 -1.09
C SER A 135 41.38 11.68 -1.98
N THR A 136 41.74 12.00 -3.22
CA THR A 136 40.77 12.60 -4.14
C THR A 136 39.66 11.59 -4.45
N LEU A 137 40.02 10.33 -4.54
CA LEU A 137 39.05 9.26 -4.77
C LEU A 137 38.02 9.25 -3.63
N GLN A 138 38.51 9.40 -2.40
CA GLN A 138 37.64 9.48 -1.25
C GLN A 138 36.72 10.68 -1.34
N ALA A 139 37.29 11.82 -1.75
CA ALA A 139 36.51 13.05 -1.88
C ALA A 139 35.37 12.89 -2.88
N VAL A 140 35.69 12.38 -4.07
CA VAL A 140 34.71 12.26 -5.15
C VAL A 140 33.71 11.15 -4.88
N LEU A 141 34.12 10.14 -4.12
CA LEU A 141 33.20 9.08 -3.71
C LEU A 141 32.17 9.59 -2.68
N ASP A 142 32.65 10.32 -1.68
CA ASP A 142 31.74 10.87 -0.67
C ASP A 142 30.82 11.92 -1.28
N SER A 143 31.37 12.74 -2.17
CA SER A 143 30.56 13.74 -2.85
C SER A 143 29.68 13.07 -3.91
N ALA A 144 30.00 11.84 -4.28
CA ALA A 144 29.13 11.08 -5.18
C ALA A 144 27.92 10.63 -4.40
N ALA A 145 28.17 10.06 -3.22
CA ALA A 145 27.08 9.59 -2.36
C ALA A 145 26.22 10.76 -1.85
N GLU A 146 26.80 11.95 -1.84
CA GLU A 146 26.06 13.13 -1.37
C GLU A 146 24.95 13.58 -2.33
N LYS A 147 25.29 13.74 -3.61
CA LYS A 147 24.39 14.31 -4.63
C LYS A 147 23.79 13.34 -5.66
N LYS A 148 23.84 12.03 -5.38
CA LYS A 148 23.35 11.04 -6.35
C LYS A 148 24.13 11.06 -7.67
N TRP A 149 25.37 10.59 -7.61
CA TRP A 149 26.25 10.44 -8.78
C TRP A 149 26.49 8.96 -9.04
N GLN A 150 26.57 8.61 -10.32
CA GLN A 150 26.93 7.25 -10.68
C GLN A 150 28.39 7.31 -11.09
N VAL A 151 29.24 6.70 -10.27
CA VAL A 151 30.67 6.81 -10.50
C VAL A 151 31.28 5.44 -10.55
N THR A 152 32.07 5.21 -11.58
CA THR A 152 32.82 3.99 -11.69
C THR A 152 34.27 4.35 -11.61
N ALA A 153 34.94 3.80 -10.61
CA ALA A 153 36.33 4.09 -10.40
C ALA A 153 37.10 2.81 -10.64
N ILE A 154 38.13 2.93 -11.45
CA ILE A 154 38.93 1.79 -11.84
C ILE A 154 40.36 2.07 -11.43
N ASN A 155 41.06 1.03 -10.98
CA ASN A 155 42.43 1.22 -10.60
C ASN A 155 43.23 1.03 -11.87
N VAL A 156 43.67 2.16 -12.42
CA VAL A 156 44.36 2.15 -13.69
C VAL A 156 45.86 1.96 -13.45
N LYS A 179 32.46 3.91 -17.84
CA LYS A 179 32.17 3.64 -19.24
C LYS A 179 31.42 4.81 -19.88
N GLU A 180 30.97 5.74 -19.03
CA GLU A 180 30.22 6.91 -19.47
C GLU A 180 31.07 7.89 -20.27
N ARG A 181 30.40 8.74 -21.06
CA ARG A 181 31.05 9.71 -21.94
C ARG A 181 32.09 10.56 -21.22
N ARG A 182 31.90 10.74 -19.92
CA ARG A 182 32.76 11.60 -19.13
C ARG A 182 33.87 10.83 -18.40
N VAL A 183 35.11 11.29 -18.60
CA VAL A 183 36.24 10.59 -18.01
C VAL A 183 37.15 11.54 -17.26
N ILE A 184 37.55 11.14 -16.06
CA ILE A 184 38.47 11.92 -15.25
C ILE A 184 39.78 11.17 -15.07
N LEU A 185 40.89 11.89 -15.13
CA LEU A 185 42.19 11.25 -15.00
C LEU A 185 42.98 11.86 -13.86
N ASP A 186 43.04 11.17 -12.73
CA ASP A 186 43.88 11.65 -11.64
C ASP A 186 45.17 10.85 -11.64
N CYS A 187 46.19 11.34 -12.35
CA CYS A 187 47.45 10.60 -12.49
C CYS A 187 48.67 11.46 -12.86
N GLU A 188 49.86 10.87 -12.71
CA GLU A 188 51.11 11.46 -13.18
C GLU A 188 51.14 11.54 -14.71
N ARG A 189 51.95 12.46 -15.24
CA ARG A 189 52.01 12.72 -16.68
C ARG A 189 52.39 11.50 -17.55
N ASP A 190 53.26 10.63 -17.04
CA ASP A 190 53.68 9.45 -17.80
C ASP A 190 52.49 8.53 -18.08
N LYS A 191 51.85 8.11 -17.00
CA LYS A 191 50.68 7.26 -17.05
C LYS A 191 49.54 7.88 -17.85
N VAL A 192 49.28 9.17 -17.60
CA VAL A 192 48.26 9.91 -18.34
C VAL A 192 48.51 9.84 -19.83
N ASN A 193 49.75 10.13 -20.24
CA ASN A 193 50.11 10.08 -21.64
C ASN A 193 49.93 8.68 -22.24
N ASP A 194 50.31 7.66 -21.47
CA ASP A 194 50.10 6.27 -21.90
C ASP A 194 48.62 6.02 -22.17
N ILE A 195 47.79 6.37 -21.19
CA ILE A 195 46.33 6.27 -21.29
C ILE A 195 45.83 6.99 -22.54
N VAL A 196 46.39 8.16 -22.80
CA VAL A 196 46.05 8.95 -23.98
C VAL A 196 46.31 8.14 -25.23
N ASP A 197 47.48 7.52 -25.31
CA ASP A 197 47.79 6.63 -26.43
C ASP A 197 46.74 5.52 -26.58
N GLN A 198 46.30 4.95 -25.46
CA GLN A 198 45.33 3.87 -25.49
C GLN A 198 44.01 4.39 -26.06
N VAL A 199 43.66 5.62 -25.68
CA VAL A 199 42.48 6.29 -26.22
C VAL A 199 42.59 6.47 -27.74
N ILE A 200 43.78 6.87 -28.19
CA ILE A 200 44.05 7.07 -29.62
C ILE A 200 43.92 5.79 -30.44
N THR A 201 44.25 4.67 -29.80
CA THR A 201 44.29 3.38 -30.49
C THR A 201 42.94 2.83 -30.98
N ILE A 202 41.90 2.92 -30.16
CA ILE A 202 40.61 2.35 -30.56
C ILE A 202 40.03 3.05 -31.79
N GLY A 203 40.29 4.35 -31.91
CA GLY A 203 39.80 5.18 -33.02
C GLY A 203 38.30 5.13 -33.21
N LYS A 204 37.60 4.57 -32.22
CA LYS A 204 36.16 4.48 -32.16
C LYS A 204 35.59 5.54 -31.23
N HIS A 205 36.47 6.39 -30.71
CA HIS A 205 36.04 7.45 -29.80
C HIS A 205 34.96 8.28 -30.45
N VAL A 206 33.82 8.38 -29.79
CA VAL A 206 32.72 9.13 -30.37
C VAL A 206 32.89 10.62 -30.12
N LYS A 207 32.23 11.43 -30.93
CA LYS A 207 32.23 12.88 -30.74
C LYS A 207 31.66 13.18 -29.37
N GLY A 208 32.17 14.21 -28.69
CA GLY A 208 31.63 14.55 -27.40
C GLY A 208 32.34 13.97 -26.18
N TYR A 209 33.25 13.01 -26.37
CA TYR A 209 34.04 12.52 -25.24
C TYR A 209 34.66 13.70 -24.53
N HIS A 210 34.63 13.65 -23.20
CA HIS A 210 35.17 14.75 -22.44
C HIS A 210 36.12 14.22 -21.40
N TYR A 211 37.27 14.87 -21.33
CA TYR A 211 38.27 14.41 -20.38
C TYR A 211 38.58 15.55 -19.43
N ILE A 212 38.69 15.22 -18.15
CA ILE A 212 39.14 16.17 -17.15
C ILE A 212 40.44 15.68 -16.52
N ILE A 213 41.50 16.44 -16.75
CA ILE A 213 42.81 16.11 -16.22
C ILE A 213 42.93 16.75 -14.83
N ALA A 214 42.95 15.86 -13.84
CA ALA A 214 42.88 16.13 -12.41
C ALA A 214 44.21 16.50 -11.77
N ASN A 215 45.17 16.95 -12.58
CA ASN A 215 46.43 17.46 -12.04
C ASN A 215 46.68 18.95 -12.35
N LEU A 216 47.58 19.57 -11.58
CA LEU A 216 47.86 21.00 -11.65
C LEU A 216 48.77 21.35 -12.84
N GLY A 217 49.16 20.33 -13.58
CA GLY A 217 50.08 20.43 -14.70
C GLY A 217 49.55 20.42 -16.13
N PHE A 218 48.36 20.95 -16.37
CA PHE A 218 47.68 20.75 -17.66
C PHE A 218 48.47 21.21 -18.89
N THR A 219 49.10 22.39 -18.88
CA THR A 219 49.87 22.82 -20.05
C THR A 219 51.29 22.28 -20.05
N ASP A 220 51.72 21.78 -18.90
CA ASP A 220 53.04 21.18 -18.76
C ASP A 220 53.20 20.00 -19.70
N GLY A 221 52.25 19.06 -19.64
CA GLY A 221 52.23 17.94 -20.56
C GLY A 221 51.77 18.42 -21.92
N ASP A 222 52.16 17.72 -22.98
CA ASP A 222 51.83 18.17 -24.32
C ASP A 222 50.40 17.80 -24.74
N LEU A 223 49.62 18.84 -24.98
CA LEU A 223 48.22 18.73 -25.36
C LEU A 223 48.03 18.94 -26.86
N LEU A 224 49.11 19.32 -27.53
CA LEU A 224 49.09 19.66 -28.95
C LEU A 224 48.53 18.54 -29.83
N LYS A 225 48.60 17.31 -29.35
CA LYS A 225 48.23 16.15 -30.17
C LYS A 225 46.75 15.77 -30.09
N ILE A 226 46.05 16.23 -29.06
CA ILE A 226 44.60 16.02 -28.98
C ILE A 226 43.88 17.33 -29.31
N GLN A 227 44.65 18.41 -29.37
CA GLN A 227 44.11 19.74 -29.65
C GLN A 227 43.29 19.80 -30.94
N PHE A 228 43.79 19.16 -32.00
CA PHE A 228 43.12 19.13 -33.30
C PHE A 228 42.31 17.84 -33.48
N GLY A 229 42.38 16.95 -32.50
CA GLY A 229 41.71 15.65 -32.55
C GLY A 229 40.19 15.67 -32.41
N GLY A 230 39.65 16.60 -31.64
CA GLY A 230 38.21 16.78 -31.58
C GLY A 230 37.41 16.58 -30.31
N ALA A 231 37.81 15.70 -29.41
CA ALA A 231 37.16 15.51 -28.14
C ALA A 231 37.60 16.65 -27.20
N GLU A 232 36.70 17.19 -26.39
CA GLU A 232 37.11 18.30 -25.51
C GLU A 232 37.79 17.84 -24.20
N VAL A 233 38.89 18.52 -23.88
CA VAL A 233 39.67 18.22 -22.67
C VAL A 233 39.88 19.46 -21.81
N SER A 234 39.56 19.35 -20.53
CA SER A 234 39.72 20.42 -19.56
C SER A 234 40.60 19.99 -18.40
N GLY A 235 41.29 20.94 -17.78
CA GLY A 235 42.16 20.64 -16.66
C GLY A 235 42.46 21.86 -15.81
N PHE A 236 43.47 21.73 -14.96
CA PHE A 236 43.84 22.77 -14.01
C PHE A 236 45.29 23.24 -14.23
N GLN A 237 45.49 24.54 -14.13
CA GLN A 237 46.83 25.12 -14.23
C GLN A 237 47.10 26.04 -13.04
N ILE A 238 48.25 25.85 -12.40
CA ILE A 238 48.57 26.61 -11.21
C ILE A 238 49.52 27.79 -11.50
N VAL A 239 50.10 27.81 -12.70
CA VAL A 239 51.00 28.89 -13.08
C VAL A 239 50.51 29.61 -14.34
N ASP A 240 49.99 30.82 -14.16
CA ASP A 240 49.55 31.63 -15.30
C ASP A 240 50.74 32.30 -15.99
N TYR A 241 50.94 32.02 -17.28
CA TYR A 241 52.04 32.59 -18.04
C TYR A 241 51.75 34.03 -18.49
N ASP A 242 50.59 34.51 -18.09
CA ASP A 242 50.13 35.87 -18.39
C ASP A 242 50.44 36.82 -17.24
N ASP A 243 51.42 36.45 -16.43
CA ASP A 243 51.85 37.25 -15.27
C ASP A 243 53.22 37.87 -15.54
N SER A 244 53.46 39.04 -14.94
CA SER A 244 54.71 39.76 -15.12
C SER A 244 55.86 39.01 -14.45
N LEU A 245 55.59 38.46 -13.27
CA LEU A 245 56.57 37.68 -12.54
C LEU A 245 56.90 36.43 -13.35
N VAL A 246 55.85 35.73 -13.77
CA VAL A 246 56.01 34.51 -14.55
C VAL A 246 56.70 34.76 -15.90
N SER A 247 56.44 35.93 -16.50
CA SER A 247 57.04 36.24 -17.80
C SER A 247 58.50 36.66 -17.67
N LYS A 248 58.82 37.29 -16.55
CA LYS A 248 60.21 37.67 -16.26
C LYS A 248 61.01 36.39 -16.02
N PHE A 249 60.43 35.52 -15.18
CA PHE A 249 60.98 34.20 -14.95
C PHE A 249 61.15 33.41 -16.25
N ILE A 250 60.18 33.53 -17.16
CA ILE A 250 60.22 32.84 -18.45
C ILE A 250 61.33 33.40 -19.34
N GLU A 251 61.56 34.71 -19.27
CA GLU A 251 62.68 35.32 -19.96
C GLU A 251 63.98 34.69 -19.44
N ARG A 252 64.08 34.60 -18.12
CA ARG A 252 65.22 33.95 -17.48
C ARG A 252 65.37 32.51 -17.95
N TRP A 253 64.24 31.82 -18.07
CA TRP A 253 64.21 30.39 -18.34
C TRP A 253 64.56 30.14 -19.82
N SER A 254 64.28 31.12 -20.67
CA SER A 254 64.60 30.99 -22.08
C SER A 254 66.06 31.37 -22.29
N THR A 255 66.60 32.15 -21.35
CA THR A 255 68.01 32.53 -21.40
C THR A 255 68.92 31.35 -21.04
N LEU A 256 68.49 30.55 -20.07
CA LEU A 256 69.31 29.48 -19.50
C LEU A 256 69.77 28.46 -20.53
N GLU A 257 70.94 27.87 -20.28
CA GLU A 257 71.48 26.82 -21.13
C GLU A 257 70.95 25.46 -20.70
N GLU A 258 70.57 24.64 -21.67
CA GLU A 258 70.04 23.31 -21.36
C GLU A 258 71.14 22.36 -20.93
N LYS A 259 72.39 22.75 -21.15
CA LYS A 259 73.53 21.91 -20.81
C LYS A 259 73.83 21.99 -19.32
N GLU A 260 73.38 23.07 -18.69
CA GLU A 260 73.60 23.29 -17.26
C GLU A 260 72.37 22.79 -16.49
N TYR A 261 71.22 23.35 -16.81
CA TYR A 261 69.97 22.96 -16.15
C TYR A 261 69.10 22.20 -17.15
N PRO A 262 68.97 20.88 -16.94
CA PRO A 262 68.13 20.03 -17.79
C PRO A 262 66.68 20.51 -17.86
N GLY A 263 66.13 20.57 -19.07
CA GLY A 263 64.74 20.92 -19.27
C GLY A 263 64.45 22.39 -19.00
N ALA A 264 65.49 23.20 -18.92
CA ALA A 264 65.30 24.59 -18.58
C ALA A 264 65.31 25.53 -19.78
N HIS A 265 65.62 25.03 -20.97
CA HIS A 265 65.68 25.91 -22.15
C HIS A 265 64.28 26.23 -22.67
N THR A 266 63.31 25.38 -22.34
CA THR A 266 61.94 25.50 -22.82
C THR A 266 61.27 26.80 -22.36
N ALA A 267 60.21 27.17 -23.06
CA ALA A 267 59.43 28.37 -22.74
C ALA A 267 58.43 28.09 -21.61
N THR A 268 58.01 26.84 -21.51
CA THR A 268 57.11 26.40 -20.46
C THR A 268 57.87 25.63 -19.37
N ILE A 269 57.31 25.63 -18.17
CA ILE A 269 57.92 24.94 -17.03
C ILE A 269 56.86 24.17 -16.28
N LYS A 270 57.19 22.96 -15.84
CA LYS A 270 56.24 22.11 -15.13
C LYS A 270 55.97 22.69 -13.74
N TYR A 271 54.76 22.44 -13.24
CA TYR A 271 54.30 23.08 -12.01
C TYR A 271 55.13 22.68 -10.78
N THR A 272 55.63 21.44 -10.78
CA THR A 272 56.44 20.95 -9.67
C THR A 272 57.70 21.80 -9.47
N SER A 273 58.41 22.05 -10.58
CA SER A 273 59.63 22.88 -10.57
C SER A 273 59.34 24.26 -10.00
N ALA A 274 58.27 24.87 -10.52
CA ALA A 274 57.78 26.15 -10.01
C ALA A 274 57.57 26.09 -8.50
N LEU A 275 56.96 25.00 -8.03
CA LEU A 275 56.73 24.82 -6.60
C LEU A 275 58.04 24.76 -5.83
N THR A 276 59.08 24.17 -6.43
CA THR A 276 60.40 24.11 -5.80
C THR A 276 61.00 25.51 -5.66
N TYR A 277 61.05 26.22 -6.78
CA TYR A 277 61.49 27.61 -6.84
C TYR A 277 60.81 28.48 -5.77
N ASP A 278 59.48 28.39 -5.72
CA ASP A 278 58.71 29.13 -4.73
C ASP A 278 59.02 28.64 -3.33
N ALA A 279 59.41 27.37 -3.21
CA ALA A 279 59.71 26.79 -1.90
C ALA A 279 61.01 27.35 -1.32
N VAL A 280 62.06 27.47 -2.14
CA VAL A 280 63.29 28.07 -1.65
C VAL A 280 63.05 29.55 -1.37
N GLN A 281 62.21 30.20 -2.17
CA GLN A 281 61.80 31.56 -1.83
C GLN A 281 61.20 31.63 -0.41
N VAL A 282 60.26 30.74 -0.14
CA VAL A 282 59.56 30.70 1.14
C VAL A 282 60.52 30.46 2.31
N MET A 283 61.44 29.52 2.14
CA MET A 283 62.44 29.24 3.16
C MET A 283 63.30 30.47 3.43
N THR A 284 63.73 31.12 2.35
CA THR A 284 64.58 32.29 2.47
C THR A 284 63.88 33.40 3.26
N GLU A 285 62.63 33.68 2.90
CA GLU A 285 61.89 34.73 3.57
C GLU A 285 61.51 34.36 4.99
N ALA A 286 61.45 33.06 5.28
CA ALA A 286 61.11 32.60 6.63
C ALA A 286 62.31 32.77 7.56
N PHE A 287 63.49 32.37 7.10
CA PHE A 287 64.69 32.57 7.91
C PHE A 287 64.98 34.06 8.06
N ARG A 288 64.81 34.83 6.98
CA ARG A 288 64.92 36.29 7.05
C ARG A 288 63.97 36.88 8.08
N ASN A 289 62.75 36.37 8.12
CA ASN A 289 61.75 36.86 9.05
C ASN A 289 62.08 36.42 10.46
N LEU A 290 62.89 35.37 10.58
CA LEU A 290 63.35 34.90 11.89
C LEU A 290 64.53 35.74 12.37
N ARG A 291 65.30 36.27 11.43
CA ARG A 291 66.43 37.13 11.75
C ARG A 291 65.94 38.52 12.13
N LYS A 292 64.87 38.97 11.47
CA LYS A 292 64.21 40.21 11.84
C LYS A 292 63.72 40.15 13.29
N GLN A 293 63.37 38.96 13.75
CA GLN A 293 62.94 38.73 15.12
C GLN A 293 64.15 38.51 16.05
N ARG A 294 65.32 38.35 15.43
CA ARG A 294 66.58 38.12 16.14
C ARG A 294 66.53 36.99 17.17
N ILE A 295 65.88 35.89 16.81
CA ILE A 295 65.95 34.64 17.57
C ILE A 295 67.16 33.84 17.10
N GLU A 296 67.74 33.04 17.99
CA GLU A 296 68.90 32.22 17.66
C GLU A 296 68.43 30.98 16.89
N ILE A 297 69.05 30.71 15.76
CA ILE A 297 68.55 29.66 14.88
C ILE A 297 69.03 28.26 15.28
N SER A 298 70.26 28.15 15.78
CA SER A 298 70.82 26.84 16.07
C SER A 298 71.72 26.84 17.29
N ARG A 299 71.49 25.89 18.19
CA ARG A 299 72.36 25.70 19.35
C ARG A 299 73.70 25.10 18.93
N ARG A 300 73.64 24.07 18.10
CA ARG A 300 74.82 23.33 17.65
C ARG A 300 74.80 23.13 16.13
N GLY A 301 75.97 23.24 15.50
CA GLY A 301 76.07 23.15 14.06
C GLY A 301 76.01 21.76 13.43
N ASN A 302 76.47 20.74 14.16
CA ASN A 302 76.49 19.37 13.63
C ASN A 302 76.50 18.26 14.69
N ALA A 303 76.29 17.02 14.22
CA ALA A 303 76.32 15.77 15.00
C ALA A 303 75.02 15.22 15.66
N GLY A 304 73.88 15.89 15.54
CA GLY A 304 72.64 15.37 16.13
C GLY A 304 72.23 13.96 15.69
N ASP A 305 71.74 13.13 16.62
CA ASP A 305 71.36 11.75 16.27
C ASP A 305 69.83 11.55 16.22
N CYS A 306 69.34 11.01 15.11
CA CYS A 306 67.90 10.83 14.90
C CYS A 306 67.18 9.72 15.70
N LEU A 307 67.86 8.60 15.94
CA LEU A 307 67.23 7.46 16.61
C LEU A 307 67.38 7.41 18.12
N ALA A 308 67.86 8.50 18.73
CA ALA A 308 68.10 8.55 20.16
C ALA A 308 66.85 8.17 20.97
N ASN A 309 67.04 7.32 21.98
CA ASN A 309 65.95 6.87 22.83
C ASN A 309 66.14 7.28 24.29
N PRO A 310 65.24 8.12 24.83
CA PRO A 310 64.14 8.76 24.10
C PRO A 310 64.61 9.95 23.26
N ALA A 311 63.84 10.29 22.23
CA ALA A 311 64.28 11.27 21.24
C ALA A 311 64.26 12.67 21.81
N VAL A 312 65.32 13.42 21.54
CA VAL A 312 65.40 14.79 22.02
C VAL A 312 65.03 15.77 20.91
N PRO A 313 63.83 16.36 21.01
CA PRO A 313 63.47 17.40 20.05
C PRO A 313 64.12 18.72 20.41
N TRP A 314 64.84 19.34 19.48
CA TRP A 314 65.41 20.65 19.76
C TRP A 314 64.28 21.69 19.68
N GLY A 315 64.18 22.53 20.70
CA GLY A 315 63.06 23.44 20.84
C GLY A 315 63.00 24.51 19.77
N GLN A 316 64.18 25.01 19.38
CA GLN A 316 64.29 26.05 18.37
C GLN A 316 63.63 25.64 17.05
N GLY A 317 63.60 24.32 16.81
CA GLY A 317 62.95 23.77 15.63
C GLY A 317 61.51 24.25 15.51
N VAL A 318 60.82 24.31 16.64
CA VAL A 318 59.43 24.77 16.65
C VAL A 318 59.35 26.18 16.08
N GLU A 319 60.30 27.02 16.48
CA GLU A 319 60.30 28.42 16.05
C GLU A 319 60.59 28.51 14.55
N ILE A 320 61.21 27.47 14.01
CA ILE A 320 61.43 27.41 12.58
C ILE A 320 60.08 27.12 11.92
N GLU A 321 59.38 26.11 12.44
CA GLU A 321 58.09 25.66 11.92
C GLU A 321 57.12 26.82 11.79
N ARG A 322 57.09 27.63 12.83
CA ARG A 322 56.24 28.80 12.88
C ARG A 322 56.63 29.77 11.78
N ALA A 323 57.93 30.05 11.67
CA ALA A 323 58.43 31.00 10.68
C ALA A 323 57.97 30.61 9.28
N LEU A 324 58.31 29.39 8.87
CA LEU A 324 57.88 28.86 7.59
C LEU A 324 56.36 28.97 7.41
N LYS A 325 55.61 28.73 8.48
CA LYS A 325 54.16 28.80 8.41
C LYS A 325 53.64 30.23 8.31
N GLN A 326 54.34 31.17 8.93
CA GLN A 326 53.80 32.52 9.04
C GLN A 326 54.25 33.42 7.89
N VAL A 327 55.27 33.00 7.15
CA VAL A 327 55.77 33.81 6.04
C VAL A 327 54.86 33.71 4.80
N GLN A 328 54.63 34.85 4.15
CA GLN A 328 53.82 34.92 2.94
C GLN A 328 54.59 35.67 1.84
N VAL A 329 54.58 35.13 0.62
CA VAL A 329 55.29 35.74 -0.50
C VAL A 329 54.60 35.54 -1.84
N GLU A 330 55.04 36.28 -2.86
CA GLU A 330 54.50 36.13 -4.20
C GLU A 330 55.42 35.27 -5.07
N GLY A 331 54.92 34.11 -5.48
CA GLY A 331 55.67 33.19 -6.31
C GLY A 331 55.03 32.95 -7.67
N LEU A 332 55.42 31.86 -8.31
CA LEU A 332 54.83 31.46 -9.59
C LEU A 332 53.43 30.90 -9.40
N SER A 333 53.12 30.47 -8.18
CA SER A 333 51.83 29.87 -7.90
C SER A 333 50.70 30.89 -7.73
N GLY A 334 51.04 32.06 -7.20
CA GLY A 334 50.02 33.02 -6.84
C GLY A 334 50.38 33.62 -5.48
N ASN A 335 49.36 33.89 -4.68
CA ASN A 335 49.59 34.27 -3.30
C ASN A 335 49.96 33.02 -2.52
N ILE A 336 51.15 33.01 -1.96
CA ILE A 336 51.62 31.88 -1.17
C ILE A 336 51.45 32.17 0.30
N LYS A 337 50.46 31.53 0.92
CA LYS A 337 50.22 31.70 2.34
C LYS A 337 49.78 30.38 2.94
N PHE A 338 50.23 30.11 4.16
CA PHE A 338 49.95 28.83 4.78
C PHE A 338 49.10 28.99 6.04
N ASP A 339 48.34 27.95 6.35
CA ASP A 339 47.58 27.89 7.58
C ASP A 339 48.37 27.15 8.64
N GLN A 340 47.67 26.68 9.66
CA GLN A 340 48.31 26.06 10.80
C GLN A 340 48.82 24.64 10.54
N ASN A 341 48.30 23.99 9.51
CA ASN A 341 48.72 22.63 9.19
C ASN A 341 49.68 22.56 8.01
N GLY A 342 49.87 23.68 7.33
CA GLY A 342 50.84 23.76 6.24
C GLY A 342 50.23 23.75 4.85
N LYS A 343 48.91 23.80 4.77
CA LYS A 343 48.20 23.86 3.48
C LYS A 343 48.23 25.27 2.90
N ARG A 344 48.09 25.37 1.58
CA ARG A 344 47.96 26.66 0.92
C ARG A 344 46.57 27.26 1.16
N ILE A 345 46.48 28.58 1.30
CA ILE A 345 45.19 29.24 1.49
C ILE A 345 45.03 30.47 0.59
N ASN A 346 43.79 30.71 0.18
CA ASN A 346 43.44 31.79 -0.68
C ASN A 346 44.39 31.94 -1.88
N TYR A 347 44.36 30.87 -2.65
CA TYR A 347 45.25 30.69 -3.76
C TYR A 347 44.45 30.64 -5.05
N THR A 348 45.13 30.78 -6.18
CA THR A 348 44.46 30.88 -7.47
C THR A 348 44.69 29.65 -8.33
N ILE A 349 43.62 28.91 -8.63
CA ILE A 349 43.74 27.79 -9.56
C ILE A 349 43.07 28.10 -10.90
N ASN A 350 43.87 28.29 -11.95
CA ASN A 350 43.31 28.62 -13.26
C ASN A 350 42.69 27.40 -13.89
N ILE A 351 41.38 27.47 -14.12
CA ILE A 351 40.68 26.36 -14.78
C ILE A 351 40.73 26.60 -16.29
N MET A 352 41.27 25.58 -16.98
CA MET A 352 41.59 25.62 -18.39
C MET A 352 40.76 24.66 -19.24
N GLU A 353 40.21 25.16 -20.35
CA GLU A 353 39.62 24.29 -21.37
C GLU A 353 40.54 24.27 -22.58
N LEU A 354 40.46 23.20 -23.37
CA LEU A 354 41.29 23.07 -24.56
C LEU A 354 40.47 23.14 -25.84
N LYS A 355 40.60 24.26 -26.52
CA LYS A 355 39.93 24.47 -27.80
C LYS A 355 40.87 24.12 -28.94
N THR A 356 40.54 24.58 -30.15
CA THR A 356 41.31 24.25 -31.34
C THR A 356 42.50 25.21 -31.52
N ASN A 357 42.39 26.40 -30.93
CA ASN A 357 43.41 27.44 -31.07
C ASN A 357 44.37 27.46 -29.87
N GLY A 358 44.44 26.33 -29.17
CA GLY A 358 45.27 26.19 -28.00
C GLY A 358 44.49 26.24 -26.70
N PRO A 359 45.16 25.86 -25.59
CA PRO A 359 44.51 25.87 -24.28
C PRO A 359 44.15 27.28 -23.88
N ARG A 360 42.97 27.46 -23.31
CA ARG A 360 42.52 28.79 -22.94
C ARG A 360 42.07 28.81 -21.49
N LYS A 361 42.18 29.97 -20.86
CA LYS A 361 41.74 30.09 -19.48
C LYS A 361 40.27 30.44 -19.45
N ILE A 362 39.44 29.46 -19.11
CA ILE A 362 38.01 29.67 -19.00
C ILE A 362 37.69 30.36 -17.68
N GLY A 363 38.43 30.03 -16.62
CA GLY A 363 38.13 30.63 -15.34
C GLY A 363 39.22 30.48 -14.28
N TYR A 364 38.81 30.64 -13.02
CA TYR A 364 39.70 30.39 -11.90
C TYR A 364 38.90 29.92 -10.67
N TRP A 365 39.64 29.42 -9.68
CA TRP A 365 39.07 28.84 -8.46
C TRP A 365 39.81 29.38 -7.25
N SER A 366 39.04 29.95 -6.33
CA SER A 366 39.54 30.41 -5.04
C SER A 366 38.87 29.63 -3.92
N GLU A 367 39.50 29.60 -2.74
CA GLU A 367 38.95 28.82 -1.64
C GLU A 367 37.61 29.38 -1.17
N VAL A 368 37.45 30.70 -1.23
CA VAL A 368 36.20 31.30 -0.76
C VAL A 368 35.21 31.63 -1.85
N ASP A 369 35.70 31.83 -3.06
CA ASP A 369 34.86 32.13 -4.21
C ASP A 369 34.30 30.89 -4.90
N LYS A 370 34.98 29.77 -4.72
CA LYS A 370 34.78 28.56 -5.54
C LYS A 370 35.02 28.91 -7.01
N MET A 371 34.27 28.29 -7.91
CA MET A 371 34.47 28.51 -9.34
C MET A 371 33.96 29.86 -9.82
N VAL A 372 34.83 30.61 -10.50
CA VAL A 372 34.49 31.90 -11.08
C VAL A 372 34.95 31.95 -12.52
N VAL A 373 34.04 32.06 -13.49
CA VAL A 373 34.51 31.99 -14.87
C VAL A 373 34.53 33.42 -15.45
N THR A 374 35.69 33.76 -16.02
CA THR A 374 35.91 35.07 -16.63
C THR A 374 35.84 35.08 -18.18
N LEU A 375 35.28 34.05 -18.82
CA LEU A 375 35.30 33.95 -20.30
C LEU A 375 34.04 34.33 -21.12
N THR A 376 34.28 34.98 -22.27
CA THR A 376 33.22 35.33 -23.24
C THR A 376 32.90 34.14 -24.14
N GLU A 377 31.62 33.85 -24.35
CA GLU A 377 31.21 32.71 -25.19
C GLU A 377 31.47 32.96 -26.68
N ASP A 378 31.89 31.91 -27.39
CA ASP A 378 32.16 32.02 -28.82
C ASP A 378 30.88 31.75 -29.62
N GLU A 384 31.10 21.99 -38.76
CA GLU A 384 29.83 21.91 -39.46
C GLU A 384 30.04 21.64 -40.95
N GLN A 385 31.30 21.52 -41.37
CA GLN A 385 31.63 21.29 -42.78
C GLN A 385 31.15 19.91 -43.27
N LYS A 386 31.19 18.93 -42.38
CA LYS A 386 30.76 17.57 -42.66
C LYS A 386 29.28 17.53 -43.01
N THR A 387 28.87 16.48 -43.70
CA THR A 387 27.46 16.35 -44.06
C THR A 387 26.85 15.28 -43.16
N VAL A 388 25.64 15.56 -42.70
CA VAL A 388 24.92 14.71 -41.79
C VAL A 388 24.18 13.59 -42.50
N VAL A 389 24.42 12.35 -42.07
CA VAL A 389 23.68 11.22 -42.65
C VAL A 389 22.37 11.04 -41.90
N VAL A 390 21.27 11.25 -42.61
CA VAL A 390 19.93 11.09 -42.04
C VAL A 390 19.36 9.75 -42.43
N THR A 391 18.92 8.97 -41.44
CA THR A 391 18.28 7.69 -41.72
C THR A 391 16.76 7.84 -41.61
N THR A 392 16.06 7.25 -42.57
CA THR A 392 14.61 7.36 -42.62
C THR A 392 14.03 6.09 -43.23
N ILE A 393 12.71 6.07 -43.39
CA ILE A 393 12.03 4.87 -43.86
C ILE A 393 11.04 5.24 -44.97
N LEU A 394 10.78 4.29 -45.86
CA LEU A 394 10.00 4.44 -47.09
C LEU A 394 8.48 4.37 -46.88
N GLU A 395 8.05 4.70 -45.67
CA GLU A 395 6.62 4.73 -45.33
C GLU A 395 5.91 6.00 -45.80
N SER A 396 4.94 5.81 -46.70
CA SER A 396 4.12 6.89 -47.25
C SER A 396 3.10 7.43 -46.25
N PRO A 397 2.82 8.75 -46.29
CA PRO A 397 3.45 9.71 -47.19
C PRO A 397 4.59 10.46 -46.52
N TYR A 398 5.32 9.80 -45.62
CA TYR A 398 6.43 10.46 -44.93
C TYR A 398 7.65 10.61 -45.82
N VAL A 399 8.06 9.49 -46.41
CA VAL A 399 9.14 9.45 -47.39
C VAL A 399 8.74 8.56 -48.55
N MET A 400 8.73 9.14 -49.74
CA MET A 400 8.28 8.43 -50.92
C MET A 400 9.27 8.65 -52.06
N MET A 401 9.33 7.69 -52.98
CA MET A 401 10.14 7.86 -54.18
C MET A 401 9.39 8.76 -55.16
N LYS A 402 10.06 9.79 -55.64
CA LYS A 402 9.49 10.67 -56.66
C LYS A 402 9.23 9.85 -57.93
N LYS A 403 8.26 10.27 -58.75
CA LYS A 403 7.90 9.52 -59.95
C LYS A 403 9.11 9.35 -60.88
N ASN A 404 9.90 10.41 -61.00
CA ASN A 404 11.08 10.43 -61.86
C ASN A 404 12.39 10.19 -61.10
N HIS A 405 12.32 9.49 -59.96
CA HIS A 405 13.50 9.21 -59.15
C HIS A 405 14.63 8.60 -59.98
N GLU A 406 14.28 7.84 -61.01
CA GLU A 406 15.26 7.23 -61.89
C GLU A 406 16.06 8.29 -62.66
N MET A 407 15.38 9.38 -63.01
CA MET A 407 15.99 10.47 -63.76
C MET A 407 16.62 11.49 -62.80
N LEU A 408 16.55 11.19 -61.51
CA LEU A 408 17.07 12.09 -60.48
C LEU A 408 18.14 11.40 -59.64
N GLU A 409 18.87 12.17 -58.84
CA GLU A 409 19.93 11.61 -58.00
C GLU A 409 19.99 12.37 -56.68
N GLY A 410 20.75 11.82 -55.73
CA GLY A 410 20.87 12.42 -54.41
C GLY A 410 19.57 12.48 -53.63
N ASN A 411 19.41 13.56 -52.86
CA ASN A 411 18.24 13.74 -52.02
C ASN A 411 17.07 14.38 -52.78
N GLU A 412 17.19 14.40 -54.10
CA GLU A 412 16.10 14.85 -54.95
C GLU A 412 15.22 13.66 -55.34
N ARG A 413 15.68 12.47 -54.98
CA ARG A 413 14.94 11.24 -55.28
C ARG A 413 13.70 11.12 -54.40
N TYR A 414 13.73 11.76 -53.24
CA TYR A 414 12.70 11.57 -52.23
C TYR A 414 11.78 12.78 -52.06
N GLU A 415 10.54 12.50 -51.67
CA GLU A 415 9.58 13.53 -51.30
C GLU A 415 8.69 13.01 -50.18
N GLY A 416 8.07 13.91 -49.44
CA GLY A 416 7.21 13.52 -48.34
C GLY A 416 7.27 14.48 -47.16
N TYR A 417 6.44 14.19 -46.15
CA TYR A 417 6.39 15.00 -44.94
C TYR A 417 7.77 15.10 -44.27
N CYS A 418 8.41 13.96 -44.10
CA CYS A 418 9.69 13.89 -43.40
C CYS A 418 10.86 14.44 -44.21
N VAL A 419 10.70 14.51 -45.53
CA VAL A 419 11.71 15.12 -46.37
C VAL A 419 11.70 16.64 -46.15
N ASP A 420 10.50 17.21 -46.18
CA ASP A 420 10.30 18.64 -45.95
C ASP A 420 10.72 19.00 -44.52
N LEU A 421 10.37 18.11 -43.59
CA LEU A 421 10.74 18.28 -42.19
C LEU A 421 12.26 18.27 -42.05
N ALA A 422 12.91 17.35 -42.76
CA ALA A 422 14.35 17.27 -42.78
C ALA A 422 14.95 18.58 -43.30
N ALA A 423 14.32 19.14 -44.34
CA ALA A 423 14.76 20.40 -44.90
C ALA A 423 14.66 21.53 -43.88
N GLU A 424 13.55 21.57 -43.14
CA GLU A 424 13.34 22.61 -42.15
C GLU A 424 14.27 22.50 -40.96
N ILE A 425 14.48 21.27 -40.47
CA ILE A 425 15.42 21.02 -39.39
C ILE A 425 16.82 21.43 -39.82
N ALA A 426 17.18 21.09 -41.06
CA ALA A 426 18.45 21.52 -41.64
C ALA A 426 18.56 23.04 -41.65
N LYS A 427 17.46 23.71 -42.00
CA LYS A 427 17.42 25.16 -41.99
C LYS A 427 17.73 25.72 -40.61
N HIS A 428 16.95 25.32 -39.60
CA HIS A 428 17.07 25.94 -38.28
C HIS A 428 18.28 25.44 -37.49
N CYS A 429 18.90 24.35 -37.95
CA CYS A 429 20.11 23.88 -37.31
C CYS A 429 21.36 24.21 -38.13
N GLY A 430 21.15 24.56 -39.39
CA GLY A 430 22.25 24.99 -40.25
C GLY A 430 23.24 23.91 -40.64
N PHE A 431 22.74 22.79 -41.16
CA PHE A 431 23.64 21.74 -41.66
C PHE A 431 23.19 21.16 -43.00
N LYS A 432 24.16 20.62 -43.74
CA LYS A 432 23.85 19.87 -44.97
C LYS A 432 23.56 18.43 -44.59
N TYR A 433 22.70 17.76 -45.36
CA TYR A 433 22.30 16.40 -45.01
C TYR A 433 22.19 15.47 -46.20
N LYS A 434 22.33 14.18 -45.94
CA LYS A 434 22.22 13.14 -46.95
C LYS A 434 21.17 12.12 -46.51
N LEU A 435 20.05 12.08 -47.22
CA LEU A 435 18.97 11.17 -46.86
C LEU A 435 19.29 9.75 -47.28
N THR A 436 19.09 8.82 -46.35
CA THR A 436 19.31 7.41 -46.62
C THR A 436 18.16 6.58 -46.07
N ILE A 437 17.82 5.50 -46.77
CA ILE A 437 16.76 4.61 -46.35
C ILE A 437 17.34 3.50 -45.49
N VAL A 438 16.74 3.30 -44.32
CA VAL A 438 17.19 2.29 -43.37
C VAL A 438 17.39 0.93 -44.04
N GLY A 439 18.56 0.34 -43.81
CA GLY A 439 18.98 -0.87 -44.48
C GLY A 439 17.99 -2.03 -44.47
N ASP A 440 17.51 -2.40 -43.29
CA ASP A 440 16.62 -3.55 -43.14
C ASP A 440 15.15 -3.17 -43.17
N GLY A 441 14.86 -1.89 -43.43
CA GLY A 441 13.49 -1.43 -43.58
C GLY A 441 12.63 -1.52 -42.33
N LYS A 442 13.28 -1.54 -41.17
CA LYS A 442 12.60 -1.66 -39.88
C LYS A 442 12.71 -0.35 -39.08
N TYR A 443 11.82 -0.14 -38.12
CA TYR A 443 11.86 1.10 -37.34
C TYR A 443 12.93 0.99 -36.24
N GLY A 444 12.71 0.03 -35.36
CA GLY A 444 13.75 -0.59 -34.57
C GLY A 444 13.19 -1.33 -33.38
N ALA A 445 13.87 -2.41 -32.96
CA ALA A 445 13.51 -3.14 -31.74
C ALA A 445 14.70 -3.92 -31.17
N ARG A 446 14.61 -4.27 -29.88
CA ARG A 446 15.64 -5.03 -29.19
C ARG A 446 15.17 -6.47 -28.86
N ASP A 447 15.97 -7.49 -29.16
CA ASP A 447 15.59 -8.89 -28.88
C ASP A 447 16.71 -9.87 -28.42
N ALA A 448 16.31 -10.84 -27.59
CA ALA A 448 17.16 -11.90 -27.02
C ALA A 448 18.21 -11.49 -25.97
N ASP A 449 17.79 -10.63 -25.06
CA ASP A 449 18.53 -10.14 -23.87
C ASP A 449 19.72 -9.26 -24.20
N THR A 450 20.38 -9.57 -25.30
CA THR A 450 21.51 -8.78 -25.77
C THR A 450 20.85 -7.60 -26.41
N LYS A 451 19.67 -7.89 -26.96
CA LYS A 451 18.79 -6.89 -27.50
C LYS A 451 19.41 -6.05 -28.61
N ILE A 452 20.20 -6.65 -29.49
CA ILE A 452 20.79 -5.92 -30.60
C ILE A 452 19.71 -5.12 -31.32
N TRP A 453 19.98 -3.85 -31.57
CA TRP A 453 19.00 -2.96 -32.18
C TRP A 453 19.00 -3.05 -33.70
N ASN A 454 17.82 -3.18 -34.27
CA ASN A 454 17.65 -3.17 -35.71
C ASN A 454 17.06 -1.84 -36.15
N GLY A 455 16.82 -1.70 -37.44
CA GLY A 455 16.15 -0.53 -37.98
C GLY A 455 16.90 0.77 -37.79
N MET A 456 16.16 1.87 -37.82
CA MET A 456 16.76 3.22 -37.72
C MET A 456 17.39 3.46 -36.35
N VAL A 457 16.77 2.93 -35.31
CA VAL A 457 17.33 3.03 -33.97
C VAL A 457 18.68 2.33 -33.94
N GLY A 458 18.74 1.16 -34.58
CA GLY A 458 19.96 0.41 -34.72
C GLY A 458 21.03 1.19 -35.45
N GLU A 459 20.62 1.85 -36.53
CA GLU A 459 21.55 2.68 -37.31
C GLU A 459 22.08 3.87 -36.49
N LEU A 460 21.25 4.39 -35.59
CA LEU A 460 21.68 5.50 -34.73
C LEU A 460 22.64 5.04 -33.65
N VAL A 461 22.26 3.99 -32.93
CA VAL A 461 23.04 3.47 -31.80
C VAL A 461 24.42 2.99 -32.25
N TYR A 462 24.47 2.36 -33.41
CA TYR A 462 25.70 1.75 -33.90
C TYR A 462 26.46 2.67 -34.85
N GLY A 463 25.98 3.90 -34.98
CA GLY A 463 26.71 4.95 -35.67
C GLY A 463 26.70 4.89 -37.18
N LYS A 464 25.73 4.19 -37.75
CA LYS A 464 25.63 4.10 -39.21
C LYS A 464 24.96 5.35 -39.78
N ALA A 465 24.25 6.09 -38.94
CA ALA A 465 23.63 7.36 -39.34
C ALA A 465 23.77 8.41 -38.24
N ASP A 466 23.66 9.68 -38.63
CA ASP A 466 23.88 10.76 -37.67
C ASP A 466 22.60 11.24 -36.99
N ILE A 467 21.46 11.03 -37.65
CA ILE A 467 20.17 11.42 -37.09
C ILE A 467 19.04 10.65 -37.76
N ALA A 468 17.90 10.51 -37.08
CA ALA A 468 16.74 9.85 -37.68
C ALA A 468 15.55 10.80 -37.81
N ILE A 469 15.12 11.07 -39.03
CA ILE A 469 13.92 11.86 -39.25
C ILE A 469 12.91 10.98 -39.98
N ALA A 470 11.93 10.47 -39.24
CA ALA A 470 10.95 9.53 -39.78
C ALA A 470 9.75 9.43 -38.84
N PRO A 471 8.68 8.72 -39.26
CA PRO A 471 7.60 8.49 -38.30
C PRO A 471 7.99 7.48 -37.23
N LEU A 472 8.93 7.87 -36.37
CA LEU A 472 9.45 6.98 -35.34
C LEU A 472 8.70 7.21 -34.03
N THR A 473 7.92 6.22 -33.60
CA THR A 473 7.12 6.38 -32.39
C THR A 473 8.01 6.33 -31.16
N ILE A 474 7.73 7.24 -30.23
CA ILE A 474 8.51 7.37 -29.01
C ILE A 474 8.11 6.30 -28.02
N THR A 475 9.07 5.47 -27.61
CA THR A 475 8.82 4.44 -26.63
C THR A 475 9.76 4.61 -25.45
N LEU A 476 9.44 3.91 -24.36
CA LEU A 476 10.32 3.91 -23.19
C LEU A 476 11.70 3.36 -23.54
N VAL A 477 11.74 2.15 -24.10
CA VAL A 477 13.00 1.46 -24.39
C VAL A 477 13.87 2.20 -25.41
N ARG A 478 13.22 2.87 -26.36
CA ARG A 478 13.96 3.65 -27.35
C ARG A 478 14.55 4.89 -26.72
N GLU A 479 13.79 5.55 -25.86
CA GLU A 479 14.28 6.71 -25.13
C GLU A 479 15.46 6.31 -24.25
N GLU A 480 15.55 5.02 -23.92
CA GLU A 480 16.64 4.56 -23.08
C GLU A 480 17.95 4.47 -23.84
N VAL A 481 17.87 4.26 -25.15
CA VAL A 481 19.09 4.08 -25.95
C VAL A 481 19.41 5.23 -26.90
N ILE A 482 18.41 6.09 -27.17
CA ILE A 482 18.64 7.28 -27.98
C ILE A 482 17.92 8.47 -27.36
N ASP A 483 18.21 9.67 -27.86
CA ASP A 483 17.51 10.84 -27.38
C ASP A 483 16.43 11.28 -28.37
N PHE A 484 15.21 11.39 -27.88
CA PHE A 484 14.11 11.87 -28.69
C PHE A 484 13.92 13.37 -28.51
N SER A 485 13.74 14.08 -29.62
CA SER A 485 13.33 15.47 -29.58
C SER A 485 11.88 15.49 -29.13
N LYS A 486 11.39 16.68 -28.75
CA LYS A 486 9.96 16.82 -28.47
C LYS A 486 9.22 16.39 -29.72
N PRO A 487 8.15 15.61 -29.54
CA PRO A 487 7.46 15.00 -30.69
C PRO A 487 6.86 16.01 -31.64
N PHE A 488 6.93 15.72 -32.93
CA PHE A 488 6.51 16.68 -33.95
C PHE A 488 5.12 16.37 -34.51
N MET A 489 4.56 15.23 -34.09
CA MET A 489 3.24 14.81 -34.58
C MET A 489 2.58 13.83 -33.61
N SER A 490 1.30 14.06 -33.32
CA SER A 490 0.54 13.24 -32.39
C SER A 490 -0.29 12.19 -33.09
N LEU A 491 -0.39 11.03 -32.44
CA LEU A 491 -1.17 9.94 -33.00
C LEU A 491 -1.67 9.01 -31.91
N GLY A 492 -2.25 7.90 -32.36
CA GLY A 492 -2.68 6.85 -31.47
C GLY A 492 -3.00 5.62 -32.29
N ILE A 493 -2.93 4.45 -31.65
CA ILE A 493 -3.28 3.21 -32.34
C ILE A 493 -4.78 3.22 -32.58
N SER A 494 -5.19 2.91 -33.80
CA SER A 494 -6.59 2.97 -34.19
C SER A 494 -6.95 1.81 -35.10
N ILE A 495 -8.24 1.73 -35.42
CA ILE A 495 -8.79 0.61 -36.18
C ILE A 495 -9.27 1.05 -37.56
N MET A 496 -8.84 0.30 -38.56
CA MET A 496 -9.25 0.54 -39.94
C MET A 496 -10.09 -0.62 -40.45
N ILE A 497 -11.22 -0.29 -41.04
CA ILE A 497 -12.08 -1.31 -41.64
C ILE A 497 -12.40 -0.94 -43.08
N LYS A 498 -12.88 -1.91 -43.85
CA LYS A 498 -13.35 -1.66 -45.19
C LYS A 498 -14.68 -0.95 -45.04
N LYS A 499 -14.84 0.22 -45.63
CA LYS A 499 -16.06 0.98 -45.40
C LYS A 499 -17.20 0.47 -46.27
N PRO A 500 -18.17 -0.22 -45.65
CA PRO A 500 -19.32 -0.77 -46.37
C PRO A 500 -20.28 0.33 -46.79
N GLN A 501 -20.43 1.33 -45.93
CA GLN A 501 -21.36 2.42 -46.18
C GLN A 501 -20.88 3.26 -47.35
N LYS A 502 -21.82 3.76 -48.13
CA LYS A 502 -21.51 4.56 -49.31
C LYS A 502 -20.77 5.84 -48.95
N VAL A 507 -27.80 3.98 -57.00
CA VAL A 507 -29.07 3.63 -57.63
C VAL A 507 -29.64 2.32 -57.09
N PHE A 508 -28.79 1.31 -56.96
CA PHE A 508 -29.15 0.02 -56.41
C PHE A 508 -29.61 0.12 -54.95
N SER A 509 -28.99 1.04 -54.23
CA SER A 509 -29.19 1.19 -52.79
C SER A 509 -30.41 2.05 -52.41
N PHE A 510 -31.15 2.49 -53.43
CA PHE A 510 -32.37 3.25 -53.18
C PHE A 510 -33.61 2.34 -53.15
N LEU A 511 -33.49 1.14 -53.70
CA LEU A 511 -34.59 0.16 -53.68
C LEU A 511 -34.47 -0.80 -52.50
N ASP A 512 -33.64 -0.45 -51.55
CA ASP A 512 -33.29 -1.33 -50.43
C ASP A 512 -34.44 -1.62 -49.44
N PRO A 513 -35.22 -0.59 -49.02
CA PRO A 513 -36.33 -0.92 -48.12
C PRO A 513 -37.23 -2.07 -48.60
N LEU A 514 -37.62 -2.05 -49.87
CA LEU A 514 -38.43 -3.14 -50.46
C LEU A 514 -37.60 -4.10 -51.30
N ALA A 515 -37.74 -5.39 -50.99
CA ALA A 515 -37.02 -6.43 -51.70
C ALA A 515 -37.31 -6.32 -53.20
N TYR A 516 -36.32 -6.70 -54.01
CA TYR A 516 -36.41 -6.61 -55.46
C TYR A 516 -37.56 -7.46 -56.01
N GLU A 517 -37.99 -8.44 -55.21
CA GLU A 517 -39.10 -9.30 -55.59
C GLU A 517 -40.42 -8.56 -55.47
N ILE A 518 -40.49 -7.59 -54.54
CA ILE A 518 -41.72 -6.85 -54.31
C ILE A 518 -41.95 -5.80 -55.39
N TRP A 519 -40.86 -5.22 -55.88
CA TRP A 519 -40.93 -4.24 -56.95
C TRP A 519 -41.52 -4.88 -58.20
N MET A 520 -41.21 -6.17 -58.38
CA MET A 520 -41.76 -6.95 -59.48
C MET A 520 -43.24 -7.23 -59.28
N ALA A 521 -43.58 -7.70 -58.09
CA ALA A 521 -44.96 -7.99 -57.73
C ALA A 521 -45.86 -6.75 -57.87
N ILE A 522 -45.31 -5.59 -57.56
CA ILE A 522 -46.03 -4.32 -57.70
C ILE A 522 -46.34 -4.05 -59.18
N VAL A 523 -45.44 -4.48 -60.05
CA VAL A 523 -45.57 -4.26 -61.49
C VAL A 523 -46.58 -5.23 -62.08
N PHE A 524 -46.50 -6.49 -61.64
CA PHE A 524 -47.42 -7.51 -62.10
C PHE A 524 -48.83 -7.20 -61.62
N ALA A 525 -48.94 -6.70 -60.41
CA ALA A 525 -50.23 -6.27 -59.88
C ALA A 525 -50.74 -5.04 -60.63
N TYR A 526 -49.80 -4.19 -61.06
CA TYR A 526 -50.14 -2.99 -61.83
C TYR A 526 -50.80 -3.36 -63.15
N ILE A 527 -50.14 -4.23 -63.91
CA ILE A 527 -50.68 -4.66 -65.19
C ILE A 527 -51.89 -5.57 -65.02
N LEU A 528 -51.97 -6.24 -63.87
CA LEU A 528 -53.08 -7.15 -63.60
C LEU A 528 -54.34 -6.38 -63.22
N VAL A 529 -54.15 -5.18 -62.70
CA VAL A 529 -55.29 -4.32 -62.39
C VAL A 529 -55.69 -3.53 -63.62
N SER A 530 -54.68 -3.08 -64.39
CA SER A 530 -54.97 -2.34 -65.61
C SER A 530 -55.61 -3.23 -66.66
N VAL A 531 -55.36 -4.53 -66.56
CA VAL A 531 -55.93 -5.46 -67.53
C VAL A 531 -57.35 -5.84 -67.13
N VAL A 532 -57.64 -5.85 -65.83
CA VAL A 532 -59.00 -6.11 -65.37
C VAL A 532 -59.88 -4.89 -65.69
N LEU A 533 -59.33 -3.70 -65.48
CA LEU A 533 -60.01 -2.48 -65.87
C LEU A 533 -60.19 -2.45 -67.38
N PHE A 534 -59.20 -2.99 -68.09
CA PHE A 534 -59.31 -3.11 -69.54
C PHE A 534 -60.42 -4.10 -69.93
N LEU A 535 -60.68 -5.07 -69.05
CA LEU A 535 -61.74 -6.05 -69.28
C LEU A 535 -63.10 -5.48 -68.91
N VAL A 536 -63.10 -4.42 -68.10
CA VAL A 536 -64.35 -3.75 -67.78
C VAL A 536 -64.75 -2.86 -68.94
N SER A 537 -63.78 -2.20 -69.55
CA SER A 537 -64.00 -1.42 -70.77
C SER A 537 -64.56 -2.29 -71.89
N ARG A 582 -67.58 4.98 -65.64
CA ARG A 582 -67.18 4.64 -64.28
C ARG A 582 -68.08 3.54 -63.71
N SER A 583 -67.87 2.32 -64.19
CA SER A 583 -68.63 1.18 -63.71
C SER A 583 -68.30 0.92 -62.24
N LEU A 584 -69.29 0.40 -61.50
CA LEU A 584 -69.14 0.21 -60.05
C LEU A 584 -68.01 -0.75 -59.71
N SER A 585 -67.91 -1.82 -60.49
CA SER A 585 -66.81 -2.76 -60.35
C SER A 585 -65.47 -2.04 -60.53
N ALA A 586 -65.38 -1.18 -61.54
CA ALA A 586 -64.16 -0.41 -61.78
C ALA A 586 -63.91 0.50 -60.56
N ARG A 587 -64.99 1.00 -59.95
CA ARG A 587 -64.87 1.88 -58.79
C ARG A 587 -64.26 1.16 -57.58
N ILE A 588 -64.76 -0.05 -57.33
CA ILE A 588 -64.27 -0.83 -56.20
C ILE A 588 -62.82 -1.23 -56.50
N VAL A 589 -62.51 -1.42 -57.79
CA VAL A 589 -61.12 -1.65 -58.20
C VAL A 589 -60.24 -0.46 -57.81
N ALA A 590 -60.70 0.75 -58.10
CA ALA A 590 -59.93 1.95 -57.77
C ALA A 590 -59.75 2.08 -56.27
N GLY A 591 -60.76 1.64 -55.51
CA GLY A 591 -60.69 1.71 -54.06
C GLY A 591 -59.68 0.75 -53.48
N VAL A 592 -59.77 -0.52 -53.88
CA VAL A 592 -58.87 -1.56 -53.38
C VAL A 592 -57.43 -1.31 -53.81
N TRP A 593 -57.24 -0.91 -55.06
CA TRP A 593 -55.90 -0.59 -55.56
C TRP A 593 -55.33 0.63 -54.84
N TRP A 594 -56.20 1.56 -54.49
CA TRP A 594 -55.78 2.74 -53.75
C TRP A 594 -55.31 2.35 -52.36
N PHE A 595 -56.07 1.47 -51.71
CA PHE A 595 -55.70 0.98 -50.39
C PHE A 595 -54.38 0.21 -50.46
N PHE A 596 -54.19 -0.50 -51.56
CA PHE A 596 -52.99 -1.30 -51.79
C PHE A 596 -51.76 -0.41 -51.90
N THR A 597 -51.82 0.57 -52.80
CA THR A 597 -50.67 1.44 -53.00
C THR A 597 -50.45 2.31 -51.77
N LEU A 598 -51.53 2.60 -51.05
CA LEU A 598 -51.43 3.34 -49.80
C LEU A 598 -50.58 2.55 -48.81
N ILE A 599 -50.92 1.28 -48.66
CA ILE A 599 -50.17 0.39 -47.78
C ILE A 599 -48.70 0.31 -48.21
N ILE A 600 -48.48 0.16 -49.52
CA ILE A 600 -47.13 0.04 -50.07
C ILE A 600 -46.26 1.27 -49.79
N ILE A 601 -46.73 2.45 -50.15
CA ILE A 601 -45.95 3.67 -49.95
C ILE A 601 -45.77 3.95 -48.45
N SER A 602 -46.75 3.55 -47.64
CA SER A 602 -46.64 3.74 -46.21
C SER A 602 -45.55 2.83 -45.63
N SER A 603 -45.51 1.59 -46.12
CA SER A 603 -44.53 0.61 -45.70
C SER A 603 -43.12 1.02 -46.13
N TYR A 604 -42.98 1.46 -47.37
CA TYR A 604 -41.71 1.93 -47.89
C TYR A 604 -41.20 3.10 -47.05
N THR A 605 -42.09 4.04 -46.75
CA THR A 605 -41.72 5.21 -45.96
C THR A 605 -41.29 4.81 -44.56
N ALA A 606 -42.11 3.97 -43.92
CA ALA A 606 -41.86 3.50 -42.57
C ALA A 606 -40.53 2.75 -42.46
N ASN A 607 -40.34 1.77 -43.33
CA ASN A 607 -39.14 0.96 -43.32
C ASN A 607 -37.90 1.76 -43.66
N LEU A 608 -38.02 2.71 -44.58
CA LEU A 608 -36.89 3.55 -44.94
C LEU A 608 -36.53 4.45 -43.76
N ALA A 609 -37.55 4.86 -43.02
CA ALA A 609 -37.36 5.69 -41.83
C ALA A 609 -36.63 4.90 -40.77
N ALA A 610 -37.08 3.65 -40.57
CA ALA A 610 -36.44 2.75 -39.63
C ALA A 610 -34.98 2.51 -39.98
N PHE A 611 -34.71 2.24 -41.25
CA PHE A 611 -33.35 1.99 -41.71
C PHE A 611 -32.46 3.20 -41.43
N LEU A 612 -32.98 4.39 -41.71
CA LEU A 612 -32.22 5.61 -41.45
C LEU A 612 -32.03 5.85 -39.95
N THR A 613 -33.05 5.55 -39.15
CA THR A 613 -32.91 5.65 -37.69
C THR A 613 -31.84 4.69 -37.18
N VAL A 614 -31.84 3.48 -37.72
CA VAL A 614 -30.86 2.46 -37.35
C VAL A 614 -29.43 2.94 -37.59
N GLU A 615 -29.18 3.45 -38.80
CA GLU A 615 -27.88 3.96 -39.17
C GLU A 615 -27.36 5.02 -38.19
N ARG A 616 -28.29 5.81 -37.65
CA ARG A 616 -27.94 6.81 -36.64
C ARG A 616 -27.38 6.18 -35.38
N MET A 617 -27.87 4.98 -35.04
CA MET A 617 -27.36 4.23 -33.90
C MET A 617 -25.92 3.79 -34.15
N VAL A 618 -25.10 3.87 -33.11
CA VAL A 618 -23.68 3.56 -33.20
C VAL A 618 -23.44 2.09 -33.57
N SER A 619 -22.47 1.88 -34.46
CA SER A 619 -22.14 0.55 -34.95
C SER A 619 -21.46 -0.28 -33.87
N PRO A 620 -21.73 -1.60 -33.84
CA PRO A 620 -21.07 -2.48 -32.88
C PRO A 620 -19.59 -2.63 -33.17
N ILE A 621 -19.23 -2.61 -34.44
CA ILE A 621 -17.86 -2.79 -34.91
C ILE A 621 -16.90 -1.75 -34.37
N GLU A 622 -17.38 -0.51 -34.29
CA GLU A 622 -16.56 0.63 -33.90
C GLU A 622 -15.92 0.45 -32.53
N SER A 623 -16.68 -0.09 -31.58
CA SER A 623 -16.11 -0.30 -30.25
C SER A 623 -15.00 -1.35 -30.34
N ALA A 624 -13.91 -1.10 -29.62
CA ALA A 624 -12.78 -2.02 -29.51
C ALA A 624 -13.10 -3.32 -28.81
N GLU A 625 -13.77 -3.22 -27.66
CA GLU A 625 -14.08 -4.40 -26.90
C GLU A 625 -14.98 -5.24 -27.77
N ASP A 626 -15.92 -4.59 -28.45
CA ASP A 626 -16.85 -5.28 -29.32
C ASP A 626 -16.14 -5.85 -30.54
N LEU A 627 -15.10 -5.16 -31.02
CA LEU A 627 -14.35 -5.68 -32.15
C LEU A 627 -13.56 -6.94 -31.78
N SER A 628 -13.17 -7.02 -30.51
CA SER A 628 -12.48 -8.22 -30.03
C SER A 628 -13.47 -9.34 -29.78
N LYS A 629 -14.70 -8.94 -29.48
CA LYS A 629 -15.72 -9.91 -29.18
C LYS A 629 -16.21 -10.54 -30.48
N GLN A 630 -16.35 -9.76 -31.54
CA GLN A 630 -16.86 -10.40 -32.72
C GLN A 630 -15.72 -11.03 -33.48
N THR A 631 -15.76 -12.36 -33.49
CA THR A 631 -14.80 -13.18 -34.21
C THR A 631 -15.19 -13.17 -35.68
N GLU A 632 -14.37 -13.82 -36.50
CA GLU A 632 -14.55 -13.96 -37.94
C GLU A 632 -14.28 -12.61 -38.59
N ILE A 633 -14.40 -11.55 -37.78
CA ILE A 633 -13.86 -10.29 -38.21
C ILE A 633 -12.53 -10.35 -37.49
N ALA A 634 -11.54 -10.91 -38.19
CA ALA A 634 -10.22 -11.08 -37.65
C ALA A 634 -9.56 -9.73 -37.62
N TYR A 635 -8.57 -9.55 -36.78
CA TYR A 635 -7.89 -8.26 -36.74
C TYR A 635 -6.42 -8.41 -36.41
N GLY A 636 -5.59 -7.58 -37.02
CA GLY A 636 -4.16 -7.70 -36.79
C GLY A 636 -3.31 -6.45 -36.86
N THR A 637 -2.03 -6.60 -36.54
CA THR A 637 -1.07 -5.50 -36.54
C THR A 637 0.13 -5.75 -37.46
N LEU A 638 1.06 -4.79 -37.51
CA LEU A 638 2.28 -4.93 -38.29
C LEU A 638 3.19 -5.98 -37.62
N ASP A 639 4.15 -6.55 -38.37
CA ASP A 639 5.00 -7.63 -37.84
C ASP A 639 5.98 -7.36 -36.70
N SER A 640 6.70 -6.24 -36.74
CA SER A 640 7.69 -5.97 -35.71
C SER A 640 7.58 -4.54 -35.23
N GLY A 641 7.67 -4.30 -33.93
CA GLY A 641 7.61 -2.92 -33.51
C GLY A 641 6.78 -2.54 -32.30
N SER A 642 6.63 -1.23 -32.15
CA SER A 642 5.99 -0.60 -31.02
C SER A 642 4.49 -0.90 -30.88
N THR A 643 3.78 -1.04 -31.99
CA THR A 643 2.37 -1.39 -31.95
C THR A 643 2.15 -2.78 -31.36
N LYS A 644 2.92 -3.71 -31.91
CA LYS A 644 2.91 -5.10 -31.47
C LYS A 644 3.29 -5.09 -29.99
N GLU A 645 4.30 -4.29 -29.64
CA GLU A 645 4.73 -4.23 -28.25
C GLU A 645 3.62 -3.59 -27.43
N PHE A 646 2.81 -2.75 -28.06
CA PHE A 646 1.75 -2.13 -27.27
C PHE A 646 0.87 -3.28 -26.78
N PHE A 647 0.53 -4.18 -27.69
CA PHE A 647 -0.33 -5.28 -27.28
C PHE A 647 0.37 -6.32 -26.38
N ARG A 648 1.63 -6.59 -26.68
CA ARG A 648 2.48 -7.52 -25.94
C ARG A 648 2.73 -7.13 -24.49
N ARG A 649 2.98 -5.84 -24.28
CA ARG A 649 3.31 -5.30 -22.97
C ARG A 649 2.06 -4.95 -22.17
N SER A 650 0.96 -4.71 -22.87
CA SER A 650 -0.25 -4.23 -22.21
C SER A 650 -0.74 -5.16 -21.11
N LYS A 651 -0.92 -4.59 -19.92
CA LYS A 651 -1.35 -5.37 -18.77
C LYS A 651 -2.83 -5.16 -18.48
N ILE A 652 -3.51 -4.41 -19.35
CA ILE A 652 -4.93 -4.10 -19.19
C ILE A 652 -5.81 -5.04 -20.02
N ALA A 653 -6.93 -5.43 -19.41
CA ALA A 653 -7.80 -6.50 -19.89
C ALA A 653 -7.99 -6.62 -21.40
N VAL A 654 -8.61 -5.63 -22.03
CA VAL A 654 -9.01 -5.77 -23.42
C VAL A 654 -7.83 -5.97 -24.38
N PHE A 655 -6.78 -5.19 -24.18
CA PHE A 655 -5.61 -5.29 -25.05
C PHE A 655 -4.88 -6.62 -24.82
N ASP A 656 -4.91 -7.10 -23.58
CA ASP A 656 -4.30 -8.38 -23.23
C ASP A 656 -5.03 -9.51 -23.92
N LYS A 657 -6.35 -9.43 -23.91
CA LYS A 657 -7.21 -10.41 -24.56
C LYS A 657 -6.97 -10.42 -26.07
N MET A 658 -6.84 -9.22 -26.63
CA MET A 658 -6.60 -9.08 -28.06
C MET A 658 -5.25 -9.63 -28.45
N TRP A 659 -4.27 -9.43 -27.58
CA TRP A 659 -2.93 -9.96 -27.82
C TRP A 659 -2.93 -11.48 -27.75
N THR A 660 -3.59 -12.01 -26.73
CA THR A 660 -3.73 -13.44 -26.52
C THR A 660 -4.41 -14.07 -27.73
N TYR A 661 -5.36 -13.35 -28.33
CA TYR A 661 -6.01 -13.79 -29.55
C TYR A 661 -5.07 -13.78 -30.75
N MET A 662 -4.40 -12.66 -30.94
CA MET A 662 -3.52 -12.51 -32.09
C MET A 662 -2.38 -13.53 -32.13
N ARG A 663 -1.75 -13.80 -30.98
CA ARG A 663 -0.64 -14.75 -30.99
C ARG A 663 -1.10 -16.16 -31.42
N SER A 664 -2.36 -16.47 -31.20
CA SER A 664 -2.87 -17.81 -31.48
C SER A 664 -3.67 -17.88 -32.77
N ALA A 665 -3.92 -16.73 -33.40
CA ALA A 665 -4.82 -16.67 -34.56
C ALA A 665 -4.29 -17.43 -35.77
N GLU A 666 -5.19 -18.13 -36.45
CA GLU A 666 -4.82 -18.86 -37.66
C GLU A 666 -5.91 -18.71 -38.71
N PRO A 667 -5.52 -18.37 -39.96
CA PRO A 667 -4.14 -18.07 -40.37
C PRO A 667 -3.64 -16.76 -39.75
N SER A 668 -2.34 -16.51 -39.81
CA SER A 668 -1.72 -15.35 -39.17
C SER A 668 -2.39 -14.04 -39.57
N VAL A 669 -2.60 -13.16 -38.59
CA VAL A 669 -3.32 -11.90 -38.81
C VAL A 669 -2.36 -10.72 -38.94
N PHE A 670 -1.07 -11.01 -38.89
CA PHE A 670 -0.04 -9.99 -38.95
C PHE A 670 0.42 -9.77 -40.39
N VAL A 671 0.72 -8.51 -40.74
CA VAL A 671 1.21 -8.19 -42.08
C VAL A 671 2.60 -7.53 -42.01
N ARG A 672 3.29 -7.48 -43.15
CA ARG A 672 4.67 -7.02 -43.17
C ARG A 672 4.82 -5.54 -43.53
N THR A 673 3.83 -5.03 -44.25
CA THR A 673 3.76 -3.60 -44.60
C THR A 673 2.36 -3.07 -44.33
N THR A 674 2.25 -1.76 -44.12
CA THR A 674 0.96 -1.13 -43.90
C THR A 674 0.05 -1.33 -45.12
N ALA A 675 0.64 -1.18 -46.30
CA ALA A 675 -0.07 -1.39 -47.56
C ALA A 675 -0.65 -2.80 -47.63
N GLU A 676 0.09 -3.77 -47.11
CA GLU A 676 -0.35 -5.16 -47.10
C GLU A 676 -1.57 -5.32 -46.19
N GLY A 677 -1.52 -4.65 -45.04
CA GLY A 677 -2.63 -4.69 -44.10
C GLY A 677 -3.88 -4.08 -44.69
N VAL A 678 -3.73 -2.92 -45.31
CA VAL A 678 -4.86 -2.22 -45.91
C VAL A 678 -5.45 -3.03 -47.06
N ALA A 679 -4.57 -3.64 -47.86
CA ALA A 679 -5.00 -4.50 -48.94
C ALA A 679 -5.80 -5.68 -48.41
N ARG A 680 -5.34 -6.23 -47.28
CA ARG A 680 -6.06 -7.33 -46.64
C ARG A 680 -7.43 -6.87 -46.15
N VAL A 681 -7.51 -5.64 -45.66
CA VAL A 681 -8.79 -5.07 -45.24
C VAL A 681 -9.74 -4.99 -46.42
N ARG A 682 -9.23 -4.50 -47.55
CA ARG A 682 -10.03 -4.34 -48.74
C ARG A 682 -10.47 -5.69 -49.34
N LYS A 683 -9.65 -6.71 -49.16
CA LYS A 683 -9.95 -8.02 -49.78
C LYS A 683 -10.64 -9.00 -48.84
N SER A 684 -10.84 -8.62 -47.58
CA SER A 684 -11.59 -9.47 -46.66
C SER A 684 -13.06 -9.07 -46.56
N LYS A 685 -13.41 -7.98 -47.23
CA LYS A 685 -14.80 -7.50 -47.30
C LYS A 685 -15.42 -7.29 -45.93
N GLY A 686 -14.62 -6.81 -44.98
CA GLY A 686 -15.11 -6.52 -43.64
C GLY A 686 -14.84 -7.63 -42.64
N LYS A 687 -14.23 -8.72 -43.09
CA LYS A 687 -13.90 -9.84 -42.21
C LYS A 687 -12.51 -9.68 -41.61
N TYR A 688 -11.82 -8.61 -41.99
CA TYR A 688 -10.52 -8.30 -41.39
C TYR A 688 -10.39 -6.82 -41.10
N ALA A 689 -10.01 -6.52 -39.86
CA ALA A 689 -9.73 -5.17 -39.40
C ALA A 689 -8.23 -5.01 -39.15
N TYR A 690 -7.75 -3.81 -39.45
CA TYR A 690 -6.33 -3.56 -39.35
C TYR A 690 -6.05 -2.53 -38.25
N LEU A 691 -5.17 -2.89 -37.33
CA LEU A 691 -4.80 -2.03 -36.23
C LEU A 691 -3.50 -1.31 -36.59
N LEU A 692 -3.58 0.02 -36.71
CA LEU A 692 -2.44 0.80 -37.16
C LEU A 692 -2.51 2.19 -36.58
N GLU A 693 -1.39 2.92 -36.63
CA GLU A 693 -1.35 4.27 -36.11
C GLU A 693 -2.34 5.16 -36.82
N SER A 694 -2.98 6.04 -36.05
CA SER A 694 -3.99 6.95 -36.58
C SER A 694 -3.53 7.71 -37.82
N THR A 695 -2.25 8.04 -37.89
CA THR A 695 -1.72 8.82 -38.99
C THR A 695 -1.89 8.13 -40.35
N MET A 696 -1.44 6.88 -40.42
CA MET A 696 -1.53 6.12 -41.66
C MET A 696 -2.99 5.88 -42.01
N ASN A 697 -3.80 5.62 -40.98
CA ASN A 697 -5.23 5.41 -41.15
C ASN A 697 -5.90 6.63 -41.80
N GLU A 698 -5.64 7.81 -41.22
CA GLU A 698 -6.16 9.08 -41.72
C GLU A 698 -5.67 9.35 -43.13
N TYR A 699 -4.45 8.92 -43.42
CA TYR A 699 -3.88 9.11 -44.73
C TYR A 699 -4.59 8.26 -45.78
N ILE A 700 -4.70 6.96 -45.52
CA ILE A 700 -5.32 6.03 -46.46
C ILE A 700 -6.82 6.34 -46.65
N GLU A 701 -7.45 6.86 -45.60
CA GLU A 701 -8.84 7.27 -45.68
C GLU A 701 -9.08 8.31 -46.78
N GLN A 702 -8.02 9.05 -47.11
CA GLN A 702 -8.08 10.12 -48.12
C GLN A 702 -7.52 9.70 -49.49
N ARG A 703 -7.08 8.45 -49.59
CA ARG A 703 -6.39 7.94 -50.78
C ARG A 703 -7.22 6.95 -51.57
N LYS A 704 -6.92 6.86 -52.87
CA LYS A 704 -7.65 5.96 -53.75
C LYS A 704 -7.50 4.51 -53.35
N PRO A 705 -8.57 3.71 -53.54
CA PRO A 705 -9.86 4.20 -54.03
C PRO A 705 -10.83 4.62 -52.92
N CYS A 706 -10.32 5.21 -51.85
CA CYS A 706 -11.13 5.71 -50.74
C CYS A 706 -12.16 4.69 -50.22
N ASP A 707 -11.74 3.45 -50.08
CA ASP A 707 -12.62 2.39 -49.63
C ASP A 707 -12.33 1.93 -48.20
N THR A 708 -11.47 2.67 -47.49
CA THR A 708 -11.15 2.32 -46.11
C THR A 708 -11.57 3.42 -45.16
N MET A 709 -11.79 3.05 -43.90
CA MET A 709 -12.32 3.99 -42.91
C MET A 709 -11.71 3.77 -41.53
N LYS A 710 -11.41 4.87 -40.85
CA LYS A 710 -10.96 4.83 -39.46
C LYS A 710 -12.19 4.82 -38.55
N VAL A 711 -12.24 3.83 -37.66
CA VAL A 711 -13.41 3.65 -36.81
C VAL A 711 -13.05 3.65 -35.33
N GLY A 712 -13.96 4.19 -34.53
CA GLY A 712 -13.73 4.35 -33.10
C GLY A 712 -12.73 5.44 -32.84
N GLY A 713 -12.34 5.58 -31.57
CA GLY A 713 -11.31 6.54 -31.22
C GLY A 713 -9.94 5.90 -31.35
N ASN A 714 -9.00 6.35 -30.53
CA ASN A 714 -7.69 5.73 -30.49
C ASN A 714 -7.56 4.90 -29.22
N LEU A 715 -6.67 3.91 -29.26
CA LEU A 715 -6.49 3.00 -28.14
C LEU A 715 -5.62 3.69 -27.09
N ASP A 716 -4.59 4.38 -27.57
CA ASP A 716 -3.71 5.19 -26.74
C ASP A 716 -3.42 6.51 -27.44
N SER A 717 -2.55 7.31 -26.82
CA SER A 717 -2.08 8.52 -27.45
C SER A 717 -0.59 8.73 -27.25
N LYS A 718 0.17 8.71 -28.34
CA LYS A 718 1.61 8.95 -28.32
C LYS A 718 2.01 9.70 -29.59
N GLY A 719 3.30 9.92 -29.77
CA GLY A 719 3.76 10.73 -30.88
C GLY A 719 5.10 10.36 -31.50
N TYR A 720 5.28 10.81 -32.75
CA TYR A 720 6.53 10.58 -33.46
C TYR A 720 7.53 11.66 -33.10
N GLY A 721 8.79 11.29 -32.97
CA GLY A 721 9.82 12.26 -32.68
C GLY A 721 11.08 12.01 -33.47
N ILE A 722 11.88 13.05 -33.62
CA ILE A 722 13.15 12.96 -34.30
C ILE A 722 14.21 12.45 -33.33
N ALA A 723 14.90 11.39 -33.71
CA ALA A 723 15.81 10.72 -32.80
C ALA A 723 17.26 10.98 -33.14
N THR A 724 18.05 11.24 -32.10
CA THR A 724 19.47 11.48 -32.24
C THR A 724 20.21 10.47 -31.37
N PRO A 725 21.42 10.07 -31.78
CA PRO A 725 22.25 9.26 -30.89
C PRO A 725 22.55 10.06 -29.63
N LYS A 726 22.38 9.47 -28.45
CA LYS A 726 22.49 10.25 -27.23
C LYS A 726 23.91 10.77 -27.00
N GLY A 727 24.01 12.03 -26.64
CA GLY A 727 25.28 12.71 -26.50
C GLY A 727 25.69 13.45 -27.77
N SER A 728 24.81 13.44 -28.77
CA SER A 728 25.06 14.18 -30.01
C SER A 728 25.08 15.69 -29.74
N SER A 729 25.97 16.40 -30.44
CA SER A 729 25.97 17.86 -30.37
C SER A 729 24.81 18.46 -31.16
N LEU A 730 24.11 17.62 -31.93
CA LEU A 730 23.01 18.07 -32.77
C LEU A 730 21.65 17.91 -32.10
N GLY A 731 21.61 17.15 -31.01
CA GLY A 731 20.36 16.82 -30.36
C GLY A 731 19.52 18.00 -29.91
N THR A 732 20.12 18.85 -29.08
CA THR A 732 19.41 19.97 -28.49
C THR A 732 18.94 20.97 -29.52
N PRO A 733 19.82 21.31 -30.49
CA PRO A 733 19.41 22.24 -31.53
C PRO A 733 18.28 21.68 -32.39
N VAL A 734 18.32 20.37 -32.67
CA VAL A 734 17.25 19.74 -33.43
C VAL A 734 15.94 19.81 -32.66
N ASN A 735 15.99 19.53 -31.35
CA ASN A 735 14.80 19.58 -30.51
C ASN A 735 14.17 20.97 -30.51
N LEU A 736 15.01 21.97 -30.24
CA LEU A 736 14.57 23.37 -30.23
C LEU A 736 14.00 23.74 -31.58
N ALA A 737 14.59 23.20 -32.64
CA ALA A 737 14.12 23.44 -33.99
C ALA A 737 12.73 22.85 -34.18
N VAL A 738 12.52 21.65 -33.65
CA VAL A 738 11.23 20.98 -33.77
C VAL A 738 10.14 21.79 -33.09
N LEU A 739 10.37 22.21 -31.86
CA LEU A 739 9.32 22.97 -31.18
C LEU A 739 9.16 24.37 -31.76
N LYS A 740 10.24 24.91 -32.33
CA LYS A 740 10.17 26.16 -33.07
C LYS A 740 9.22 26.02 -34.26
N LEU A 741 9.40 24.96 -35.05
CA LEU A 741 8.55 24.71 -36.20
C LEU A 741 7.12 24.46 -35.76
N SER A 742 6.94 23.79 -34.62
CA SER A 742 5.61 23.51 -34.09
C SER A 742 4.87 24.80 -33.75
N GLU A 743 5.57 25.72 -33.10
CA GLU A 743 4.97 26.99 -32.71
C GLU A 743 4.75 27.94 -33.90
N GLN A 744 5.55 27.81 -34.95
CA GLN A 744 5.43 28.68 -36.11
C GLN A 744 4.33 28.20 -37.06
N GLY A 745 3.68 27.10 -36.70
CA GLY A 745 2.62 26.54 -37.53
C GLY A 745 3.14 25.73 -38.70
N VAL A 746 4.45 25.53 -38.74
CA VAL A 746 5.09 24.81 -39.84
C VAL A 746 4.69 23.34 -39.89
N LEU A 747 4.67 22.68 -38.73
CA LEU A 747 4.34 21.27 -38.67
C LEU A 747 2.88 21.02 -39.07
N ASP A 748 2.00 21.94 -38.66
CA ASP A 748 0.59 21.84 -38.99
C ASP A 748 0.43 22.03 -40.50
N LYS A 749 1.23 22.96 -41.04
CA LYS A 749 1.24 23.27 -42.45
C LYS A 749 1.67 22.07 -43.30
N LEU A 750 2.72 21.38 -42.85
CA LEU A 750 3.20 20.19 -43.56
C LEU A 750 2.20 19.05 -43.47
N LYS A 751 1.60 18.90 -42.29
CA LYS A 751 0.59 17.88 -42.09
C LYS A 751 -0.57 18.09 -43.05
N ASN A 752 -1.08 19.32 -43.12
CA ASN A 752 -2.16 19.63 -44.05
C ASN A 752 -1.72 19.44 -45.50
N LYS A 753 -0.47 19.80 -45.79
CA LYS A 753 0.07 19.64 -47.14
C LYS A 753 0.02 18.21 -47.64
N TRP A 754 0.50 17.29 -46.80
CA TRP A 754 0.63 15.91 -47.26
C TRP A 754 -0.57 15.02 -46.92
N TRP A 755 -1.47 15.50 -46.07
CA TRP A 755 -2.62 14.70 -45.69
C TRP A 755 -3.91 15.15 -46.37
N TYR A 756 -4.30 16.41 -46.14
CA TYR A 756 -5.63 16.85 -46.53
C TYR A 756 -5.64 17.76 -47.76
N ASP A 757 -4.45 18.11 -48.25
CA ASP A 757 -4.35 18.87 -49.49
C ASP A 757 -4.22 17.95 -50.70
N LYS A 758 -3.41 16.90 -50.56
CA LYS A 758 -3.27 15.89 -51.60
C LYS A 758 -4.30 14.78 -51.40
N GLY A 759 -5.08 14.90 -50.33
CA GLY A 759 -6.19 13.99 -50.08
C GLY A 759 -7.23 14.11 -51.18
N GLU A 760 -7.56 12.99 -51.79
CA GLU A 760 -8.44 12.97 -52.96
C GLU A 760 -9.93 13.02 -52.62
N CYS A 761 -10.37 12.26 -51.63
CA CYS A 761 -11.80 12.22 -51.33
C CYS A 761 -12.23 13.35 -50.38
N GLY A 762 -13.53 13.44 -50.13
CA GLY A 762 -14.08 14.52 -49.33
C GLY A 762 -13.58 14.47 -47.91
N ALA A 763 -12.92 15.54 -47.48
CA ALA A 763 -12.29 15.54 -46.16
C ALA A 763 -13.14 16.26 -45.12
N LYS A 764 -12.67 16.27 -43.88
CA LYS A 764 -13.39 16.87 -42.76
C LYS A 764 -14.85 16.44 -42.72
N ASP A 765 -15.07 15.15 -42.47
CA ASP A 765 -16.41 14.58 -42.45
C ASP A 765 -17.23 15.15 -41.29
N SER A 773 -25.56 14.64 -43.16
CA SER A 773 -26.57 13.79 -42.55
C SER A 773 -27.74 13.58 -43.52
N ALA A 774 -27.94 14.54 -44.41
CA ALA A 774 -28.96 14.43 -45.45
C ALA A 774 -28.65 13.25 -46.36
N LEU A 775 -29.69 12.66 -46.94
CA LEU A 775 -29.53 11.52 -47.83
C LEU A 775 -28.61 11.85 -49.02
N SER A 776 -27.62 10.98 -49.25
CA SER A 776 -26.53 11.29 -50.17
C SER A 776 -26.93 11.25 -51.65
N LEU A 777 -25.98 11.60 -52.51
CA LEU A 777 -26.22 11.85 -53.93
C LEU A 777 -26.56 10.60 -54.75
N SER A 778 -25.89 9.48 -54.48
CA SER A 778 -26.13 8.24 -55.22
C SER A 778 -27.62 7.85 -55.19
N ASN A 779 -28.24 8.03 -54.02
CA ASN A 779 -29.68 7.79 -53.89
C ASN A 779 -30.49 8.71 -54.78
N VAL A 780 -30.08 9.97 -54.77
CA VAL A 780 -30.82 11.02 -55.45
C VAL A 780 -30.71 10.69 -56.92
N ALA A 781 -29.55 10.19 -57.30
CA ALA A 781 -29.32 9.77 -58.66
C ALA A 781 -30.25 8.61 -58.99
N GLY A 782 -30.41 7.70 -58.04
CA GLY A 782 -31.26 6.55 -58.28
C GLY A 782 -32.67 6.97 -58.60
N VAL A 783 -33.09 8.11 -58.07
CA VAL A 783 -34.44 8.54 -58.39
C VAL A 783 -34.45 9.36 -59.69
N PHE A 784 -33.38 10.10 -59.91
CA PHE A 784 -33.30 11.04 -61.03
C PHE A 784 -33.02 10.41 -62.39
N TYR A 785 -32.25 9.32 -62.43
CA TYR A 785 -32.03 8.61 -63.69
C TYR A 785 -33.34 8.04 -64.22
N ILE A 786 -34.16 7.48 -63.34
CA ILE A 786 -35.42 6.92 -63.81
C ILE A 786 -36.34 8.09 -64.12
N LEU A 787 -36.15 9.23 -63.46
CA LEU A 787 -36.99 10.38 -63.78
C LEU A 787 -36.71 10.91 -65.18
N VAL A 788 -35.45 11.28 -65.44
CA VAL A 788 -35.00 11.82 -66.72
C VAL A 788 -35.19 10.79 -67.85
N GLY A 789 -34.98 9.53 -67.52
CA GLY A 789 -35.15 8.45 -68.48
C GLY A 789 -36.62 8.35 -68.87
N GLY A 790 -37.49 8.46 -67.87
CA GLY A 790 -38.92 8.40 -68.09
C GLY A 790 -39.38 9.60 -68.91
N LEU A 791 -38.78 10.75 -68.64
CA LEU A 791 -39.08 11.98 -69.38
C LEU A 791 -38.61 11.91 -70.83
N GLY A 792 -37.46 11.27 -71.05
CA GLY A 792 -36.95 11.07 -72.40
C GLY A 792 -37.86 10.15 -73.18
N LEU A 793 -38.25 9.06 -72.51
CA LEU A 793 -39.18 8.09 -73.09
C LEU A 793 -40.48 8.80 -73.42
N ALA A 794 -40.84 9.73 -72.55
CA ALA A 794 -42.06 10.51 -72.68
C ALA A 794 -41.97 11.47 -73.85
N MET A 795 -40.80 12.07 -74.05
CA MET A 795 -40.54 12.96 -75.17
C MET A 795 -40.65 12.18 -76.47
N LEU A 796 -40.23 10.92 -76.42
CA LEU A 796 -40.25 10.06 -77.60
C LEU A 796 -41.69 9.69 -77.93
N VAL A 797 -42.44 9.33 -76.89
CA VAL A 797 -43.84 8.97 -77.04
C VAL A 797 -44.64 10.19 -77.51
N ALA A 798 -44.20 11.37 -77.09
CA ALA A 798 -44.81 12.63 -77.48
C ALA A 798 -44.57 12.88 -78.96
N LEU A 799 -43.31 12.75 -79.37
CA LEU A 799 -42.94 12.96 -80.76
C LEU A 799 -43.70 12.03 -81.69
N ILE A 800 -43.70 10.74 -81.36
CA ILE A 800 -44.40 9.77 -82.20
C ILE A 800 -45.92 9.93 -82.14
N GLU A 801 -46.45 10.38 -81.01
CA GLU A 801 -47.89 10.57 -80.85
C GLU A 801 -48.51 11.59 -81.78
N PHE A 802 -47.97 12.81 -81.72
CA PHE A 802 -48.44 13.91 -82.54
C PHE A 802 -47.91 13.83 -83.97
N ILE B 3 67.08 -19.38 20.60
CA ILE B 3 66.93 -18.59 19.39
C ILE B 3 66.38 -17.20 19.70
N GLN B 4 67.22 -16.20 19.42
CA GLN B 4 66.90 -14.80 19.70
C GLN B 4 65.85 -14.31 18.68
N ILE B 5 64.72 -13.79 19.15
CA ILE B 5 63.68 -13.25 18.26
C ILE B 5 63.10 -11.96 18.82
N GLY B 6 62.65 -11.03 17.98
CA GLY B 6 62.03 -9.86 18.56
C GLY B 6 60.53 -9.90 18.36
N GLY B 7 59.78 -9.46 19.37
CA GLY B 7 58.34 -9.36 19.23
C GLY B 7 57.93 -7.90 19.29
N LEU B 8 56.85 -7.51 18.63
CA LEU B 8 56.41 -6.12 18.68
C LEU B 8 54.89 -6.07 18.80
N PHE B 9 54.41 -5.45 19.88
CA PHE B 9 52.97 -5.43 20.10
C PHE B 9 52.45 -4.01 20.27
N PRO B 10 51.36 -3.69 19.56
CA PRO B 10 50.71 -2.41 19.73
C PRO B 10 50.05 -2.35 21.10
N ARG B 11 50.05 -1.19 21.74
CA ARG B 11 49.42 -1.08 23.05
C ARG B 11 47.96 -1.42 22.92
N GLY B 12 47.54 -2.38 23.73
CA GLY B 12 46.16 -2.78 23.75
C GLY B 12 45.91 -4.13 23.13
N ALA B 13 46.92 -4.77 22.52
CA ALA B 13 46.58 -6.08 22.01
C ALA B 13 47.01 -7.08 23.07
N ASP B 14 46.07 -7.32 23.97
CA ASP B 14 46.29 -8.18 25.11
C ASP B 14 46.16 -9.64 24.75
N GLN B 15 45.02 -9.99 24.16
CA GLN B 15 44.69 -11.38 23.87
C GLN B 15 45.65 -11.99 22.86
N GLU B 16 46.22 -11.14 22.01
CA GLU B 16 47.20 -11.57 21.02
C GLU B 16 48.50 -11.92 21.74
N TYR B 17 48.79 -11.21 22.82
CA TYR B 17 49.96 -11.51 23.63
C TYR B 17 49.73 -12.74 24.50
N SER B 18 48.46 -12.94 24.89
CA SER B 18 48.09 -14.14 25.63
C SER B 18 48.28 -15.38 24.76
N ALA B 19 47.84 -15.28 23.51
CA ALA B 19 47.98 -16.38 22.56
C ALA B 19 49.45 -16.55 22.21
N PHE B 20 50.19 -15.44 22.22
CA PHE B 20 51.63 -15.48 21.99
C PHE B 20 52.33 -16.27 23.09
N ARG B 21 51.99 -15.97 24.34
CA ARG B 21 52.60 -16.65 25.49
C ARG B 21 52.23 -18.13 25.52
N VAL B 22 50.96 -18.43 25.25
CA VAL B 22 50.50 -19.80 25.21
C VAL B 22 51.24 -20.57 24.12
N GLY B 23 51.44 -19.92 22.98
CA GLY B 23 52.20 -20.51 21.89
C GLY B 23 53.68 -20.60 22.19
N MET B 24 54.15 -19.78 23.15
CA MET B 24 55.54 -19.83 23.56
C MET B 24 55.80 -21.02 24.46
N VAL B 25 54.84 -21.32 25.33
CA VAL B 25 54.95 -22.49 26.19
C VAL B 25 54.68 -23.80 25.45
N GLN B 26 53.60 -23.82 24.67
CA GLN B 26 53.19 -25.01 23.94
C GLN B 26 54.22 -25.53 22.94
N PHE B 27 54.95 -24.61 22.31
CA PHE B 27 55.89 -24.97 21.24
C PHE B 27 57.36 -24.95 21.67
N SER B 28 57.60 -24.75 22.96
CA SER B 28 58.95 -24.80 23.50
C SER B 28 59.46 -26.24 23.49
N THR B 29 60.68 -26.43 22.98
CA THR B 29 61.27 -27.76 22.88
C THR B 29 62.57 -27.84 23.69
N SER B 30 62.91 -29.04 24.14
CA SER B 30 64.12 -29.24 24.94
C SER B 30 65.38 -28.94 24.12
N GLU B 31 65.36 -29.31 22.84
CA GLU B 31 66.50 -29.07 21.96
C GLU B 31 66.84 -27.58 21.88
N PHE B 32 65.86 -26.79 21.48
CA PHE B 32 66.02 -25.34 21.44
C PHE B 32 64.73 -24.62 21.80
N ARG B 33 64.85 -23.57 22.61
CA ARG B 33 63.71 -22.77 23.01
C ARG B 33 63.90 -21.32 22.59
N LEU B 34 62.90 -20.74 21.94
CA LEU B 34 62.98 -19.37 21.48
C LEU B 34 62.92 -18.38 22.63
N THR B 35 63.73 -17.33 22.57
CA THR B 35 63.76 -16.31 23.60
C THR B 35 63.28 -14.97 23.04
N PRO B 36 62.06 -14.57 23.43
CA PRO B 36 61.36 -13.36 22.95
C PRO B 36 61.77 -12.05 23.62
N HIS B 37 61.97 -11.01 22.81
CA HIS B 37 62.12 -9.64 23.31
C HIS B 37 60.88 -8.83 22.99
N ILE B 38 60.08 -8.56 24.01
CA ILE B 38 58.79 -7.89 23.83
C ILE B 38 58.91 -6.37 23.85
N ASP B 39 58.21 -5.71 22.93
CA ASP B 39 58.12 -4.26 22.93
C ASP B 39 56.66 -3.83 22.84
N ASN B 40 56.28 -2.81 23.61
CA ASN B 40 54.93 -2.26 23.57
C ASN B 40 54.93 -0.84 23.02
N LEU B 41 54.35 -0.64 21.83
CA LEU B 41 54.47 0.65 21.15
C LEU B 41 53.20 1.07 20.39
N GLU B 42 53.09 2.36 20.10
CA GLU B 42 52.08 2.84 19.16
C GLU B 42 52.41 2.30 17.78
N VAL B 43 51.55 1.44 17.26
CA VAL B 43 51.79 0.74 16.00
C VAL B 43 51.82 1.68 14.78
N ALA B 44 50.95 2.68 14.78
CA ALA B 44 50.77 3.57 13.64
C ALA B 44 51.87 4.62 13.57
N ASN B 45 52.63 4.75 14.65
CA ASN B 45 53.68 5.74 14.70
C ASN B 45 54.96 5.18 14.09
N SER B 46 55.24 5.62 12.86
CA SER B 46 56.41 5.18 12.11
C SER B 46 57.71 5.24 12.90
N PHE B 47 57.89 6.33 13.65
CA PHE B 47 59.11 6.56 14.41
C PHE B 47 59.32 5.45 15.44
N ALA B 48 58.33 5.25 16.31
CA ALA B 48 58.40 4.21 17.33
C ALA B 48 58.72 2.85 16.73
N VAL B 49 58.14 2.59 15.56
CA VAL B 49 58.39 1.35 14.81
C VAL B 49 59.85 1.22 14.41
N THR B 50 60.36 2.19 13.67
CA THR B 50 61.77 2.23 13.28
C THR B 50 62.70 2.04 14.47
N ASN B 51 62.42 2.74 15.56
CA ASN B 51 63.21 2.66 16.79
C ASN B 51 63.23 1.23 17.34
N ALA B 52 62.04 0.67 17.56
CA ALA B 52 61.90 -0.70 18.03
C ALA B 52 62.67 -1.68 17.16
N PHE B 53 62.41 -1.62 15.85
CA PHE B 53 63.07 -2.47 14.86
C PHE B 53 64.59 -2.42 14.95
N CYS B 54 65.13 -1.22 14.99
CA CYS B 54 66.57 -1.05 15.10
C CYS B 54 67.11 -1.61 16.42
N SER B 55 66.38 -1.41 17.50
CA SER B 55 66.74 -1.98 18.80
C SER B 55 66.83 -3.50 18.71
N GLN B 56 65.85 -4.12 18.05
CA GLN B 56 65.82 -5.56 17.85
C GLN B 56 67.00 -6.02 17.01
N PHE B 57 67.33 -5.24 15.98
CA PHE B 57 68.42 -5.59 15.09
C PHE B 57 69.75 -5.57 15.87
N SER B 58 69.98 -4.51 16.63
CA SER B 58 71.15 -4.42 17.50
C SER B 58 71.20 -5.57 18.50
N ARG B 59 70.03 -5.95 19.03
CA ARG B 59 69.93 -7.08 19.95
C ARG B 59 70.32 -8.40 19.28
N GLY B 60 70.32 -8.41 17.95
CA GLY B 60 70.74 -9.59 17.21
C GLY B 60 69.67 -10.67 17.14
N VAL B 61 68.50 -10.32 16.61
CA VAL B 61 67.40 -11.25 16.45
C VAL B 61 67.42 -11.91 15.07
N TYR B 62 66.99 -13.17 15.01
CA TYR B 62 67.01 -13.90 13.74
C TYR B 62 65.71 -13.69 12.96
N ALA B 63 64.67 -13.27 13.67
CA ALA B 63 63.37 -13.00 13.06
C ALA B 63 62.55 -12.06 13.94
N ILE B 64 61.59 -11.37 13.32
CA ILE B 64 60.74 -10.43 14.05
C ILE B 64 59.26 -10.64 13.80
N PHE B 65 58.52 -10.95 14.86
CA PHE B 65 57.07 -11.07 14.77
C PHE B 65 56.40 -9.83 15.34
N GLY B 66 55.53 -9.21 14.57
CA GLY B 66 54.86 -8.00 15.01
C GLY B 66 53.68 -7.58 14.16
N PHE B 67 52.97 -6.57 14.65
CA PHE B 67 51.83 -5.99 13.96
C PHE B 67 52.25 -4.71 13.23
N TYR B 68 51.54 -4.34 12.17
CA TYR B 68 51.75 -3.03 11.57
C TYR B 68 50.45 -2.38 11.12
N ASP B 69 50.54 -1.09 10.78
CA ASP B 69 49.38 -0.33 10.36
C ASP B 69 49.54 0.08 8.92
N LYS B 70 48.50 0.70 8.37
CA LYS B 70 48.56 1.16 6.99
C LYS B 70 49.50 2.36 6.92
N LYS B 71 49.77 2.97 8.07
CA LYS B 71 50.72 4.06 8.12
C LYS B 71 52.14 3.54 8.28
N SER B 72 52.27 2.34 8.81
CA SER B 72 53.58 1.79 9.16
C SER B 72 54.06 0.67 8.24
N VAL B 73 53.20 0.21 7.34
CA VAL B 73 53.50 -0.94 6.50
C VAL B 73 54.76 -0.79 5.63
N ASN B 74 54.94 0.39 5.05
CA ASN B 74 56.02 0.60 4.10
C ASN B 74 57.39 0.62 4.76
N THR B 75 57.44 1.18 5.98
CA THR B 75 58.65 1.14 6.78
C THR B 75 59.12 -0.31 6.96
N ILE B 76 58.24 -1.13 7.54
CA ILE B 76 58.53 -2.55 7.75
C ILE B 76 58.94 -3.28 6.47
N THR B 77 58.14 -3.17 5.42
CA THR B 77 58.44 -3.87 4.18
C THR B 77 59.78 -3.47 3.62
N SER B 78 60.05 -2.16 3.59
CA SER B 78 61.31 -1.65 3.07
C SER B 78 62.51 -2.13 3.90
N PHE B 79 62.45 -1.94 5.21
CA PHE B 79 63.57 -2.31 6.08
C PHE B 79 63.84 -3.81 6.13
N CYS B 80 62.79 -4.61 6.02
CA CYS B 80 62.95 -6.05 6.02
C CYS B 80 63.44 -6.54 4.66
N GLY B 81 63.06 -5.83 3.60
CA GLY B 81 63.54 -6.18 2.28
C GLY B 81 64.97 -5.75 2.10
N THR B 82 65.39 -4.74 2.86
CA THR B 82 66.76 -4.23 2.79
C THR B 82 67.73 -5.04 3.66
N LEU B 83 67.37 -5.24 4.93
CA LEU B 83 68.29 -5.92 5.84
C LEU B 83 68.09 -7.43 5.86
N HIS B 84 67.17 -7.91 5.03
CA HIS B 84 66.92 -9.34 4.86
C HIS B 84 66.54 -10.04 6.16
N VAL B 85 66.10 -9.25 7.14
CA VAL B 85 65.51 -9.79 8.34
C VAL B 85 64.07 -10.20 8.02
N SER B 86 63.60 -11.28 8.61
CA SER B 86 62.27 -11.79 8.29
C SER B 86 61.23 -11.22 9.25
N PHE B 87 60.03 -11.00 8.73
CA PHE B 87 58.94 -10.40 9.50
C PHE B 87 57.67 -11.24 9.43
N ILE B 88 57.12 -11.56 10.59
CA ILE B 88 55.90 -12.35 10.68
C ILE B 88 54.76 -11.50 11.25
N THR B 89 53.66 -11.41 10.52
CA THR B 89 52.55 -10.57 10.96
C THR B 89 51.18 -11.21 10.76
N PRO B 90 50.30 -11.03 11.75
CA PRO B 90 48.87 -11.37 11.72
C PRO B 90 48.04 -10.30 11.02
N SER B 91 48.63 -9.16 10.72
CA SER B 91 47.88 -8.04 10.15
C SER B 91 47.69 -8.20 8.63
N PHE B 92 46.94 -7.28 8.04
CA PHE B 92 46.51 -7.41 6.64
C PHE B 92 47.70 -7.56 5.69
N PRO B 93 47.46 -8.24 4.55
CA PRO B 93 48.55 -8.52 3.60
C PRO B 93 48.98 -7.31 2.78
N THR B 94 50.29 -7.15 2.58
CA THR B 94 50.83 -6.07 1.77
C THR B 94 50.32 -6.13 0.33
N ASP B 95 50.15 -4.98 -0.29
CA ASP B 95 49.71 -4.93 -1.68
C ASP B 95 50.87 -5.20 -2.62
N GLY B 96 50.77 -6.29 -3.38
CA GLY B 96 51.79 -6.62 -4.35
C GLY B 96 52.76 -7.65 -3.83
N THR B 97 54.02 -7.54 -4.23
CA THR B 97 55.05 -8.50 -3.84
C THR B 97 56.14 -7.85 -3.01
N HIS B 98 56.16 -8.14 -1.71
CA HIS B 98 57.22 -7.61 -0.86
C HIS B 98 57.94 -8.74 -0.12
N PRO B 99 59.27 -8.70 -0.11
CA PRO B 99 60.11 -9.77 0.41
C PRO B 99 60.22 -9.74 1.93
N PHE B 100 60.58 -10.88 2.52
CA PHE B 100 60.85 -11.01 3.94
C PHE B 100 59.67 -10.58 4.81
N VAL B 101 58.47 -10.69 4.25
CA VAL B 101 57.25 -10.41 5.00
C VAL B 101 56.32 -11.61 4.93
N ILE B 102 56.00 -12.17 6.09
CA ILE B 102 55.17 -13.37 6.14
C ILE B 102 53.82 -13.01 6.72
N GLN B 103 52.83 -12.85 5.84
CA GLN B 103 51.50 -12.47 6.28
C GLN B 103 50.68 -13.69 6.68
N MET B 104 50.59 -13.93 7.98
CA MET B 104 49.75 -14.98 8.54
C MET B 104 48.29 -14.91 8.08
N ARG B 105 47.81 -13.70 7.85
CA ARG B 105 46.42 -13.49 7.45
C ARG B 105 46.25 -13.76 5.96
N PRO B 106 45.21 -14.52 5.60
CA PRO B 106 44.91 -14.82 4.19
C PRO B 106 44.31 -13.62 3.44
N ASP B 107 43.93 -13.81 2.18
CA ASP B 107 43.32 -12.72 1.42
C ASP B 107 41.81 -12.92 1.33
N LEU B 108 41.06 -11.89 1.71
CA LEU B 108 39.60 -12.00 1.83
C LEU B 108 38.83 -11.48 0.62
N LYS B 109 39.49 -10.65 -0.19
CA LYS B 109 38.85 -9.97 -1.31
C LYS B 109 37.99 -10.87 -2.20
N GLY B 110 38.56 -12.01 -2.61
CA GLY B 110 37.86 -12.93 -3.48
C GLY B 110 36.68 -13.59 -2.78
N ALA B 111 36.80 -13.78 -1.48
CA ALA B 111 35.73 -14.38 -0.70
C ALA B 111 34.57 -13.40 -0.59
N LEU B 112 34.89 -12.13 -0.39
CA LEU B 112 33.86 -11.08 -0.32
C LEU B 112 33.14 -10.94 -1.66
N LEU B 113 33.91 -10.86 -2.74
CA LEU B 113 33.33 -10.73 -4.09
C LEU B 113 32.47 -11.95 -4.45
N SER B 114 32.96 -13.13 -4.11
CA SER B 114 32.23 -14.36 -4.35
C SER B 114 30.93 -14.39 -3.52
N LEU B 115 30.98 -13.84 -2.32
CA LEU B 115 29.79 -13.79 -1.47
C LEU B 115 28.75 -12.83 -2.00
N ILE B 116 29.22 -11.69 -2.50
CA ILE B 116 28.35 -10.70 -3.11
C ILE B 116 27.71 -11.33 -4.35
N GLU B 117 28.47 -12.20 -5.00
CA GLU B 117 27.97 -12.90 -6.17
C GLU B 117 27.02 -14.03 -5.77
N TYR B 118 27.14 -14.50 -4.52
CA TYR B 118 26.26 -15.56 -4.01
C TYR B 118 24.89 -15.01 -3.64
N TYR B 119 24.87 -13.87 -2.98
CA TYR B 119 23.62 -13.19 -2.69
C TYR B 119 23.09 -12.52 -3.95
N GLN B 120 23.98 -12.40 -4.94
CA GLN B 120 23.65 -11.85 -6.26
C GLN B 120 23.12 -10.42 -6.16
N TRP B 121 23.69 -9.63 -5.27
CA TRP B 121 23.31 -8.22 -5.15
C TRP B 121 23.66 -7.43 -6.42
N ASP B 122 22.83 -6.45 -6.76
CA ASP B 122 23.17 -5.58 -7.87
C ASP B 122 23.56 -4.20 -7.36
N LYS B 123 23.08 -3.86 -6.17
CA LYS B 123 23.38 -2.58 -5.55
C LYS B 123 23.56 -2.74 -4.04
N PHE B 124 24.50 -1.99 -3.47
CA PHE B 124 24.76 -2.06 -2.03
C PHE B 124 25.54 -0.86 -1.52
N ALA B 125 25.71 -0.81 -0.20
CA ALA B 125 26.45 0.27 0.46
C ALA B 125 27.71 -0.28 1.12
N TYR B 126 28.85 0.35 0.83
CA TYR B 126 30.15 -0.11 1.33
C TYR B 126 30.75 0.86 2.35
N LEU B 127 30.82 0.44 3.61
CA LEU B 127 31.44 1.26 4.64
C LEU B 127 32.84 0.74 4.97
N TYR B 128 33.86 1.49 4.54
CA TYR B 128 35.25 1.05 4.68
C TYR B 128 36.02 1.83 5.73
N ASP B 129 36.93 1.14 6.40
CA ASP B 129 37.85 1.76 7.35
C ASP B 129 39.16 2.13 6.65
N SER B 130 39.53 3.40 6.74
CA SER B 130 40.77 3.90 6.16
C SER B 130 42.01 3.22 6.76
N ASP B 131 42.04 3.09 8.07
CA ASP B 131 43.18 2.50 8.77
C ASP B 131 43.50 1.06 8.36
N ARG B 132 42.64 0.45 7.56
CA ARG B 132 42.84 -0.93 7.13
C ARG B 132 43.57 -1.00 5.79
N GLY B 133 43.42 0.05 5.00
CA GLY B 133 43.93 0.07 3.63
C GLY B 133 42.76 -0.02 2.67
N LEU B 134 42.87 0.64 1.52
CA LEU B 134 41.78 0.72 0.55
C LEU B 134 41.83 -0.36 -0.53
N SER B 135 42.61 -1.41 -0.27
CA SER B 135 42.79 -2.51 -1.22
C SER B 135 41.47 -3.24 -1.54
N THR B 136 40.71 -3.58 -0.50
CA THR B 136 39.43 -4.24 -0.71
C THR B 136 38.47 -3.30 -1.43
N LEU B 137 38.54 -2.01 -1.07
CA LEU B 137 37.73 -0.99 -1.72
C LEU B 137 38.02 -0.96 -3.22
N GLN B 138 39.30 -1.01 -3.55
CA GLN B 138 39.70 -1.04 -4.95
C GLN B 138 39.17 -2.30 -5.63
N ALA B 139 39.25 -3.42 -4.92
CA ALA B 139 38.77 -4.67 -5.49
C ALA B 139 37.28 -4.61 -5.82
N VAL B 140 36.47 -4.16 -4.86
CA VAL B 140 35.03 -4.14 -5.04
C VAL B 140 34.60 -3.05 -6.02
N LEU B 141 35.39 -1.98 -6.12
CA LEU B 141 35.10 -0.94 -7.11
C LEU B 141 35.37 -1.43 -8.54
N ASP B 142 36.50 -2.11 -8.74
CA ASP B 142 36.84 -2.62 -10.06
C ASP B 142 35.84 -3.71 -10.46
N SER B 143 35.48 -4.55 -9.50
CA SER B 143 34.51 -5.59 -9.77
C SER B 143 33.10 -5.01 -9.87
N ALA B 144 32.92 -3.79 -9.38
CA ALA B 144 31.65 -3.10 -9.54
C ALA B 144 31.56 -2.66 -10.98
N ALA B 145 32.63 -2.06 -11.47
CA ALA B 145 32.68 -1.58 -12.84
C ALA B 145 32.66 -2.74 -13.86
N GLU B 146 33.09 -3.93 -13.42
CA GLU B 146 33.09 -5.09 -14.31
C GLU B 146 31.70 -5.63 -14.64
N LYS B 147 30.89 -5.81 -13.59
CA LYS B 147 29.60 -6.50 -13.65
C LYS B 147 28.32 -5.65 -13.55
N LYS B 148 28.45 -4.32 -13.72
CA LYS B 148 27.30 -3.41 -13.58
C LYS B 148 26.71 -3.44 -12.16
N TRP B 149 27.46 -2.90 -11.21
CA TRP B 149 27.02 -2.73 -9.82
C TRP B 149 26.89 -1.27 -9.43
N GLN B 150 25.88 -0.96 -8.63
CA GLN B 150 25.73 0.39 -8.11
C GLN B 150 26.25 0.39 -6.69
N VAL B 151 27.36 1.07 -6.47
CA VAL B 151 28.01 1.03 -5.18
C VAL B 151 28.29 2.44 -4.67
N THR B 152 27.95 2.64 -3.40
CA THR B 152 28.25 3.88 -2.73
C THR B 152 29.19 3.57 -1.60
N ALA B 153 30.36 4.19 -1.63
CA ALA B 153 31.35 3.94 -0.62
C ALA B 153 31.57 5.21 0.18
N ILE B 154 31.53 5.05 1.50
CA ILE B 154 31.64 6.18 2.39
C ILE B 154 32.81 5.94 3.33
N ASN B 155 33.54 7.00 3.65
CA ASN B 155 34.66 6.82 4.56
C ASN B 155 34.15 6.99 5.98
N VAL B 156 33.98 5.85 6.64
CA VAL B 156 33.50 5.80 8.00
C VAL B 156 34.71 5.85 8.93
N GLY B 157 35.88 5.62 8.36
CA GLY B 157 37.08 5.52 9.16
C GLY B 157 37.68 6.80 9.71
N ASN B 158 37.39 7.93 9.07
CA ASN B 158 37.98 9.21 9.50
C ASN B 158 37.21 9.99 10.57
N ILE B 159 36.19 9.39 11.17
CA ILE B 159 35.40 10.13 12.14
C ILE B 159 36.02 10.13 13.56
N ASN B 160 36.10 11.32 14.16
CA ASN B 160 36.54 11.45 15.55
C ASN B 160 35.50 10.92 16.55
N ASN B 161 35.96 10.50 17.72
CA ASN B 161 35.08 9.92 18.74
C ASN B 161 33.97 10.87 19.22
N ASP B 162 34.29 12.15 19.41
CA ASP B 162 33.30 13.11 19.89
C ASP B 162 32.13 13.33 18.93
N LYS B 163 32.42 13.48 17.65
CA LYS B 163 31.40 13.73 16.63
C LYS B 163 30.84 12.46 15.98
N LYS B 164 31.35 11.30 16.38
CA LYS B 164 30.98 10.04 15.75
C LYS B 164 29.48 9.73 15.76
N ASP B 165 28.83 10.02 16.88
CA ASP B 165 27.41 9.75 17.02
C ASP B 165 26.54 10.63 16.10
N GLU B 166 26.79 11.94 16.09
CA GLU B 166 26.02 12.84 15.24
C GLU B 166 26.27 12.47 13.78
N THR B 167 27.53 12.18 13.46
CA THR B 167 27.92 11.85 12.10
C THR B 167 27.33 10.52 11.63
N TYR B 168 27.23 9.52 12.51
CA TYR B 168 26.62 8.25 12.10
C TYR B 168 25.15 8.51 11.77
N ARG B 169 24.47 9.30 12.62
CA ARG B 169 23.07 9.55 12.33
C ARG B 169 22.93 10.28 10.99
N SER B 170 23.93 11.11 10.66
CA SER B 170 23.95 11.74 9.33
C SER B 170 24.18 10.72 8.21
N LEU B 171 25.08 9.76 8.46
CA LEU B 171 25.45 8.74 7.48
C LEU B 171 24.28 7.83 7.13
N PHE B 172 23.57 7.36 8.15
CA PHE B 172 22.45 6.46 7.92
C PHE B 172 21.19 7.22 7.50
N GLN B 173 21.15 8.52 7.74
CA GLN B 173 20.03 9.30 7.21
C GLN B 173 20.38 9.71 5.78
N ASP B 174 21.64 9.50 5.41
CA ASP B 174 22.03 9.59 4.02
C ASP B 174 21.68 8.29 3.30
N LEU B 175 21.87 7.18 4.00
CA LEU B 175 21.53 5.88 3.42
C LEU B 175 20.03 5.57 3.45
N GLU B 176 19.23 6.47 4.01
CA GLU B 176 17.78 6.29 3.93
C GLU B 176 17.10 7.34 3.04
N LEU B 177 17.91 8.17 2.39
CA LEU B 177 17.42 9.07 1.36
C LEU B 177 17.36 8.28 0.07
N LYS B 178 18.37 7.41 -0.08
CA LYS B 178 18.44 6.47 -1.18
C LYS B 178 17.86 5.13 -0.74
N LYS B 179 17.34 5.10 0.48
CA LYS B 179 16.69 3.92 1.09
C LYS B 179 17.46 2.59 0.94
N GLU B 180 18.78 2.64 1.00
CA GLU B 180 19.60 1.44 0.80
C GLU B 180 19.43 0.37 1.89
N ARG B 181 19.07 -0.84 1.47
CA ARG B 181 18.85 -1.95 2.39
C ARG B 181 20.08 -2.82 2.67
N ARG B 182 20.95 -2.97 1.67
CA ARG B 182 22.11 -3.87 1.75
C ARG B 182 23.41 -3.14 2.08
N VAL B 183 24.07 -3.52 3.16
CA VAL B 183 25.28 -2.79 3.59
C VAL B 183 26.46 -3.71 3.93
N ILE B 184 27.66 -3.31 3.51
CA ILE B 184 28.88 -4.05 3.81
C ILE B 184 29.77 -3.24 4.76
N LEU B 185 30.39 -3.93 5.71
CA LEU B 185 31.23 -3.27 6.70
C LEU B 185 32.64 -3.86 6.70
N ASP B 186 33.59 -3.13 6.10
CA ASP B 186 34.98 -3.57 6.13
C ASP B 186 35.72 -2.80 7.20
N CYS B 187 35.80 -3.40 8.38
CA CYS B 187 36.39 -2.76 9.55
C CYS B 187 36.91 -3.75 10.58
N GLU B 188 37.68 -3.20 11.51
CA GLU B 188 38.15 -3.89 12.68
C GLU B 188 36.98 -4.30 13.55
N ARG B 189 37.15 -5.31 14.40
CA ARG B 189 36.06 -5.81 15.23
C ARG B 189 35.44 -4.71 16.11
N ASP B 190 36.28 -3.80 16.59
CA ASP B 190 35.83 -2.69 17.42
C ASP B 190 34.92 -1.72 16.66
N LYS B 191 35.43 -1.21 15.55
CA LYS B 191 34.67 -0.29 14.69
C LYS B 191 33.36 -0.94 14.26
N VAL B 192 33.46 -2.21 13.88
CA VAL B 192 32.28 -3.01 13.53
C VAL B 192 31.27 -2.99 14.66
N ASN B 193 31.71 -3.29 15.88
CA ASN B 193 30.80 -3.29 17.02
C ASN B 193 30.15 -1.93 17.29
N ASP B 194 30.93 -0.87 17.16
CA ASP B 194 30.42 0.48 17.33
C ASP B 194 29.29 0.77 16.33
N ILE B 195 29.60 0.58 15.06
CA ILE B 195 28.62 0.78 13.99
C ILE B 195 27.37 -0.06 14.24
N VAL B 196 27.56 -1.32 14.65
CA VAL B 196 26.46 -2.21 14.97
C VAL B 196 25.57 -1.63 16.06
N ASP B 197 26.19 -1.17 17.14
CA ASP B 197 25.45 -0.51 18.22
C ASP B 197 24.61 0.63 17.67
N GLN B 198 25.21 1.43 16.79
CA GLN B 198 24.49 2.58 16.23
C GLN B 198 23.32 2.13 15.36
N VAL B 199 23.52 1.06 14.58
CA VAL B 199 22.46 0.50 13.76
C VAL B 199 21.30 0.01 14.60
N ILE B 200 21.62 -0.66 15.70
CA ILE B 200 20.60 -1.15 16.62
C ILE B 200 19.86 0.05 17.24
N THR B 201 20.58 1.14 17.44
CA THR B 201 20.00 2.33 18.05
C THR B 201 19.02 3.02 17.11
N ILE B 202 19.40 3.19 15.85
CA ILE B 202 18.50 3.77 14.85
C ILE B 202 17.33 2.79 14.58
N GLY B 203 17.55 1.51 14.86
CA GLY B 203 16.53 0.51 14.61
C GLY B 203 16.50 -0.02 13.20
N LYS B 204 17.67 -0.05 12.56
CA LYS B 204 17.81 -0.54 11.20
C LYS B 204 18.27 -2.02 11.16
N HIS B 205 18.11 -2.70 12.29
CA HIS B 205 18.44 -4.13 12.42
C HIS B 205 17.19 -5.01 12.23
N VAL B 206 16.08 -4.43 11.76
CA VAL B 206 14.84 -5.20 11.54
C VAL B 206 14.81 -5.94 10.20
N LYS B 207 13.76 -6.72 9.99
CA LYS B 207 13.62 -7.50 8.75
C LYS B 207 13.72 -6.67 7.47
N GLY B 208 14.32 -7.27 6.45
CA GLY B 208 14.51 -6.65 5.14
C GLY B 208 15.84 -5.96 4.97
N TYR B 209 16.51 -5.70 6.09
CA TYR B 209 17.87 -5.17 6.08
C TYR B 209 18.88 -6.32 5.94
N HIS B 210 19.96 -6.11 5.20
CA HIS B 210 20.99 -7.14 5.07
C HIS B 210 22.39 -6.57 5.31
N TYR B 211 23.18 -7.25 6.14
CA TYR B 211 24.54 -6.81 6.44
C TYR B 211 25.60 -7.86 6.17
N ILE B 212 26.70 -7.43 5.57
CA ILE B 212 27.86 -8.31 5.37
C ILE B 212 29.09 -7.77 6.11
N ILE B 213 29.55 -8.53 7.10
CA ILE B 213 30.74 -8.17 7.88
C ILE B 213 31.98 -8.75 7.20
N ALA B 214 32.75 -7.82 6.64
CA ALA B 214 33.91 -8.04 5.77
C ALA B 214 35.20 -8.33 6.52
N ASN B 215 35.09 -8.75 7.78
CA ASN B 215 36.27 -9.17 8.51
C ASN B 215 36.32 -10.64 8.98
N LEU B 216 37.54 -11.08 9.25
CA LEU B 216 37.82 -12.42 9.74
C LEU B 216 37.46 -12.40 11.22
N GLY B 217 37.22 -13.56 11.81
CA GLY B 217 36.80 -13.64 13.20
C GLY B 217 35.56 -12.80 13.39
N PHE B 218 34.54 -13.20 12.65
CA PHE B 218 33.23 -12.56 12.63
C PHE B 218 32.51 -12.76 13.97
N THR B 219 32.71 -13.92 14.57
CA THR B 219 32.05 -14.26 15.82
C THR B 219 32.73 -13.60 17.03
N ASP B 220 33.91 -13.03 16.82
CA ASP B 220 34.61 -12.32 17.88
C ASP B 220 33.77 -11.18 18.45
N GLY B 221 33.21 -10.37 17.55
CA GLY B 221 32.28 -9.32 17.95
C GLY B 221 30.96 -9.92 18.39
N ASP B 222 30.21 -9.18 19.21
CA ASP B 222 28.98 -9.71 19.79
C ASP B 222 27.80 -9.68 18.81
N LEU B 223 27.27 -10.86 18.51
CA LEU B 223 26.15 -10.98 17.59
C LEU B 223 24.84 -11.20 18.31
N LEU B 224 24.93 -11.47 19.60
CA LEU B 224 23.77 -11.78 20.40
C LEU B 224 22.74 -10.65 20.43
N LYS B 225 23.19 -9.43 20.18
CA LYS B 225 22.29 -8.29 20.30
C LYS B 225 21.55 -7.97 19.00
N ILE B 226 22.08 -8.44 17.88
CA ILE B 226 21.42 -8.25 16.59
C ILE B 226 20.73 -9.54 16.11
N GLN B 227 21.07 -10.65 16.76
CA GLN B 227 20.53 -11.97 16.44
C GLN B 227 18.99 -12.06 16.48
N PHE B 228 18.39 -11.29 17.37
CA PHE B 228 16.93 -11.32 17.54
C PHE B 228 16.21 -10.24 16.74
N GLY B 229 16.98 -9.40 16.05
CA GLY B 229 16.39 -8.29 15.33
C GLY B 229 15.63 -8.66 14.07
N GLY B 230 16.15 -9.66 13.34
CA GLY B 230 15.49 -10.16 12.15
C GLY B 230 16.26 -9.85 10.89
N ALA B 231 17.08 -8.79 10.94
CA ALA B 231 17.90 -8.46 9.79
C ALA B 231 18.94 -9.56 9.63
N GLU B 232 19.19 -9.97 8.40
CA GLU B 232 20.14 -11.05 8.17
C GLU B 232 21.55 -10.50 8.13
N VAL B 233 22.45 -11.16 8.84
CA VAL B 233 23.83 -10.75 8.89
C VAL B 233 24.72 -11.93 8.53
N SER B 234 25.61 -11.72 7.57
CA SER B 234 26.54 -12.76 7.17
C SER B 234 27.97 -12.25 7.29
N GLY B 235 28.91 -13.15 7.53
CA GLY B 235 30.30 -12.79 7.66
C GLY B 235 31.24 -13.96 7.43
N PHE B 236 32.51 -13.76 7.77
CA PHE B 236 33.54 -14.76 7.50
C PHE B 236 34.23 -15.20 8.78
N GLN B 237 34.45 -16.51 8.92
CA GLN B 237 35.15 -17.04 10.08
C GLN B 237 36.32 -17.92 9.65
N ILE B 238 37.49 -17.66 10.23
CA ILE B 238 38.69 -18.38 9.84
C ILE B 238 39.03 -19.50 10.82
N VAL B 239 38.37 -19.51 11.99
CA VAL B 239 38.60 -20.55 12.99
C VAL B 239 37.30 -21.30 13.33
N ASP B 240 37.19 -22.53 12.85
CA ASP B 240 36.04 -23.37 13.15
C ASP B 240 36.17 -23.99 14.54
N TYR B 241 35.20 -23.74 15.41
CA TYR B 241 35.20 -24.28 16.77
C TYR B 241 34.74 -25.74 16.79
N ASP B 242 34.44 -26.26 15.60
CA ASP B 242 34.00 -27.63 15.39
C ASP B 242 35.17 -28.54 15.03
N ASP B 243 36.37 -28.11 15.39
CA ASP B 243 37.59 -28.85 15.10
C ASP B 243 38.16 -29.42 16.41
N SER B 244 38.83 -30.56 16.31
CA SER B 244 39.42 -31.21 17.48
C SER B 244 40.58 -30.40 18.04
N LEU B 245 41.39 -29.86 17.14
CA LEU B 245 42.50 -29.01 17.52
C LEU B 245 41.96 -27.76 18.23
N VAL B 246 41.00 -27.11 17.58
CA VAL B 246 40.39 -25.90 18.12
C VAL B 246 39.67 -26.15 19.44
N SER B 247 39.08 -27.33 19.60
CA SER B 247 38.36 -27.64 20.82
C SER B 247 39.33 -27.98 21.95
N LYS B 248 40.47 -28.54 21.58
CA LYS B 248 41.52 -28.83 22.56
C LYS B 248 42.09 -27.51 23.07
N PHE B 249 42.40 -26.64 22.11
CA PHE B 249 42.83 -25.29 22.41
C PHE B 249 41.81 -24.56 23.28
N ILE B 250 40.53 -24.76 23.00
CA ILE B 250 39.46 -24.12 23.75
C ILE B 250 39.38 -24.65 25.17
N GLU B 251 39.62 -25.94 25.35
CA GLU B 251 39.73 -26.51 26.69
C GLU B 251 40.86 -25.82 27.46
N ARG B 252 42.00 -25.69 26.78
CA ARG B 252 43.16 -24.99 27.32
C ARG B 252 42.80 -23.55 27.70
N TRP B 253 42.03 -22.91 26.83
CA TRP B 253 41.72 -21.49 26.93
C TRP B 253 40.71 -21.26 28.03
N SER B 254 39.87 -22.24 28.32
CA SER B 254 38.90 -22.11 29.40
C SER B 254 39.58 -22.45 30.73
N THR B 255 40.68 -23.19 30.64
CA THR B 255 41.45 -23.52 31.83
C THR B 255 42.24 -22.30 32.36
N LEU B 256 42.76 -21.49 31.43
CA LEU B 256 43.66 -20.38 31.78
C LEU B 256 43.07 -19.34 32.73
N GLU B 257 43.94 -18.75 33.54
CA GLU B 257 43.56 -17.70 34.47
C GLU B 257 43.59 -16.35 33.77
N GLU B 258 42.58 -15.53 34.02
CA GLU B 258 42.51 -14.20 33.40
C GLU B 258 43.48 -13.23 34.06
N LYS B 259 44.02 -13.61 35.21
CA LYS B 259 44.95 -12.74 35.95
C LYS B 259 46.34 -12.80 35.34
N GLU B 260 46.60 -13.88 34.60
CA GLU B 260 47.88 -14.07 33.94
C GLU B 260 47.78 -13.58 32.50
N TYR B 261 46.86 -14.18 31.76
CA TYR B 261 46.64 -13.82 30.37
C TYR B 261 45.31 -13.10 30.20
N PRO B 262 45.36 -11.79 29.94
CA PRO B 262 44.17 -10.98 29.68
C PRO B 262 43.30 -11.52 28.54
N GLY B 263 41.99 -11.61 28.77
CA GLY B 263 41.05 -12.01 27.76
C GLY B 263 41.15 -13.48 27.43
N ALA B 264 41.84 -14.24 28.27
CA ALA B 264 42.08 -15.65 27.99
C ALA B 264 41.14 -16.59 28.75
N HIS B 265 40.31 -16.07 29.64
CA HIS B 265 39.38 -16.90 30.40
C HIS B 265 38.16 -17.32 29.56
N THR B 266 37.87 -16.54 28.53
CA THR B 266 36.70 -16.76 27.68
C THR B 266 36.76 -18.09 26.93
N ALA B 267 35.61 -18.56 26.47
CA ALA B 267 35.50 -19.80 25.72
C ALA B 267 35.84 -19.57 24.25
N THR B 268 35.60 -18.35 23.78
CA THR B 268 35.90 -17.96 22.41
C THR B 268 37.18 -17.12 22.34
N ILE B 269 37.82 -17.14 21.16
CA ILE B 269 39.06 -16.38 20.96
C ILE B 269 39.03 -15.65 19.62
N LYS B 270 39.53 -14.42 19.62
CA LYS B 270 39.54 -13.60 18.41
C LYS B 270 40.56 -14.14 17.41
N TYR B 271 40.28 -13.92 16.13
CA TYR B 271 41.07 -14.51 15.05
C TYR B 271 42.53 -14.04 15.03
N THR B 272 42.75 -12.79 15.42
CA THR B 272 44.09 -12.23 15.45
C THR B 272 44.99 -13.01 16.41
N SER B 273 44.49 -13.26 17.61
CA SER B 273 45.22 -14.04 18.61
C SER B 273 45.57 -15.42 18.07
N ALA B 274 44.58 -16.09 17.49
CA ALA B 274 44.78 -17.37 16.83
C ALA B 274 45.91 -17.29 15.83
N LEU B 275 45.92 -16.22 15.04
CA LEU B 275 46.96 -16.01 14.04
C LEU B 275 48.32 -15.89 14.69
N THR B 276 48.36 -15.26 15.86
CA THR B 276 49.62 -15.13 16.60
C THR B 276 50.15 -16.49 17.07
N TYR B 277 49.29 -17.23 17.76
CA TYR B 277 49.58 -18.59 18.17
C TYR B 277 50.10 -19.46 17.01
N ASP B 278 49.39 -19.41 15.89
CA ASP B 278 49.79 -20.15 14.71
C ASP B 278 51.10 -19.62 14.14
N ALA B 279 51.38 -18.33 14.36
CA ALA B 279 52.60 -17.71 13.87
C ALA B 279 53.83 -18.19 14.64
N VAL B 280 53.72 -18.29 15.96
CA VAL B 280 54.85 -18.82 16.73
C VAL B 280 55.02 -20.31 16.42
N GLN B 281 53.91 -21.02 16.18
CA GLN B 281 54.03 -22.40 15.69
C GLN B 281 54.85 -22.45 14.41
N VAL B 282 54.52 -21.57 13.47
CA VAL B 282 55.20 -21.52 12.18
C VAL B 282 56.69 -21.20 12.32
N MET B 283 57.02 -20.25 13.18
CA MET B 283 58.42 -19.90 13.42
C MET B 283 59.20 -21.09 14.00
N THR B 284 58.58 -21.73 14.99
CA THR B 284 59.21 -22.87 15.65
C THR B 284 59.49 -23.99 14.65
N GLU B 285 58.49 -24.31 13.85
CA GLU B 285 58.63 -25.38 12.87
C GLU B 285 59.56 -25.00 11.73
N ALA B 286 59.73 -23.71 11.49
CA ALA B 286 60.63 -23.23 10.44
C ALA B 286 62.09 -23.37 10.87
N PHE B 287 62.38 -22.96 12.11
CA PHE B 287 63.73 -23.12 12.65
C PHE B 287 64.07 -24.61 12.83
N ARG B 288 63.12 -25.37 13.34
CA ARG B 288 63.27 -26.81 13.44
C ARG B 288 63.57 -27.43 12.07
N ASN B 289 62.86 -26.95 11.06
CA ASN B 289 63.04 -27.45 9.69
C ASN B 289 64.37 -26.98 9.11
N LEU B 290 64.93 -25.92 9.68
CA LEU B 290 66.24 -25.42 9.24
C LEU B 290 67.34 -26.24 9.89
N ARG B 291 67.05 -26.78 11.07
CA ARG B 291 68.00 -27.65 11.75
C ARG B 291 67.99 -29.04 11.13
N LYS B 292 66.82 -29.48 10.70
CA LYS B 292 66.70 -30.72 9.93
C LYS B 292 67.50 -30.64 8.63
N GLN B 293 67.63 -29.44 8.08
CA GLN B 293 68.41 -29.22 6.86
C GLN B 293 69.88 -29.03 7.22
N ARG B 294 70.16 -28.92 8.51
CA ARG B 294 71.51 -28.74 9.05
C ARG B 294 72.29 -27.58 8.43
N ILE B 295 71.63 -26.44 8.23
CA ILE B 295 72.31 -25.19 7.90
C ILE B 295 72.61 -24.44 9.20
N GLU B 296 73.70 -23.67 9.23
CA GLU B 296 74.06 -22.95 10.45
C GLU B 296 73.23 -21.68 10.62
N ILE B 297 72.55 -21.60 11.77
CA ILE B 297 71.58 -20.53 12.04
C ILE B 297 72.16 -19.26 12.65
N SER B 298 73.25 -19.38 13.39
CA SER B 298 73.66 -18.31 14.29
C SER B 298 74.79 -17.41 13.81
N ARG B 299 74.59 -16.11 14.02
CA ARG B 299 75.58 -15.10 13.70
C ARG B 299 76.85 -15.25 14.54
N CYS B 306 71.38 -0.93 12.33
CA CYS B 306 70.41 -1.02 11.24
C CYS B 306 70.58 0.14 10.26
N LEU B 307 71.00 1.29 10.78
CA LEU B 307 71.17 2.48 9.96
C LEU B 307 72.58 2.57 9.39
N ALA B 308 73.34 1.48 9.53
CA ALA B 308 74.71 1.42 9.03
C ALA B 308 74.77 1.79 7.55
N ASN B 309 75.71 2.67 7.21
CA ASN B 309 75.89 3.13 5.84
C ASN B 309 77.25 2.76 5.26
N PRO B 310 77.28 1.94 4.20
CA PRO B 310 76.11 1.27 3.60
C PRO B 310 75.66 0.05 4.39
N ALA B 311 74.40 -0.34 4.22
CA ALA B 311 73.79 -1.37 5.07
C ALA B 311 74.31 -2.76 4.72
N VAL B 312 74.63 -3.53 5.75
CA VAL B 312 75.12 -4.88 5.57
C VAL B 312 74.03 -5.91 5.81
N PRO B 313 73.51 -6.51 4.72
CA PRO B 313 72.55 -7.60 4.91
C PRO B 313 73.23 -8.92 5.24
N TRP B 314 72.87 -9.56 6.35
CA TRP B 314 73.43 -10.87 6.65
C TRP B 314 72.79 -11.93 5.75
N GLY B 315 73.63 -12.76 5.13
CA GLY B 315 73.17 -13.71 4.13
C GLY B 315 72.29 -14.81 4.67
N GLN B 316 72.60 -15.28 5.87
CA GLN B 316 71.84 -16.36 6.51
C GLN B 316 70.37 -16.01 6.64
N GLY B 317 70.08 -14.72 6.75
CA GLY B 317 68.72 -14.21 6.81
C GLY B 317 67.88 -14.72 5.67
N VAL B 318 68.48 -14.79 4.47
CA VAL B 318 67.79 -15.27 3.29
C VAL B 318 67.28 -16.67 3.57
N GLU B 319 68.15 -17.49 4.15
CA GLU B 319 67.81 -18.88 4.41
C GLU B 319 66.73 -18.98 5.47
N ILE B 320 66.60 -17.94 6.29
CA ILE B 320 65.53 -17.90 7.27
C ILE B 320 64.22 -17.65 6.55
N GLU B 321 64.19 -16.62 5.71
CA GLU B 321 62.99 -16.23 4.96
C GLU B 321 62.39 -17.39 4.19
N ARG B 322 63.25 -18.17 3.54
CA ARG B 322 62.82 -19.35 2.79
C ARG B 322 62.22 -20.39 3.73
N ALA B 323 62.91 -20.63 4.84
CA ALA B 323 62.45 -21.61 5.84
C ALA B 323 61.02 -21.31 6.27
N LEU B 324 60.81 -20.10 6.77
CA LEU B 324 59.48 -19.62 7.15
C LEU B 324 58.49 -19.79 6.01
N LYS B 325 58.94 -19.54 4.79
CA LYS B 325 58.07 -19.65 3.62
C LYS B 325 57.76 -21.11 3.28
N GLN B 326 58.72 -22.01 3.52
CA GLN B 326 58.57 -23.38 3.05
C GLN B 326 57.92 -24.29 4.09
N VAL B 327 57.82 -23.82 5.32
CA VAL B 327 57.22 -24.61 6.38
C VAL B 327 55.69 -24.65 6.28
N GLN B 328 55.11 -25.83 6.50
CA GLN B 328 53.66 -26.02 6.49
C GLN B 328 53.21 -26.72 7.76
N VAL B 329 52.15 -26.21 8.39
CA VAL B 329 51.65 -26.80 9.62
C VAL B 329 50.14 -26.69 9.79
N GLU B 330 49.59 -27.43 10.75
CA GLU B 330 48.17 -27.36 11.06
C GLU B 330 47.93 -26.46 12.26
N GLY B 331 47.24 -25.34 12.04
CA GLY B 331 46.94 -24.41 13.10
C GLY B 331 45.45 -24.24 13.32
N LEU B 332 45.10 -23.16 14.01
CA LEU B 332 43.69 -22.82 14.25
C LEU B 332 43.03 -22.33 12.97
N SER B 333 43.85 -21.89 12.02
CA SER B 333 43.35 -21.31 10.78
C SER B 333 42.90 -22.34 9.76
N GLY B 334 43.55 -23.50 9.76
CA GLY B 334 43.32 -24.47 8.72
C GLY B 334 44.66 -25.01 8.27
N ASN B 335 44.76 -25.30 6.99
CA ASN B 335 46.05 -25.64 6.40
C ASN B 335 46.87 -24.37 6.25
N ILE B 336 48.02 -24.33 6.92
CA ILE B 336 48.88 -23.17 6.84
C ILE B 336 50.00 -23.43 5.84
N LYS B 337 49.91 -22.77 4.69
CA LYS B 337 50.94 -22.90 3.66
C LYS B 337 51.19 -21.55 2.98
N PHE B 338 52.46 -21.27 2.67
CA PHE B 338 52.80 -19.98 2.09
C PHE B 338 53.37 -20.12 0.67
N ASP B 339 53.16 -19.09 -0.14
CA ASP B 339 53.73 -18.99 -1.48
C ASP B 339 55.03 -18.19 -1.43
N GLN B 340 55.47 -17.66 -2.57
CA GLN B 340 56.79 -17.02 -2.62
C GLN B 340 56.78 -15.64 -1.95
N ASN B 341 55.61 -15.02 -1.84
CA ASN B 341 55.49 -13.66 -1.31
C ASN B 341 55.03 -13.59 0.14
N GLY B 342 54.59 -14.73 0.67
CA GLY B 342 54.18 -14.81 2.06
C GLY B 342 52.68 -14.86 2.27
N LYS B 343 51.93 -14.97 1.17
CA LYS B 343 50.48 -15.09 1.25
C LYS B 343 50.06 -16.53 1.58
N ARG B 344 48.90 -16.66 2.20
CA ARG B 344 48.29 -17.97 2.47
C ARG B 344 47.70 -18.56 1.19
N ILE B 345 47.79 -19.87 1.06
CA ILE B 345 47.26 -20.59 -0.11
C ILE B 345 46.58 -21.85 0.30
N ASN B 346 45.70 -22.38 -0.53
CA ASN B 346 45.04 -23.60 -0.12
C ASN B 346 44.44 -23.51 1.32
N TYR B 347 43.65 -22.46 1.54
CA TYR B 347 43.08 -22.22 2.88
C TYR B 347 41.55 -22.26 2.95
N THR B 348 41.01 -22.39 4.16
CA THR B 348 39.58 -22.56 4.33
C THR B 348 38.97 -21.36 5.00
N ILE B 349 38.10 -20.64 4.27
CA ILE B 349 37.37 -19.55 4.90
C ILE B 349 35.91 -19.93 5.07
N ASN B 350 35.49 -20.15 6.32
CA ASN B 350 34.11 -20.55 6.55
C ASN B 350 33.14 -19.38 6.39
N ILE B 351 32.22 -19.53 5.45
CA ILE B 351 31.18 -18.53 5.22
C ILE B 351 30.06 -18.77 6.22
N MET B 352 29.78 -17.75 7.02
CA MET B 352 28.85 -17.83 8.13
C MET B 352 27.62 -16.94 7.94
N GLU B 353 26.43 -17.51 8.16
CA GLU B 353 25.21 -16.71 8.26
C GLU B 353 24.71 -16.69 9.70
N LEU B 354 23.95 -15.66 10.06
CA LEU B 354 23.47 -15.54 11.42
C LEU B 354 21.96 -15.76 11.49
N LYS B 355 21.60 -16.92 12.02
CA LYS B 355 20.21 -17.31 12.21
C LYS B 355 19.75 -16.98 13.63
N THR B 356 18.63 -17.56 14.05
CA THR B 356 18.03 -17.28 15.35
C THR B 356 18.66 -18.17 16.44
N ASN B 357 19.25 -19.28 16.01
CA ASN B 357 19.84 -20.29 16.88
C ASN B 357 21.35 -20.10 17.03
N GLY B 358 21.83 -18.92 16.68
CA GLY B 358 23.26 -18.62 16.72
C GLY B 358 23.87 -18.64 15.33
N PRO B 359 25.12 -18.15 15.21
CA PRO B 359 25.79 -18.15 13.92
C PRO B 359 26.02 -19.56 13.41
N ARG B 360 25.83 -19.76 12.11
CA ARG B 360 25.92 -21.07 11.52
C ARG B 360 26.86 -21.07 10.32
N LYS B 361 27.47 -22.22 10.05
CA LYS B 361 28.36 -22.34 8.91
C LYS B 361 27.55 -22.71 7.69
N ILE B 362 27.31 -21.74 6.80
CA ILE B 362 26.57 -22.00 5.58
C ILE B 362 27.51 -22.60 4.53
N GLY B 363 28.76 -22.17 4.52
CA GLY B 363 29.68 -22.67 3.51
C GLY B 363 31.15 -22.49 3.79
N TYR B 364 31.97 -22.61 2.75
CA TYR B 364 33.39 -22.33 2.87
C TYR B 364 33.94 -21.85 1.53
N TRP B 365 35.15 -21.30 1.57
CA TRP B 365 35.78 -20.70 0.42
C TRP B 365 37.23 -21.16 0.34
N SER B 366 37.59 -21.70 -0.81
CA SER B 366 38.98 -22.06 -1.11
C SER B 366 39.45 -21.24 -2.29
N GLU B 367 40.75 -21.11 -2.46
CA GLU B 367 41.29 -20.29 -3.53
C GLU B 367 40.97 -20.89 -4.91
N VAL B 368 40.94 -22.21 -5.00
CA VAL B 368 40.71 -22.86 -6.29
C VAL B 368 39.26 -23.32 -6.51
N ASP B 369 38.55 -23.59 -5.42
CA ASP B 369 37.15 -24.03 -5.50
C ASP B 369 36.16 -22.87 -5.63
N LYS B 370 36.61 -21.69 -5.22
CA LYS B 370 35.75 -20.53 -4.98
C LYS B 370 34.71 -20.89 -3.91
N MET B 371 33.50 -20.35 -4.05
CA MET B 371 32.46 -20.57 -3.05
C MET B 371 31.87 -21.98 -3.08
N VAL B 372 31.86 -22.65 -1.93
CA VAL B 372 31.28 -23.99 -1.83
C VAL B 372 30.33 -24.08 -0.64
N VAL B 373 29.06 -24.27 -0.93
CA VAL B 373 28.01 -24.26 0.10
C VAL B 373 27.50 -25.66 0.49
N THR B 374 27.25 -25.84 1.77
CA THR B 374 26.72 -27.09 2.31
C THR B 374 25.22 -26.98 2.51
N LEU B 375 24.48 -27.84 1.83
CA LEU B 375 23.01 -27.83 1.84
C LEU B 375 22.38 -28.74 2.89
N THR B 376 23.20 -29.30 3.78
CA THR B 376 22.69 -30.20 4.80
C THR B 376 21.98 -29.47 5.94
N GLU B 377 22.39 -28.23 6.21
CA GLU B 377 21.82 -27.45 7.30
C GLU B 377 20.40 -26.94 7.01
N ASP B 378 20.12 -26.65 5.74
CA ASP B 378 18.89 -25.98 5.31
C ASP B 378 17.58 -26.80 5.47
N ASP B 379 16.43 -26.11 5.38
CA ASP B 379 15.06 -26.67 5.38
C ASP B 379 14.44 -26.87 6.78
N THR B 380 15.21 -26.57 7.81
CA THR B 380 14.91 -26.73 9.25
C THR B 380 14.46 -28.12 9.72
N SER B 381 13.89 -28.22 10.92
CA SER B 381 13.31 -29.48 11.42
C SER B 381 11.80 -29.52 11.71
N GLY B 382 11.11 -28.38 11.63
CA GLY B 382 9.79 -28.31 12.24
C GLY B 382 9.02 -27.00 12.19
N LEU B 383 7.80 -27.03 12.73
CA LEU B 383 6.86 -25.90 12.73
C LEU B 383 6.39 -25.49 11.32
N GLU B 384 6.36 -26.43 10.38
CA GLU B 384 5.82 -26.14 9.06
C GLU B 384 4.29 -25.98 9.13
N GLN B 385 3.75 -25.02 8.38
CA GLN B 385 2.31 -24.76 8.38
C GLN B 385 1.54 -25.77 7.50
N LYS B 386 0.31 -26.09 7.90
CA LYS B 386 -0.49 -27.06 7.17
C LYS B 386 -1.07 -26.46 5.89
N THR B 387 -1.37 -27.31 4.91
CA THR B 387 -1.95 -26.82 3.66
C THR B 387 -3.38 -27.36 3.48
N VAL B 388 -4.26 -26.47 3.03
CA VAL B 388 -5.67 -26.83 2.82
C VAL B 388 -5.89 -27.44 1.45
N VAL B 389 -6.46 -28.65 1.42
CA VAL B 389 -6.80 -29.26 0.14
C VAL B 389 -8.19 -28.79 -0.28
N VAL B 390 -8.24 -28.04 -1.38
CA VAL B 390 -9.51 -27.53 -1.91
C VAL B 390 -10.00 -28.43 -3.04
N THR B 391 -11.23 -28.90 -2.91
CA THR B 391 -11.82 -29.69 -3.98
C THR B 391 -12.73 -28.82 -4.80
N THR B 392 -12.66 -29.00 -6.11
CA THR B 392 -13.46 -28.22 -7.03
C THR B 392 -13.77 -29.08 -8.26
N ILE B 393 -14.45 -28.50 -9.23
CA ILE B 393 -14.89 -29.26 -10.38
C ILE B 393 -14.57 -28.48 -11.66
N LEU B 394 -14.40 -29.22 -12.76
CA LEU B 394 -13.91 -28.70 -14.05
C LEU B 394 -14.95 -28.01 -14.92
N GLU B 395 -15.99 -27.49 -14.28
CA GLU B 395 -17.05 -26.76 -14.96
C GLU B 395 -16.71 -25.31 -15.31
N SER B 396 -16.70 -25.02 -16.62
CA SER B 396 -16.42 -23.69 -17.17
C SER B 396 -17.59 -22.72 -17.00
N PRO B 397 -17.31 -21.43 -16.71
CA PRO B 397 -15.96 -20.89 -16.53
C PRO B 397 -15.55 -20.77 -15.07
N TYR B 398 -15.97 -21.71 -14.23
CA TYR B 398 -15.61 -21.65 -12.82
C TYR B 398 -14.17 -22.09 -12.59
N VAL B 399 -13.87 -23.27 -13.13
CA VAL B 399 -12.52 -23.83 -13.08
C VAL B 399 -12.18 -24.41 -14.44
N MET B 400 -11.11 -23.92 -15.05
CA MET B 400 -10.73 -24.35 -16.38
C MET B 400 -9.26 -24.66 -16.43
N MET B 401 -8.87 -25.56 -17.33
CA MET B 401 -7.48 -25.81 -17.56
C MET B 401 -6.91 -24.67 -18.43
N LYS B 402 -5.82 -24.06 -17.98
CA LYS B 402 -5.15 -23.03 -18.78
C LYS B 402 -4.66 -23.67 -20.07
N LYS B 403 -4.55 -22.90 -21.15
CA LYS B 403 -4.13 -23.48 -22.44
C LYS B 403 -2.77 -24.16 -22.35
N ASN B 404 -1.85 -23.54 -21.61
CA ASN B 404 -0.48 -24.04 -21.45
C ASN B 404 -0.28 -24.82 -20.15
N HIS B 405 -1.37 -25.40 -19.61
CA HIS B 405 -1.32 -26.17 -18.37
C HIS B 405 -0.24 -27.25 -18.40
N GLU B 406 0.04 -27.78 -19.58
CA GLU B 406 1.07 -28.80 -19.74
C GLU B 406 2.45 -28.24 -19.39
N MET B 407 2.66 -26.97 -19.70
CA MET B 407 3.93 -26.30 -19.44
C MET B 407 3.93 -25.69 -18.04
N LEU B 408 2.85 -25.92 -17.30
CA LEU B 408 2.68 -25.38 -15.95
C LEU B 408 2.48 -26.51 -14.94
N GLU B 409 2.58 -26.16 -13.66
CA GLU B 409 2.41 -27.14 -12.58
C GLU B 409 1.75 -26.50 -11.37
N GLY B 410 1.33 -27.34 -10.42
CA GLY B 410 0.66 -26.86 -9.22
C GLY B 410 -0.66 -26.16 -9.53
N ASN B 411 -0.98 -25.15 -8.73
CA ASN B 411 -2.26 -24.45 -8.87
C ASN B 411 -2.21 -23.35 -9.92
N GLU B 412 -1.17 -23.38 -10.73
CA GLU B 412 -1.05 -22.48 -11.85
C GLU B 412 -1.67 -23.12 -13.09
N ARG B 413 -2.05 -24.38 -12.96
CA ARG B 413 -2.69 -25.11 -14.06
C ARG B 413 -4.11 -24.62 -14.31
N TYR B 414 -4.73 -24.07 -13.28
CA TYR B 414 -6.15 -23.73 -13.34
C TYR B 414 -6.43 -22.23 -13.39
N GLU B 415 -7.54 -21.89 -14.04
CA GLU B 415 -8.04 -20.52 -14.04
C GLU B 415 -9.56 -20.56 -14.04
N GLY B 416 -10.17 -19.46 -13.61
CA GLY B 416 -11.61 -19.37 -13.56
C GLY B 416 -12.13 -18.57 -12.39
N TYR B 417 -13.44 -18.41 -12.34
CA TYR B 417 -14.09 -17.67 -11.26
C TYR B 417 -13.74 -18.24 -9.89
N CYS B 418 -13.84 -19.55 -9.77
CA CYS B 418 -13.63 -20.20 -8.48
C CYS B 418 -12.16 -20.26 -8.08
N VAL B 419 -11.26 -20.14 -9.05
CA VAL B 419 -9.84 -20.10 -8.72
C VAL B 419 -9.50 -18.78 -8.05
N ASP B 420 -9.98 -17.69 -8.64
CA ASP B 420 -9.77 -16.35 -8.10
C ASP B 420 -10.49 -16.24 -6.76
N LEU B 421 -11.68 -16.82 -6.69
CA LEU B 421 -12.45 -16.82 -5.45
C LEU B 421 -11.68 -17.58 -4.38
N ALA B 422 -11.07 -18.69 -4.77
CA ALA B 422 -10.22 -19.47 -3.86
C ALA B 422 -9.07 -18.63 -3.34
N ALA B 423 -8.47 -17.84 -4.24
CA ALA B 423 -7.39 -16.96 -3.85
C ALA B 423 -7.85 -15.91 -2.83
N GLU B 424 -9.02 -15.32 -3.05
CA GLU B 424 -9.53 -14.30 -2.15
C GLU B 424 -9.90 -14.87 -0.79
N ILE B 425 -10.56 -16.02 -0.79
CA ILE B 425 -10.90 -16.70 0.46
C ILE B 425 -9.62 -17.00 1.21
N ALA B 426 -8.60 -17.46 0.49
CA ALA B 426 -7.29 -17.68 1.07
C ALA B 426 -6.74 -16.41 1.69
N LYS B 427 -6.94 -15.28 1.01
CA LYS B 427 -6.50 -14.01 1.56
C LYS B 427 -7.16 -13.73 2.90
N HIS B 428 -8.49 -13.69 2.93
CA HIS B 428 -9.16 -13.25 4.14
C HIS B 428 -9.20 -14.30 5.24
N CYS B 429 -8.87 -15.54 4.92
CA CYS B 429 -8.82 -16.57 5.96
C CYS B 429 -7.40 -16.90 6.38
N GLY B 430 -6.44 -16.50 5.57
CA GLY B 430 -5.04 -16.67 5.89
C GLY B 430 -4.54 -18.12 5.85
N PHE B 431 -4.78 -18.82 4.75
CA PHE B 431 -4.23 -20.16 4.60
C PHE B 431 -3.64 -20.42 3.20
N LYS B 432 -2.67 -21.33 3.12
CA LYS B 432 -2.19 -21.79 1.82
C LYS B 432 -3.06 -22.94 1.34
N TYR B 433 -3.22 -23.08 0.02
CA TYR B 433 -4.13 -24.10 -0.49
C TYR B 433 -3.63 -24.85 -1.71
N LYS B 434 -4.16 -26.05 -1.89
CA LYS B 434 -3.84 -26.91 -3.03
C LYS B 434 -5.13 -27.30 -3.75
N LEU B 435 -5.30 -26.79 -4.97
CA LEU B 435 -6.51 -27.07 -5.73
C LEU B 435 -6.47 -28.46 -6.33
N THR B 436 -7.58 -29.18 -6.17
CA THR B 436 -7.73 -30.53 -6.70
C THR B 436 -9.09 -30.66 -7.37
N ILE B 437 -9.14 -31.45 -8.43
CA ILE B 437 -10.39 -31.71 -9.12
C ILE B 437 -11.03 -32.96 -8.54
N VAL B 438 -12.31 -32.86 -8.18
CA VAL B 438 -13.05 -33.99 -7.62
C VAL B 438 -12.88 -35.27 -8.44
N GLY B 439 -12.53 -36.35 -7.76
CA GLY B 439 -12.18 -37.61 -8.39
C GLY B 439 -13.16 -38.15 -9.42
N ASP B 440 -14.43 -38.24 -9.04
CA ASP B 440 -15.44 -38.82 -9.93
C ASP B 440 -16.14 -37.76 -10.75
N GLY B 441 -15.68 -36.51 -10.63
CA GLY B 441 -16.22 -35.42 -11.43
C GLY B 441 -17.68 -35.10 -11.18
N LYS B 442 -18.19 -35.45 -10.00
CA LYS B 442 -19.59 -35.23 -9.64
C LYS B 442 -19.72 -34.16 -8.57
N TYR B 443 -20.90 -33.56 -8.44
CA TYR B 443 -21.07 -32.49 -7.45
C TYR B 443 -21.33 -33.04 -6.07
N GLY B 444 -22.46 -33.71 -5.93
CA GLY B 444 -22.64 -34.69 -4.89
C GLY B 444 -24.09 -35.07 -4.64
N ALA B 445 -24.28 -36.33 -4.26
CA ALA B 445 -25.55 -36.87 -3.82
C ALA B 445 -25.33 -38.15 -3.03
N ARG B 446 -26.35 -38.60 -2.31
CA ARG B 446 -26.23 -39.85 -1.60
C ARG B 446 -27.04 -40.91 -2.36
N ASP B 447 -26.44 -42.08 -2.58
CA ASP B 447 -27.18 -43.17 -3.19
C ASP B 447 -28.07 -43.67 -2.06
N ALA B 448 -29.31 -44.00 -2.35
CA ALA B 448 -30.25 -44.33 -1.28
C ALA B 448 -30.11 -45.77 -0.80
N ASP B 449 -29.19 -46.50 -1.42
CA ASP B 449 -28.92 -47.89 -1.08
C ASP B 449 -27.63 -47.96 -0.26
N THR B 450 -26.53 -47.50 -0.85
CA THR B 450 -25.23 -47.52 -0.22
C THR B 450 -25.11 -46.44 0.85
N LYS B 451 -25.91 -45.38 0.69
CA LYS B 451 -25.94 -44.24 1.59
C LYS B 451 -24.56 -43.57 1.65
N ILE B 452 -23.84 -43.69 0.54
CA ILE B 452 -22.53 -43.05 0.36
C ILE B 452 -22.64 -41.76 -0.46
N TRP B 453 -21.97 -40.71 0.00
CA TRP B 453 -21.95 -39.43 -0.73
C TRP B 453 -20.89 -39.49 -1.81
N ASN B 454 -21.23 -39.03 -3.01
CA ASN B 454 -20.25 -38.94 -4.08
C ASN B 454 -19.80 -37.51 -4.29
N GLY B 455 -18.94 -37.29 -5.27
CA GLY B 455 -18.54 -35.93 -5.64
C GLY B 455 -17.82 -35.15 -4.55
N MET B 456 -17.89 -33.82 -4.67
CA MET B 456 -17.19 -32.90 -3.78
C MET B 456 -17.72 -32.95 -2.35
N VAL B 457 -19.04 -33.12 -2.22
CA VAL B 457 -19.65 -33.27 -0.91
C VAL B 457 -19.08 -34.53 -0.29
N GLY B 458 -19.00 -35.58 -1.10
CA GLY B 458 -18.44 -36.85 -0.68
C GLY B 458 -17.00 -36.70 -0.21
N GLU B 459 -16.21 -35.94 -0.96
CA GLU B 459 -14.82 -35.69 -0.61
C GLU B 459 -14.71 -34.90 0.69
N LEU B 460 -15.70 -34.05 0.96
CA LEU B 460 -15.71 -33.28 2.21
C LEU B 460 -16.08 -34.13 3.41
N VAL B 461 -17.18 -34.87 3.29
CA VAL B 461 -17.70 -35.69 4.38
C VAL B 461 -16.71 -36.77 4.80
N TYR B 462 -16.04 -37.35 3.80
CA TYR B 462 -15.14 -38.47 4.03
C TYR B 462 -13.69 -38.02 4.18
N GLY B 463 -13.48 -36.72 4.21
CA GLY B 463 -12.19 -36.14 4.58
C GLY B 463 -11.10 -36.20 3.53
N LYS B 464 -11.50 -36.37 2.27
CA LYS B 464 -10.54 -36.43 1.19
C LYS B 464 -10.10 -35.03 0.77
N ALA B 465 -10.91 -34.03 1.15
CA ALA B 465 -10.56 -32.63 0.91
C ALA B 465 -10.94 -31.78 2.13
N ASP B 466 -10.30 -30.63 2.27
CA ASP B 466 -10.51 -29.78 3.45
C ASP B 466 -11.62 -28.76 3.25
N ILE B 467 -11.87 -28.38 1.99
CA ILE B 467 -12.92 -27.40 1.67
C ILE B 467 -13.34 -27.55 0.21
N ALA B 468 -14.54 -27.13 -0.12
CA ALA B 468 -14.99 -27.13 -1.51
C ALA B 468 -15.32 -25.73 -2.01
N ILE B 469 -14.59 -25.28 -3.02
CA ILE B 469 -14.88 -24.00 -3.63
C ILE B 469 -15.24 -24.26 -5.09
N ALA B 470 -16.54 -24.26 -5.38
CA ALA B 470 -17.00 -24.61 -6.71
C ALA B 470 -18.43 -24.11 -6.90
N PRO B 471 -18.97 -24.22 -8.12
CA PRO B 471 -20.39 -23.89 -8.25
C PRO B 471 -21.27 -24.97 -7.62
N LEU B 472 -21.23 -25.07 -6.31
CA LEU B 472 -21.99 -26.09 -5.59
C LEU B 472 -23.33 -25.53 -5.13
N THR B 473 -24.42 -26.02 -5.70
CA THR B 473 -25.74 -25.50 -5.35
C THR B 473 -26.15 -25.92 -3.96
N ILE B 474 -26.70 -24.97 -3.20
CA ILE B 474 -27.09 -25.23 -1.83
C ILE B 474 -28.42 -25.99 -1.80
N THR B 475 -28.39 -27.16 -1.17
CA THR B 475 -29.59 -27.98 -1.02
C THR B 475 -29.86 -28.28 0.46
N LEU B 476 -31.06 -28.76 0.75
CA LEU B 476 -31.43 -29.19 2.10
C LEU B 476 -30.55 -30.35 2.57
N VAL B 477 -30.50 -31.41 1.79
CA VAL B 477 -29.78 -32.62 2.17
C VAL B 477 -28.28 -32.39 2.29
N ARG B 478 -27.75 -31.48 1.48
CA ARG B 478 -26.33 -31.14 1.58
C ARG B 478 -26.05 -30.34 2.83
N GLU B 479 -26.92 -29.38 3.13
CA GLU B 479 -26.77 -28.59 4.35
C GLU B 479 -26.88 -29.49 5.57
N GLU B 480 -27.48 -30.66 5.40
CA GLU B 480 -27.61 -31.59 6.50
C GLU B 480 -26.31 -32.32 6.82
N VAL B 481 -25.44 -32.47 5.81
CA VAL B 481 -24.21 -33.22 6.05
C VAL B 481 -22.94 -32.35 6.02
N ILE B 482 -23.03 -31.14 5.48
CA ILE B 482 -21.91 -30.20 5.46
C ILE B 482 -22.39 -28.80 5.83
N ASP B 483 -21.46 -27.89 6.07
CA ASP B 483 -21.85 -26.52 6.33
C ASP B 483 -21.62 -25.66 5.10
N PHE B 484 -22.65 -24.97 4.67
CA PHE B 484 -22.54 -24.04 3.57
C PHE B 484 -22.27 -22.63 4.11
N SER B 485 -21.32 -21.94 3.50
CA SER B 485 -21.12 -20.52 3.75
C SER B 485 -22.28 -19.78 3.11
N LYS B 486 -22.49 -18.52 3.50
CA LYS B 486 -23.49 -17.71 2.84
C LYS B 486 -23.17 -17.74 1.35
N PRO B 487 -24.20 -17.88 0.51
CA PRO B 487 -23.97 -18.09 -0.91
C PRO B 487 -23.30 -16.90 -1.59
N PHE B 488 -22.40 -17.18 -2.53
CA PHE B 488 -21.58 -16.15 -3.15
C PHE B 488 -22.09 -15.73 -4.53
N MET B 489 -23.12 -16.42 -5.02
CA MET B 489 -23.65 -16.14 -6.35
C MET B 489 -25.07 -16.68 -6.47
N SER B 490 -25.96 -15.87 -7.06
CA SER B 490 -27.35 -16.30 -7.21
C SER B 490 -27.66 -16.85 -8.60
N LEU B 491 -28.54 -17.84 -8.63
CA LEU B 491 -28.96 -18.42 -9.89
C LEU B 491 -30.35 -19.03 -9.79
N GLY B 492 -30.76 -19.69 -10.86
CA GLY B 492 -32.02 -20.40 -10.91
C GLY B 492 -32.01 -21.31 -12.12
N ILE B 493 -32.82 -22.36 -12.05
CA ILE B 493 -32.93 -23.26 -13.19
C ILE B 493 -33.66 -22.56 -14.32
N SER B 494 -33.10 -22.65 -15.51
CA SER B 494 -33.63 -21.95 -16.67
C SER B 494 -33.53 -22.80 -17.92
N ILE B 495 -34.06 -22.27 -19.01
CA ILE B 495 -34.18 -22.99 -20.27
C ILE B 495 -33.31 -22.41 -21.36
N MET B 496 -32.55 -23.28 -22.02
CA MET B 496 -31.71 -22.88 -23.14
C MET B 496 -32.26 -23.49 -24.42
N ILE B 497 -32.43 -22.65 -25.44
CA ILE B 497 -32.87 -23.13 -26.74
C ILE B 497 -31.97 -22.59 -27.85
N LYS B 498 -32.08 -23.20 -29.03
CA LYS B 498 -31.35 -22.74 -30.19
C LYS B 498 -31.95 -21.44 -30.72
N LYS B 499 -31.10 -20.60 -31.32
CA LYS B 499 -31.53 -19.32 -31.87
C LYS B 499 -32.62 -19.47 -32.94
N PRO B 500 -33.66 -18.64 -32.86
CA PRO B 500 -34.81 -18.69 -33.78
C PRO B 500 -34.47 -18.16 -35.17
N GLN B 501 -35.15 -18.67 -36.18
CA GLN B 501 -34.92 -18.23 -37.55
C GLN B 501 -36.18 -17.55 -38.09
N LYS B 502 -36.00 -16.32 -38.58
CA LYS B 502 -37.10 -15.51 -39.12
C LYS B 502 -38.22 -15.31 -38.10
N PHE B 510 -50.05 -8.77 -40.90
CA PHE B 510 -49.65 -7.51 -41.51
C PHE B 510 -50.39 -6.36 -40.84
N LEU B 511 -51.43 -6.71 -40.10
CA LEU B 511 -52.28 -5.77 -39.38
C LEU B 511 -51.69 -5.49 -38.01
N ASP B 512 -50.44 -5.88 -37.84
CA ASP B 512 -49.77 -5.87 -36.55
C ASP B 512 -49.53 -4.45 -35.98
N PRO B 513 -49.03 -3.50 -36.80
CA PRO B 513 -48.87 -2.15 -36.24
C PRO B 513 -50.13 -1.53 -35.60
N LEU B 514 -51.25 -1.64 -36.30
CA LEU B 514 -52.51 -1.04 -35.85
C LEU B 514 -53.45 -2.07 -35.23
N ALA B 515 -53.91 -1.82 -34.01
CA ALA B 515 -54.80 -2.74 -33.31
C ALA B 515 -56.07 -3.06 -34.10
N TYR B 516 -56.54 -4.30 -33.95
CA TYR B 516 -57.72 -4.79 -34.66
C TYR B 516 -59.00 -4.06 -34.31
N GLU B 517 -59.02 -3.40 -33.15
CA GLU B 517 -60.20 -2.65 -32.73
C GLU B 517 -60.36 -1.39 -33.57
N ILE B 518 -59.24 -0.83 -34.02
CA ILE B 518 -59.25 0.40 -34.80
C ILE B 518 -59.62 0.09 -36.25
N TRP B 519 -59.19 -1.07 -36.75
CA TRP B 519 -59.56 -1.53 -38.09
C TRP B 519 -61.07 -1.72 -38.21
N MET B 520 -61.70 -2.11 -37.11
CA MET B 520 -63.15 -2.25 -37.07
C MET B 520 -63.81 -0.87 -37.09
N ALA B 521 -63.33 0.01 -36.23
CA ALA B 521 -63.83 1.38 -36.14
C ALA B 521 -63.70 2.13 -37.47
N ILE B 522 -62.63 1.84 -38.21
CA ILE B 522 -62.41 2.43 -39.53
C ILE B 522 -63.51 1.98 -40.51
N VAL B 523 -63.95 0.74 -40.34
CA VAL B 523 -64.96 0.17 -41.23
C VAL B 523 -66.35 0.70 -40.90
N PHE B 524 -66.65 0.78 -39.61
CA PHE B 524 -67.93 1.29 -39.15
C PHE B 524 -68.04 2.77 -39.50
N ALA B 525 -66.93 3.49 -39.37
CA ALA B 525 -66.89 4.89 -39.77
C ALA B 525 -67.02 5.02 -41.28
N TYR B 526 -66.48 4.04 -42.00
CA TYR B 526 -66.56 4.03 -43.46
C TYR B 526 -68.01 3.92 -43.92
N ILE B 527 -68.72 2.94 -43.40
CA ILE B 527 -70.12 2.75 -43.78
C ILE B 527 -71.01 3.85 -43.19
N LEU B 528 -70.55 4.45 -42.08
CA LEU B 528 -71.34 5.49 -41.42
C LEU B 528 -71.20 6.81 -42.17
N VAL B 529 -70.11 6.97 -42.90
CA VAL B 529 -69.93 8.15 -43.72
C VAL B 529 -70.59 7.94 -45.08
N SER B 530 -70.47 6.72 -45.60
CA SER B 530 -71.07 6.41 -46.89
C SER B 530 -72.60 6.41 -46.80
N VAL B 531 -73.13 6.18 -45.60
CA VAL B 531 -74.57 6.16 -45.42
C VAL B 531 -75.11 7.57 -45.23
N VAL B 532 -74.31 8.46 -44.64
CA VAL B 532 -74.69 9.86 -44.51
C VAL B 532 -74.63 10.54 -45.88
N LEU B 533 -73.61 10.20 -46.65
CA LEU B 533 -73.51 10.69 -48.02
C LEU B 533 -74.68 10.14 -48.84
N PHE B 534 -75.07 8.90 -48.55
CA PHE B 534 -76.23 8.29 -49.18
C PHE B 534 -77.52 9.04 -48.79
N LEU B 535 -77.52 9.61 -47.59
CA LEU B 535 -78.66 10.37 -47.11
C LEU B 535 -78.64 11.78 -47.70
N VAL B 536 -77.48 12.21 -48.17
CA VAL B 536 -77.37 13.49 -48.85
C VAL B 536 -77.87 13.32 -50.28
N SER B 537 -77.51 12.19 -50.90
CA SER B 537 -78.03 11.82 -52.21
C SER B 537 -79.55 11.73 -52.18
N ARG B 538 -80.08 10.91 -51.25
CA ARG B 538 -81.52 10.75 -51.12
C ARG B 538 -82.20 12.07 -50.74
N PHE B 539 -81.66 12.71 -49.72
CA PHE B 539 -82.18 14.01 -49.26
C PHE B 539 -81.10 15.08 -49.35
N ARG B 582 -72.76 21.16 -56.55
CA ARG B 582 -72.28 20.27 -55.52
C ARG B 582 -72.68 20.76 -54.12
N SER B 583 -73.27 19.87 -53.34
CA SER B 583 -73.81 20.23 -52.03
C SER B 583 -72.72 20.61 -51.04
N LEU B 584 -73.00 21.63 -50.23
CA LEU B 584 -72.11 22.04 -49.17
C LEU B 584 -71.95 20.93 -48.14
N SER B 585 -73.07 20.28 -47.83
CA SER B 585 -73.13 19.26 -46.80
C SER B 585 -72.06 18.18 -46.98
N ALA B 586 -71.97 17.69 -48.21
CA ALA B 586 -71.01 16.65 -48.58
C ALA B 586 -69.54 17.09 -48.53
N ARG B 587 -69.28 18.35 -48.84
CA ARG B 587 -67.90 18.85 -48.92
C ARG B 587 -67.14 18.78 -47.59
N ILE B 588 -67.77 19.22 -46.51
CA ILE B 588 -67.14 19.18 -45.20
C ILE B 588 -67.04 17.72 -44.74
N VAL B 589 -67.99 16.89 -45.17
CA VAL B 589 -67.90 15.45 -44.91
C VAL B 589 -66.64 14.87 -45.53
N ALA B 590 -66.41 15.20 -46.80
CA ALA B 590 -65.23 14.73 -47.53
C ALA B 590 -63.94 15.28 -46.91
N GLY B 591 -64.01 16.50 -46.41
CA GLY B 591 -62.86 17.15 -45.80
C GLY B 591 -62.49 16.49 -44.49
N VAL B 592 -63.48 16.30 -43.64
CA VAL B 592 -63.28 15.70 -42.33
C VAL B 592 -62.82 14.25 -42.48
N TRP B 593 -63.44 13.53 -43.42
CA TRP B 593 -63.06 12.15 -43.68
C TRP B 593 -61.63 12.07 -44.23
N TRP B 594 -61.25 13.08 -45.01
CA TRP B 594 -59.90 13.16 -45.56
C TRP B 594 -58.87 13.38 -44.46
N PHE B 595 -59.20 14.28 -43.53
CA PHE B 595 -58.34 14.54 -42.39
C PHE B 595 -58.21 13.29 -41.52
N PHE B 596 -59.31 12.56 -41.44
CA PHE B 596 -59.37 11.34 -40.64
C PHE B 596 -58.45 10.27 -41.22
N THR B 597 -58.61 9.98 -42.51
CA THR B 597 -57.77 8.96 -43.15
C THR B 597 -56.32 9.40 -43.21
N LEU B 598 -56.10 10.72 -43.28
CA LEU B 598 -54.76 11.27 -43.26
C LEU B 598 -54.07 10.96 -41.93
N ILE B 599 -54.78 11.24 -40.84
CA ILE B 599 -54.27 10.93 -39.50
C ILE B 599 -54.01 9.44 -39.36
N ILE B 600 -54.95 8.64 -39.85
CA ILE B 600 -54.86 7.18 -39.75
C ILE B 600 -53.61 6.65 -40.47
N ILE B 601 -53.44 7.00 -41.74
CA ILE B 601 -52.32 6.50 -42.52
C ILE B 601 -50.97 7.04 -41.99
N SER B 602 -50.99 8.26 -41.43
CA SER B 602 -49.78 8.83 -40.86
C SER B 602 -49.39 8.03 -39.62
N SER B 603 -50.39 7.68 -38.82
CA SER B 603 -50.18 6.90 -37.61
C SER B 603 -49.67 5.50 -37.96
N TYR B 604 -50.29 4.88 -38.96
CA TYR B 604 -49.86 3.56 -39.43
C TYR B 604 -48.42 3.59 -39.89
N THR B 605 -48.06 4.60 -40.67
CA THR B 605 -46.70 4.72 -41.19
C THR B 605 -45.69 4.91 -40.06
N ALA B 606 -45.99 5.84 -39.15
CA ALA B 606 -45.11 6.13 -38.03
C ALA B 606 -44.89 4.91 -37.13
N ASN B 607 -45.99 4.29 -36.72
CA ASN B 607 -45.92 3.13 -35.84
C ASN B 607 -45.23 1.94 -36.52
N LEU B 608 -45.47 1.77 -37.83
CA LEU B 608 -44.81 0.71 -38.57
C LEU B 608 -43.31 0.98 -38.64
N ALA B 609 -42.95 2.25 -38.70
CA ALA B 609 -41.55 2.63 -38.73
C ALA B 609 -40.89 2.28 -37.41
N ALA B 610 -41.58 2.59 -36.32
CA ALA B 610 -41.10 2.21 -35.00
C ALA B 610 -41.00 0.69 -34.87
N PHE B 611 -41.94 -0.01 -35.50
CA PHE B 611 -42.06 -1.46 -35.38
C PHE B 611 -40.94 -2.19 -36.13
N LEU B 612 -40.54 -1.62 -37.27
CA LEU B 612 -39.51 -2.25 -38.10
C LEU B 612 -38.10 -1.94 -37.60
N THR B 613 -38.01 -1.03 -36.63
CA THR B 613 -36.73 -0.64 -36.06
C THR B 613 -36.18 -1.73 -35.14
N VAL B 614 -37.05 -2.28 -34.29
CA VAL B 614 -36.66 -3.34 -33.36
C VAL B 614 -37.19 -4.69 -33.82
N GLU B 615 -36.28 -5.64 -34.02
CA GLU B 615 -36.64 -6.95 -34.57
C GLU B 615 -37.60 -7.71 -33.66
N ARG B 616 -37.35 -7.68 -32.35
CA ARG B 616 -38.19 -8.37 -31.37
C ARG B 616 -38.41 -9.83 -31.76
N MET B 617 -39.66 -10.18 -32.04
CA MET B 617 -40.00 -11.47 -32.64
C MET B 617 -39.45 -12.66 -31.87
N ILE B 621 -40.92 -18.88 -29.04
CA ILE B 621 -41.01 -18.20 -27.76
C ILE B 621 -41.75 -19.08 -26.74
N GLU B 622 -41.13 -19.28 -25.58
CA GLU B 622 -41.66 -20.20 -24.57
C GLU B 622 -41.59 -19.66 -23.14
N SER B 623 -42.32 -20.32 -22.25
CA SER B 623 -42.35 -20.01 -20.82
C SER B 623 -42.05 -21.31 -20.08
N ALA B 624 -41.67 -21.25 -18.80
CA ALA B 624 -41.47 -22.46 -18.00
C ALA B 624 -42.65 -23.43 -18.10
N GLU B 625 -43.88 -22.93 -17.95
CA GLU B 625 -45.08 -23.77 -18.03
C GLU B 625 -45.32 -24.31 -19.44
N ASP B 626 -45.00 -23.50 -20.45
CA ASP B 626 -45.18 -23.86 -21.85
C ASP B 626 -44.29 -25.01 -22.31
N LEU B 627 -43.09 -25.09 -21.73
CA LEU B 627 -42.11 -26.11 -22.08
C LEU B 627 -42.61 -27.51 -21.68
N SER B 628 -43.72 -27.58 -20.96
CA SER B 628 -44.27 -28.87 -20.59
C SER B 628 -44.97 -29.56 -21.77
N LYS B 629 -45.67 -28.75 -22.56
CA LYS B 629 -46.49 -29.28 -23.66
C LYS B 629 -45.85 -29.47 -25.03
N GLN B 630 -44.80 -28.72 -25.34
CA GLN B 630 -44.36 -28.81 -26.73
C GLN B 630 -43.63 -30.11 -26.98
N THR B 631 -44.27 -30.97 -27.77
CA THR B 631 -43.63 -32.22 -28.08
C THR B 631 -42.68 -31.99 -29.24
N GLU B 632 -41.93 -33.03 -29.58
CA GLU B 632 -40.96 -33.01 -30.66
C GLU B 632 -39.80 -32.08 -30.34
N ILE B 633 -40.04 -31.11 -29.47
CA ILE B 633 -38.93 -30.38 -28.92
C ILE B 633 -38.74 -31.04 -27.56
N ALA B 634 -37.90 -32.07 -27.54
CA ALA B 634 -37.59 -32.80 -26.34
C ALA B 634 -36.82 -31.88 -25.43
N TYR B 635 -36.82 -32.16 -24.13
CA TYR B 635 -36.05 -31.31 -23.23
C TYR B 635 -35.49 -32.10 -22.06
N GLY B 636 -34.28 -31.77 -21.64
CA GLY B 636 -33.68 -32.54 -20.57
C GLY B 636 -32.72 -31.84 -19.64
N THR B 637 -32.25 -32.55 -18.61
CA THR B 637 -31.31 -32.01 -17.64
C THR B 637 -30.01 -32.81 -17.58
N LEU B 638 -29.13 -32.40 -16.69
CA LEU B 638 -27.88 -33.11 -16.45
C LEU B 638 -28.17 -34.42 -15.70
N ASP B 639 -27.24 -35.37 -15.75
CA ASP B 639 -27.40 -36.68 -15.09
C ASP B 639 -27.40 -36.62 -13.56
N SER B 640 -26.59 -35.71 -13.04
CA SER B 640 -26.38 -35.58 -11.60
C SER B 640 -26.53 -34.14 -11.16
N GLY B 641 -26.90 -33.96 -9.91
CA GLY B 641 -27.01 -32.62 -9.38
C GLY B 641 -28.37 -32.15 -8.95
N SER B 642 -28.41 -30.87 -8.59
CA SER B 642 -29.61 -30.28 -8.06
C SER B 642 -30.74 -30.09 -9.05
N THR B 643 -30.47 -29.83 -10.33
CA THR B 643 -31.57 -29.63 -11.27
C THR B 643 -32.45 -30.87 -11.46
N LYS B 644 -31.81 -32.00 -11.72
CA LYS B 644 -32.50 -33.27 -11.90
C LYS B 644 -33.21 -33.60 -10.61
N GLU B 645 -32.54 -33.38 -9.49
CA GLU B 645 -33.13 -33.64 -8.19
C GLU B 645 -34.27 -32.67 -7.90
N PHE B 646 -34.22 -31.46 -8.44
CA PHE B 646 -35.32 -30.51 -8.32
C PHE B 646 -36.57 -31.02 -8.97
N PHE B 647 -36.42 -31.53 -10.18
CA PHE B 647 -37.58 -32.08 -10.87
C PHE B 647 -37.99 -33.35 -10.17
N ARG B 648 -37.01 -34.07 -9.67
CA ARG B 648 -37.28 -35.31 -8.98
C ARG B 648 -38.14 -35.08 -7.74
N ARG B 649 -37.76 -34.12 -6.93
CA ARG B 649 -38.43 -33.89 -5.66
C ARG B 649 -39.67 -33.04 -5.79
N SER B 650 -39.75 -32.20 -6.83
CA SER B 650 -40.85 -31.26 -6.94
C SER B 650 -42.21 -31.94 -6.95
N LYS B 651 -43.07 -31.51 -6.03
CA LYS B 651 -44.40 -32.07 -5.93
C LYS B 651 -45.44 -31.13 -6.54
N ILE B 652 -44.96 -30.06 -7.17
CA ILE B 652 -45.84 -29.06 -7.78
C ILE B 652 -46.02 -29.37 -9.26
N ALA B 653 -47.27 -29.21 -9.71
CA ALA B 653 -47.79 -29.72 -10.99
C ALA B 653 -46.87 -29.72 -12.21
N VAL B 654 -46.47 -28.56 -12.70
CA VAL B 654 -45.78 -28.51 -13.97
C VAL B 654 -44.46 -29.26 -13.92
N PHE B 655 -43.71 -29.05 -12.84
CA PHE B 655 -42.41 -29.69 -12.68
C PHE B 655 -42.56 -31.19 -12.48
N ASP B 656 -43.63 -31.60 -11.83
CA ASP B 656 -43.91 -33.01 -11.60
C ASP B 656 -44.18 -33.66 -12.96
N LYS B 657 -44.96 -32.96 -13.79
CA LYS B 657 -45.29 -33.44 -15.12
C LYS B 657 -44.05 -33.55 -15.98
N MET B 658 -43.18 -32.55 -15.92
CA MET B 658 -41.96 -32.55 -16.72
C MET B 658 -41.03 -33.68 -16.30
N TRP B 659 -40.93 -33.91 -14.99
CA TRP B 659 -40.11 -35.00 -14.48
C TRP B 659 -40.71 -36.32 -14.98
N THR B 660 -42.04 -36.39 -14.96
CA THR B 660 -42.81 -37.54 -15.44
C THR B 660 -42.59 -37.81 -16.88
N TYR B 661 -42.37 -36.72 -17.62
CA TYR B 661 -41.99 -36.80 -19.04
C TYR B 661 -40.55 -37.28 -19.27
N MET B 662 -39.63 -36.70 -18.49
CA MET B 662 -38.20 -36.95 -18.65
C MET B 662 -37.74 -38.37 -18.36
N ARG B 663 -38.27 -38.95 -17.29
CA ARG B 663 -37.90 -40.29 -16.88
C ARG B 663 -38.26 -41.32 -17.94
N SER B 664 -39.41 -41.11 -18.58
CA SER B 664 -39.95 -42.05 -19.50
C SER B 664 -39.52 -41.78 -20.90
N ALA B 665 -38.84 -40.65 -21.10
CA ALA B 665 -38.53 -40.19 -22.42
C ALA B 665 -37.59 -41.13 -23.17
N GLU B 666 -37.86 -41.33 -24.45
CA GLU B 666 -36.98 -42.16 -25.28
C GLU B 666 -36.83 -41.51 -26.66
N PRO B 667 -35.58 -41.39 -27.16
CA PRO B 667 -34.33 -41.76 -26.46
C PRO B 667 -34.06 -40.82 -25.29
N SER B 668 -33.13 -41.20 -24.42
CA SER B 668 -32.87 -40.44 -23.19
C SER B 668 -32.59 -38.97 -23.47
N VAL B 669 -33.16 -38.09 -22.64
CA VAL B 669 -33.03 -36.66 -22.83
C VAL B 669 -31.99 -36.06 -21.89
N PHE B 670 -31.34 -36.93 -21.13
CA PHE B 670 -30.36 -36.50 -20.13
C PHE B 670 -28.94 -36.49 -20.69
N VAL B 671 -28.14 -35.54 -20.26
CA VAL B 671 -26.75 -35.47 -20.70
C VAL B 671 -25.77 -35.58 -19.53
N ARG B 672 -24.51 -35.88 -19.86
CA ARG B 672 -23.51 -36.17 -18.85
C ARG B 672 -22.73 -34.91 -18.46
N THR B 673 -22.59 -33.99 -19.41
CA THR B 673 -21.94 -32.70 -19.19
C THR B 673 -22.78 -31.56 -19.75
N THR B 674 -22.58 -30.37 -19.22
CA THR B 674 -23.28 -29.17 -19.70
C THR B 674 -22.93 -28.92 -21.17
N ALA B 675 -21.64 -29.07 -21.50
CA ALA B 675 -21.19 -28.91 -22.87
C ALA B 675 -21.94 -29.85 -23.81
N GLU B 676 -22.19 -31.07 -23.32
CA GLU B 676 -22.90 -32.08 -24.10
C GLU B 676 -24.35 -31.65 -24.34
N GLY B 677 -24.97 -31.07 -23.31
CA GLY B 677 -26.32 -30.60 -23.42
C GLY B 677 -26.43 -29.47 -24.41
N VAL B 678 -25.52 -28.51 -24.33
CA VAL B 678 -25.54 -27.37 -25.24
C VAL B 678 -25.28 -27.83 -26.66
N ALA B 679 -24.33 -28.75 -26.82
CA ALA B 679 -24.03 -29.32 -28.12
C ALA B 679 -25.26 -30.01 -28.69
N ARG B 680 -26.01 -30.68 -27.82
CA ARG B 680 -27.25 -31.31 -28.24
C ARG B 680 -28.27 -30.27 -28.69
N VAL B 681 -28.29 -29.13 -28.01
CA VAL B 681 -29.17 -28.03 -28.42
C VAL B 681 -28.82 -27.55 -29.82
N ARG B 682 -27.53 -27.34 -30.04
CA ARG B 682 -27.05 -26.83 -31.32
C ARG B 682 -27.25 -27.84 -32.47
N LYS B 683 -27.16 -29.13 -32.15
CA LYS B 683 -27.23 -30.16 -33.17
C LYS B 683 -28.61 -30.79 -33.35
N SER B 684 -29.56 -30.37 -32.50
CA SER B 684 -30.95 -30.83 -32.66
C SER B 684 -31.76 -29.82 -33.45
N LYS B 685 -31.16 -28.67 -33.74
CA LYS B 685 -31.79 -27.67 -34.60
C LYS B 685 -33.18 -27.24 -34.12
N GLY B 686 -33.33 -27.14 -32.80
CA GLY B 686 -34.60 -26.72 -32.23
C GLY B 686 -35.47 -27.87 -31.76
N LYS B 687 -34.99 -29.10 -31.93
CA LYS B 687 -35.75 -30.26 -31.48
C LYS B 687 -35.39 -30.64 -30.04
N TYR B 688 -34.42 -29.94 -29.47
CA TYR B 688 -34.04 -30.19 -28.08
C TYR B 688 -33.76 -28.92 -27.27
N ALA B 689 -34.40 -28.82 -26.11
CA ALA B 689 -34.18 -27.75 -25.16
C ALA B 689 -33.44 -28.29 -23.93
N TYR B 690 -32.55 -27.45 -23.40
CA TYR B 690 -31.72 -27.88 -22.29
C TYR B 690 -32.01 -27.10 -21.02
N LEU B 691 -32.29 -27.82 -19.95
CA LEU B 691 -32.59 -27.19 -18.68
C LEU B 691 -31.34 -27.16 -17.84
N LEU B 692 -30.89 -25.96 -17.49
CA LEU B 692 -29.64 -25.80 -16.76
C LEU B 692 -29.67 -24.54 -15.91
N GLU B 693 -28.76 -24.44 -14.97
CA GLU B 693 -28.67 -23.27 -14.11
C GLU B 693 -28.43 -22.00 -14.92
N SER B 694 -29.08 -20.93 -14.49
CA SER B 694 -29.00 -19.65 -15.19
C SER B 694 -27.57 -19.21 -15.46
N THR B 695 -26.65 -19.52 -14.55
CA THR B 695 -25.28 -19.08 -14.70
C THR B 695 -24.62 -19.64 -15.95
N MET B 696 -24.69 -20.95 -16.14
CA MET B 696 -24.09 -21.57 -17.31
C MET B 696 -24.78 -21.11 -18.58
N ASN B 697 -26.09 -20.95 -18.50
CA ASN B 697 -26.89 -20.46 -19.62
C ASN B 697 -26.41 -19.07 -20.08
N GLU B 698 -26.30 -18.15 -19.12
CA GLU B 698 -25.84 -16.79 -19.39
C GLU B 698 -24.43 -16.82 -19.93
N TYR B 699 -23.63 -17.77 -19.45
CA TYR B 699 -22.24 -17.88 -19.90
C TYR B 699 -22.18 -18.29 -21.37
N ILE B 700 -22.85 -19.38 -21.71
CA ILE B 700 -22.81 -19.88 -23.08
C ILE B 700 -23.47 -18.91 -24.05
N GLU B 701 -24.45 -18.14 -23.56
CA GLU B 701 -25.09 -17.12 -24.38
C GLU B 701 -24.07 -16.09 -24.90
N GLN B 702 -22.96 -15.94 -24.18
CA GLN B 702 -21.94 -14.97 -24.55
C GLN B 702 -20.76 -15.60 -25.27
N ARG B 703 -20.81 -16.91 -25.50
CA ARG B 703 -19.65 -17.64 -26.02
C ARG B 703 -19.86 -18.17 -27.43
N LYS B 704 -18.75 -18.42 -28.11
CA LYS B 704 -18.75 -18.90 -29.49
C LYS B 704 -19.52 -20.20 -29.67
N PRO B 705 -20.24 -20.35 -30.80
CA PRO B 705 -20.45 -19.31 -31.80
C PRO B 705 -21.70 -18.47 -31.55
N CYS B 706 -22.00 -18.20 -30.28
CA CYS B 706 -23.14 -17.38 -29.88
C CYS B 706 -24.45 -17.80 -30.55
N ASP B 707 -24.69 -19.11 -30.63
CA ASP B 707 -25.88 -19.65 -31.28
C ASP B 707 -26.92 -20.20 -30.31
N THR B 708 -26.71 -19.95 -29.01
CA THR B 708 -27.65 -20.42 -27.99
C THR B 708 -28.28 -19.25 -27.24
N MET B 709 -29.46 -19.49 -26.66
CA MET B 709 -30.19 -18.41 -25.99
C MET B 709 -30.93 -18.86 -24.73
N LYS B 710 -30.89 -18.02 -23.70
CA LYS B 710 -31.66 -18.23 -22.49
C LYS B 710 -33.06 -17.67 -22.65
N VAL B 711 -34.07 -18.49 -22.41
CA VAL B 711 -35.44 -18.06 -22.65
C VAL B 711 -36.33 -18.22 -21.43
N GLY B 712 -37.28 -17.30 -21.29
CA GLY B 712 -38.15 -17.29 -20.14
C GLY B 712 -37.42 -16.82 -18.89
N GLY B 713 -38.09 -16.91 -17.74
CA GLY B 713 -37.45 -16.57 -16.49
C GLY B 713 -36.74 -17.76 -15.91
N ASN B 714 -36.65 -17.81 -14.58
CA ASN B 714 -36.08 -18.96 -13.91
C ASN B 714 -37.17 -19.78 -13.25
N LEU B 715 -36.92 -21.06 -13.06
CA LEU B 715 -37.91 -21.95 -12.48
C LEU B 715 -37.92 -21.81 -10.97
N ASP B 716 -36.74 -21.69 -10.39
CA ASP B 716 -36.59 -21.44 -8.96
C ASP B 716 -35.49 -20.42 -8.72
N SER B 717 -35.21 -20.14 -7.46
CA SER B 717 -34.10 -19.24 -7.12
C SER B 717 -33.29 -19.78 -5.96
N LYS B 718 -32.01 -20.06 -6.24
CA LYS B 718 -31.08 -20.58 -5.23
C LYS B 718 -29.69 -20.02 -5.51
N GLY B 719 -28.70 -20.46 -4.73
CA GLY B 719 -27.35 -19.93 -4.87
C GLY B 719 -26.24 -20.91 -4.61
N TYR B 720 -25.07 -20.62 -5.17
CA TYR B 720 -23.90 -21.44 -4.96
C TYR B 720 -23.24 -21.00 -3.68
N GLY B 721 -22.70 -21.94 -2.92
CA GLY B 721 -22.00 -21.59 -1.69
C GLY B 721 -20.76 -22.42 -1.49
N ILE B 722 -19.84 -21.90 -0.68
CA ILE B 722 -18.63 -22.63 -0.36
C ILE B 722 -18.91 -23.59 0.79
N ALA B 723 -18.59 -24.86 0.61
CA ALA B 723 -18.96 -25.90 1.57
C ALA B 723 -17.75 -26.40 2.36
N THR B 724 -17.94 -26.52 3.66
CA THR B 724 -16.91 -27.00 4.57
C THR B 724 -17.44 -28.20 5.29
N PRO B 725 -16.57 -29.14 5.66
CA PRO B 725 -17.01 -30.25 6.51
C PRO B 725 -17.50 -29.71 7.84
N LYS B 726 -18.66 -30.17 8.31
CA LYS B 726 -19.25 -29.57 9.49
C LYS B 726 -18.36 -29.81 10.70
N GLY B 727 -18.11 -28.75 11.47
CA GLY B 727 -17.17 -28.82 12.57
C GLY B 727 -15.75 -28.41 12.20
N SER B 728 -15.58 -27.97 10.96
CA SER B 728 -14.29 -27.48 10.48
C SER B 728 -13.83 -26.24 11.23
N SER B 729 -12.54 -26.11 11.43
CA SER B 729 -11.98 -24.89 11.97
C SER B 729 -11.97 -23.79 10.91
N LEU B 730 -12.30 -24.16 9.67
CA LEU B 730 -12.30 -23.21 8.54
C LEU B 730 -13.68 -22.61 8.23
N GLY B 731 -14.74 -23.17 8.78
CA GLY B 731 -16.09 -22.78 8.39
C GLY B 731 -16.46 -21.31 8.55
N THR B 732 -16.40 -20.82 9.78
CA THR B 732 -16.82 -19.45 10.08
C THR B 732 -15.95 -18.35 9.42
N PRO B 733 -14.61 -18.48 9.44
CA PRO B 733 -13.85 -17.43 8.75
C PRO B 733 -14.11 -17.42 7.25
N VAL B 734 -14.30 -18.59 6.65
CA VAL B 734 -14.62 -18.65 5.22
C VAL B 734 -15.95 -17.98 4.92
N ASN B 735 -16.95 -18.25 5.76
CA ASN B 735 -18.26 -17.62 5.60
C ASN B 735 -18.15 -16.10 5.67
N LEU B 736 -17.49 -15.63 6.72
CA LEU B 736 -17.27 -14.20 6.93
C LEU B 736 -16.52 -13.61 5.75
N ALA B 737 -15.59 -14.39 5.21
CA ALA B 737 -14.82 -13.98 4.04
C ALA B 737 -15.72 -13.82 2.82
N VAL B 738 -16.64 -14.76 2.64
CA VAL B 738 -17.55 -14.71 1.51
C VAL B 738 -18.39 -13.45 1.55
N LEU B 739 -19.04 -13.18 2.68
CA LEU B 739 -19.89 -12.00 2.71
C LEU B 739 -19.08 -10.71 2.72
N LYS B 740 -17.86 -10.78 3.24
CA LYS B 740 -16.94 -9.64 3.14
C LYS B 740 -16.68 -9.32 1.68
N LEU B 741 -16.37 -10.35 0.90
CA LEU B 741 -16.11 -10.20 -0.53
C LEU B 741 -17.34 -9.70 -1.27
N SER B 742 -18.51 -10.15 -0.84
CA SER B 742 -19.75 -9.72 -1.47
C SER B 742 -19.98 -8.23 -1.27
N GLU B 743 -19.79 -7.77 -0.04
CA GLU B 743 -20.02 -6.36 0.27
C GLU B 743 -18.96 -5.45 -0.34
N GLN B 744 -17.77 -5.99 -0.56
CA GLN B 744 -16.68 -5.21 -1.14
C GLN B 744 -16.75 -5.13 -2.67
N GLY B 745 -17.78 -5.75 -3.24
CA GLY B 745 -17.97 -5.70 -4.68
C GLY B 745 -17.04 -6.65 -5.42
N VAL B 746 -16.30 -7.45 -4.67
CA VAL B 746 -15.33 -8.38 -5.24
C VAL B 746 -16.01 -9.46 -6.08
N LEU B 747 -17.09 -10.03 -5.52
CA LEU B 747 -17.80 -11.11 -6.19
C LEU B 747 -18.44 -10.64 -7.48
N ASP B 748 -18.99 -9.43 -7.46
CA ASP B 748 -19.63 -8.85 -8.62
C ASP B 748 -18.60 -8.57 -9.71
N LYS B 749 -17.45 -8.07 -9.27
CA LYS B 749 -16.38 -7.72 -10.19
C LYS B 749 -15.86 -8.99 -10.86
N LEU B 750 -15.73 -10.06 -10.09
CA LEU B 750 -15.27 -11.33 -10.65
C LEU B 750 -16.31 -11.89 -11.62
N LYS B 751 -17.58 -11.76 -11.27
CA LYS B 751 -18.65 -12.24 -12.12
C LYS B 751 -18.57 -11.55 -13.47
N ASN B 752 -18.44 -10.24 -13.44
CA ASN B 752 -18.28 -9.48 -14.66
C ASN B 752 -17.01 -9.87 -15.41
N LYS B 753 -15.96 -10.16 -14.67
CA LYS B 753 -14.70 -10.57 -15.26
C LYS B 753 -14.82 -11.83 -16.11
N TRP B 754 -15.45 -12.86 -15.55
CA TRP B 754 -15.51 -14.15 -16.23
C TRP B 754 -16.75 -14.37 -17.12
N TRP B 755 -17.74 -13.50 -16.97
CA TRP B 755 -18.96 -13.66 -17.76
C TRP B 755 -19.06 -12.66 -18.91
N TYR B 756 -19.05 -11.37 -18.57
CA TYR B 756 -19.40 -10.36 -19.56
C TYR B 756 -18.20 -9.56 -20.05
N ASP B 757 -17.02 -9.81 -19.49
CA ASP B 757 -15.80 -9.18 -19.99
C ASP B 757 -15.15 -10.04 -21.04
N LYS B 758 -15.17 -11.36 -20.81
CA LYS B 758 -14.61 -12.31 -21.76
C LYS B 758 -15.70 -12.73 -22.73
N GLY B 759 -16.91 -12.22 -22.50
CA GLY B 759 -18.03 -12.47 -23.38
C GLY B 759 -17.74 -11.99 -24.79
N GLU B 760 -17.97 -12.86 -25.78
CA GLU B 760 -17.70 -12.51 -27.16
C GLU B 760 -18.91 -11.92 -27.94
N CYS B 761 -20.13 -12.06 -27.45
CA CYS B 761 -21.22 -11.36 -28.11
C CYS B 761 -21.89 -10.20 -27.37
N GLY B 762 -21.43 -9.90 -26.16
CA GLY B 762 -22.05 -8.89 -25.31
C GLY B 762 -22.37 -7.52 -25.92
N SER B 776 -40.28 -5.65 -44.91
CA SER B 776 -40.53 -5.92 -46.33
C SER B 776 -40.41 -7.40 -46.73
N LEU B 777 -41.13 -7.72 -47.81
CA LEU B 777 -41.21 -9.00 -48.50
C LEU B 777 -42.01 -10.08 -47.79
N SER B 778 -42.04 -10.05 -46.47
CA SER B 778 -42.82 -11.04 -45.76
C SER B 778 -44.23 -10.57 -45.54
N ASN B 779 -44.32 -9.31 -45.14
CA ASN B 779 -45.55 -8.62 -44.83
C ASN B 779 -46.47 -8.41 -46.02
N VAL B 780 -45.84 -8.13 -47.16
CA VAL B 780 -46.56 -7.66 -48.34
C VAL B 780 -47.52 -8.68 -48.96
N ALA B 781 -47.23 -9.97 -48.82
CA ALA B 781 -48.10 -11.00 -49.37
C ALA B 781 -49.50 -10.87 -48.77
N GLY B 782 -49.55 -10.58 -47.47
CA GLY B 782 -50.80 -10.38 -46.77
C GLY B 782 -51.67 -9.28 -47.37
N VAL B 783 -51.03 -8.31 -48.03
CA VAL B 783 -51.80 -7.23 -48.65
C VAL B 783 -52.24 -7.63 -50.05
N PHE B 784 -51.47 -8.52 -50.68
CA PHE B 784 -51.76 -8.92 -52.05
C PHE B 784 -53.00 -9.79 -52.06
N TYR B 785 -53.15 -10.56 -50.97
CA TYR B 785 -54.32 -11.38 -50.78
C TYR B 785 -55.55 -10.49 -50.74
N ILE B 786 -55.44 -9.33 -50.08
CA ILE B 786 -56.58 -8.44 -50.01
C ILE B 786 -56.78 -7.76 -51.36
N LEU B 787 -55.69 -7.59 -52.12
CA LEU B 787 -55.80 -6.95 -53.42
C LEU B 787 -56.51 -7.86 -54.42
N VAL B 788 -55.95 -9.05 -54.62
CA VAL B 788 -56.47 -9.99 -55.60
C VAL B 788 -57.89 -10.38 -55.26
N GLY B 789 -58.15 -10.56 -53.97
CA GLY B 789 -59.48 -10.95 -53.54
C GLY B 789 -60.46 -9.87 -53.91
N GLY B 790 -60.09 -8.61 -53.68
CA GLY B 790 -61.02 -7.54 -53.99
C GLY B 790 -61.20 -7.52 -55.49
N LEU B 791 -60.10 -7.76 -56.20
CA LEU B 791 -60.13 -7.75 -57.65
C LEU B 791 -61.02 -8.88 -58.13
N GLY B 792 -60.96 -10.00 -57.42
CA GLY B 792 -61.77 -11.14 -57.78
C GLY B 792 -63.23 -10.77 -57.63
N LEU B 793 -63.56 -10.13 -56.51
CA LEU B 793 -64.93 -9.73 -56.27
C LEU B 793 -65.34 -8.79 -57.40
N ALA B 794 -64.38 -7.96 -57.79
CA ALA B 794 -64.66 -6.97 -58.81
C ALA B 794 -64.94 -7.65 -60.13
N MET B 795 -64.16 -8.70 -60.41
CA MET B 795 -64.33 -9.43 -61.66
C MET B 795 -65.73 -10.00 -61.70
N LEU B 796 -66.22 -10.43 -60.54
CA LEU B 796 -67.51 -11.09 -60.51
C LEU B 796 -68.57 -10.03 -60.79
N VAL B 797 -68.42 -8.88 -60.13
CA VAL B 797 -69.37 -7.79 -60.28
C VAL B 797 -69.33 -7.33 -61.73
N ALA B 798 -68.16 -7.46 -62.35
CA ALA B 798 -68.03 -7.06 -63.74
C ALA B 798 -68.84 -8.02 -64.61
N LEU B 799 -68.62 -9.32 -64.41
CA LEU B 799 -69.27 -10.32 -65.25
C LEU B 799 -70.79 -10.19 -65.22
N ILE B 800 -71.35 -10.14 -64.02
CA ILE B 800 -72.80 -10.06 -63.88
C ILE B 800 -73.29 -8.75 -64.47
N GLU B 801 -72.45 -7.71 -64.41
CA GLU B 801 -72.80 -6.42 -64.97
C GLU B 801 -73.04 -6.58 -66.46
N PHE B 802 -72.14 -7.29 -67.14
CA PHE B 802 -72.31 -7.49 -68.57
C PHE B 802 -73.40 -8.50 -68.89
N ALA B 803 -73.87 -9.26 -67.91
CA ALA B 803 -74.93 -10.22 -68.19
C ALA B 803 -76.31 -9.64 -67.95
N TYR B 804 -76.37 -8.51 -67.25
CA TYR B 804 -77.65 -7.89 -66.93
C TYR B 804 -78.32 -7.27 -68.17
N GLN C 4 3.40 -36.28 66.19
CA GLN C 4 3.02 -34.89 66.43
C GLN C 4 2.81 -34.12 65.14
N ILE C 5 1.63 -33.50 65.00
CA ILE C 5 1.32 -32.67 63.85
C ILE C 5 0.56 -31.43 64.29
N GLY C 6 0.58 -30.41 63.46
CA GLY C 6 -0.15 -29.18 63.77
C GLY C 6 -1.40 -29.07 62.92
N GLY C 7 -2.44 -28.43 63.44
CA GLY C 7 -3.47 -28.04 62.52
C GLY C 7 -3.94 -26.65 62.90
N LEU C 8 -4.10 -25.85 61.86
CA LEU C 8 -4.47 -24.44 61.98
C LEU C 8 -5.80 -24.19 61.30
N PHE C 9 -6.76 -23.66 62.04
CA PHE C 9 -8.08 -23.43 61.49
C PHE C 9 -8.48 -21.97 61.68
N PRO C 10 -9.02 -21.35 60.61
CA PRO C 10 -9.55 -19.99 60.72
C PRO C 10 -10.79 -20.03 61.62
N ARG C 11 -10.99 -19.05 62.51
CA ARG C 11 -12.17 -19.10 63.34
C ARG C 11 -13.31 -18.97 62.32
N GLY C 12 -14.19 -19.97 62.36
CA GLY C 12 -15.30 -19.98 61.45
C GLY C 12 -15.21 -21.09 60.44
N ALA C 13 -14.15 -21.88 60.37
CA ALA C 13 -14.29 -22.97 59.42
C ALA C 13 -14.65 -24.20 60.25
N ASP C 14 -15.94 -24.40 60.42
CA ASP C 14 -16.45 -25.45 61.29
C ASP C 14 -16.47 -26.82 60.64
N GLN C 15 -17.10 -26.90 59.49
CA GLN C 15 -17.31 -28.18 58.81
C GLN C 15 -16.00 -28.80 58.38
N GLU C 16 -15.00 -27.95 58.16
CA GLU C 16 -13.68 -28.42 57.79
C GLU C 16 -13.04 -29.10 58.99
N TYR C 17 -13.34 -28.60 60.19
CA TYR C 17 -12.84 -29.21 61.41
C TYR C 17 -13.62 -30.47 61.73
N SER C 18 -14.88 -30.51 61.30
CA SER C 18 -15.69 -31.71 61.44
C SER C 18 -15.11 -32.84 60.59
N ALA C 19 -14.77 -32.52 59.36
CA ALA C 19 -14.19 -33.50 58.45
C ALA C 19 -12.78 -33.86 58.91
N PHE C 20 -12.10 -32.88 59.51
CA PHE C 20 -10.78 -33.12 60.09
C PHE C 20 -10.85 -34.14 61.21
N ARG C 21 -11.82 -33.97 62.10
CA ARG C 21 -11.98 -34.89 63.21
C ARG C 21 -12.36 -36.28 62.70
N VAL C 22 -13.31 -36.34 61.77
CA VAL C 22 -13.75 -37.63 61.23
C VAL C 22 -12.56 -38.36 60.61
N GLY C 23 -11.71 -37.61 59.92
CA GLY C 23 -10.49 -38.19 59.39
C GLY C 23 -9.46 -38.51 60.47
N MET C 24 -9.55 -37.86 61.63
CA MET C 24 -8.60 -38.13 62.70
C MET C 24 -8.91 -39.45 63.38
N VAL C 25 -10.19 -39.75 63.53
CA VAL C 25 -10.60 -41.04 64.06
C VAL C 25 -10.40 -42.12 63.00
N GLN C 26 -10.79 -41.81 61.76
CA GLN C 26 -10.68 -42.75 60.65
C GLN C 26 -9.27 -43.28 60.37
N PHE C 27 -8.27 -42.43 60.56
CA PHE C 27 -6.91 -42.80 60.17
C PHE C 27 -5.99 -43.11 61.37
N SER C 28 -6.54 -43.11 62.58
CA SER C 28 -5.77 -43.54 63.75
C SER C 28 -5.65 -45.06 63.76
N THR C 29 -4.42 -45.54 63.91
CA THR C 29 -4.14 -46.97 63.94
C THR C 29 -3.41 -47.35 65.24
N SER C 30 -3.51 -48.61 65.64
CA SER C 30 -2.86 -49.08 66.85
C SER C 30 -1.34 -48.94 66.73
N GLU C 31 -0.82 -49.19 65.53
CA GLU C 31 0.62 -49.05 65.30
C GLU C 31 1.07 -47.63 65.62
N PHE C 32 0.49 -46.66 64.93
CA PHE C 32 0.75 -45.25 65.23
C PHE C 32 -0.50 -44.42 64.99
N ARG C 33 -0.80 -43.52 65.91
CA ARG C 33 -1.93 -42.61 65.73
C ARG C 33 -1.41 -41.18 65.82
N LEU C 34 -1.82 -40.36 64.86
CA LEU C 34 -1.36 -38.98 64.81
C LEU C 34 -1.99 -38.16 65.94
N THR C 35 -1.20 -37.28 66.54
CA THR C 35 -1.68 -36.43 67.60
C THR C 35 -1.67 -34.97 67.15
N PRO C 36 -2.86 -34.42 66.87
CA PRO C 36 -3.04 -33.06 66.34
C PRO C 36 -3.00 -31.98 67.41
N HIS C 37 -2.28 -30.89 67.15
CA HIS C 37 -2.38 -29.73 68.02
C HIS C 37 -3.14 -28.60 67.30
N ILE C 38 -4.37 -28.37 67.73
CA ILE C 38 -5.28 -27.43 67.08
C ILE C 38 -5.11 -25.97 67.52
N ASP C 39 -5.14 -25.06 66.56
CA ASP C 39 -5.15 -23.62 66.83
C ASP C 39 -6.28 -22.96 66.04
N ASN C 40 -6.99 -22.01 66.68
CA ASN C 40 -8.04 -21.25 66.00
C ASN C 40 -7.64 -19.78 65.86
N LEU C 41 -7.43 -19.31 64.64
CA LEU C 41 -6.84 -17.98 64.44
C LEU C 41 -7.43 -17.22 63.26
N GLU C 42 -7.28 -15.89 63.26
CA GLU C 42 -7.54 -15.11 62.06
C GLU C 42 -6.51 -15.47 60.99
N VAL C 43 -7.00 -16.06 59.90
CA VAL C 43 -6.15 -16.58 58.83
C VAL C 43 -5.40 -15.49 58.05
N ALA C 44 -6.04 -14.35 57.83
CA ALA C 44 -5.48 -13.28 57.01
C ALA C 44 -4.46 -12.44 57.78
N ASN C 45 -4.44 -12.61 59.10
CA ASN C 45 -3.53 -11.86 59.94
C ASN C 45 -2.17 -12.54 60.00
N SER C 46 -1.22 -11.96 59.27
CA SER C 46 0.14 -12.49 59.16
C SER C 46 0.78 -12.81 60.51
N PHE C 47 0.58 -11.92 61.47
CA PHE C 47 1.19 -12.07 62.79
C PHE C 47 0.72 -13.35 63.49
N ALA C 48 -0.59 -13.51 63.65
CA ALA C 48 -1.16 -14.69 64.29
C ALA C 48 -0.66 -15.97 63.63
N VAL C 49 -0.51 -15.92 62.31
CA VAL C 49 0.01 -17.05 61.55
C VAL C 49 1.44 -17.36 61.98
N THR C 50 2.34 -16.38 61.85
CA THR C 50 3.74 -16.54 62.26
C THR C 50 3.85 -17.09 63.70
N ASN C 51 3.07 -16.52 64.60
CA ASN C 51 3.05 -16.94 66.00
C ASN C 51 2.67 -18.41 66.15
N ALA C 52 1.52 -18.77 65.57
CA ALA C 52 1.06 -20.16 65.58
C ALA C 52 2.10 -21.13 65.03
N PHE C 53 2.62 -20.82 63.84
CA PHE C 53 3.65 -21.62 63.17
C PHE C 53 4.87 -21.85 64.05
N CYS C 54 5.42 -20.79 64.63
CA CYS C 54 6.57 -20.91 65.51
C CYS C 54 6.25 -21.74 66.76
N SER C 55 5.05 -21.53 67.31
CA SER C 55 4.60 -22.33 68.45
C SER C 55 4.58 -23.84 68.11
N GLN C 56 4.07 -24.16 66.92
CA GLN C 56 4.05 -25.53 66.42
C GLN C 56 5.46 -26.08 66.26
N PHE C 57 6.36 -25.24 65.73
CA PHE C 57 7.73 -25.66 65.51
C PHE C 57 8.43 -25.98 66.83
N SER C 58 8.32 -25.08 67.80
CA SER C 58 8.88 -25.31 69.13
C SER C 58 8.29 -26.58 69.76
N ARG C 59 6.99 -26.79 69.55
CA ARG C 59 6.33 -28.01 70.04
C ARG C 59 6.85 -29.27 69.34
N GLY C 60 7.55 -29.09 68.21
CA GLY C 60 8.15 -30.22 67.52
C GLY C 60 7.21 -31.05 66.67
N VAL C 61 6.56 -30.41 65.71
CA VAL C 61 5.67 -31.11 64.79
C VAL C 61 6.41 -31.54 63.53
N TYR C 62 6.00 -32.68 62.99
CA TYR C 62 6.61 -33.27 61.80
C TYR C 62 5.98 -32.73 60.52
N ALA C 63 4.76 -32.23 60.66
CA ALA C 63 4.02 -31.65 59.55
C ALA C 63 2.93 -30.70 60.06
N ILE C 64 2.52 -29.78 59.20
CA ILE C 64 1.50 -28.82 59.59
C ILE C 64 0.39 -28.73 58.55
N PHE C 65 -0.84 -29.03 58.97
CA PHE C 65 -1.99 -28.86 58.09
C PHE C 65 -2.75 -27.60 58.45
N GLY C 66 -2.98 -26.73 57.47
CA GLY C 66 -3.67 -25.49 57.74
C GLY C 66 -4.14 -24.74 56.50
N PHE C 67 -4.93 -23.70 56.76
CA PHE C 67 -5.44 -22.81 55.71
C PHE C 67 -4.61 -21.54 55.62
N TYR C 68 -4.59 -20.92 54.44
CA TYR C 68 -3.99 -19.59 54.34
C TYR C 68 -4.79 -18.69 53.41
N ASP C 69 -4.49 -17.40 53.45
CA ASP C 69 -5.19 -16.41 52.63
C ASP C 69 -4.18 -15.78 51.66
N LYS C 70 -4.67 -14.90 50.80
CA LYS C 70 -3.80 -14.26 49.82
C LYS C 70 -2.86 -13.29 50.51
N LYS C 71 -3.22 -12.87 51.73
CA LYS C 71 -2.37 -11.99 52.50
C LYS C 71 -1.33 -12.79 53.28
N SER C 72 -1.62 -14.06 53.55
CA SER C 72 -0.76 -14.86 54.40
C SER C 72 0.07 -15.92 53.67
N VAL C 73 -0.18 -16.09 52.37
CA VAL C 73 0.44 -17.17 51.59
C VAL C 73 1.99 -17.13 51.57
N ASN C 74 2.55 -15.94 51.42
CA ASN C 74 4.00 -15.81 51.26
C ASN C 74 4.74 -16.13 52.55
N THR C 75 4.13 -15.77 53.68
CA THR C 75 4.67 -16.13 54.99
C THR C 75 4.86 -17.64 55.09
N ILE C 76 3.77 -18.37 54.91
CA ILE C 76 3.79 -19.83 54.93
C ILE C 76 4.80 -20.43 53.94
N THR C 77 4.73 -20.02 52.68
CA THR C 77 5.62 -20.58 51.66
C THR C 77 7.09 -20.34 52.01
N SER C 78 7.41 -19.13 52.45
CA SER C 78 8.77 -18.78 52.84
C SER C 78 9.26 -19.59 54.02
N PHE C 79 8.50 -19.60 55.11
CA PHE C 79 8.92 -20.29 56.33
C PHE C 79 9.02 -21.80 56.13
N CYS C 80 8.15 -22.35 55.31
CA CYS C 80 8.18 -23.79 55.03
C CYS C 80 9.30 -24.14 54.07
N GLY C 81 9.63 -23.21 53.17
CA GLY C 81 10.73 -23.45 52.26
C GLY C 81 12.06 -23.29 52.97
N THR C 82 12.07 -22.51 54.05
CA THR C 82 13.28 -22.28 54.83
C THR C 82 13.54 -23.38 55.87
N LEU C 83 12.52 -23.68 56.67
CA LEU C 83 12.68 -24.64 57.76
C LEU C 83 12.38 -26.07 57.34
N HIS C 84 12.05 -26.25 56.05
CA HIS C 84 11.82 -27.57 55.47
C HIS C 84 10.72 -28.35 56.19
N VAL C 85 9.87 -27.65 56.93
CA VAL C 85 8.68 -28.25 57.49
C VAL C 85 7.63 -28.34 56.38
N SER C 86 6.83 -29.39 56.40
CA SER C 86 5.87 -29.61 55.32
C SER C 86 4.51 -29.02 55.69
N PHE C 87 3.83 -28.50 54.67
CA PHE C 87 2.55 -27.82 54.87
C PHE C 87 1.48 -28.41 53.95
N ILE C 88 0.35 -28.77 54.54
CA ILE C 88 -0.77 -29.32 53.78
C ILE C 88 -1.95 -28.37 53.84
N THR C 89 -2.45 -27.96 52.67
CA THR C 89 -3.53 -26.99 52.62
C THR C 89 -4.61 -27.30 51.59
N PRO C 90 -5.88 -27.09 51.98
CA PRO C 90 -7.07 -27.12 51.13
C PRO C 90 -7.29 -25.83 50.35
N SER C 91 -6.50 -24.80 50.66
CA SER C 91 -6.68 -23.48 50.04
C SER C 91 -6.07 -23.43 48.64
N PHE C 92 -6.27 -22.31 47.95
CA PHE C 92 -5.89 -22.16 46.55
C PHE C 92 -4.40 -22.42 46.34
N PRO C 93 -4.01 -22.86 45.13
CA PRO C 93 -2.61 -23.21 44.87
C PRO C 93 -1.70 -22.00 44.70
N THR C 94 -0.51 -22.07 45.28
CA THR C 94 0.49 -21.01 45.14
C THR C 94 0.89 -20.80 43.68
N ASP C 95 1.20 -19.56 43.34
CA ASP C 95 1.62 -19.21 41.98
C ASP C 95 3.09 -19.58 41.78
N GLY C 96 3.33 -20.50 40.85
CA GLY C 96 4.70 -20.87 40.51
C GLY C 96 5.12 -22.14 41.21
N THR C 97 6.39 -22.23 41.56
CA THR C 97 6.93 -23.41 42.22
C THR C 97 7.43 -23.08 43.61
N HIS C 98 6.69 -23.52 44.63
CA HIS C 98 7.09 -23.30 46.00
C HIS C 98 7.18 -24.62 46.74
N PRO C 99 8.28 -24.81 47.48
CA PRO C 99 8.59 -26.08 48.14
C PRO C 99 7.83 -26.31 49.44
N PHE C 100 7.72 -27.57 49.84
CA PHE C 100 7.15 -27.96 51.12
C PHE C 100 5.72 -27.46 51.31
N VAL C 101 5.02 -27.24 50.19
CA VAL C 101 3.63 -26.84 50.23
C VAL C 101 2.81 -27.83 49.40
N ILE C 102 1.85 -28.47 50.06
CA ILE C 102 1.06 -29.49 49.40
C ILE C 102 -0.36 -28.98 49.21
N GLN C 103 -0.67 -28.55 48.00
CA GLN C 103 -1.99 -27.98 47.75
C GLN C 103 -2.98 -29.06 47.38
N MET C 104 -3.80 -29.44 48.36
CA MET C 104 -4.88 -30.40 48.17
C MET C 104 -5.83 -30.00 47.04
N ARG C 105 -6.00 -28.69 46.84
CA ARG C 105 -6.90 -28.18 45.83
C ARG C 105 -6.24 -28.21 44.45
N PRO C 106 -6.99 -28.68 43.43
CA PRO C 106 -6.50 -28.72 42.05
C PRO C 106 -6.49 -27.32 41.43
N ASP C 107 -6.14 -27.24 40.15
CA ASP C 107 -6.15 -25.97 39.45
C ASP C 107 -7.38 -25.86 38.54
N LEU C 108 -8.13 -24.78 38.71
CA LEU C 108 -9.41 -24.64 38.03
C LEU C 108 -9.34 -23.79 36.75
N LYS C 109 -8.26 -23.02 36.61
CA LYS C 109 -8.12 -22.07 35.51
C LYS C 109 -8.44 -22.65 34.13
N GLY C 110 -7.87 -23.81 33.83
CA GLY C 110 -8.05 -24.45 32.55
C GLY C 110 -9.48 -24.94 32.34
N ALA C 111 -10.12 -25.33 33.44
CA ALA C 111 -11.50 -25.79 33.38
C ALA C 111 -12.44 -24.63 33.12
N LEU C 112 -12.16 -23.48 33.73
CA LEU C 112 -12.94 -22.27 33.49
C LEU C 112 -12.79 -21.79 32.06
N LEU C 113 -11.55 -21.72 31.59
CA LEU C 113 -11.30 -21.26 30.23
C LEU C 113 -11.95 -22.22 29.23
N SER C 114 -11.83 -23.52 29.49
CA SER C 114 -12.43 -24.52 28.62
C SER C 114 -13.94 -24.43 28.63
N LEU C 115 -14.54 -24.09 29.78
CA LEU C 115 -15.98 -23.96 29.86
C LEU C 115 -16.45 -22.72 29.09
N ILE C 116 -15.66 -21.64 29.19
CA ILE C 116 -15.97 -20.42 28.46
C ILE C 116 -15.89 -20.71 26.97
N GLU C 117 -15.00 -21.63 26.61
CA GLU C 117 -14.86 -22.03 25.23
C GLU C 117 -16.00 -22.98 24.82
N TYR C 118 -16.60 -23.64 25.80
CA TYR C 118 -17.70 -24.57 25.56
C TYR C 118 -18.99 -23.82 25.28
N TYR C 119 -19.26 -22.81 26.09
CA TYR C 119 -20.39 -21.94 25.85
C TYR C 119 -20.09 -21.02 24.67
N GLN C 120 -18.81 -20.94 24.32
CA GLN C 120 -18.35 -20.17 23.17
C GLN C 120 -18.72 -18.69 23.28
N TRP C 121 -18.66 -18.12 24.48
CA TRP C 121 -18.93 -16.70 24.68
C TRP C 121 -17.91 -15.82 23.96
N ASP C 122 -18.34 -14.65 23.49
CA ASP C 122 -17.40 -13.70 22.91
C ASP C 122 -17.17 -12.51 23.85
N LYS C 123 -18.15 -12.26 24.72
CA LYS C 123 -18.06 -11.19 25.69
C LYS C 123 -18.71 -11.58 27.02
N PHE C 124 -18.12 -11.14 28.13
CA PHE C 124 -18.68 -11.46 29.44
C PHE C 124 -18.18 -10.54 30.54
N ALA C 125 -18.75 -10.69 31.73
CA ALA C 125 -18.38 -9.88 32.88
C ALA C 125 -17.75 -10.74 33.96
N TYR C 126 -16.57 -10.32 34.43
CA TYR C 126 -15.82 -11.09 35.42
C TYR C 126 -15.79 -10.38 36.77
N LEU C 127 -16.47 -10.95 37.75
CA LEU C 127 -16.43 -10.41 39.10
C LEU C 127 -15.50 -11.25 39.98
N TYR C 128 -14.34 -10.67 40.32
CA TYR C 128 -13.33 -11.41 41.05
C TYR C 128 -13.17 -10.94 42.49
N ASP C 129 -12.85 -11.88 43.36
CA ASP C 129 -12.53 -11.56 44.75
C ASP C 129 -11.02 -11.39 44.92
N SER C 130 -10.61 -10.23 45.43
CA SER C 130 -9.20 -9.97 45.70
C SER C 130 -8.63 -10.96 46.73
N ASP C 131 -9.38 -11.20 47.80
CA ASP C 131 -8.95 -12.09 48.87
C ASP C 131 -8.66 -13.52 48.42
N ARG C 132 -8.99 -13.85 47.19
CA ARG C 132 -8.74 -15.19 46.69
C ARG C 132 -7.44 -15.26 45.89
N GLY C 133 -6.99 -14.10 45.39
CA GLY C 133 -5.83 -14.04 44.52
C GLY C 133 -6.24 -13.79 43.07
N LEU C 134 -5.40 -13.04 42.36
CA LEU C 134 -5.70 -12.60 40.98
C LEU C 134 -5.16 -13.53 39.90
N SER C 135 -4.78 -14.74 40.28
CA SER C 135 -4.21 -15.70 39.33
C SER C 135 -5.18 -16.07 38.21
N THR C 136 -6.42 -16.40 38.58
CA THR C 136 -7.42 -16.74 37.59
C THR C 136 -7.73 -15.54 36.71
N LEU C 137 -7.73 -14.35 37.32
CA LEU C 137 -7.94 -13.10 36.60
C LEU C 137 -6.87 -12.92 35.52
N GLN C 138 -5.62 -13.19 35.88
CA GLN C 138 -4.53 -13.11 34.92
C GLN C 138 -4.73 -14.14 33.81
N ALA C 139 -5.15 -15.35 34.18
CA ALA C 139 -5.37 -16.41 33.20
C ALA C 139 -6.42 -16.02 32.17
N VAL C 140 -7.56 -15.54 32.65
CA VAL C 140 -8.68 -15.21 31.78
C VAL C 140 -8.40 -13.93 30.98
N LEU C 141 -7.59 -13.03 31.55
CA LEU C 141 -7.20 -11.82 30.82
C LEU C 141 -6.25 -12.13 29.67
N ASP C 142 -5.26 -12.97 29.94
CA ASP C 142 -4.30 -13.35 28.91
C ASP C 142 -5.02 -14.16 27.83
N SER C 143 -5.91 -15.04 28.25
CA SER C 143 -6.68 -15.83 27.30
C SER C 143 -7.74 -14.98 26.61
N ALA C 144 -8.02 -13.81 27.17
CA ALA C 144 -8.92 -12.86 26.54
C ALA C 144 -8.18 -12.19 25.39
N ALA C 145 -6.96 -11.76 25.69
CA ALA C 145 -6.11 -11.12 24.69
C ALA C 145 -5.70 -12.10 23.60
N GLU C 146 -5.71 -13.39 23.91
CA GLU C 146 -5.32 -14.42 22.95
C GLU C 146 -6.34 -14.62 21.80
N LYS C 147 -7.61 -14.79 22.18
CA LYS C 147 -8.71 -15.16 21.27
C LYS C 147 -9.78 -14.13 20.90
N LYS C 148 -9.52 -12.83 21.12
CA LYS C 148 -10.53 -11.81 20.86
C LYS C 148 -11.78 -11.94 21.77
N TRP C 149 -11.57 -11.63 23.05
CA TRP C 149 -12.64 -11.56 24.05
C TRP C 149 -12.81 -10.14 24.57
N GLN C 150 -14.05 -9.73 24.81
CA GLN C 150 -14.31 -8.44 25.43
C GLN C 150 -14.67 -8.75 26.86
N VAL C 151 -13.80 -8.35 27.78
CA VAL C 151 -13.94 -8.70 29.17
C VAL C 151 -13.85 -7.47 30.05
N THR C 152 -14.79 -7.36 30.97
CA THR C 152 -14.75 -6.30 31.95
C THR C 152 -14.63 -6.94 33.31
N ALA C 153 -13.57 -6.58 34.03
CA ALA C 153 -13.33 -7.17 35.33
C ALA C 153 -13.45 -6.09 36.39
N ILE C 154 -14.24 -6.39 37.41
CA ILE C 154 -14.50 -5.44 38.48
C ILE C 154 -14.10 -6.05 39.82
N ASN C 155 -13.56 -5.24 40.72
CA ASN C 155 -13.20 -5.79 42.01
C ASN C 155 -14.42 -5.67 42.92
N VAL C 156 -15.07 -6.82 43.11
CA VAL C 156 -16.28 -6.90 43.90
C VAL C 156 -15.97 -7.18 45.38
N GLY C 157 -14.75 -7.65 45.65
CA GLY C 157 -14.38 -8.06 46.99
C GLY C 157 -14.10 -6.98 48.01
N ASN C 158 -13.80 -5.77 47.53
CA ASN C 158 -13.39 -4.67 48.42
C ASN C 158 -14.48 -3.75 49.00
N ILE C 159 -15.75 -4.14 48.87
CA ILE C 159 -16.86 -3.35 49.43
C ILE C 159 -16.63 -2.96 50.89
N ASP C 165 -25.72 -2.84 50.74
CA ASP C 165 -26.99 -3.04 50.06
C ASP C 165 -27.14 -2.05 48.89
N GLU C 166 -26.85 -0.78 49.15
CA GLU C 166 -26.94 0.26 48.14
C GLU C 166 -25.89 0.11 47.04
N THR C 167 -24.68 -0.26 47.45
CA THR C 167 -23.55 -0.38 46.54
C THR C 167 -23.76 -1.48 45.50
N TYR C 168 -24.39 -2.57 45.91
CA TYR C 168 -24.72 -3.66 44.99
C TYR C 168 -25.73 -3.19 43.94
N ARG C 169 -26.77 -2.51 44.39
CA ARG C 169 -27.82 -2.02 43.51
C ARG C 169 -27.24 -1.00 42.51
N SER C 170 -26.21 -0.27 42.94
CA SER C 170 -25.48 0.58 42.01
C SER C 170 -24.67 -0.22 41.00
N LEU C 171 -24.01 -1.25 41.52
CA LEU C 171 -23.11 -2.10 40.73
C LEU C 171 -23.79 -2.85 39.59
N PHE C 172 -24.94 -3.44 39.87
CA PHE C 172 -25.63 -4.26 38.88
C PHE C 172 -26.38 -3.41 37.85
N GLN C 173 -26.65 -2.17 38.21
CA GLN C 173 -27.24 -1.21 37.26
C GLN C 173 -26.14 -0.51 36.48
N ASP C 174 -24.90 -0.70 36.92
CA ASP C 174 -23.74 -0.27 36.12
C ASP C 174 -23.40 -1.28 35.02
N LEU C 175 -23.59 -2.57 35.32
CA LEU C 175 -23.32 -3.65 34.37
C LEU C 175 -24.41 -3.77 33.29
N GLU C 176 -25.34 -2.83 33.32
CA GLU C 176 -26.41 -2.76 32.33
C GLU C 176 -26.22 -1.67 31.27
N LEU C 177 -24.99 -1.14 31.17
CA LEU C 177 -24.69 -0.19 30.12
C LEU C 177 -24.59 -0.85 28.74
N LYS C 178 -23.99 -2.04 28.68
CA LYS C 178 -23.99 -2.82 27.46
C LYS C 178 -25.07 -3.89 27.53
N LYS C 179 -25.83 -3.87 28.62
CA LYS C 179 -26.85 -4.88 28.89
C LYS C 179 -26.30 -6.31 28.79
N GLU C 180 -25.04 -6.50 29.13
CA GLU C 180 -24.42 -7.82 28.98
C GLU C 180 -25.05 -8.84 29.92
N ARG C 181 -25.36 -9.99 29.34
CA ARG C 181 -26.06 -11.06 30.04
C ARG C 181 -25.18 -12.07 30.80
N ARG C 182 -23.98 -12.32 30.30
CA ARG C 182 -23.15 -13.38 30.85
C ARG C 182 -22.09 -12.90 31.85
N VAL C 183 -22.15 -13.46 33.05
CA VAL C 183 -21.28 -13.03 34.15
C VAL C 183 -20.59 -14.20 34.85
N ILE C 184 -19.33 -14.02 35.22
CA ILE C 184 -18.59 -15.03 35.95
C ILE C 184 -18.30 -14.55 37.37
N LEU C 185 -18.38 -15.47 38.34
CA LEU C 185 -18.14 -15.09 39.73
C LEU C 185 -17.02 -15.95 40.30
N ASP C 186 -15.83 -15.38 40.42
CA ASP C 186 -14.72 -16.08 41.05
C ASP C 186 -14.54 -15.55 42.47
N CYS C 187 -15.14 -16.25 43.42
CA CYS C 187 -15.16 -15.86 44.84
C CYS C 187 -15.42 -17.07 45.72
N GLU C 188 -15.17 -16.93 47.02
CA GLU C 188 -15.56 -17.96 47.99
C GLU C 188 -17.09 -18.07 47.99
N ARG C 189 -17.61 -19.22 48.41
CA ARG C 189 -19.05 -19.50 48.33
C ARG C 189 -19.91 -18.50 49.12
N ASP C 190 -19.37 -17.95 50.19
CA ASP C 190 -20.09 -16.96 50.99
C ASP C 190 -20.39 -15.70 50.15
N LYS C 191 -19.33 -15.12 49.61
CA LYS C 191 -19.43 -13.96 48.75
C LYS C 191 -20.37 -14.28 47.59
N VAL C 192 -20.22 -15.49 47.04
CA VAL C 192 -21.10 -15.98 45.99
C VAL C 192 -22.57 -15.88 46.40
N ASN C 193 -22.91 -16.41 47.56
CA ASN C 193 -24.29 -16.34 48.05
C ASN C 193 -24.77 -14.91 48.23
N ASP C 194 -23.91 -14.04 48.74
CA ASP C 194 -24.27 -12.64 48.90
C ASP C 194 -24.65 -12.02 47.55
N ILE C 195 -23.73 -12.13 46.60
CA ILE C 195 -23.95 -11.63 45.26
C ILE C 195 -25.22 -12.23 44.63
N VAL C 196 -25.42 -13.53 44.81
CA VAL C 196 -26.62 -14.20 44.29
C VAL C 196 -27.90 -13.60 44.86
N ASP C 197 -27.96 -13.44 46.17
CA ASP C 197 -29.10 -12.79 46.80
C ASP C 197 -29.34 -11.41 46.20
N GLN C 198 -28.27 -10.64 45.99
CA GLN C 198 -28.42 -9.30 45.41
C GLN C 198 -28.95 -9.36 43.98
N VAL C 199 -28.47 -10.34 43.21
CA VAL C 199 -28.95 -10.56 41.85
C VAL C 199 -30.44 -10.91 41.81
N ILE C 200 -30.87 -11.77 42.74
CA ILE C 200 -32.27 -12.13 42.85
C ILE C 200 -33.10 -10.91 43.23
N THR C 201 -32.49 -10.03 44.02
CA THR C 201 -33.18 -8.83 44.50
C THR C 201 -33.40 -7.82 43.37
N ILE C 202 -32.36 -7.55 42.60
CA ILE C 202 -32.46 -6.64 41.46
C ILE C 202 -33.37 -7.22 40.36
N GLY C 203 -33.56 -8.53 40.36
CA GLY C 203 -34.37 -9.17 39.34
C GLY C 203 -33.65 -9.53 38.05
N LYS C 204 -32.36 -9.82 38.16
CA LYS C 204 -31.55 -10.19 37.01
C LYS C 204 -31.48 -11.71 36.85
N HIS C 205 -32.42 -12.39 37.49
CA HIS C 205 -32.53 -13.85 37.41
C HIS C 205 -33.53 -14.27 36.34
N VAL C 206 -33.99 -13.31 35.54
CA VAL C 206 -34.96 -13.58 34.47
C VAL C 206 -34.30 -14.11 33.20
N LYS C 207 -35.13 -14.45 32.22
CA LYS C 207 -34.66 -15.02 30.94
C LYS C 207 -33.62 -14.15 30.25
N GLY C 208 -32.64 -14.82 29.64
CA GLY C 208 -31.57 -14.19 28.90
C GLY C 208 -30.28 -13.97 29.69
N TYR C 209 -30.36 -13.99 31.02
CA TYR C 209 -29.17 -13.86 31.86
C TYR C 209 -28.44 -15.21 32.02
N HIS C 210 -27.11 -15.18 32.05
CA HIS C 210 -26.30 -16.38 32.23
C HIS C 210 -25.20 -16.22 33.29
N TYR C 211 -25.07 -17.20 34.18
CA TYR C 211 -24.04 -17.12 35.23
C TYR C 211 -23.09 -18.34 35.30
N ILE C 212 -21.80 -18.07 35.48
CA ILE C 212 -20.81 -19.13 35.72
C ILE C 212 -20.14 -18.99 37.10
N ILE C 213 -20.37 -19.96 37.97
CA ILE C 213 -19.76 -19.97 39.30
C ILE C 213 -18.40 -20.69 39.24
N ALA C 214 -17.36 -19.87 39.40
CA ALA C 214 -15.95 -20.19 39.24
C ALA C 214 -15.28 -20.88 40.43
N ASN C 215 -16.07 -21.48 41.30
CA ASN C 215 -15.51 -22.27 42.41
C ASN C 215 -15.90 -23.76 42.39
N LEU C 216 -15.15 -24.57 43.14
CA LEU C 216 -15.27 -26.04 43.17
C LEU C 216 -16.49 -26.48 43.99
N GLY C 217 -17.06 -25.52 44.71
CA GLY C 217 -18.21 -25.66 45.59
C GLY C 217 -19.66 -25.50 45.09
N PHE C 218 -19.96 -25.84 43.84
CA PHE C 218 -21.24 -25.44 43.23
C PHE C 218 -22.49 -25.93 43.99
N THR C 219 -22.51 -27.18 44.45
CA THR C 219 -23.70 -27.65 45.17
C THR C 219 -23.63 -27.27 46.65
N ASP C 220 -22.44 -26.85 47.10
CA ASP C 220 -22.27 -26.38 48.47
C ASP C 220 -23.16 -25.17 48.74
N GLY C 221 -23.10 -24.19 47.84
CA GLY C 221 -23.96 -23.02 47.95
C GLY C 221 -25.40 -23.37 47.61
N ASP C 222 -26.34 -22.61 48.14
CA ASP C 222 -27.75 -22.93 47.97
C ASP C 222 -28.25 -22.52 46.59
N LEU C 223 -28.65 -23.51 45.79
CA LEU C 223 -29.14 -23.23 44.45
C LEU C 223 -30.64 -23.27 44.44
N LEU C 224 -31.20 -23.79 45.54
CA LEU C 224 -32.64 -23.91 45.70
C LEU C 224 -33.28 -22.53 45.68
N LYS C 225 -32.47 -21.53 46.00
CA LYS C 225 -32.96 -20.17 46.14
C LYS C 225 -32.96 -19.46 44.79
N ILE C 226 -32.15 -19.93 43.86
CA ILE C 226 -32.15 -19.36 42.51
C ILE C 226 -32.91 -20.30 41.58
N GLN C 227 -33.13 -21.53 42.03
CA GLN C 227 -33.93 -22.50 41.28
C GLN C 227 -35.32 -21.89 41.14
N PHE C 228 -36.03 -22.23 40.05
CA PHE C 228 -37.35 -21.66 39.73
C PHE C 228 -37.15 -20.23 39.19
N GLY C 229 -35.92 -19.74 39.21
CA GLY C 229 -35.62 -18.39 38.78
C GLY C 229 -35.62 -18.19 37.27
N GLY C 230 -35.12 -19.18 36.52
CA GLY C 230 -35.22 -19.14 35.07
C GLY C 230 -33.94 -18.88 34.29
N ALA C 231 -33.11 -17.96 34.79
CA ALA C 231 -31.81 -17.68 34.19
C ALA C 231 -30.88 -18.86 34.45
N GLU C 232 -30.06 -19.23 33.47
CA GLU C 232 -29.23 -20.43 33.63
C GLU C 232 -27.92 -20.21 34.38
N VAL C 233 -27.61 -21.14 35.28
CA VAL C 233 -26.40 -21.09 36.09
C VAL C 233 -25.60 -22.39 35.96
N SER C 234 -24.31 -22.24 35.63
CA SER C 234 -23.40 -23.39 35.52
C SER C 234 -22.19 -23.20 36.42
N GLY C 235 -21.61 -24.31 36.88
CA GLY C 235 -20.47 -24.26 37.77
C GLY C 235 -19.67 -25.56 37.82
N PHE C 236 -18.81 -25.67 38.82
CA PHE C 236 -17.91 -26.81 38.93
C PHE C 236 -18.09 -27.57 40.24
N GLN C 237 -18.06 -28.90 40.15
CA GLN C 237 -18.13 -29.75 41.33
C GLN C 237 -16.99 -30.79 41.35
N ILE C 238 -16.30 -30.88 42.49
CA ILE C 238 -15.15 -31.75 42.62
C ILE C 238 -15.50 -33.06 43.34
N VAL C 239 -16.66 -33.11 43.97
CA VAL C 239 -17.09 -34.33 44.66
C VAL C 239 -18.42 -34.86 44.12
N ASP C 240 -18.35 -35.94 43.36
CA ASP C 240 -19.55 -36.58 42.83
C ASP C 240 -20.24 -37.43 43.91
N TYR C 241 -21.50 -37.13 44.20
CA TYR C 241 -22.25 -37.87 45.21
C TYR C 241 -22.76 -39.21 44.70
N ASP C 242 -22.45 -39.51 43.45
CA ASP C 242 -22.83 -40.76 42.80
C ASP C 242 -21.72 -41.82 42.86
N ASP C 243 -20.83 -41.65 43.85
CA ASP C 243 -19.70 -42.54 44.04
C ASP C 243 -19.94 -43.40 45.28
N SER C 244 -19.40 -44.61 45.28
CA SER C 244 -19.56 -45.55 46.39
C SER C 244 -18.84 -45.06 47.64
N LEU C 245 -17.65 -44.49 47.44
CA LEU C 245 -16.87 -43.94 48.53
C LEU C 245 -17.60 -42.74 49.13
N VAL C 246 -18.04 -41.83 48.27
CA VAL C 246 -18.75 -40.65 48.69
C VAL C 246 -20.08 -41.00 49.36
N SER C 247 -20.73 -42.07 48.90
CA SER C 247 -22.03 -42.46 49.46
C SER C 247 -21.87 -43.17 50.81
N LYS C 248 -20.75 -43.89 50.97
CA LYS C 248 -20.43 -44.54 52.24
C LYS C 248 -20.12 -43.45 53.27
N PHE C 249 -19.30 -42.50 52.84
CA PHE C 249 -19.00 -41.31 53.63
C PHE C 249 -20.31 -40.62 53.99
N ILE C 250 -21.24 -40.55 53.04
CA ILE C 250 -22.52 -39.89 53.26
C ILE C 250 -23.37 -40.65 54.29
N GLU C 251 -23.28 -41.97 54.29
CA GLU C 251 -23.93 -42.75 55.33
C GLU C 251 -23.36 -42.35 56.70
N ARG C 252 -22.04 -42.29 56.78
CA ARG C 252 -21.36 -41.86 58.02
C ARG C 252 -21.78 -40.45 58.44
N TRP C 253 -21.88 -39.56 57.46
CA TRP C 253 -22.10 -38.15 57.66
C TRP C 253 -23.56 -37.88 58.05
N SER C 254 -24.46 -38.74 57.60
CA SER C 254 -25.87 -38.60 57.93
C SER C 254 -26.12 -39.26 59.30
N THR C 255 -25.22 -40.16 59.67
CA THR C 255 -25.27 -40.78 60.99
C THR C 255 -24.82 -39.80 62.09
N LEU C 256 -23.81 -39.01 61.77
CA LEU C 256 -23.15 -38.14 62.73
C LEU C 256 -24.10 -37.14 63.40
N GLU C 257 -23.80 -36.79 64.64
CA GLU C 257 -24.58 -35.81 65.40
C GLU C 257 -24.10 -34.39 65.12
N GLU C 258 -25.04 -33.47 64.92
CA GLU C 258 -24.70 -32.07 64.65
C GLU C 258 -24.24 -31.37 65.93
N LYS C 259 -24.47 -32.01 67.07
CA LYS C 259 -24.09 -31.44 68.36
C LYS C 259 -22.60 -31.60 68.61
N GLU C 260 -22.00 -32.56 67.93
CA GLU C 260 -20.57 -32.86 68.05
C GLU C 260 -19.79 -32.14 66.96
N TYR C 261 -20.13 -32.43 65.72
CA TYR C 261 -19.48 -31.83 64.56
C TYR C 261 -20.45 -30.92 63.82
N PRO C 262 -20.23 -29.59 63.91
CA PRO C 262 -21.06 -28.60 63.22
C PRO C 262 -21.14 -28.84 61.70
N GLY C 263 -22.35 -28.76 61.16
CA GLY C 263 -22.59 -28.86 59.74
C GLY C 263 -22.39 -30.26 59.21
N ALA C 264 -22.33 -31.22 60.12
CA ALA C 264 -22.05 -32.59 59.73
C ALA C 264 -23.28 -33.47 59.62
N HIS C 265 -24.45 -33.00 60.04
CA HIS C 265 -25.64 -33.84 59.98
C HIS C 265 -26.22 -33.90 58.56
N THR C 266 -25.87 -32.90 57.75
CA THR C 266 -26.38 -32.77 56.38
C THR C 266 -25.97 -33.93 55.46
N ALA C 267 -26.71 -34.07 54.36
CA ALA C 267 -26.44 -35.12 53.37
C ALA C 267 -25.33 -34.69 52.42
N THR C 268 -25.21 -33.38 52.22
CA THR C 268 -24.17 -32.82 51.38
C THR C 268 -23.03 -32.23 52.22
N ILE C 269 -21.84 -32.16 51.64
CA ILE C 269 -20.66 -31.64 52.33
C ILE C 269 -19.88 -30.71 51.41
N LYS C 270 -19.34 -29.64 51.99
CA LYS C 270 -18.59 -28.64 51.22
C LYS C 270 -17.28 -29.25 50.71
N TYR C 271 -16.80 -28.76 49.58
CA TYR C 271 -15.62 -29.33 48.95
C TYR C 271 -14.38 -29.13 49.81
N THR C 272 -14.34 -28.02 50.54
CA THR C 272 -13.21 -27.72 51.42
C THR C 272 -13.04 -28.77 52.52
N SER C 273 -14.15 -29.09 53.18
CA SER C 273 -14.16 -30.12 54.22
C SER C 273 -13.67 -31.45 53.66
N ALA C 274 -14.21 -31.83 52.51
CA ALA C 274 -13.77 -33.01 51.78
C ALA C 274 -12.25 -32.99 51.57
N LEU C 275 -11.73 -31.83 51.18
CA LEU C 275 -10.29 -31.66 50.96
C LEU C 275 -9.51 -31.87 52.25
N THR C 276 -10.07 -31.44 53.38
CA THR C 276 -9.44 -31.66 54.68
C THR C 276 -9.36 -33.14 55.04
N TYR C 277 -10.51 -33.81 54.99
CA TYR C 277 -10.60 -35.26 55.18
C TYR C 277 -9.57 -36.03 54.32
N ASP C 278 -9.55 -35.69 53.03
CA ASP C 278 -8.61 -36.31 52.12
C ASP C 278 -7.17 -35.95 52.47
N ALA C 279 -6.99 -34.77 53.08
CA ALA C 279 -5.66 -34.32 53.46
C ALA C 279 -5.09 -35.11 54.63
N VAL C 280 -5.91 -35.39 55.64
CA VAL C 280 -5.43 -36.23 56.72
C VAL C 280 -5.24 -37.65 56.22
N GLN C 281 -6.07 -38.08 55.27
CA GLN C 281 -5.82 -39.37 54.63
C GLN C 281 -4.43 -39.42 54.00
N VAL C 282 -4.10 -38.38 53.25
CA VAL C 282 -2.82 -38.27 52.57
C VAL C 282 -1.66 -38.27 53.56
N MET C 283 -1.78 -37.50 54.64
CA MET C 283 -0.74 -37.47 55.66
C MET C 283 -0.51 -38.85 56.29
N THR C 284 -1.62 -39.50 56.65
CA THR C 284 -1.56 -40.82 57.27
C THR C 284 -0.89 -41.84 56.37
N GLU C 285 -1.30 -41.86 55.10
CA GLU C 285 -0.74 -42.81 54.15
C GLU C 285 0.71 -42.47 53.79
N ALA C 286 1.08 -41.20 53.95
CA ALA C 286 2.44 -40.77 53.67
C ALA C 286 3.39 -41.22 54.77
N PHE C 287 2.98 -41.04 56.03
CA PHE C 287 3.78 -41.51 57.14
C PHE C 287 3.85 -43.04 57.16
N ARG C 288 2.71 -43.68 56.92
CA ARG C 288 2.66 -45.13 56.79
C ARG C 288 3.60 -45.63 55.69
N ASN C 289 3.62 -44.91 54.57
CA ASN C 289 4.48 -45.26 53.44
C ASN C 289 5.94 -44.96 53.75
N LEU C 290 6.17 -44.10 54.74
CA LEU C 290 7.52 -43.79 55.18
C LEU C 290 7.99 -44.88 56.14
N ARG C 291 7.04 -45.50 56.82
CA ARG C 291 7.34 -46.59 57.73
C ARG C 291 7.60 -47.88 56.94
N LYS C 292 6.86 -48.05 55.85
CA LYS C 292 7.13 -49.17 54.93
C LYS C 292 8.54 -49.09 54.35
N GLN C 293 9.05 -47.87 54.20
CA GLN C 293 10.40 -47.64 53.70
C GLN C 293 11.41 -47.72 54.84
N ARG C 294 10.89 -47.79 56.07
CA ARG C 294 11.69 -47.89 57.28
C ARG C 294 12.77 -46.81 57.39
N ILE C 295 12.41 -45.59 57.02
CA ILE C 295 13.26 -44.43 57.31
C ILE C 295 12.88 -43.89 58.69
N GLU C 296 13.83 -43.29 59.40
CA GLU C 296 13.56 -42.78 60.73
C GLU C 296 12.80 -41.45 60.68
N ILE C 297 11.65 -41.43 61.33
CA ILE C 297 10.73 -40.29 61.26
C ILE C 297 10.98 -39.20 62.29
N SER C 298 11.53 -39.56 63.43
CA SER C 298 11.51 -38.65 64.57
C SER C 298 12.81 -37.90 64.74
N ARG C 299 12.68 -36.59 64.94
CA ARG C 299 13.81 -35.71 65.16
C ARG C 299 14.44 -36.13 66.49
N ARG C 300 15.73 -35.88 66.68
CA ARG C 300 16.40 -36.37 67.87
C ARG C 300 16.28 -35.49 69.12
N GLY C 301 16.46 -34.19 68.96
CA GLY C 301 16.40 -33.29 70.09
C GLY C 301 15.22 -32.34 70.05
N ASN C 302 15.26 -31.31 70.88
CA ASN C 302 14.21 -30.30 70.87
C ASN C 302 14.22 -29.70 69.48
N ALA C 303 13.06 -29.30 68.97
CA ALA C 303 13.01 -28.77 67.61
C ALA C 303 13.79 -27.47 67.50
N GLY C 304 13.82 -26.71 68.59
CA GLY C 304 14.53 -25.44 68.55
C GLY C 304 13.61 -24.26 68.35
N ASP C 305 14.23 -23.10 68.12
CA ASP C 305 13.51 -21.85 67.94
C ASP C 305 13.44 -21.57 66.44
N CYS C 306 12.25 -21.25 65.96
CA CYS C 306 12.01 -21.03 64.53
C CYS C 306 12.81 -19.84 64.04
N LEU C 307 13.03 -18.87 64.92
CA LEU C 307 13.76 -17.65 64.57
C LEU C 307 15.27 -17.78 64.81
N ALA C 308 15.74 -19.00 65.04
CA ALA C 308 17.16 -19.25 65.30
C ALA C 308 18.04 -18.71 64.17
N ASN C 309 19.11 -18.03 64.55
CA ASN C 309 20.04 -17.44 63.60
C ASN C 309 21.45 -18.02 63.73
N PRO C 310 21.94 -18.68 62.66
CA PRO C 310 21.21 -19.01 61.43
C PRO C 310 20.27 -20.19 61.61
N ALA C 311 19.23 -20.29 60.76
CA ALA C 311 18.17 -21.26 60.96
C ALA C 311 18.65 -22.68 60.63
N VAL C 312 18.30 -23.61 61.51
CA VAL C 312 18.70 -25.00 61.31
C VAL C 312 17.55 -25.83 60.72
N PRO C 313 17.64 -26.16 59.43
CA PRO C 313 16.65 -27.06 58.84
C PRO C 313 16.93 -28.52 59.18
N TRP C 314 15.96 -29.22 59.74
CA TRP C 314 16.13 -30.64 60.01
C TRP C 314 16.02 -31.41 58.69
N GLY C 315 16.97 -32.30 58.45
CA GLY C 315 17.07 -32.96 57.17
C GLY C 315 15.92 -33.92 56.90
N GLN C 316 15.48 -34.61 57.96
CA GLN C 316 14.41 -35.60 57.85
C GLN C 316 13.14 -34.98 57.26
N GLY C 317 12.96 -33.69 57.50
CA GLY C 317 11.84 -32.94 56.95
C GLY C 317 11.72 -33.10 55.45
N VAL C 318 12.85 -33.09 54.77
CA VAL C 318 12.85 -33.24 53.31
C VAL C 318 12.20 -34.57 52.95
N GLU C 319 12.56 -35.61 53.69
CA GLU C 319 12.07 -36.95 53.41
C GLU C 319 10.57 -37.04 53.68
N ILE C 320 10.09 -36.13 54.53
CA ILE C 320 8.66 -36.03 54.77
C ILE C 320 7.99 -35.44 53.54
N GLU C 321 8.54 -34.32 53.07
CA GLU C 321 7.99 -33.59 51.93
C GLU C 321 7.82 -34.50 50.72
N ARG C 322 8.83 -35.31 50.46
CA ARG C 322 8.80 -36.26 49.37
C ARG C 322 7.69 -37.29 49.58
N ALA C 323 7.62 -37.82 50.80
CA ALA C 323 6.63 -38.84 51.14
C ALA C 323 5.24 -38.34 50.82
N LEU C 324 4.87 -37.20 51.41
CA LEU C 324 3.60 -36.55 51.12
C LEU C 324 3.40 -36.36 49.62
N LYS C 325 4.47 -36.03 48.91
CA LYS C 325 4.37 -35.80 47.47
C LYS C 325 4.18 -37.11 46.70
N GLN C 326 4.77 -38.19 47.21
CA GLN C 326 4.80 -39.45 46.46
C GLN C 326 3.62 -40.38 46.78
N VAL C 327 2.91 -40.08 47.85
CA VAL C 327 1.78 -40.91 48.25
C VAL C 327 0.54 -40.67 47.36
N GLN C 328 -0.14 -41.75 47.01
CA GLN C 328 -1.35 -41.68 46.19
C GLN C 328 -2.50 -42.42 46.88
N VAL C 329 -3.67 -41.80 46.91
CA VAL C 329 -4.86 -42.41 47.53
C VAL C 329 -6.16 -42.03 46.85
N GLU C 330 -7.23 -42.76 47.17
CA GLU C 330 -8.55 -42.46 46.65
C GLU C 330 -9.38 -41.71 47.69
N GLY C 331 -9.73 -40.46 47.37
CA GLY C 331 -10.50 -39.65 48.29
C GLY C 331 -11.85 -39.24 47.73
N LEU C 332 -12.46 -38.23 48.35
CA LEU C 332 -13.72 -37.68 47.88
C LEU C 332 -13.54 -36.88 46.60
N SER C 333 -12.30 -36.45 46.35
CA SER C 333 -12.01 -35.62 45.19
C SER C 333 -11.87 -36.40 43.91
N GLY C 334 -11.40 -37.64 44.02
CA GLY C 334 -11.07 -38.42 42.82
C GLY C 334 -9.76 -39.14 43.06
N ASN C 335 -8.98 -39.26 41.99
CA ASN C 335 -7.63 -39.77 42.12
C ASN C 335 -6.76 -38.66 42.69
N ILE C 336 -6.18 -38.92 43.86
CA ILE C 336 -5.33 -37.93 44.51
C ILE C 336 -3.86 -38.25 44.23
N LYS C 337 -3.24 -37.45 43.37
CA LYS C 337 -1.84 -37.63 43.04
C LYS C 337 -1.16 -36.27 42.90
N PHE C 338 0.07 -36.17 43.38
CA PHE C 338 0.77 -34.90 43.37
C PHE C 338 2.03 -34.96 42.50
N ASP C 339 2.40 -33.80 41.95
CA ASP C 339 3.64 -33.66 41.19
C ASP C 339 4.74 -33.14 42.10
N GLN C 340 5.79 -32.60 41.48
CA GLN C 340 6.96 -32.18 42.22
C GLN C 340 6.73 -30.89 43.00
N ASN C 341 5.72 -30.12 42.59
CA ASN C 341 5.47 -28.84 43.25
C ASN C 341 4.30 -28.87 44.23
N GLY C 342 3.55 -29.96 44.24
CA GLY C 342 2.47 -30.14 45.18
C GLY C 342 1.10 -29.96 44.56
N LYS C 343 1.05 -29.79 43.24
CA LYS C 343 -0.21 -29.63 42.53
C LYS C 343 -0.89 -30.98 42.28
N ARG C 344 -2.22 -30.95 42.15
CA ARG C 344 -2.97 -32.14 41.78
C ARG C 344 -2.76 -32.47 40.31
N ILE C 345 -2.69 -33.76 40.00
CA ILE C 345 -2.53 -34.21 38.61
C ILE C 345 -3.48 -35.35 38.28
N ASN C 346 -3.88 -35.44 37.00
CA ASN C 346 -4.84 -36.44 36.53
C ASN C 346 -6.07 -36.56 37.43
N TYR C 347 -6.82 -35.46 37.55
CA TYR C 347 -7.95 -35.38 38.45
C TYR C 347 -9.25 -35.14 37.68
N THR C 348 -10.38 -35.36 38.36
CA THR C 348 -11.67 -35.26 37.73
C THR C 348 -12.46 -34.05 38.21
N ILE C 349 -12.70 -33.11 37.30
CA ILE C 349 -13.57 -31.97 37.60
C ILE C 349 -14.87 -32.07 36.84
N ASN C 350 -15.95 -32.30 37.60
CA ASN C 350 -17.30 -32.41 37.05
C ASN C 350 -17.92 -31.07 36.72
N ILE C 351 -18.25 -30.86 35.46
CA ILE C 351 -18.93 -29.66 35.01
C ILE C 351 -20.43 -29.83 35.22
N MET C 352 -21.02 -28.91 35.98
CA MET C 352 -22.42 -28.98 36.39
C MET C 352 -23.26 -27.84 35.81
N GLU C 353 -24.41 -28.17 35.25
CA GLU C 353 -25.42 -27.16 34.90
C GLU C 353 -26.61 -27.23 35.84
N LEU C 354 -27.34 -26.12 35.98
CA LEU C 354 -28.46 -26.09 36.90
C LEU C 354 -29.80 -26.01 36.16
N LYS C 355 -30.50 -27.13 36.16
CA LYS C 355 -31.84 -27.26 35.56
C LYS C 355 -32.95 -27.07 36.59
N THR C 356 -34.15 -27.48 36.25
CA THR C 356 -35.32 -27.31 37.11
C THR C 356 -35.44 -28.45 38.13
N ASN C 357 -34.83 -29.59 37.82
CA ASN C 357 -34.90 -30.78 38.67
C ASN C 357 -33.67 -30.90 39.55
N GLY C 358 -32.97 -29.79 39.75
CA GLY C 358 -31.76 -29.78 40.55
C GLY C 358 -30.53 -29.78 39.67
N PRO C 359 -29.37 -29.55 40.27
CA PRO C 359 -28.13 -29.51 39.50
C PRO C 359 -27.75 -30.87 38.88
N ARG C 360 -27.24 -30.83 37.65
CA ARG C 360 -26.89 -32.04 36.91
C ARG C 360 -25.46 -31.97 36.40
N LYS C 361 -24.86 -33.14 36.23
CA LYS C 361 -23.49 -33.28 35.72
C LYS C 361 -23.47 -33.33 34.19
N ILE C 362 -23.09 -32.21 33.56
CA ILE C 362 -22.96 -32.15 32.11
C ILE C 362 -21.60 -32.65 31.57
N GLY C 363 -20.50 -32.42 32.29
CA GLY C 363 -19.20 -32.84 31.74
C GLY C 363 -18.00 -33.00 32.65
N TYR C 364 -16.79 -33.04 32.08
CA TYR C 364 -15.56 -33.07 32.88
C TYR C 364 -14.27 -32.55 32.23
N TRP C 365 -13.25 -32.32 33.07
CA TRP C 365 -11.95 -31.83 32.57
C TRP C 365 -10.74 -32.56 33.18
N SER C 366 -9.87 -33.09 32.32
CA SER C 366 -8.60 -33.70 32.74
C SER C 366 -7.38 -33.01 32.16
N GLU C 367 -6.22 -33.20 32.81
CA GLU C 367 -4.98 -32.56 32.37
C GLU C 367 -4.49 -33.09 31.03
N VAL C 368 -4.73 -34.37 30.77
CA VAL C 368 -4.23 -35.00 29.55
C VAL C 368 -5.32 -35.10 28.47
N ASP C 369 -6.57 -35.09 28.89
CA ASP C 369 -7.72 -35.14 27.98
C ASP C 369 -8.10 -33.76 27.43
N LYS C 370 -7.67 -32.72 28.14
CA LYS C 370 -8.16 -31.36 27.95
C LYS C 370 -9.67 -31.34 28.18
N MET C 371 -10.39 -30.53 27.41
CA MET C 371 -11.85 -30.40 27.60
C MET C 371 -12.61 -31.64 27.20
N VAL C 372 -13.45 -32.17 28.09
CA VAL C 372 -14.28 -33.30 27.68
C VAL C 372 -15.73 -33.09 28.12
N VAL C 373 -16.62 -32.88 27.16
CA VAL C 373 -18.03 -32.67 27.46
C VAL C 373 -18.83 -33.90 27.02
N THR C 374 -19.77 -34.32 27.86
CA THR C 374 -20.58 -35.50 27.53
C THR C 374 -21.63 -35.21 26.46
N LEU C 375 -22.40 -34.16 26.67
CA LEU C 375 -23.49 -33.75 25.79
C LEU C 375 -24.58 -34.81 25.70
N THR C 376 -24.67 -35.68 26.70
CA THR C 376 -25.70 -36.70 26.71
C THR C 376 -27.03 -36.14 27.18
N GLU C 377 -28.10 -36.53 26.50
CA GLU C 377 -29.49 -36.14 26.78
C GLU C 377 -29.67 -34.92 27.69
N GLN C 385 -42.68 -27.02 26.60
CA GLN C 385 -43.32 -26.34 25.48
C GLN C 385 -43.60 -24.88 25.80
N LYS C 386 -42.54 -24.07 25.79
CA LYS C 386 -42.65 -22.63 26.07
C LYS C 386 -42.92 -21.88 24.78
N THR C 387 -43.09 -20.56 24.88
CA THR C 387 -43.37 -19.79 23.67
C THR C 387 -42.19 -18.88 23.32
N VAL C 388 -41.90 -18.84 22.03
CA VAL C 388 -40.81 -18.07 21.45
C VAL C 388 -41.22 -16.63 21.16
N VAL C 389 -40.47 -15.67 21.67
CA VAL C 389 -40.74 -14.27 21.36
C VAL C 389 -40.07 -13.87 20.05
N VAL C 390 -40.87 -13.56 19.04
CA VAL C 390 -40.35 -13.15 17.75
C VAL C 390 -40.39 -11.63 17.61
N THR C 391 -39.26 -11.03 17.25
CA THR C 391 -39.20 -9.60 17.01
C THR C 391 -39.24 -9.31 15.52
N THR C 392 -40.01 -8.31 15.14
CA THR C 392 -40.17 -7.96 13.74
C THR C 392 -40.41 -6.47 13.59
N ILE C 393 -40.64 -6.03 12.36
CA ILE C 393 -40.79 -4.61 12.08
C ILE C 393 -42.01 -4.36 11.20
N LEU C 394 -42.60 -3.17 11.35
CA LEU C 394 -43.87 -2.76 10.73
C LEU C 394 -43.74 -2.30 9.28
N GLU C 395 -42.71 -2.80 8.61
CA GLU C 395 -42.46 -2.51 7.21
C GLU C 395 -43.33 -3.34 6.25
N SER C 396 -44.19 -2.65 5.50
CA SER C 396 -45.08 -3.26 4.51
C SER C 396 -44.35 -3.69 3.23
N PRO C 397 -44.77 -4.81 2.61
CA PRO C 397 -45.88 -5.65 3.08
C PRO C 397 -45.39 -6.85 3.87
N TYR C 398 -44.29 -6.71 4.62
CA TYR C 398 -43.75 -7.82 5.39
C TYR C 398 -44.58 -8.08 6.64
N VAL C 399 -44.81 -7.01 7.40
CA VAL C 399 -45.66 -7.03 8.58
C VAL C 399 -46.53 -5.79 8.57
N MET C 400 -47.85 -5.99 8.58
CA MET C 400 -48.80 -4.88 8.49
C MET C 400 -49.89 -5.06 9.53
N MET C 401 -50.48 -3.96 9.98
CA MET C 401 -51.63 -4.02 10.87
C MET C 401 -52.87 -4.34 10.06
N LYS C 402 -53.62 -5.35 10.50
CA LYS C 402 -54.88 -5.68 9.85
C LYS C 402 -55.83 -4.50 9.99
N LYS C 403 -56.78 -4.42 9.07
CA LYS C 403 -57.73 -3.31 9.04
C LYS C 403 -58.47 -3.22 10.36
N ASN C 404 -58.83 -4.39 10.88
CA ASN C 404 -59.59 -4.54 12.13
C ASN C 404 -58.70 -4.89 13.33
N HIS C 405 -57.41 -4.55 13.28
CA HIS C 405 -56.46 -4.86 14.36
C HIS C 405 -56.97 -4.40 15.72
N GLU C 406 -57.74 -3.31 15.74
CA GLU C 406 -58.31 -2.81 16.98
C GLU C 406 -59.31 -3.81 17.55
N MET C 407 -60.04 -4.50 16.66
CA MET C 407 -61.04 -5.46 17.10
C MET C 407 -60.42 -6.85 17.31
N LEU C 408 -59.10 -6.95 17.11
CA LEU C 408 -58.41 -8.22 17.25
C LEU C 408 -57.34 -8.17 18.35
N GLU C 409 -56.77 -9.32 18.66
CA GLU C 409 -55.76 -9.40 19.72
C GLU C 409 -54.72 -10.48 19.38
N GLY C 410 -53.62 -10.49 20.13
CA GLY C 410 -52.54 -11.42 19.89
C GLY C 410 -51.88 -11.28 18.54
N ASN C 411 -51.48 -12.41 17.97
CA ASN C 411 -50.79 -12.40 16.68
C ASN C 411 -51.77 -12.42 15.51
N GLU C 412 -53.04 -12.14 15.81
CA GLU C 412 -54.02 -12.00 14.75
C GLU C 412 -54.08 -10.55 14.29
N ARG C 413 -53.38 -9.68 15.01
CA ARG C 413 -53.34 -8.26 14.68
C ARG C 413 -52.56 -8.01 13.41
N TYR C 414 -51.65 -8.93 13.11
CA TYR C 414 -50.70 -8.72 12.02
C TYR C 414 -50.94 -9.61 10.81
N GLU C 415 -50.56 -9.11 9.65
CA GLU C 415 -50.58 -9.88 8.41
C GLU C 415 -49.40 -9.44 7.55
N GLY C 416 -48.99 -10.29 6.62
CA GLY C 416 -47.87 -9.97 5.76
C GLY C 416 -47.03 -11.18 5.40
N TYR C 417 -46.02 -10.95 4.58
CA TYR C 417 -45.07 -11.99 4.15
C TYR C 417 -44.39 -12.65 5.34
N CYS C 418 -43.90 -11.81 6.26
CA CYS C 418 -43.14 -12.28 7.40
C CYS C 418 -43.99 -12.95 8.47
N VAL C 419 -45.29 -12.63 8.49
CA VAL C 419 -46.23 -13.29 9.41
C VAL C 419 -46.46 -14.73 8.97
N ASP C 420 -46.72 -14.90 7.68
CA ASP C 420 -46.93 -16.22 7.10
C ASP C 420 -45.64 -17.02 7.20
N LEU C 421 -44.52 -16.34 6.97
CA LEU C 421 -43.21 -16.96 7.08
C LEU C 421 -42.96 -17.41 8.52
N ALA C 422 -43.36 -16.59 9.48
CA ALA C 422 -43.27 -16.94 10.89
C ALA C 422 -44.11 -18.19 11.20
N ALA C 423 -45.31 -18.24 10.62
CA ALA C 423 -46.18 -19.40 10.79
C ALA C 423 -45.54 -20.66 10.24
N GLU C 424 -44.93 -20.57 9.05
CA GLU C 424 -44.30 -21.72 8.42
C GLU C 424 -43.06 -22.18 9.19
N ILE C 425 -42.23 -21.24 9.62
CA ILE C 425 -41.05 -21.57 10.42
C ILE C 425 -41.49 -22.25 11.69
N ALA C 426 -42.55 -21.73 12.31
CA ALA C 426 -43.14 -22.36 13.48
C ALA C 426 -43.57 -23.79 13.17
N LYS C 427 -44.16 -23.99 11.99
CA LYS C 427 -44.57 -25.31 11.55
C LYS C 427 -43.40 -26.29 11.52
N HIS C 428 -42.37 -25.95 10.74
CA HIS C 428 -41.28 -26.89 10.50
C HIS C 428 -40.29 -26.99 11.66
N CYS C 429 -40.38 -26.06 12.60
CA CYS C 429 -39.53 -26.13 13.79
C CYS C 429 -40.28 -26.59 15.04
N GLY C 430 -41.60 -26.56 14.99
CA GLY C 430 -42.43 -27.05 16.07
C GLY C 430 -42.44 -26.24 17.35
N PHE C 431 -42.70 -24.94 17.25
CA PHE C 431 -42.81 -24.09 18.44
C PHE C 431 -43.98 -23.11 18.39
N LYS C 432 -44.42 -22.66 19.56
CA LYS C 432 -45.39 -21.58 19.67
C LYS C 432 -44.65 -20.25 19.59
N TYR C 433 -45.28 -19.21 19.05
CA TYR C 433 -44.60 -17.94 18.94
C TYR C 433 -45.49 -16.74 19.26
N LYS C 434 -44.85 -15.65 19.67
CA LYS C 434 -45.52 -14.41 19.99
C LYS C 434 -44.87 -13.28 19.19
N LEU C 435 -45.62 -12.72 18.25
CA LEU C 435 -45.09 -11.65 17.41
C LEU C 435 -45.07 -10.32 18.16
N THR C 436 -43.93 -9.65 18.10
CA THR C 436 -43.74 -8.35 18.74
C THR C 436 -43.05 -7.39 17.79
N ILE C 437 -43.42 -6.12 17.86
CA ILE C 437 -42.81 -5.10 17.02
C ILE C 437 -41.63 -4.50 17.77
N VAL C 438 -40.48 -4.43 17.11
CA VAL C 438 -39.27 -3.87 17.71
C VAL C 438 -39.54 -2.51 18.34
N GLY C 439 -39.10 -2.38 19.60
CA GLY C 439 -39.36 -1.21 20.41
C GLY C 439 -39.07 0.13 19.76
N ASP C 440 -37.85 0.27 19.23
CA ASP C 440 -37.42 1.55 18.68
C ASP C 440 -37.64 1.65 17.17
N GLY C 441 -38.29 0.64 16.60
CA GLY C 441 -38.64 0.67 15.19
C GLY C 441 -37.45 0.70 14.24
N LYS C 442 -36.31 0.21 14.71
CA LYS C 442 -35.08 0.20 13.92
C LYS C 442 -34.67 -1.23 13.56
N TYR C 443 -33.82 -1.40 12.53
CA TYR C 443 -33.42 -2.74 12.11
C TYR C 443 -32.32 -3.26 13.03
N GLY C 444 -31.16 -2.60 12.95
CA GLY C 444 -30.15 -2.66 13.97
C GLY C 444 -28.83 -2.10 13.49
N ALA C 445 -28.15 -1.40 14.39
CA ALA C 445 -26.80 -0.88 14.15
C ALA C 445 -26.14 -0.52 15.47
N ARG C 446 -24.83 -0.30 15.45
CA ARG C 446 -24.17 0.16 16.66
C ARG C 446 -23.88 1.66 16.51
N ASP C 447 -24.23 2.44 17.52
CA ASP C 447 -23.89 3.85 17.51
C ASP C 447 -22.38 3.86 17.59
N ALA C 448 -21.72 4.74 16.83
CA ALA C 448 -20.26 4.69 16.78
C ALA C 448 -19.60 5.22 18.04
N ASP C 449 -20.41 5.69 18.97
CA ASP C 449 -19.90 6.20 20.23
C ASP C 449 -20.17 5.19 21.34
N THR C 450 -21.45 4.89 21.55
CA THR C 450 -21.89 3.97 22.60
C THR C 450 -21.61 2.50 22.26
N LYS C 451 -21.57 2.19 20.96
CA LYS C 451 -21.31 0.85 20.44
C LYS C 451 -22.37 -0.14 20.96
N ILE C 452 -23.56 0.39 21.21
CA ILE C 452 -24.72 -0.40 21.61
C ILE C 452 -25.60 -0.74 20.40
N TRP C 453 -26.08 -1.98 20.33
CA TRP C 453 -26.94 -2.35 19.20
C TRP C 453 -28.37 -1.90 19.45
N ASN C 454 -28.97 -1.29 18.43
CA ASN C 454 -30.38 -0.90 18.50
C ASN C 454 -31.23 -1.86 17.66
N GLY C 455 -32.52 -1.60 17.61
CA GLY C 455 -33.41 -2.36 16.74
C GLY C 455 -33.56 -3.84 17.06
N MET C 456 -33.94 -4.61 16.04
CA MET C 456 -34.21 -6.03 16.21
C MET C 456 -32.96 -6.80 16.60
N VAL C 457 -31.83 -6.44 16.00
CA VAL C 457 -30.55 -7.05 16.33
C VAL C 457 -30.25 -6.78 17.79
N GLY C 458 -30.53 -5.57 18.22
CA GLY C 458 -30.37 -5.18 19.62
C GLY C 458 -31.23 -6.03 20.53
N GLU C 459 -32.47 -6.26 20.12
CA GLU C 459 -33.39 -7.09 20.90
C GLU C 459 -32.93 -8.53 20.97
N LEU C 460 -32.25 -9.00 19.92
CA LEU C 460 -31.71 -10.36 19.92
C LEU C 460 -30.48 -10.48 20.82
N VAL C 461 -29.51 -9.59 20.62
CA VAL C 461 -28.25 -9.62 21.34
C VAL C 461 -28.43 -9.46 22.84
N TYR C 462 -29.36 -8.60 23.23
CA TYR C 462 -29.56 -8.28 24.63
C TYR C 462 -30.69 -9.12 25.24
N GLY C 463 -31.18 -10.07 24.46
CA GLY C 463 -32.09 -11.09 24.96
C GLY C 463 -33.53 -10.66 25.17
N LYS C 464 -33.93 -9.58 24.52
CA LYS C 464 -35.30 -9.08 24.63
C LYS C 464 -36.24 -9.89 23.75
N ALA C 465 -35.68 -10.57 22.76
CA ALA C 465 -36.45 -11.43 21.87
C ALA C 465 -35.71 -12.74 21.58
N ASP C 466 -36.45 -13.78 21.19
CA ASP C 466 -35.86 -15.10 20.97
C ASP C 466 -35.42 -15.32 19.52
N ILE C 467 -36.06 -14.62 18.59
CA ILE C 467 -35.72 -14.74 17.17
C ILE C 467 -36.24 -13.51 16.42
N ALA C 468 -35.63 -13.21 15.27
CA ALA C 468 -36.09 -12.11 14.43
C ALA C 468 -36.54 -12.60 13.06
N ILE C 469 -37.82 -12.41 12.73
CA ILE C 469 -38.31 -12.75 11.41
C ILE C 469 -38.82 -11.49 10.75
N ALA C 470 -38.03 -10.92 9.85
CA ALA C 470 -38.37 -9.64 9.25
C ALA C 470 -37.52 -9.43 8.00
N PRO C 471 -37.79 -8.35 7.24
CA PRO C 471 -36.85 -8.07 6.13
C PRO C 471 -35.50 -7.55 6.63
N LEU C 472 -34.73 -8.41 7.29
CA LEU C 472 -33.45 -8.03 7.87
C LEU C 472 -32.29 -8.36 6.93
N THR C 473 -31.63 -7.34 6.37
CA THR C 473 -30.54 -7.60 5.43
C THR C 473 -29.32 -8.12 6.15
N ILE C 474 -28.70 -9.11 5.53
CA ILE C 474 -27.52 -9.75 6.08
C ILE C 474 -26.30 -8.89 5.81
N THR C 475 -25.63 -8.47 6.86
CA THR C 475 -24.40 -7.70 6.72
C THR C 475 -23.28 -8.40 7.46
N LEU C 476 -22.05 -7.98 7.19
CA LEU C 476 -20.90 -8.53 7.89
C LEU C 476 -21.00 -8.32 9.40
N VAL C 477 -21.17 -7.06 9.80
CA VAL C 477 -21.19 -6.72 11.22
C VAL C 477 -22.36 -7.34 11.98
N ARG C 478 -23.48 -7.54 11.30
CA ARG C 478 -24.63 -8.17 11.92
C ARG C 478 -24.34 -9.65 12.11
N GLU C 479 -23.72 -10.25 11.09
CA GLU C 479 -23.32 -11.66 11.13
C GLU C 479 -22.28 -11.91 12.24
N GLU C 480 -21.60 -10.85 12.66
CA GLU C 480 -20.60 -10.96 13.69
C GLU C 480 -21.21 -11.10 15.09
N VAL C 481 -22.42 -10.55 15.28
CA VAL C 481 -23.06 -10.57 16.59
C VAL C 481 -24.28 -11.49 16.70
N ILE C 482 -24.82 -11.91 15.56
CA ILE C 482 -25.93 -12.85 15.53
C ILE C 482 -25.72 -13.90 14.45
N ASP C 483 -26.54 -14.95 14.46
CA ASP C 483 -26.46 -15.95 13.41
C ASP C 483 -27.59 -15.77 12.42
N PHE C 484 -27.23 -15.64 11.14
CA PHE C 484 -28.21 -15.52 10.09
C PHE C 484 -28.50 -16.88 9.47
N SER C 485 -29.78 -17.17 9.29
CA SER C 485 -30.16 -18.34 8.53
C SER C 485 -29.81 -18.07 7.07
N LYS C 486 -29.81 -19.11 6.25
CA LYS C 486 -29.67 -18.92 4.81
C LYS C 486 -30.78 -17.98 4.42
N PRO C 487 -30.47 -17.01 3.55
CA PRO C 487 -31.41 -15.95 3.22
C PRO C 487 -32.67 -16.44 2.51
N PHE C 488 -33.82 -15.87 2.85
CA PHE C 488 -35.09 -16.38 2.34
C PHE C 488 -35.61 -15.54 1.18
N MET C 489 -34.93 -14.44 0.88
CA MET C 489 -35.36 -13.57 -0.22
C MET C 489 -34.19 -12.72 -0.72
N SER C 490 -34.05 -12.64 -2.04
CA SER C 490 -32.97 -11.89 -2.67
C SER C 490 -33.38 -10.51 -3.11
N LEU C 491 -32.48 -9.56 -2.96
CA LEU C 491 -32.76 -8.18 -3.35
C LEU C 491 -31.47 -7.44 -3.69
N GLY C 492 -31.59 -6.13 -3.89
CA GLY C 492 -30.43 -5.30 -4.12
C GLY C 492 -30.85 -3.85 -3.99
N ILE C 493 -29.90 -2.98 -3.66
CA ILE C 493 -30.21 -1.57 -3.56
C ILE C 493 -30.49 -1.04 -4.96
N SER C 494 -31.59 -0.30 -5.08
CA SER C 494 -32.06 0.18 -6.37
C SER C 494 -32.62 1.58 -6.28
N ILE C 495 -32.98 2.12 -7.44
CA ILE C 495 -33.43 3.49 -7.56
C ILE C 495 -34.91 3.59 -7.93
N MET C 496 -35.62 4.41 -7.16
CA MET C 496 -37.03 4.69 -7.41
C MET C 496 -37.20 6.14 -7.83
N ILE C 497 -37.96 6.34 -8.91
CA ILE C 497 -38.29 7.67 -9.39
C ILE C 497 -39.78 7.85 -9.59
N LYS C 498 -40.21 9.10 -9.75
CA LYS C 498 -41.59 9.41 -10.09
C LYS C 498 -41.80 9.00 -11.55
N LYS C 499 -42.94 8.37 -11.83
CA LYS C 499 -43.22 7.84 -13.16
C LYS C 499 -43.18 8.93 -14.23
N PRO C 500 -42.47 8.66 -15.34
CA PRO C 500 -42.35 9.60 -16.44
C PRO C 500 -41.79 8.91 -17.68
N PHE C 510 -52.83 13.32 -28.74
CA PHE C 510 -52.80 13.01 -30.17
C PHE C 510 -52.43 14.25 -30.95
N LEU C 511 -52.62 15.40 -30.32
CA LEU C 511 -52.23 16.66 -30.93
C LEU C 511 -50.84 17.06 -30.49
N ASP C 512 -50.14 16.14 -29.85
CA ASP C 512 -48.82 16.42 -29.27
C ASP C 512 -47.68 16.59 -30.30
N PRO C 513 -47.58 15.71 -31.31
CA PRO C 513 -46.52 15.89 -32.33
C PRO C 513 -46.45 17.30 -32.91
N LEU C 514 -47.61 17.89 -33.18
CA LEU C 514 -47.68 19.24 -33.72
C LEU C 514 -48.04 20.20 -32.59
N ALA C 515 -47.24 21.25 -32.40
CA ALA C 515 -47.47 22.19 -31.30
C ALA C 515 -48.87 22.81 -31.30
N TYR C 516 -49.37 23.09 -30.10
CA TYR C 516 -50.72 23.62 -29.92
C TYR C 516 -50.93 24.97 -30.61
N GLU C 517 -49.83 25.70 -30.80
CA GLU C 517 -49.88 26.99 -31.48
C GLU C 517 -50.01 26.83 -32.99
N ILE C 518 -49.42 25.76 -33.51
CA ILE C 518 -49.42 25.50 -34.95
C ILE C 518 -50.75 24.94 -35.44
N TRP C 519 -51.43 24.16 -34.61
CA TRP C 519 -52.76 23.67 -34.96
C TRP C 519 -53.68 24.86 -35.21
N MET C 520 -53.44 25.94 -34.47
CA MET C 520 -54.16 27.19 -34.65
C MET C 520 -53.71 27.86 -35.96
N ALA C 521 -52.40 27.95 -36.13
CA ALA C 521 -51.80 28.53 -37.32
C ALA C 521 -52.26 27.82 -38.60
N ILE C 522 -52.45 26.52 -38.52
CA ILE C 522 -52.95 25.74 -39.66
C ILE C 522 -54.36 26.19 -40.02
N VAL C 523 -55.13 26.56 -38.99
CA VAL C 523 -56.51 26.97 -39.18
C VAL C 523 -56.59 28.39 -39.73
N PHE C 524 -55.76 29.27 -39.20
CA PHE C 524 -55.73 30.64 -39.68
C PHE C 524 -55.20 30.70 -41.11
N ALA C 525 -54.23 29.85 -41.42
CA ALA C 525 -53.73 29.75 -42.79
C ALA C 525 -54.80 29.15 -43.69
N TYR C 526 -55.60 28.26 -43.14
CA TYR C 526 -56.69 27.63 -43.88
C TYR C 526 -57.71 28.68 -44.30
N ILE C 527 -58.17 29.48 -43.35
CA ILE C 527 -59.15 30.51 -43.64
C ILE C 527 -58.54 31.66 -44.44
N LEU C 528 -57.22 31.83 -44.34
CA LEU C 528 -56.55 32.91 -45.05
C LEU C 528 -56.37 32.55 -46.52
N VAL C 529 -56.28 31.25 -46.79
CA VAL C 529 -56.15 30.78 -48.16
C VAL C 529 -57.54 30.69 -48.76
N SER C 530 -58.51 30.28 -47.96
CA SER C 530 -59.87 30.21 -48.46
C SER C 530 -60.40 31.62 -48.70
N VAL C 531 -59.84 32.60 -47.98
CA VAL C 531 -60.28 33.98 -48.14
C VAL C 531 -59.57 34.62 -49.33
N VAL C 532 -58.33 34.22 -49.61
CA VAL C 532 -57.67 34.75 -50.80
C VAL C 532 -58.32 34.15 -52.05
N LEU C 533 -58.63 32.86 -51.99
CA LEU C 533 -59.37 32.21 -53.06
C LEU C 533 -60.75 32.83 -53.20
N PHE C 534 -61.34 33.23 -52.07
CA PHE C 534 -62.61 33.93 -52.09
C PHE C 534 -62.46 35.30 -52.76
N LEU C 535 -61.26 35.86 -52.67
CA LEU C 535 -61.00 37.16 -53.31
C LEU C 535 -60.71 37.00 -54.79
N VAL C 536 -60.35 35.79 -55.21
CA VAL C 536 -60.13 35.55 -56.64
C VAL C 536 -61.46 35.40 -57.39
N SER C 537 -62.41 34.69 -56.78
CA SER C 537 -63.76 34.56 -57.33
C SER C 537 -64.44 35.89 -57.57
N PRO C 581 -62.79 27.34 -66.89
CA PRO C 581 -62.48 26.49 -65.74
C PRO C 581 -62.02 27.28 -64.54
N ARG C 582 -60.72 27.56 -64.49
CA ARG C 582 -60.15 28.37 -63.41
C ARG C 582 -59.00 29.23 -63.91
N SER C 583 -58.76 30.32 -63.20
CA SER C 583 -57.68 31.25 -63.52
C SER C 583 -56.35 30.71 -63.02
N LEU C 584 -55.26 31.05 -63.71
CA LEU C 584 -53.95 30.49 -63.41
C LEU C 584 -53.40 30.88 -62.04
N SER C 585 -53.65 32.12 -61.63
CA SER C 585 -53.23 32.59 -60.30
C SER C 585 -53.91 31.79 -59.20
N ALA C 586 -55.21 31.62 -59.36
CA ALA C 586 -56.01 30.87 -58.40
C ALA C 586 -55.47 29.45 -58.36
N ARG C 587 -55.02 28.97 -59.52
CA ARG C 587 -54.44 27.65 -59.64
C ARG C 587 -53.12 27.51 -58.88
N ILE C 588 -52.24 28.51 -58.96
CA ILE C 588 -50.94 28.42 -58.27
C ILE C 588 -51.14 28.47 -56.76
N VAL C 589 -52.20 29.13 -56.32
CA VAL C 589 -52.52 29.16 -54.89
C VAL C 589 -52.61 27.73 -54.34
N ALA C 590 -53.32 26.88 -55.08
CA ALA C 590 -53.51 25.48 -54.71
C ALA C 590 -52.17 24.74 -54.65
N GLY C 591 -51.23 25.15 -55.51
CA GLY C 591 -49.92 24.52 -55.54
C GLY C 591 -49.13 24.82 -54.28
N VAL C 592 -49.07 26.10 -53.93
CA VAL C 592 -48.33 26.49 -52.72
C VAL C 592 -48.97 25.88 -51.48
N TRP C 593 -50.30 25.92 -51.42
CA TRP C 593 -51.01 25.33 -50.29
C TRP C 593 -50.78 23.82 -50.20
N TRP C 594 -50.66 23.19 -51.37
CA TRP C 594 -50.40 21.76 -51.45
C TRP C 594 -49.02 21.42 -50.90
N PHE C 595 -48.03 22.23 -51.26
CA PHE C 595 -46.67 22.04 -50.75
C PHE C 595 -46.66 22.24 -49.23
N PHE C 596 -47.48 23.19 -48.78
CA PHE C 596 -47.57 23.50 -47.37
C PHE C 596 -48.14 22.34 -46.57
N THR C 597 -49.30 21.83 -46.99
CA THR C 597 -49.92 20.72 -46.28
C THR C 597 -49.11 19.43 -46.42
N LEU C 598 -48.38 19.31 -47.53
CA LEU C 598 -47.48 18.18 -47.74
C LEU C 598 -46.43 18.20 -46.64
N ILE C 599 -45.83 19.38 -46.45
CA ILE C 599 -44.83 19.58 -45.41
C ILE C 599 -45.40 19.31 -44.02
N ILE C 600 -46.59 19.83 -43.76
CA ILE C 600 -47.24 19.66 -42.46
C ILE C 600 -47.45 18.18 -42.14
N ILE C 601 -48.09 17.45 -43.04
CA ILE C 601 -48.37 16.03 -42.80
C ILE C 601 -47.09 15.19 -42.74
N SER C 602 -46.07 15.60 -43.48
CA SER C 602 -44.80 14.89 -43.44
C SER C 602 -44.14 15.09 -42.08
N SER C 603 -44.23 16.32 -41.58
CA SER C 603 -43.67 16.65 -40.27
C SER C 603 -44.40 15.90 -39.17
N TYR C 604 -45.73 15.85 -39.26
CA TYR C 604 -46.54 15.12 -38.30
C TYR C 604 -46.18 13.65 -38.30
N THR C 605 -46.03 13.07 -39.50
CA THR C 605 -45.71 11.65 -39.61
C THR C 605 -44.33 11.33 -39.05
N ALA C 606 -43.33 12.12 -39.45
CA ALA C 606 -41.96 11.93 -38.99
C ALA C 606 -41.84 12.07 -37.48
N ASN C 607 -42.38 13.17 -36.96
CA ASN C 607 -42.32 13.45 -35.53
C ASN C 607 -43.08 12.42 -34.72
N LEU C 608 -44.19 11.94 -35.26
CA LEU C 608 -44.96 10.88 -34.60
C LEU C 608 -44.17 9.58 -34.62
N ALA C 609 -43.38 9.39 -35.68
CA ALA C 609 -42.54 8.21 -35.82
C ALA C 609 -41.45 8.22 -34.75
N ALA C 610 -40.86 9.39 -34.55
CA ALA C 610 -39.88 9.58 -33.48
C ALA C 610 -40.53 9.32 -32.13
N PHE C 611 -41.66 9.98 -31.89
CA PHE C 611 -42.40 9.91 -30.64
C PHE C 611 -42.77 8.47 -30.25
N LEU C 612 -43.12 7.65 -31.24
CA LEU C 612 -43.48 6.27 -30.99
C LEU C 612 -42.25 5.39 -30.79
N THR C 613 -41.19 5.71 -31.53
CA THR C 613 -39.93 5.00 -31.42
C THR C 613 -39.27 5.34 -30.09
N VAL C 614 -39.36 6.63 -29.76
CA VAL C 614 -38.77 7.22 -28.56
C VAL C 614 -39.29 6.74 -27.21
N GLU C 615 -40.60 6.53 -27.10
CA GLU C 615 -41.14 6.13 -25.81
C GLU C 615 -40.56 4.82 -25.30
N ARG C 616 -40.47 3.81 -26.16
CA ARG C 616 -39.87 2.55 -25.72
C ARG C 616 -38.40 2.78 -25.44
N MET C 617 -37.75 3.48 -26.36
CA MET C 617 -36.33 3.82 -26.27
C MET C 617 -35.97 4.81 -25.17
N VAL C 618 -36.81 5.82 -24.99
CA VAL C 618 -36.56 6.90 -24.02
C VAL C 618 -36.57 6.59 -22.52
N SER C 619 -35.53 7.11 -21.86
CA SER C 619 -35.37 7.01 -20.41
C SER C 619 -34.63 8.26 -19.92
N PRO C 620 -35.08 8.84 -18.80
CA PRO C 620 -34.41 10.02 -18.24
C PRO C 620 -32.99 9.72 -17.77
N ILE C 621 -32.87 8.55 -17.14
CA ILE C 621 -31.62 8.04 -16.57
C ILE C 621 -31.71 6.54 -16.38
N GLU C 622 -30.82 5.77 -16.97
CA GLU C 622 -30.92 4.32 -16.87
C GLU C 622 -29.98 3.71 -15.84
N SER C 623 -28.75 4.15 -15.88
CA SER C 623 -27.64 3.67 -15.05
C SER C 623 -27.43 4.47 -13.77
N ALA C 624 -26.85 3.82 -12.79
CA ALA C 624 -26.73 4.38 -11.44
C ALA C 624 -25.73 5.53 -11.45
N GLU C 625 -24.63 5.33 -12.17
CA GLU C 625 -23.58 6.33 -12.31
C GLU C 625 -24.14 7.59 -12.96
N ASP C 626 -24.98 7.40 -13.96
CA ASP C 626 -25.60 8.52 -14.67
C ASP C 626 -26.48 9.30 -13.72
N LEU C 627 -27.21 8.58 -12.87
CA LEU C 627 -28.07 9.22 -11.90
C LEU C 627 -27.23 10.06 -10.95
N SER C 628 -26.10 9.52 -10.53
CA SER C 628 -25.20 10.23 -9.63
C SER C 628 -24.69 11.50 -10.28
N LYS C 629 -24.37 11.38 -11.57
CA LYS C 629 -23.88 12.52 -12.34
C LYS C 629 -24.93 13.64 -12.45
N GLN C 630 -26.18 13.26 -12.63
CA GLN C 630 -27.24 14.25 -12.79
C GLN C 630 -27.45 15.13 -11.55
N THR C 631 -27.73 16.42 -11.78
CA THR C 631 -27.97 17.34 -10.71
C THR C 631 -29.43 17.77 -10.70
N GLU C 632 -29.79 18.54 -9.67
CA GLU C 632 -31.13 19.08 -9.51
C GLU C 632 -32.10 17.95 -9.20
N ILE C 633 -31.73 16.72 -9.56
CA ILE C 633 -32.49 15.59 -9.10
C ILE C 633 -31.71 15.08 -7.90
N ALA C 634 -32.11 15.55 -6.71
CA ALA C 634 -31.51 15.13 -5.46
C ALA C 634 -31.85 13.68 -5.24
N TYR C 635 -31.07 12.97 -4.46
CA TYR C 635 -31.38 11.58 -4.20
C TYR C 635 -30.95 11.16 -2.81
N GLY C 636 -31.71 10.30 -2.15
CA GLY C 636 -31.36 9.92 -0.79
C GLY C 636 -31.75 8.53 -0.30
N THR C 637 -31.30 8.19 0.91
CA THR C 637 -31.59 6.90 1.52
C THR C 637 -32.31 7.05 2.86
N LEU C 638 -32.60 5.92 3.51
CA LEU C 638 -33.23 5.91 4.84
C LEU C 638 -32.22 6.38 5.88
N ASP C 639 -32.69 6.81 7.05
CA ASP C 639 -31.79 7.30 8.10
C ASP C 639 -30.88 6.19 8.63
N SER C 640 -31.44 5.00 8.75
CA SER C 640 -30.68 3.88 9.29
C SER C 640 -30.86 2.65 8.41
N GLY C 641 -29.81 1.84 8.33
CA GLY C 641 -29.88 0.61 7.60
C GLY C 641 -28.69 0.34 6.70
N SER C 642 -28.81 -0.74 5.93
CA SER C 642 -27.77 -1.18 5.05
C SER C 642 -27.56 -0.28 3.84
N THR C 643 -28.60 0.36 3.34
CA THR C 643 -28.42 1.23 2.17
C THR C 643 -27.46 2.39 2.50
N LYS C 644 -27.75 3.05 3.61
CA LYS C 644 -26.93 4.17 4.09
C LYS C 644 -25.53 3.69 4.46
N GLU C 645 -25.45 2.57 5.15
CA GLU C 645 -24.15 2.02 5.55
C GLU C 645 -23.36 1.51 4.36
N PHE C 646 -24.06 1.01 3.34
CA PHE C 646 -23.43 0.59 2.09
C PHE C 646 -22.75 1.77 1.46
N PHE C 647 -23.43 2.91 1.42
CA PHE C 647 -22.80 4.08 0.82
C PHE C 647 -21.67 4.60 1.71
N ARG C 648 -21.86 4.55 3.04
CA ARG C 648 -20.83 4.98 3.98
C ARG C 648 -19.54 4.15 3.86
N ARG C 649 -19.67 2.83 3.72
CA ARG C 649 -18.52 1.94 3.63
C ARG C 649 -17.95 1.79 2.23
N SER C 650 -18.78 1.97 1.21
CA SER C 650 -18.34 1.69 -0.15
C SER C 650 -17.14 2.52 -0.57
N LYS C 651 -16.11 1.82 -1.01
CA LYS C 651 -14.87 2.41 -1.48
C LYS C 651 -14.84 2.44 -3.00
N ILE C 652 -15.97 2.09 -3.61
CA ILE C 652 -16.08 2.05 -5.05
C ILE C 652 -16.51 3.43 -5.53
N ALA C 653 -15.86 3.88 -6.60
CA ALA C 653 -15.92 5.27 -7.08
C ALA C 653 -17.28 5.94 -6.98
N VAL C 654 -18.23 5.44 -7.76
CA VAL C 654 -19.52 6.12 -7.89
C VAL C 654 -20.26 6.19 -6.56
N PHE C 655 -20.24 5.10 -5.81
CA PHE C 655 -20.93 5.05 -4.53
C PHE C 655 -20.27 5.99 -3.51
N ASP C 656 -18.94 6.11 -3.60
CA ASP C 656 -18.17 6.98 -2.73
C ASP C 656 -18.56 8.42 -3.01
N LYS C 657 -18.65 8.74 -4.30
CA LYS C 657 -19.05 10.07 -4.72
C LYS C 657 -20.46 10.39 -4.23
N MET C 658 -21.35 9.41 -4.34
CA MET C 658 -22.73 9.61 -3.92
C MET C 658 -22.87 9.80 -2.42
N TRP C 659 -22.08 9.06 -1.64
CA TRP C 659 -22.09 9.24 -0.20
C TRP C 659 -21.54 10.61 0.17
N THR C 660 -20.45 10.99 -0.49
CA THR C 660 -19.83 12.30 -0.29
C THR C 660 -20.84 13.39 -0.57
N TYR C 661 -21.68 13.17 -1.57
CA TYR C 661 -22.77 14.10 -1.88
C TYR C 661 -23.87 14.14 -0.83
N MET C 662 -24.37 12.97 -0.48
CA MET C 662 -25.47 12.86 0.47
C MET C 662 -25.15 13.45 1.85
N ARG C 663 -23.93 13.21 2.32
CA ARG C 663 -23.56 13.73 3.64
C ARG C 663 -23.58 15.26 3.72
N SER C 664 -23.33 15.92 2.59
CA SER C 664 -23.23 17.37 2.56
C SER C 664 -24.49 18.02 2.00
N ALA C 665 -25.40 17.19 1.54
CA ALA C 665 -26.59 17.67 0.83
C ALA C 665 -27.47 18.53 1.74
N GLU C 666 -27.97 19.64 1.19
CA GLU C 666 -28.86 20.51 1.94
C GLU C 666 -29.98 21.01 1.02
N PRO C 667 -31.23 20.92 1.48
CA PRO C 667 -31.65 20.32 2.76
C PRO C 667 -31.44 18.80 2.76
N SER C 668 -31.52 18.17 3.93
CA SER C 668 -31.22 16.75 4.06
C SER C 668 -32.04 15.89 3.11
N VAL C 669 -31.37 14.91 2.50
CA VAL C 669 -31.98 14.05 1.50
C VAL C 669 -32.38 12.71 2.10
N PHE C 670 -32.19 12.57 3.40
CA PHE C 670 -32.49 11.32 4.09
C PHE C 670 -33.90 11.35 4.68
N VAL C 671 -34.59 10.21 4.65
CA VAL C 671 -35.94 10.12 5.20
C VAL C 671 -36.00 9.08 6.32
N ARG C 672 -37.06 9.13 7.14
CA ARG C 672 -37.13 8.28 8.32
C ARG C 672 -37.92 6.99 8.11
N THR C 673 -38.82 7.00 7.12
CA THR C 673 -39.57 5.80 6.72
C THR C 673 -39.56 5.66 5.20
N THR C 674 -39.73 4.43 4.71
CA THR C 674 -39.78 4.17 3.28
C THR C 674 -40.94 4.94 2.66
N ALA C 675 -42.08 4.91 3.34
CA ALA C 675 -43.26 5.65 2.92
C ALA C 675 -42.95 7.13 2.78
N GLU C 676 -42.13 7.65 3.68
CA GLU C 676 -41.73 9.05 3.63
C GLU C 676 -40.90 9.34 2.38
N GLY C 677 -40.00 8.41 2.07
CA GLY C 677 -39.16 8.55 0.90
C GLY C 677 -39.96 8.53 -0.39
N VAL C 678 -40.88 7.57 -0.49
CA VAL C 678 -41.72 7.44 -1.68
C VAL C 678 -42.63 8.65 -1.83
N ALA C 679 -43.16 9.13 -0.71
CA ALA C 679 -43.98 10.33 -0.71
C ALA C 679 -43.16 11.53 -1.19
N ARG C 680 -41.90 11.59 -0.78
CA ARG C 680 -41.01 12.66 -1.23
C ARG C 680 -40.77 12.56 -2.74
N VAL C 681 -40.66 11.34 -3.25
CA VAL C 681 -40.52 11.14 -4.69
C VAL C 681 -41.74 11.66 -5.44
N ARG C 682 -42.91 11.31 -4.93
CA ARG C 682 -44.15 11.74 -5.57
C ARG C 682 -44.38 13.25 -5.48
N LYS C 683 -43.89 13.87 -4.41
CA LYS C 683 -44.13 15.30 -4.20
C LYS C 683 -42.99 16.20 -4.66
N SER C 684 -41.89 15.61 -5.13
CA SER C 684 -40.81 16.40 -5.69
C SER C 684 -40.93 16.52 -7.20
N LYS C 685 -41.89 15.79 -7.77
CA LYS C 685 -42.18 15.85 -9.20
C LYS C 685 -40.95 15.57 -10.07
N GLY C 686 -40.11 14.64 -9.65
CA GLY C 686 -38.94 14.26 -10.43
C GLY C 686 -37.65 14.93 -9.99
N LYS C 687 -37.73 15.77 -8.97
CA LYS C 687 -36.56 16.44 -8.44
C LYS C 687 -35.91 15.64 -7.31
N TYR C 688 -36.53 14.53 -6.94
CA TYR C 688 -35.96 13.64 -5.92
C TYR C 688 -36.10 12.17 -6.28
N ALA C 689 -34.98 11.45 -6.20
CA ALA C 689 -34.94 10.01 -6.39
C ALA C 689 -34.66 9.33 -5.06
N TYR C 690 -35.26 8.16 -4.88
CA TYR C 690 -35.14 7.45 -3.61
C TYR C 690 -34.39 6.14 -3.79
N LEU C 691 -33.34 5.96 -2.99
CA LEU C 691 -32.53 4.75 -3.05
C LEU C 691 -33.00 3.80 -1.97
N LEU C 692 -33.49 2.64 -2.38
CA LEU C 692 -34.08 1.70 -1.44
C LEU C 692 -33.92 0.28 -1.97
N GLU C 693 -34.05 -0.73 -1.11
CA GLU C 693 -33.92 -2.11 -1.58
C GLU C 693 -34.97 -2.45 -2.60
N SER C 694 -34.55 -3.25 -3.58
CA SER C 694 -35.40 -3.66 -4.70
C SER C 694 -36.77 -4.21 -4.28
N THR C 695 -36.86 -4.87 -3.14
CA THR C 695 -38.14 -5.43 -2.71
C THR C 695 -39.21 -4.38 -2.51
N MET C 696 -38.90 -3.35 -1.71
CA MET C 696 -39.88 -2.30 -1.44
C MET C 696 -40.21 -1.55 -2.71
N ASN C 697 -39.19 -1.33 -3.54
CA ASN C 697 -39.37 -0.68 -4.83
C ASN C 697 -40.37 -1.42 -5.71
N GLU C 698 -40.15 -2.73 -5.86
CA GLU C 698 -41.02 -3.58 -6.65
C GLU C 698 -42.42 -3.61 -6.07
N TYR C 699 -42.51 -3.53 -4.75
CA TYR C 699 -43.82 -3.55 -4.09
C TYR C 699 -44.61 -2.28 -4.40
N ILE C 700 -43.99 -1.13 -4.17
CA ILE C 700 -44.65 0.15 -4.38
C ILE C 700 -44.97 0.36 -5.86
N GLU C 701 -44.14 -0.21 -6.73
CA GLU C 701 -44.40 -0.13 -8.17
C GLU C 701 -45.76 -0.73 -8.52
N GLN C 702 -46.24 -1.65 -7.69
CA GLN C 702 -47.51 -2.32 -7.95
C GLN C 702 -48.66 -1.73 -7.14
N ARG C 703 -48.40 -0.69 -6.35
CA ARG C 703 -49.41 -0.17 -5.43
C ARG C 703 -49.92 1.21 -5.85
N LYS C 704 -51.14 1.51 -5.45
CA LYS C 704 -51.78 2.79 -5.76
C LYS C 704 -50.97 3.96 -5.20
N PRO C 705 -50.98 5.10 -5.92
CA PRO C 705 -51.63 5.22 -7.22
C PRO C 705 -50.73 4.84 -8.39
N CYS C 706 -49.86 3.85 -8.19
CA CYS C 706 -49.00 3.34 -9.25
C CYS C 706 -48.25 4.45 -9.99
N ASP C 707 -47.72 5.43 -9.25
CA ASP C 707 -47.02 6.56 -9.86
C ASP C 707 -45.50 6.53 -9.64
N THR C 708 -44.99 5.42 -9.13
CA THR C 708 -43.55 5.27 -8.91
C THR C 708 -42.97 4.14 -9.74
N MET C 709 -41.68 4.22 -10.02
CA MET C 709 -41.04 3.27 -10.91
C MET C 709 -39.62 2.92 -10.48
N LYS C 710 -39.28 1.64 -10.59
CA LYS C 710 -37.93 1.16 -10.34
C LYS C 710 -37.12 1.31 -11.62
N VAL C 711 -35.99 1.99 -11.54
CA VAL C 711 -35.19 2.28 -12.71
C VAL C 711 -33.77 1.77 -12.59
N GLY C 712 -33.23 1.30 -13.71
CA GLY C 712 -31.92 0.69 -13.75
C GLY C 712 -31.92 -0.68 -13.11
N GLY C 713 -30.73 -1.25 -12.95
CA GLY C 713 -30.59 -2.53 -12.26
C GLY C 713 -30.45 -2.29 -10.78
N ASN C 714 -29.74 -3.18 -10.10
CA ASN C 714 -29.44 -3.00 -8.68
C ASN C 714 -27.99 -2.60 -8.48
N LEU C 715 -27.71 -1.93 -7.36
CA LEU C 715 -26.36 -1.45 -7.07
C LEU C 715 -25.50 -2.58 -6.55
N ASP C 716 -26.09 -3.40 -5.67
CA ASP C 716 -25.44 -4.60 -5.18
C ASP C 716 -26.47 -5.74 -5.13
N SER C 717 -26.07 -6.90 -4.65
CA SER C 717 -27.04 -7.98 -4.50
C SER C 717 -26.87 -8.70 -3.17
N LYS C 718 -27.90 -8.64 -2.36
CA LYS C 718 -27.90 -9.27 -1.06
C LYS C 718 -29.28 -9.82 -0.73
N GLY C 719 -29.43 -10.35 0.48
CA GLY C 719 -30.67 -11.00 0.84
C GLY C 719 -31.06 -10.88 2.29
N TYR C 720 -32.35 -11.04 2.54
CA TYR C 720 -32.87 -11.01 3.91
C TYR C 720 -32.76 -12.39 4.53
N GLY C 721 -32.44 -12.42 5.81
CA GLY C 721 -32.39 -13.68 6.50
C GLY C 721 -33.00 -13.61 7.90
N ILE C 722 -33.42 -14.77 8.39
CA ILE C 722 -33.94 -14.89 9.73
C ILE C 722 -32.79 -15.01 10.72
N ALA C 723 -32.79 -14.12 11.71
CA ALA C 723 -31.66 -14.00 12.62
C ALA C 723 -31.98 -14.55 13.99
N THR C 724 -31.02 -15.28 14.53
CA THR C 724 -31.13 -15.89 15.84
C THR C 724 -29.97 -15.40 16.67
N PRO C 725 -30.17 -15.26 17.98
CA PRO C 725 -29.03 -14.95 18.85
C PRO C 725 -28.04 -16.10 18.74
N LYS C 726 -26.75 -15.81 18.56
CA LYS C 726 -25.81 -16.89 18.28
C LYS C 726 -25.69 -17.81 19.48
N GLY C 727 -25.73 -19.11 19.20
CA GLY C 727 -25.76 -20.11 20.25
C GLY C 727 -27.18 -20.53 20.58
N SER C 728 -28.14 -20.01 19.82
CA SER C 728 -29.55 -20.38 20.01
C SER C 728 -29.81 -21.84 19.70
N SER C 729 -30.72 -22.43 20.46
CA SER C 729 -31.18 -23.78 20.19
C SER C 729 -32.12 -23.83 18.99
N LEU C 730 -32.53 -22.66 18.51
CA LEU C 730 -33.44 -22.58 17.38
C LEU C 730 -32.73 -22.35 16.04
N GLY C 731 -31.44 -22.01 16.08
CA GLY C 731 -30.74 -21.63 14.86
C GLY C 731 -30.73 -22.60 13.70
N THR C 732 -30.19 -23.80 13.92
CA THR C 732 -30.08 -24.79 12.87
C THR C 732 -31.43 -25.31 12.36
N PRO C 733 -32.38 -25.60 13.27
CA PRO C 733 -33.67 -26.03 12.70
C PRO C 733 -34.36 -24.91 11.91
N VAL C 734 -34.24 -23.66 12.35
CA VAL C 734 -34.83 -22.53 11.62
C VAL C 734 -34.18 -22.39 10.25
N ASN C 735 -32.86 -22.52 10.20
CA ASN C 735 -32.14 -22.46 8.94
C ASN C 735 -32.63 -23.54 7.96
N LEU C 736 -32.66 -24.76 8.48
CA LEU C 736 -33.11 -25.92 7.72
C LEU C 736 -34.53 -25.74 7.23
N ALA C 737 -35.35 -25.12 8.07
CA ALA C 737 -36.73 -24.82 7.72
C ALA C 737 -36.82 -23.80 6.59
N VAL C 738 -35.96 -22.78 6.64
CA VAL C 738 -35.93 -21.73 5.62
C VAL C 738 -35.59 -22.31 4.26
N LEU C 739 -34.52 -23.10 4.18
CA LEU C 739 -34.16 -23.65 2.89
C LEU C 739 -35.17 -24.75 2.46
N LYS C 740 -35.79 -25.40 3.44
CA LYS C 740 -36.88 -26.33 3.17
C LYS C 740 -38.04 -25.65 2.46
N LEU C 741 -38.46 -24.52 3.01
CA LEU C 741 -39.53 -23.72 2.44
C LEU C 741 -39.13 -23.17 1.07
N SER C 742 -37.87 -22.81 0.91
CA SER C 742 -37.38 -22.30 -0.37
C SER C 742 -37.49 -23.35 -1.46
N GLU C 743 -37.08 -24.57 -1.14
CA GLU C 743 -37.12 -25.66 -2.12
C GLU C 743 -38.53 -26.15 -2.42
N GLN C 744 -39.44 -26.03 -1.46
CA GLN C 744 -40.81 -26.50 -1.67
C GLN C 744 -41.66 -25.48 -2.43
N GLY C 745 -41.04 -24.36 -2.80
CA GLY C 745 -41.73 -23.32 -3.54
C GLY C 745 -42.60 -22.43 -2.65
N VAL C 746 -42.51 -22.63 -1.34
CA VAL C 746 -43.29 -21.86 -0.37
C VAL C 746 -42.90 -20.38 -0.35
N LEU C 747 -41.60 -20.11 -0.37
CA LEU C 747 -41.12 -18.72 -0.32
C LEU C 747 -41.50 -17.95 -1.59
N ASP C 748 -41.41 -18.64 -2.72
CA ASP C 748 -41.78 -18.04 -4.00
C ASP C 748 -43.28 -17.77 -4.00
N LYS C 749 -44.02 -18.71 -3.42
CA LYS C 749 -45.47 -18.62 -3.32
C LYS C 749 -45.90 -17.44 -2.48
N LEU C 750 -45.23 -17.23 -1.35
CA LEU C 750 -45.53 -16.09 -0.48
C LEU C 750 -45.15 -14.77 -1.13
N LYS C 751 -44.01 -14.77 -1.83
CA LYS C 751 -43.58 -13.58 -2.55
C LYS C 751 -44.63 -13.18 -3.59
N ASN C 752 -45.07 -14.13 -4.41
CA ASN C 752 -46.10 -13.84 -5.39
C ASN C 752 -47.41 -13.44 -4.73
N LYS C 753 -47.74 -14.08 -3.62
CA LYS C 753 -48.96 -13.77 -2.89
C LYS C 753 -49.02 -12.31 -2.48
N TRP C 754 -47.95 -11.82 -1.88
CA TRP C 754 -47.99 -10.48 -1.34
C TRP C 754 -47.50 -9.39 -2.30
N TRP C 755 -46.86 -9.78 -3.40
CA TRP C 755 -46.31 -8.79 -4.31
C TRP C 755 -47.17 -8.67 -5.58
N TYR C 756 -47.30 -9.76 -6.32
CA TYR C 756 -47.88 -9.66 -7.66
C TYR C 756 -49.30 -10.19 -7.76
N ASP C 757 -49.81 -10.73 -6.65
CA ASP C 757 -51.21 -11.17 -6.60
C ASP C 757 -52.12 -10.05 -6.07
N LYS C 758 -51.63 -9.30 -5.08
CA LYS C 758 -52.36 -8.16 -4.53
C LYS C 758 -51.98 -6.89 -5.27
N GLY C 759 -51.04 -7.01 -6.21
CA GLY C 759 -50.63 -5.90 -7.03
C GLY C 759 -51.81 -5.35 -7.81
N GLU C 760 -51.89 -4.03 -7.87
CA GLU C 760 -53.04 -3.36 -8.45
C GLU C 760 -52.85 -2.88 -9.89
N CYS C 761 -51.68 -3.13 -10.47
CA CYS C 761 -51.40 -2.68 -11.84
C CYS C 761 -51.27 -3.83 -12.83
N GLY C 767 -44.84 -3.30 -14.88
CA GLY C 767 -44.18 -4.57 -15.13
C GLY C 767 -44.58 -5.22 -16.45
N SER C 768 -45.43 -4.53 -17.20
CA SER C 768 -45.83 -4.85 -18.58
C SER C 768 -45.09 -4.13 -19.73
N LYS C 769 -43.91 -3.52 -19.54
CA LYS C 769 -43.37 -2.53 -20.51
C LYS C 769 -43.57 -2.90 -21.98
N GLU C 770 -44.01 -1.93 -22.78
CA GLU C 770 -44.32 -2.18 -24.18
C GLU C 770 -43.56 -1.19 -25.07
N LYS C 771 -42.58 -1.69 -25.80
CA LYS C 771 -41.75 -0.84 -26.66
C LYS C 771 -42.57 -0.54 -27.90
N THR C 772 -43.45 -1.51 -28.15
CA THR C 772 -44.22 -1.64 -29.36
C THR C 772 -45.41 -2.51 -29.00
N SER C 773 -46.07 -3.01 -30.04
CA SER C 773 -47.15 -3.97 -29.94
C SER C 773 -48.36 -3.42 -29.19
N ALA C 774 -48.43 -2.10 -29.09
CA ALA C 774 -49.65 -1.40 -28.72
C ALA C 774 -49.80 -0.11 -29.51
N LEU C 775 -50.87 0.01 -30.27
CA LEU C 775 -51.33 1.32 -30.73
C LEU C 775 -52.78 1.48 -30.24
N SER C 776 -52.97 2.33 -29.25
CA SER C 776 -54.20 2.35 -28.46
C SER C 776 -55.38 2.94 -29.21
N LEU C 777 -56.57 2.37 -29.04
CA LEU C 777 -57.74 3.07 -29.52
C LEU C 777 -58.43 3.73 -28.32
N SER C 778 -57.98 4.94 -28.04
CA SER C 778 -58.55 5.90 -27.12
C SER C 778 -58.35 7.27 -27.75
N ASN C 779 -57.09 7.47 -28.16
CA ASN C 779 -56.56 8.69 -28.78
C ASN C 779 -57.33 9.05 -30.05
N VAL C 780 -57.67 8.03 -30.82
CA VAL C 780 -58.33 8.20 -32.11
C VAL C 780 -59.78 8.67 -31.98
N ALA C 781 -60.41 8.31 -30.87
CA ALA C 781 -61.82 8.62 -30.61
C ALA C 781 -62.12 10.12 -30.71
N GLY C 782 -61.17 10.94 -30.28
CA GLY C 782 -61.33 12.38 -30.36
C GLY C 782 -61.62 12.89 -31.76
N VAL C 783 -61.20 12.14 -32.77
CA VAL C 783 -61.46 12.56 -34.15
C VAL C 783 -62.83 12.07 -34.61
N PHE C 784 -63.28 10.96 -34.02
CA PHE C 784 -64.54 10.37 -34.47
C PHE C 784 -65.65 11.29 -34.03
N TYR C 785 -65.47 11.88 -32.86
CA TYR C 785 -66.44 12.82 -32.34
C TYR C 785 -66.57 13.99 -33.31
N ILE C 786 -65.44 14.51 -33.79
CA ILE C 786 -65.54 15.70 -34.62
C ILE C 786 -66.17 15.27 -35.93
N LEU C 787 -65.98 14.01 -36.29
CA LEU C 787 -66.52 13.51 -37.54
C LEU C 787 -68.03 13.55 -37.39
N VAL C 788 -68.53 12.96 -36.31
CA VAL C 788 -69.96 12.92 -36.09
C VAL C 788 -70.49 14.35 -36.00
N GLY C 789 -69.68 15.23 -35.41
CA GLY C 789 -70.11 16.60 -35.23
C GLY C 789 -70.34 17.25 -36.58
N GLY C 790 -69.42 17.01 -37.50
CA GLY C 790 -69.53 17.61 -38.81
C GLY C 790 -70.76 17.05 -39.50
N LEU C 791 -71.02 15.77 -39.27
CA LEU C 791 -72.15 15.13 -39.92
C LEU C 791 -73.42 15.80 -39.43
N GLY C 792 -73.44 16.15 -38.14
CA GLY C 792 -74.62 16.79 -37.60
C GLY C 792 -74.80 18.12 -38.30
N LEU C 793 -73.70 18.85 -38.42
CA LEU C 793 -73.73 20.15 -39.08
C LEU C 793 -74.23 19.96 -40.50
N ALA C 794 -73.77 18.87 -41.12
CA ALA C 794 -74.12 18.63 -42.50
C ALA C 794 -75.61 18.38 -42.61
N MET C 795 -76.15 17.64 -41.64
CA MET C 795 -77.57 17.34 -41.65
C MET C 795 -78.35 18.63 -41.59
N LEU C 796 -77.82 19.60 -40.85
CA LEU C 796 -78.55 20.84 -40.66
C LEU C 796 -78.53 21.56 -42.00
N VAL C 797 -77.36 21.54 -42.64
CA VAL C 797 -77.20 22.19 -43.93
C VAL C 797 -78.11 21.50 -44.93
N ALA C 798 -78.35 20.21 -44.73
CA ALA C 798 -79.26 19.50 -45.62
C ALA C 798 -80.68 20.01 -45.40
N LEU C 799 -81.10 20.07 -44.14
CA LEU C 799 -82.46 20.49 -43.79
C LEU C 799 -82.78 21.88 -44.33
N ILE C 800 -81.88 22.83 -44.12
CA ILE C 800 -82.09 24.19 -44.59
C ILE C 800 -82.06 24.25 -46.12
N GLU C 801 -81.36 23.31 -46.76
CA GLU C 801 -81.30 23.27 -48.21
C GLU C 801 -82.70 23.06 -48.80
N PHE C 802 -83.45 22.14 -48.22
CA PHE C 802 -84.82 21.88 -48.68
C PHE C 802 -85.74 23.02 -48.26
N GLN D 4 17.28 5.43 69.16
CA GLN D 4 17.44 4.14 68.48
C GLN D 4 16.41 3.93 67.37
N ILE D 5 16.90 3.64 66.17
CA ILE D 5 16.04 3.34 65.02
C ILE D 5 16.63 2.20 64.21
N GLY D 6 15.79 1.54 63.42
CA GLY D 6 16.25 0.46 62.59
C GLY D 6 16.32 0.90 61.13
N GLY D 7 17.24 0.33 60.36
CA GLY D 7 17.07 0.49 58.95
C GLY D 7 17.39 -0.84 58.29
N LEU D 8 16.51 -1.19 57.36
CA LEU D 8 16.53 -2.46 56.66
C LEU D 8 16.76 -2.18 55.18
N PHE D 9 17.77 -2.82 54.61
CA PHE D 9 18.04 -2.57 53.21
C PHE D 9 18.05 -3.88 52.45
N PRO D 10 17.35 -3.89 51.29
CA PRO D 10 17.32 -5.01 50.36
C PRO D 10 18.68 -5.15 49.73
N ARG D 11 19.14 -6.39 49.48
CA ARG D 11 20.44 -6.56 48.88
C ARG D 11 20.44 -5.88 47.52
N GLY D 12 21.39 -4.98 47.33
CA GLY D 12 21.52 -4.29 46.07
C GLY D 12 21.09 -2.84 46.09
N ALA D 13 20.50 -2.36 47.19
CA ALA D 13 20.16 -0.94 47.10
C ALA D 13 21.29 -0.15 47.74
N ASP D 14 22.24 0.20 46.87
CA ASP D 14 23.44 0.91 47.26
C ASP D 14 23.17 2.40 47.40
N GLN D 15 22.63 2.98 46.33
CA GLN D 15 22.42 4.41 46.24
C GLN D 15 21.42 4.91 47.27
N GLU D 16 20.51 4.03 47.67
CA GLU D 16 19.52 4.35 48.70
C GLU D 16 20.21 4.45 50.05
N TYR D 17 21.23 3.62 50.24
CA TYR D 17 22.01 3.65 51.46
C TYR D 17 22.97 4.84 51.45
N SER D 18 23.40 5.23 50.25
CA SER D 18 24.23 6.42 50.08
C SER D 18 23.44 7.65 50.48
N ALA D 19 22.20 7.71 50.03
CA ALA D 19 21.33 8.83 50.35
C ALA D 19 20.95 8.78 51.83
N PHE D 20 20.86 7.56 52.36
CA PHE D 20 20.60 7.37 53.78
C PHE D 20 21.74 7.95 54.62
N ARG D 21 22.97 7.63 54.22
CA ARG D 21 24.16 8.10 54.93
C ARG D 21 24.31 9.62 54.83
N VAL D 22 24.05 10.16 53.64
CA VAL D 22 24.10 11.61 53.44
C VAL D 22 23.06 12.27 54.33
N GLY D 23 21.89 11.66 54.44
CA GLY D 23 20.85 12.16 55.31
C GLY D 23 21.18 11.97 56.79
N MET D 24 22.08 11.04 57.07
CA MET D 24 22.54 10.79 58.42
C MET D 24 23.53 11.86 58.88
N VAL D 25 24.41 12.26 57.97
CA VAL D 25 25.36 13.32 58.27
C VAL D 25 24.69 14.69 58.28
N GLN D 26 23.84 14.95 57.29
CA GLN D 26 23.19 16.25 57.16
C GLN D 26 22.34 16.59 58.39
N PHE D 27 21.67 15.59 58.95
CA PHE D 27 20.83 15.81 60.12
C PHE D 27 21.37 15.07 61.34
N THR D 35 20.56 7.04 66.27
CA THR D 35 21.50 5.94 66.06
C THR D 35 20.87 4.80 65.28
N PRO D 36 21.26 4.65 64.01
CA PRO D 36 20.69 3.65 63.09
C PRO D 36 21.28 2.24 63.27
N HIS D 37 20.44 1.22 63.30
CA HIS D 37 20.96 -0.15 63.25
C HIS D 37 20.69 -0.76 61.88
N ILE D 38 21.75 -0.91 61.07
CA ILE D 38 21.62 -1.36 59.69
C ILE D 38 21.58 -2.89 59.50
N ASP D 39 20.67 -3.36 58.63
CA ASP D 39 20.61 -4.77 58.23
C ASP D 39 20.54 -4.90 56.70
N ASN D 40 21.26 -5.88 56.16
CA ASN D 40 21.20 -6.18 54.72
C ASN D 40 20.57 -7.54 54.47
N LEU D 41 19.41 -7.57 53.82
CA LEU D 41 18.67 -8.82 53.69
C LEU D 41 17.97 -8.99 52.34
N GLU D 42 17.65 -10.23 52.00
CA GLU D 42 16.76 -10.49 50.87
C GLU D 42 15.39 -9.96 51.23
N VAL D 43 14.95 -8.93 50.51
CA VAL D 43 13.71 -8.23 50.81
C VAL D 43 12.47 -9.09 50.62
N ALA D 44 12.49 -9.92 49.59
CA ALA D 44 11.31 -10.71 49.22
C ALA D 44 11.16 -11.93 50.11
N ASN D 45 12.19 -12.26 50.87
CA ASN D 45 12.12 -13.42 51.74
C ASN D 45 11.48 -13.05 53.08
N SER D 46 10.22 -13.45 53.23
CA SER D 46 9.42 -13.19 54.43
C SER D 46 10.15 -13.53 55.73
N PHE D 47 10.84 -14.66 55.74
CA PHE D 47 11.52 -15.14 56.93
C PHE D 47 12.58 -14.15 57.41
N ALA D 48 13.51 -13.80 56.53
CA ALA D 48 14.56 -12.85 56.84
C ALA D 48 13.99 -11.54 57.37
N VAL D 49 12.86 -11.12 56.78
CA VAL D 49 12.16 -9.91 57.20
C VAL D 49 11.68 -10.03 58.65
N THR D 50 10.89 -11.06 58.93
CA THR D 50 10.41 -11.33 60.28
C THR D 50 11.55 -11.35 61.30
N ASN D 51 12.62 -12.05 60.96
CA ASN D 51 13.79 -12.17 61.83
C ASN D 51 14.42 -10.81 62.14
N ALA D 52 14.73 -10.06 61.08
CA ALA D 52 15.28 -8.72 61.22
C ALA D 52 14.39 -7.84 62.09
N PHE D 53 13.10 -7.78 61.76
CA PHE D 53 12.13 -7.00 62.50
C PHE D 53 12.11 -7.32 63.99
N CYS D 54 12.03 -8.61 64.32
CA CYS D 54 12.04 -9.01 65.73
C CYS D 54 13.36 -8.64 66.42
N SER D 55 14.47 -8.79 65.71
CA SER D 55 15.76 -8.38 66.23
C SER D 55 15.76 -6.89 66.58
N GLN D 56 15.22 -6.07 65.68
CA GLN D 56 15.09 -4.64 65.91
C GLN D 56 14.21 -4.33 67.11
N PHE D 57 13.12 -5.08 67.24
CA PHE D 57 12.19 -4.87 68.34
C PHE D 57 12.86 -5.15 69.69
N SER D 58 13.52 -6.31 69.78
CA SER D 58 14.28 -6.66 70.98
C SER D 58 15.36 -5.63 71.28
N ARG D 59 16.00 -5.13 70.22
CA ARG D 59 17.02 -4.09 70.36
C ARG D 59 16.42 -2.77 70.89
N GLY D 60 15.09 -2.65 70.81
CA GLY D 60 14.41 -1.49 71.35
C GLY D 60 14.45 -0.24 70.48
N VAL D 61 13.97 -0.37 69.25
CA VAL D 61 13.92 0.76 68.32
C VAL D 61 12.59 1.50 68.40
N TYR D 62 12.61 2.81 68.22
CA TYR D 62 11.40 3.61 68.32
C TYR D 62 10.70 3.70 66.96
N ALA D 63 11.46 3.42 65.90
CA ALA D 63 10.92 3.42 64.54
C ALA D 63 11.80 2.58 63.62
N ILE D 64 11.21 2.11 62.53
CA ILE D 64 11.95 1.29 61.58
C ILE D 64 11.78 1.78 60.15
N PHE D 65 12.89 2.14 59.51
CA PHE D 65 12.86 2.54 58.12
C PHE D 65 13.38 1.37 57.25
N GLY D 66 12.60 0.98 56.25
CA GLY D 66 12.99 -0.12 55.40
C GLY D 66 12.19 -0.28 54.12
N PHE D 67 12.65 -1.18 53.27
CA PHE D 67 11.98 -1.51 52.02
C PHE D 67 11.18 -2.80 52.16
N TYR D 68 10.15 -2.96 51.36
CA TYR D 68 9.46 -4.25 51.29
C TYR D 68 9.05 -4.60 49.87
N ASP D 69 8.68 -5.86 49.67
CA ASP D 69 8.29 -6.36 48.35
C ASP D 69 6.84 -6.81 48.40
N LYS D 70 6.30 -7.24 47.26
CA LYS D 70 4.91 -7.66 47.21
C LYS D 70 4.71 -8.98 47.97
N LYS D 71 5.81 -9.69 48.20
CA LYS D 71 5.74 -10.94 48.96
C LYS D 71 5.84 -10.65 50.46
N SER D 72 6.43 -9.52 50.81
CA SER D 72 6.71 -9.20 52.20
C SER D 72 5.82 -8.13 52.81
N VAL D 73 5.00 -7.48 51.98
CA VAL D 73 4.21 -6.33 52.43
C VAL D 73 3.26 -6.65 53.59
N ASN D 74 2.61 -7.81 53.54
CA ASN D 74 1.59 -8.15 54.51
C ASN D 74 2.17 -8.43 55.88
N THR D 75 3.35 -9.04 55.89
CA THR D 75 4.10 -9.26 57.12
C THR D 75 4.35 -7.95 57.86
N ILE D 76 5.01 -7.02 57.17
CA ILE D 76 5.30 -5.69 57.71
C ILE D 76 4.04 -4.98 58.20
N THR D 77 3.02 -4.90 57.36
CA THR D 77 1.80 -4.19 57.72
C THR D 77 1.13 -4.80 58.95
N SER D 78 1.06 -6.13 58.99
CA SER D 78 0.46 -6.85 60.11
C SER D 78 1.25 -6.63 61.42
N PHE D 79 2.56 -6.86 61.39
CA PHE D 79 3.39 -6.75 62.58
C PHE D 79 3.45 -5.32 63.11
N CYS D 80 3.43 -4.35 62.20
CA CYS D 80 3.47 -2.95 62.61
C CYS D 80 2.11 -2.50 63.12
N GLY D 81 1.03 -3.09 62.59
CA GLY D 81 -0.29 -2.76 63.07
C GLY D 81 -0.56 -3.41 64.42
N THR D 82 0.14 -4.51 64.69
CA THR D 82 0.00 -5.22 65.96
C THR D 82 0.85 -4.64 67.08
N LEU D 83 2.15 -4.45 66.83
CA LEU D 83 3.07 -3.99 67.86
C LEU D 83 3.19 -2.47 67.93
N HIS D 84 2.42 -1.79 67.09
CA HIS D 84 2.34 -0.33 67.08
C HIS D 84 3.69 0.34 66.88
N VAL D 85 4.65 -0.41 66.33
CA VAL D 85 5.90 0.17 65.90
C VAL D 85 5.69 0.85 64.55
N SER D 86 6.38 1.96 64.31
CA SER D 86 6.17 2.71 63.09
C SER D 86 7.15 2.29 62.00
N PHE D 87 6.66 2.30 60.75
CA PHE D 87 7.45 1.86 59.62
C PHE D 87 7.47 2.91 58.52
N ILE D 88 8.68 3.26 58.07
CA ILE D 88 8.87 4.25 57.02
C ILE D 88 9.45 3.58 55.77
N THR D 89 8.76 3.74 54.64
CA THR D 89 9.18 3.07 53.42
C THR D 89 9.09 3.93 52.16
N PRO D 90 10.12 3.83 51.30
CA PRO D 90 10.17 4.40 49.94
C PRO D 90 9.43 3.52 48.92
N SER D 91 9.02 2.33 49.33
CA SER D 91 8.40 1.39 48.40
C SER D 91 6.93 1.72 48.14
N PHE D 92 6.31 0.97 47.23
CA PHE D 92 4.96 1.27 46.75
C PHE D 92 3.94 1.28 47.89
N PRO D 93 2.86 2.06 47.72
CA PRO D 93 1.87 2.20 48.80
C PRO D 93 0.98 0.98 48.95
N THR D 94 0.73 0.60 50.20
CA THR D 94 -0.19 -0.50 50.53
C THR D 94 -1.59 -0.24 50.01
N ASP D 95 -2.29 -1.32 49.67
CA ASP D 95 -3.68 -1.25 49.21
C ASP D 95 -4.65 -1.06 50.35
N GLY D 96 -5.34 0.08 50.37
CA GLY D 96 -6.35 0.29 51.38
C GLY D 96 -5.82 1.11 52.53
N THR D 97 -6.29 0.83 53.73
CA THR D 97 -5.87 1.56 54.91
C THR D 97 -5.15 0.66 55.90
N HIS D 98 -3.84 0.82 56.01
CA HIS D 98 -3.04 0.05 56.96
C HIS D 98 -2.29 0.99 57.90
N PRO D 99 -2.33 0.70 59.20
CA PRO D 99 -1.76 1.57 60.24
C PRO D 99 -0.25 1.44 60.41
N PHE D 100 0.37 2.47 60.98
CA PHE D 100 1.79 2.46 61.33
C PHE D 100 2.70 2.20 60.13
N VAL D 101 2.22 2.54 58.95
CA VAL D 101 3.02 2.44 57.73
C VAL D 101 3.05 3.79 57.02
N ILE D 102 4.25 4.33 56.87
CA ILE D 102 4.40 5.64 56.27
C ILE D 102 5.00 5.51 54.89
N GLN D 103 4.17 5.60 53.86
CA GLN D 103 4.67 5.41 52.51
C GLN D 103 5.19 6.73 51.93
N MET D 104 6.52 6.87 51.95
CA MET D 104 7.20 8.02 51.35
C MET D 104 6.81 8.22 49.89
N ARG D 105 6.50 7.13 49.22
CA ARG D 105 6.15 7.18 47.81
C ARG D 105 4.70 7.61 47.61
N PRO D 106 4.47 8.56 46.69
CA PRO D 106 3.12 9.03 46.40
C PRO D 106 2.32 8.01 45.58
N ASP D 107 1.10 8.38 45.23
CA ASP D 107 0.26 7.51 44.41
C ASP D 107 0.23 7.99 42.96
N LEU D 108 0.54 7.08 42.05
CA LEU D 108 0.71 7.45 40.65
C LEU D 108 -0.53 7.18 39.80
N LYS D 109 -1.43 6.34 40.31
CA LYS D 109 -2.60 5.88 39.54
C LYS D 109 -3.36 6.99 38.82
N GLY D 110 -3.67 8.07 39.53
CA GLY D 110 -4.41 9.18 38.97
C GLY D 110 -3.62 9.93 37.91
N ALA D 111 -2.30 9.98 38.10
CA ALA D 111 -1.43 10.65 37.15
C ALA D 111 -1.34 9.84 35.86
N LEU D 112 -1.29 8.52 35.99
CA LEU D 112 -1.27 7.63 34.83
C LEU D 112 -2.57 7.72 34.05
N LEU D 113 -3.69 7.65 34.76
CA LEU D 113 -5.00 7.74 34.11
C LEU D 113 -5.19 9.09 33.42
N SER D 114 -4.78 10.16 34.10
CA SER D 114 -4.87 11.51 33.55
C SER D 114 -3.98 11.68 32.32
N LEU D 115 -2.82 11.02 32.33
CA LEU D 115 -1.91 11.06 31.18
C LEU D 115 -2.47 10.29 29.99
N ILE D 116 -3.10 9.16 30.27
CA ILE D 116 -3.74 8.36 29.24
C ILE D 116 -4.86 9.19 28.64
N GLU D 117 -5.49 10.00 29.49
CA GLU D 117 -6.56 10.89 29.05
C GLU D 117 -5.99 12.10 28.31
N TYR D 118 -4.72 12.41 28.54
CA TYR D 118 -4.06 13.52 27.86
C TYR D 118 -3.70 13.13 26.44
N TYR D 119 -3.13 11.94 26.28
CA TYR D 119 -2.86 11.44 24.94
C TYR D 119 -4.14 10.99 24.25
N GLN D 120 -5.19 10.80 25.03
CA GLN D 120 -6.51 10.46 24.50
C GLN D 120 -6.46 9.17 23.68
N TRP D 121 -5.71 8.19 24.16
CA TRP D 121 -5.64 6.90 23.48
C TRP D 121 -7.00 6.17 23.44
N ASP D 122 -7.22 5.40 22.38
CA ASP D 122 -8.41 4.56 22.30
C ASP D 122 -8.07 3.13 22.58
N LYS D 123 -6.82 2.77 22.34
CA LYS D 123 -6.34 1.42 22.59
C LYS D 123 -4.92 1.41 23.13
N PHE D 124 -4.60 0.47 24.03
CA PHE D 124 -3.26 0.38 24.59
C PHE D 124 -2.91 -0.98 25.17
N ALA D 125 -1.63 -1.20 25.42
CA ALA D 125 -1.12 -2.44 25.99
C ALA D 125 -0.50 -2.15 27.36
N TYR D 126 -0.92 -2.91 28.35
CA TYR D 126 -0.46 -2.69 29.72
C TYR D 126 0.41 -3.84 30.20
N LEU D 127 1.70 -3.57 30.37
CA LEU D 127 2.61 -4.58 30.92
C LEU D 127 2.87 -4.26 32.39
N TYR D 128 2.35 -5.11 33.26
CA TYR D 128 2.42 -4.87 34.70
C TYR D 128 3.40 -5.84 35.35
N ASP D 129 4.10 -5.37 36.39
CA ASP D 129 4.94 -6.27 37.16
C ASP D 129 4.17 -6.78 38.37
N SER D 130 4.08 -8.10 38.50
CA SER D 130 3.41 -8.71 39.64
C SER D 130 4.10 -8.30 40.95
N ASP D 131 5.43 -8.35 40.95
CA ASP D 131 6.22 -8.02 42.13
C ASP D 131 6.03 -6.57 42.61
N ARG D 132 5.33 -5.75 41.81
CA ARG D 132 5.05 -4.36 42.17
C ARG D 132 3.67 -4.18 42.81
N GLY D 133 2.79 -5.14 42.56
CA GLY D 133 1.42 -5.06 43.04
C GLY D 133 0.41 -4.76 41.96
N LEU D 134 -0.75 -5.38 42.09
CA LEU D 134 -1.84 -5.31 41.13
C LEU D 134 -2.91 -4.24 41.43
N SER D 135 -2.61 -3.33 42.34
CA SER D 135 -3.53 -2.24 42.70
C SER D 135 -3.76 -1.32 41.49
N THR D 136 -2.63 -0.99 40.87
CA THR D 136 -2.57 -0.16 39.69
C THR D 136 -3.38 -0.83 38.59
N LEU D 137 -3.23 -2.15 38.52
CA LEU D 137 -3.99 -2.98 37.60
C LEU D 137 -5.50 -2.85 37.84
N GLN D 138 -5.90 -2.85 39.12
CA GLN D 138 -7.31 -2.70 39.46
C GLN D 138 -7.86 -1.35 39.00
N ALA D 139 -7.07 -0.29 39.20
CA ALA D 139 -7.49 1.05 38.79
C ALA D 139 -7.71 1.21 37.26
N VAL D 140 -6.72 0.76 36.48
CA VAL D 140 -6.73 1.05 35.04
C VAL D 140 -7.84 0.35 34.23
N LEU D 141 -8.24 -0.84 34.65
CA LEU D 141 -9.33 -1.57 33.98
C LEU D 141 -10.66 -0.84 34.12
N ASP D 142 -10.90 -0.34 35.31
CA ASP D 142 -12.12 0.38 35.61
C ASP D 142 -12.19 1.68 34.82
N SER D 143 -11.08 2.40 34.73
CA SER D 143 -11.19 3.63 33.94
C SER D 143 -11.27 3.36 32.43
N ALA D 144 -10.81 2.18 32.02
CA ALA D 144 -10.93 1.76 30.62
C ALA D 144 -12.37 1.41 30.27
N ALA D 145 -13.01 0.63 31.13
CA ALA D 145 -14.40 0.26 30.90
C ALA D 145 -15.28 1.49 30.96
N GLU D 146 -14.87 2.51 31.70
CA GLU D 146 -15.67 3.74 31.74
C GLU D 146 -15.60 4.55 30.44
N LYS D 147 -14.38 4.73 29.91
CA LYS D 147 -14.25 5.63 28.76
C LYS D 147 -14.72 5.17 27.36
N LYS D 148 -14.88 3.86 27.17
CA LYS D 148 -14.91 3.18 25.85
C LYS D 148 -13.51 2.76 25.41
N TRP D 149 -12.51 3.00 26.27
CA TRP D 149 -11.12 2.59 26.01
C TRP D 149 -10.96 1.10 25.66
N GLN D 150 -10.06 0.79 24.72
CA GLN D 150 -9.73 -0.61 24.40
C GLN D 150 -8.36 -1.01 24.97
N VAL D 151 -8.29 -1.93 25.94
CA VAL D 151 -7.01 -2.23 26.61
C VAL D 151 -6.65 -3.73 26.75
N THR D 152 -5.39 -4.08 26.46
CA THR D 152 -4.85 -5.43 26.69
C THR D 152 -3.70 -5.41 27.73
N ALA D 153 -3.89 -6.13 28.85
CA ALA D 153 -2.91 -6.17 29.98
C ALA D 153 -2.30 -7.54 30.43
N ILE D 154 -0.95 -7.66 30.49
CA ILE D 154 -0.26 -8.88 31.01
C ILE D 154 1.00 -8.66 31.93
N ASN D 155 1.14 -9.49 32.98
CA ASN D 155 2.26 -9.51 33.97
C ASN D 155 3.45 -10.39 33.53
N VAL D 156 4.65 -9.81 33.41
CA VAL D 156 5.82 -10.54 32.90
C VAL D 156 6.67 -11.38 33.88
N GLY D 157 6.57 -11.11 35.18
CA GLY D 157 7.51 -11.71 36.13
C GLY D 157 7.43 -13.17 36.50
N ASN D 158 6.26 -13.79 36.32
CA ASN D 158 6.08 -15.18 36.75
C ASN D 158 6.97 -16.12 35.94
N ILE D 159 7.31 -15.65 34.76
CA ILE D 159 8.14 -16.39 33.82
C ILE D 159 9.61 -16.27 34.21
N ASN D 160 10.32 -17.38 34.09
CA ASN D 160 11.74 -17.42 34.43
C ASN D 160 12.60 -16.53 33.53
N ASN D 161 13.68 -16.02 34.12
CA ASN D 161 14.64 -15.13 33.47
C ASN D 161 15.37 -15.72 32.26
N ASP D 162 15.72 -17.00 32.34
CA ASP D 162 16.41 -17.65 31.23
C ASP D 162 15.50 -17.69 30.00
N LYS D 163 14.23 -17.97 30.21
CA LYS D 163 13.27 -18.06 29.11
C LYS D 163 12.70 -16.67 28.79
N LYS D 164 13.16 -15.66 29.53
CA LYS D 164 12.65 -14.29 29.36
C LYS D 164 12.86 -13.77 27.95
N ASP D 165 13.99 -14.04 27.32
CA ASP D 165 14.21 -13.55 25.96
C ASP D 165 13.17 -14.12 24.99
N GLU D 166 12.95 -15.43 25.07
CA GLU D 166 11.99 -16.10 24.21
C GLU D 166 10.56 -15.67 24.52
N THR D 167 10.23 -15.58 25.81
CA THR D 167 8.88 -15.20 26.22
C THR D 167 8.57 -13.74 25.89
N TYR D 168 9.57 -12.87 26.01
CA TYR D 168 9.44 -11.47 25.64
C TYR D 168 9.22 -11.34 24.14
N ARG D 169 10.02 -12.04 23.35
CA ARG D 169 9.87 -11.97 21.90
C ARG D 169 8.52 -12.55 21.46
N SER D 170 8.04 -13.51 22.24
CA SER D 170 6.70 -14.07 22.06
C SER D 170 5.64 -13.02 22.40
N LEU D 171 5.90 -12.27 23.46
CA LEU D 171 4.99 -11.24 23.94
C LEU D 171 4.83 -10.12 22.91
N PHE D 172 5.94 -9.65 22.38
CA PHE D 172 5.92 -8.55 21.42
C PHE D 172 5.52 -9.04 20.02
N GLN D 173 5.64 -10.33 19.78
CA GLN D 173 5.14 -10.88 18.52
C GLN D 173 3.66 -11.24 18.69
N ASP D 174 3.19 -11.17 19.94
CA ASP D 174 1.77 -11.21 20.25
C ASP D 174 1.12 -9.84 20.06
N LEU D 175 1.87 -8.80 20.39
CA LEU D 175 1.37 -7.44 20.24
C LEU D 175 1.39 -6.99 18.79
N GLU D 176 1.78 -7.91 17.91
CA GLU D 176 1.71 -7.65 16.49
C GLU D 176 0.58 -8.45 15.84
N LEU D 177 -0.22 -9.12 16.67
CA LEU D 177 -1.46 -9.74 16.20
C LEU D 177 -2.55 -8.69 16.19
N LYS D 178 -2.56 -7.86 17.23
CA LYS D 178 -3.45 -6.72 17.30
C LYS D 178 -2.72 -5.44 16.89
N LYS D 179 -1.47 -5.59 16.49
CA LYS D 179 -0.62 -4.46 16.09
C LYS D 179 -0.62 -3.34 17.14
N GLU D 180 -0.65 -3.68 18.43
CA GLU D 180 -0.72 -2.62 19.43
C GLU D 180 0.57 -1.80 19.45
N ARG D 181 0.42 -0.51 19.11
CA ARG D 181 1.56 0.40 19.01
C ARG D 181 1.87 1.09 20.34
N ARG D 182 0.82 1.35 21.11
CA ARG D 182 0.95 2.09 22.36
C ARG D 182 0.97 1.14 23.55
N VAL D 183 2.04 1.23 24.34
CA VAL D 183 2.28 0.32 25.45
C VAL D 183 2.63 1.04 26.75
N ILE D 184 2.12 0.54 27.87
CA ILE D 184 2.43 1.09 29.17
C ILE D 184 3.24 0.09 29.98
N LEU D 185 4.22 0.58 30.73
CA LEU D 185 5.09 -0.29 31.50
C LEU D 185 5.03 0.09 32.98
N ASP D 186 4.33 -0.69 33.78
CA ASP D 186 4.30 -0.45 35.22
C ASP D 186 5.26 -1.44 35.89
N CYS D 187 6.48 -1.00 36.15
CA CYS D 187 7.51 -1.87 36.72
C CYS D 187 8.62 -1.04 37.41
N GLU D 188 9.48 -1.69 38.20
CA GLU D 188 10.65 -0.99 38.73
C GLU D 188 11.54 -0.56 37.57
N ARG D 189 12.36 0.46 37.80
CA ARG D 189 13.23 1.02 36.76
C ARG D 189 14.14 -0.05 36.16
N ASP D 190 14.54 -1.03 36.98
CA ASP D 190 15.37 -2.14 36.54
C ASP D 190 14.65 -2.97 35.47
N LYS D 191 13.47 -3.48 35.85
CA LYS D 191 12.63 -4.25 34.95
C LYS D 191 12.32 -3.44 33.70
N VAL D 192 12.04 -2.16 33.90
CA VAL D 192 11.83 -1.24 32.79
C VAL D 192 13.01 -1.31 31.83
N ASN D 193 14.22 -1.17 32.36
CA ASN D 193 15.42 -1.21 31.53
C ASN D 193 15.59 -2.53 30.77
N ASP D 194 15.33 -3.65 31.44
CA ASP D 194 15.38 -4.95 30.76
C ASP D 194 14.42 -5.01 29.57
N ILE D 195 13.15 -4.71 29.85
CA ILE D 195 12.14 -4.67 28.81
C ILE D 195 12.55 -3.74 27.66
N VAL D 196 13.09 -2.58 28.00
CA VAL D 196 13.56 -1.61 27.01
C VAL D 196 14.64 -2.24 26.13
N ASP D 197 15.62 -2.89 26.74
CA ASP D 197 16.64 -3.59 25.98
C ASP D 197 16.02 -4.58 25.00
N GLN D 198 15.02 -5.33 25.45
CA GLN D 198 14.36 -6.30 24.56
C GLN D 198 13.64 -5.61 23.41
N VAL D 199 12.98 -4.49 23.71
CA VAL D 199 12.29 -3.71 22.68
C VAL D 199 13.26 -3.20 21.63
N ILE D 200 14.40 -2.69 22.08
CA ILE D 200 15.42 -2.20 21.17
C ILE D 200 15.95 -3.37 20.36
N THR D 201 15.97 -4.56 20.95
CA THR D 201 16.52 -5.73 20.27
C THR D 201 15.60 -6.20 19.14
N ILE D 202 14.30 -6.28 19.43
CA ILE D 202 13.30 -6.62 18.41
C ILE D 202 13.21 -5.50 17.36
N GLY D 203 13.60 -4.29 17.74
CA GLY D 203 13.52 -3.16 16.83
C GLY D 203 12.17 -2.47 16.81
N LYS D 204 11.49 -2.51 17.94
CA LYS D 204 10.18 -1.88 18.09
C LYS D 204 10.27 -0.48 18.69
N HIS D 205 11.47 0.10 18.62
CA HIS D 205 11.72 1.46 19.09
C HIS D 205 11.66 2.46 17.93
N VAL D 206 11.17 2.04 16.77
CA VAL D 206 11.06 2.94 15.62
C VAL D 206 9.80 3.79 15.68
N LYS D 207 9.67 4.71 14.72
CA LYS D 207 8.51 5.60 14.65
C LYS D 207 7.17 4.87 14.58
N GLY D 208 6.16 5.47 15.20
CA GLY D 208 4.81 4.93 15.27
C GLY D 208 4.55 4.15 16.54
N TYR D 209 5.61 3.73 17.21
CA TYR D 209 5.50 3.09 18.52
C TYR D 209 5.41 4.17 19.61
N HIS D 210 4.60 3.94 20.63
CA HIS D 210 4.51 4.88 21.74
C HIS D 210 4.62 4.15 23.07
N TYR D 211 5.46 4.67 23.97
CA TYR D 211 5.64 4.06 25.28
C TYR D 211 5.38 5.02 26.46
N ILE D 212 4.67 4.52 27.47
CA ILE D 212 4.48 5.26 28.71
C ILE D 212 5.10 4.50 29.87
N ILE D 213 6.13 5.09 30.48
CA ILE D 213 6.81 4.50 31.62
C ILE D 213 6.10 4.95 32.91
N ALA D 214 5.43 3.99 33.52
CA ALA D 214 4.52 4.11 34.67
C ALA D 214 5.23 4.15 36.03
N ASN D 215 6.52 4.50 36.03
CA ASN D 215 7.25 4.68 37.29
C ASN D 215 7.75 6.11 37.51
N LEU D 216 8.09 6.41 38.76
CA LEU D 216 8.49 7.74 39.21
C LEU D 216 9.92 8.08 38.78
N GLY D 217 10.63 7.05 38.34
CA GLY D 217 12.03 7.08 37.92
C GLY D 217 12.48 7.42 36.50
N PHE D 218 11.74 8.23 35.75
CA PHE D 218 12.00 8.39 34.30
C PHE D 218 13.42 8.79 33.90
N THR D 219 14.05 9.75 34.57
CA THR D 219 15.43 10.11 34.19
C THR D 219 16.48 9.24 34.87
N ASP D 220 16.06 8.50 35.88
CA ASP D 220 16.94 7.58 36.58
C ASP D 220 17.47 6.49 35.65
N GLY D 221 16.55 5.84 34.94
CA GLY D 221 16.90 4.84 33.94
C GLY D 221 17.50 5.45 32.69
N ASP D 222 18.27 4.65 31.95
CA ASP D 222 18.97 5.18 30.78
C ASP D 222 18.05 5.32 29.58
N LEU D 223 17.90 6.55 29.12
CA LEU D 223 17.05 6.85 27.99
C LEU D 223 17.85 7.08 26.73
N LEU D 224 19.18 7.17 26.89
CA LEU D 224 20.05 7.49 25.79
C LEU D 224 19.95 6.48 24.65
N LYS D 225 19.54 5.25 24.95
CA LYS D 225 19.56 4.20 23.94
C LYS D 225 18.26 4.11 23.13
N ILE D 226 17.19 4.67 23.67
CA ILE D 226 15.91 4.70 22.94
C ILE D 226 15.63 6.08 22.37
N GLN D 227 16.38 7.07 22.86
CA GLN D 227 16.26 8.46 22.43
C GLN D 227 16.43 8.68 20.93
N PHE D 228 17.27 7.88 20.30
CA PHE D 228 17.56 8.03 18.88
C PHE D 228 16.70 7.12 18.00
N GLY D 229 15.88 6.28 18.62
CA GLY D 229 15.11 5.30 17.87
C GLY D 229 13.97 5.89 17.06
N GLY D 230 13.34 6.92 17.60
CA GLY D 230 12.27 7.61 16.91
C GLY D 230 10.93 7.38 17.58
N ALA D 231 10.81 6.26 18.29
CA ALA D 231 9.59 5.99 19.03
C ALA D 231 9.48 6.98 20.17
N GLU D 232 8.29 7.51 20.40
CA GLU D 232 8.10 8.49 21.46
C GLU D 232 7.86 7.80 22.79
N VAL D 233 8.54 8.30 23.81
CA VAL D 233 8.45 7.77 25.17
C VAL D 233 8.18 8.87 26.18
N SER D 234 7.14 8.67 26.98
CA SER D 234 6.79 9.62 28.04
C SER D 234 6.77 8.93 29.38
N GLY D 235 7.04 9.67 30.45
CA GLY D 235 7.05 9.10 31.78
C GLY D 235 6.88 10.13 32.88
N PHE D 236 7.17 9.70 34.11
CA PHE D 236 6.96 10.54 35.28
C PHE D 236 8.26 10.75 36.04
N GLN D 237 8.47 11.99 36.50
CA GLN D 237 9.64 12.30 37.33
C GLN D 237 9.20 13.02 38.61
N ILE D 238 9.71 12.54 39.74
CA ILE D 238 9.28 13.08 41.02
C ILE D 238 10.28 14.09 41.59
N VAL D 239 11.49 14.13 41.02
CA VAL D 239 12.50 15.08 41.48
C VAL D 239 12.95 16.00 40.35
N ASP D 240 12.51 17.26 40.41
CA ASP D 240 12.90 18.26 39.43
C ASP D 240 14.31 18.80 39.74
N TYR D 241 15.22 18.67 38.79
CA TYR D 241 16.59 19.14 38.95
C TYR D 241 16.69 20.65 38.75
N ASP D 242 15.53 21.27 38.49
CA ASP D 242 15.42 22.71 38.29
C ASP D 242 15.03 23.43 39.58
N ASP D 243 15.30 22.76 40.71
CA ASP D 243 14.99 23.31 42.03
C ASP D 243 16.28 23.67 42.75
N SER D 244 16.21 24.69 43.60
CA SER D 244 17.38 25.18 44.33
C SER D 244 17.86 24.15 45.36
N LEU D 245 16.92 23.51 46.03
CA LEU D 245 17.22 22.47 47.00
C LEU D 245 17.88 21.30 46.28
N VAL D 246 17.23 20.87 45.21
CA VAL D 246 17.72 19.76 44.40
C VAL D 246 19.08 20.08 43.78
N SER D 247 19.32 21.34 43.41
CA SER D 247 20.58 21.70 42.78
C SER D 247 21.72 21.83 43.78
N LYS D 248 21.39 22.23 45.01
CA LYS D 248 22.38 22.29 46.09
C LYS D 248 22.78 20.87 46.45
N PHE D 249 21.76 20.03 46.62
CA PHE D 249 21.95 18.60 46.83
C PHE D 249 22.78 17.97 45.72
N ILE D 250 22.53 18.37 44.48
CA ILE D 250 23.24 17.86 43.32
C ILE D 250 24.70 18.31 43.30
N GLU D 251 24.96 19.54 43.74
CA GLU D 251 26.33 20.02 43.89
C GLU D 251 27.07 19.13 44.89
N ARG D 252 26.39 18.87 46.02
CA ARG D 252 26.93 17.98 47.03
C ARG D 252 27.17 16.58 46.48
N TRP D 253 26.23 16.13 45.64
CA TRP D 253 26.22 14.77 45.11
C TRP D 253 27.32 14.64 44.07
N SER D 254 27.70 15.74 43.44
CA SER D 254 28.78 15.69 42.46
C SER D 254 30.10 15.79 43.20
N THR D 255 30.06 16.33 44.43
CA THR D 255 31.26 16.39 45.27
C THR D 255 31.66 15.02 45.84
N LEU D 256 30.68 14.21 46.22
CA LEU D 256 30.91 12.94 46.93
C LEU D 256 31.80 11.94 46.17
N GLU D 257 32.53 11.11 46.92
CA GLU D 257 33.39 10.06 46.36
C GLU D 257 32.61 8.78 46.08
N GLU D 258 32.88 8.16 44.94
CA GLU D 258 32.21 6.92 44.54
C GLU D 258 32.72 5.71 45.32
N LYS D 259 33.86 5.88 46.00
CA LYS D 259 34.48 4.80 46.75
C LYS D 259 33.82 4.60 48.12
N GLU D 260 33.16 5.65 48.60
CA GLU D 260 32.48 5.61 49.88
C GLU D 260 31.01 5.29 49.67
N TYR D 261 30.34 6.12 48.89
CA TYR D 261 28.91 5.95 48.63
C TYR D 261 28.74 5.50 47.18
N PRO D 262 28.39 4.23 46.97
CA PRO D 262 28.14 3.72 45.61
C PRO D 262 27.09 4.53 44.86
N GLY D 263 27.38 4.85 43.61
CA GLY D 263 26.44 5.55 42.74
C GLY D 263 26.23 7.00 43.11
N ALA D 264 27.12 7.56 43.92
CA ALA D 264 26.90 8.91 44.45
C ALA D 264 27.63 10.10 43.78
N HIS D 265 28.55 9.81 42.85
CA HIS D 265 29.40 10.77 42.10
C HIS D 265 28.60 11.39 40.94
N THR D 266 27.58 10.65 40.50
CA THR D 266 26.77 11.05 39.36
C THR D 266 26.06 12.36 39.65
N ALA D 267 25.68 13.04 38.59
CA ALA D 267 25.02 14.32 38.68
C ALA D 267 23.54 14.09 38.95
N THR D 268 23.03 12.95 38.50
CA THR D 268 21.64 12.57 38.70
C THR D 268 21.52 11.53 39.82
N ILE D 269 20.34 11.47 40.43
CA ILE D 269 20.08 10.53 41.51
C ILE D 269 18.70 9.87 41.33
N LYS D 270 18.64 8.58 41.62
CA LYS D 270 17.40 7.82 41.45
C LYS D 270 16.36 8.26 42.49
N TYR D 271 15.09 8.16 42.13
CA TYR D 271 14.01 8.68 42.96
C TYR D 271 13.91 7.97 44.31
N THR D 272 14.25 6.69 44.33
CA THR D 272 14.20 5.89 45.55
C THR D 272 15.15 6.46 46.62
N SER D 273 16.39 6.73 46.21
CA SER D 273 17.40 7.32 47.10
C SER D 273 16.91 8.65 47.69
N ALA D 274 16.41 9.52 46.81
CA ALA D 274 15.80 10.77 47.21
C ALA D 274 14.73 10.54 48.27
N LEU D 275 13.89 9.53 48.05
CA LEU D 275 12.84 9.18 49.00
C LEU D 275 13.41 8.78 50.35
N THR D 276 14.55 8.08 50.33
CA THR D 276 15.23 7.69 51.58
C THR D 276 15.75 8.91 52.35
N TYR D 277 16.52 9.75 51.67
CA TYR D 277 17.01 11.01 52.22
C TYR D 277 15.87 11.84 52.84
N ASP D 278 14.80 11.99 52.07
CA ASP D 278 13.63 12.73 52.54
C ASP D 278 12.97 12.02 53.72
N ALA D 279 13.12 10.69 53.76
CA ALA D 279 12.52 9.90 54.84
C ALA D 279 13.25 10.11 56.17
N VAL D 280 14.57 10.13 56.14
CA VAL D 280 15.30 10.42 57.39
C VAL D 280 15.05 11.86 57.79
N GLN D 281 14.91 12.76 56.82
CA GLN D 281 14.49 14.13 57.15
C GLN D 281 13.15 14.13 57.91
N VAL D 282 12.19 13.38 57.38
CA VAL D 282 10.86 13.30 57.98
C VAL D 282 10.88 12.72 59.39
N MET D 283 11.66 11.65 59.59
CA MET D 283 11.79 11.06 60.92
C MET D 283 12.39 12.05 61.91
N THR D 284 13.46 12.72 61.48
CA THR D 284 14.13 13.69 62.34
C THR D 284 13.17 14.79 62.76
N GLU D 285 12.46 15.36 61.78
CA GLU D 285 11.54 16.46 62.07
C GLU D 285 10.33 16.00 62.88
N ALA D 286 10.01 14.71 62.79
CA ALA D 286 8.89 14.15 63.53
C ALA D 286 9.25 14.00 65.02
N PHE D 287 10.43 13.45 65.29
CA PHE D 287 10.89 13.34 66.67
C PHE D 287 11.11 14.73 67.28
N ARG D 288 11.73 15.63 66.51
CA ARG D 288 11.88 17.02 66.94
C ARG D 288 10.52 17.64 67.27
N ASN D 289 9.52 17.34 66.44
CA ASN D 289 8.18 17.88 66.65
C ASN D 289 7.49 17.23 67.84
N LEU D 290 7.97 16.04 68.22
CA LEU D 290 7.42 15.36 69.39
C LEU D 290 8.08 15.95 70.63
N ARG D 291 9.30 16.45 70.46
CA ARG D 291 10.02 17.08 71.56
C ARG D 291 9.49 18.49 71.80
N LYS D 292 9.11 19.18 70.73
CA LYS D 292 8.44 20.47 70.87
C LYS D 292 7.13 20.34 71.63
N GLN D 293 6.47 19.19 71.47
CA GLN D 293 5.24 18.92 72.20
C GLN D 293 5.55 18.35 73.59
N ARG D 294 6.81 17.98 73.80
CA ARG D 294 7.30 17.42 75.06
C ARG D 294 6.47 16.28 75.63
N ILE D 295 6.07 15.35 74.77
CA ILE D 295 5.51 14.08 75.18
C ILE D 295 6.70 13.14 75.40
N GLU D 296 6.57 12.16 76.30
CA GLU D 296 7.69 11.27 76.59
C GLU D 296 7.85 10.19 75.52
N ILE D 297 9.04 10.12 74.95
CA ILE D 297 9.34 9.24 73.82
C ILE D 297 9.77 7.83 74.21
N SER D 298 10.39 7.68 75.37
CA SER D 298 11.14 6.47 75.69
C SER D 298 10.33 5.41 76.42
N ARG D 299 10.53 4.17 75.98
CA ARG D 299 9.89 3.01 76.58
C ARG D 299 10.37 2.80 78.01
N ARG D 300 9.62 2.02 78.77
CA ARG D 300 9.87 1.85 80.19
C ARG D 300 10.97 0.84 80.52
N GLY D 301 11.13 -0.18 79.68
CA GLY D 301 12.11 -1.21 79.92
C GLY D 301 12.46 -1.87 78.60
N ASN D 302 13.21 -2.97 78.65
CA ASN D 302 13.55 -3.66 77.41
C ASN D 302 12.23 -4.04 76.77
N ALA D 303 12.20 -4.05 75.44
CA ALA D 303 10.96 -4.32 74.70
C ALA D 303 10.46 -5.72 74.94
N GLY D 304 11.39 -6.63 75.18
CA GLY D 304 11.03 -8.02 75.37
C GLY D 304 11.03 -8.75 74.05
N ASP D 305 10.15 -9.72 73.92
CA ASP D 305 10.06 -10.57 72.74
C ASP D 305 8.91 -10.16 71.84
N CYS D 306 9.18 -10.02 70.55
CA CYS D 306 8.16 -9.59 69.58
C CYS D 306 7.03 -10.63 69.48
N LEU D 307 7.38 -11.89 69.72
CA LEU D 307 6.43 -13.00 69.65
C LEU D 307 5.74 -13.28 70.99
N ALA D 308 5.91 -12.36 71.94
CA ALA D 308 5.32 -12.51 73.27
C ALA D 308 3.82 -12.74 73.22
N ASN D 309 3.36 -13.70 73.99
CA ASN D 309 1.94 -14.07 74.04
C ASN D 309 1.35 -13.84 75.43
N PRO D 310 0.35 -12.93 75.55
CA PRO D 310 -0.14 -12.06 74.47
C PRO D 310 0.79 -10.87 74.24
N ALA D 311 0.73 -10.28 73.05
CA ALA D 311 1.68 -9.25 72.65
C ALA D 311 1.44 -7.94 73.36
N VAL D 312 2.51 -7.32 73.86
CA VAL D 312 2.39 -6.06 74.56
C VAL D 312 2.77 -4.89 73.63
N PRO D 313 1.75 -4.16 73.17
CA PRO D 313 2.03 -2.93 72.40
C PRO D 313 2.38 -1.77 73.31
N TRP D 314 3.52 -1.12 73.08
CA TRP D 314 3.85 0.07 73.86
C TRP D 314 3.01 1.25 73.39
N GLY D 315 2.40 1.96 74.33
CA GLY D 315 1.45 2.99 73.98
C GLY D 315 2.10 4.19 73.29
N GLN D 316 3.28 4.55 73.75
CA GLN D 316 4.02 5.69 73.20
C GLN D 316 4.23 5.55 71.70
N GLY D 317 4.28 4.32 71.22
CA GLY D 317 4.41 4.04 69.80
C GLY D 317 3.36 4.74 68.97
N VAL D 318 2.13 4.76 69.48
CA VAL D 318 1.03 5.41 68.78
C VAL D 318 1.37 6.88 68.56
N GLU D 319 1.92 7.51 69.61
CA GLU D 319 2.25 8.92 69.56
C GLU D 319 3.38 9.17 68.57
N ILE D 320 4.16 8.14 68.30
CA ILE D 320 5.19 8.23 67.27
C ILE D 320 4.51 8.26 65.91
N GLU D 321 3.61 7.30 65.69
CA GLU D 321 2.90 7.16 64.41
C GLU D 321 2.23 8.46 64.01
N ARG D 322 1.60 9.10 64.98
CA ARG D 322 0.95 10.38 64.77
C ARG D 322 1.96 11.44 64.37
N ALA D 323 3.07 11.51 65.12
CA ALA D 323 4.12 12.49 64.87
C ALA D 323 4.60 12.42 63.42
N LEU D 324 5.06 11.24 63.02
CA LEU D 324 5.48 10.97 61.65
C LEU D 324 4.39 11.39 60.66
N LYS D 325 3.13 11.15 61.01
CA LYS D 325 2.02 11.49 60.13
C LYS D 325 1.77 12.99 60.08
N GLN D 326 2.02 13.69 61.18
CA GLN D 326 1.63 15.09 61.28
C GLN D 326 2.74 16.04 60.82
N VAL D 327 3.96 15.52 60.69
CA VAL D 327 5.09 16.35 60.29
C VAL D 327 5.07 16.64 58.79
N GLN D 328 5.37 17.89 58.44
CA GLN D 328 5.42 18.33 57.05
C GLN D 328 6.75 19.03 56.76
N VAL D 329 7.42 18.66 55.68
CA VAL D 329 8.71 19.23 55.33
C VAL D 329 8.96 19.37 53.83
N GLU D 330 10.00 20.12 53.48
CA GLU D 330 10.39 20.29 52.08
C GLU D 330 11.57 19.38 51.74
N GLY D 331 11.32 18.41 50.85
CA GLY D 331 12.36 17.48 50.43
C GLY D 331 12.67 17.57 48.94
N LEU D 332 13.32 16.53 48.42
CA LEU D 332 13.61 16.44 47.00
C LEU D 332 12.36 16.13 46.18
N SER D 333 11.33 15.62 46.87
CA SER D 333 10.08 15.22 46.22
C SER D 333 9.15 16.40 45.94
N GLY D 334 9.19 17.41 46.79
CA GLY D 334 8.22 18.48 46.71
C GLY D 334 7.76 18.82 48.11
N ASN D 335 6.49 19.17 48.22
CA ASN D 335 5.86 19.34 49.52
C ASN D 335 5.59 17.96 50.11
N ILE D 336 6.21 17.67 51.25
CA ILE D 336 6.01 16.37 51.89
C ILE D 336 4.99 16.49 53.01
N LYS D 337 3.79 15.96 52.78
CA LYS D 337 2.74 15.96 53.78
C LYS D 337 1.95 14.66 53.72
N PHE D 338 1.57 14.13 54.87
CA PHE D 338 0.88 12.85 54.91
C PHE D 338 -0.54 12.98 55.45
N ASP D 339 -1.40 12.05 55.03
CA ASP D 339 -2.76 11.98 55.56
C ASP D 339 -2.81 10.96 56.68
N GLN D 340 -4.01 10.50 56.99
CA GLN D 340 -4.24 9.62 58.11
C GLN D 340 -3.78 8.19 57.86
N ASN D 341 -3.63 7.81 56.60
CA ASN D 341 -3.22 6.44 56.27
C ASN D 341 -1.75 6.33 55.87
N GLY D 342 -1.08 7.46 55.69
CA GLY D 342 0.35 7.48 55.39
C GLY D 342 0.70 7.81 53.95
N LYS D 343 -0.33 8.16 53.18
CA LYS D 343 -0.16 8.53 51.78
C LYS D 343 0.32 9.98 51.62
N ARG D 344 1.03 10.26 50.53
CA ARG D 344 1.41 11.63 50.22
C ARG D 344 0.23 12.41 49.72
N ILE D 345 0.18 13.68 50.08
CA ILE D 345 -0.90 14.49 49.56
C ILE D 345 -0.41 15.79 48.99
N ASN D 346 -1.12 16.25 47.95
CA ASN D 346 -0.85 17.54 47.36
C ASN D 346 0.66 17.73 47.08
N TYR D 347 1.11 16.86 46.18
CA TYR D 347 2.49 16.68 45.75
C TYR D 347 2.63 17.01 44.27
N THR D 348 3.86 17.17 43.81
CA THR D 348 4.13 17.58 42.44
C THR D 348 4.74 16.44 41.65
N ILE D 349 4.02 15.95 40.64
CA ILE D 349 4.60 14.94 39.76
C ILE D 349 4.87 15.51 38.37
N ASN D 350 6.14 15.68 38.03
CA ASN D 350 6.49 16.26 36.73
C ASN D 350 6.29 15.28 35.59
N ILE D 351 5.43 15.67 34.65
CA ILE D 351 5.17 14.87 33.46
C ILE D 351 6.23 15.17 32.40
N MET D 352 6.94 14.12 31.99
CA MET D 352 8.09 14.22 31.07
C MET D 352 7.86 13.54 29.73
N GLU D 353 8.19 14.23 28.64
CA GLU D 353 8.28 13.60 27.33
C GLU D 353 9.73 13.49 26.89
N LEU D 354 10.04 12.52 26.03
CA LEU D 354 11.40 12.30 25.58
C LEU D 354 11.58 12.64 24.10
N LYS D 355 12.24 13.76 23.84
CA LYS D 355 12.56 14.22 22.49
C LYS D 355 13.96 13.77 22.10
N THR D 356 14.50 14.40 21.04
CA THR D 356 15.81 14.04 20.51
C THR D 356 16.93 14.76 21.26
N ASN D 357 16.59 15.88 21.90
CA ASN D 357 17.57 16.70 22.61
C ASN D 357 17.56 16.41 24.11
N GLY D 358 17.06 15.23 24.47
CA GLY D 358 16.98 14.82 25.86
C GLY D 358 15.59 14.94 26.43
N PRO D 359 15.36 14.34 27.61
CA PRO D 359 14.05 14.40 28.26
C PRO D 359 13.66 15.82 28.67
N ARG D 360 12.38 16.15 28.48
CA ARG D 360 11.89 17.49 28.78
C ARG D 360 10.67 17.45 29.69
N LYS D 361 10.49 18.50 30.47
CA LYS D 361 9.33 18.61 31.34
C LYS D 361 8.17 19.24 30.56
N ILE D 362 7.22 18.42 30.15
CA ILE D 362 6.05 18.91 29.44
C ILE D 362 5.02 19.47 30.42
N GLY D 363 4.91 18.87 31.61
CA GLY D 363 3.92 19.34 32.57
C GLY D 363 4.14 18.90 34.00
N TYR D 364 3.07 18.99 34.79
CA TYR D 364 3.09 18.49 36.17
C TYR D 364 1.68 18.07 36.60
N TRP D 365 1.60 17.33 37.70
CA TRP D 365 0.36 16.77 38.19
C TRP D 365 0.24 16.98 39.70
N SER D 366 -0.86 17.59 40.12
CA SER D 366 -1.18 17.74 41.52
C SER D 366 -2.48 17.00 41.82
N GLU D 367 -2.71 16.68 43.08
CA GLU D 367 -3.90 15.92 43.46
C GLU D 367 -5.17 16.72 43.21
N VAL D 368 -5.10 18.04 43.40
CA VAL D 368 -6.28 18.87 43.24
C VAL D 368 -6.38 19.59 41.89
N ASP D 369 -5.23 19.80 41.25
CA ASP D 369 -5.17 20.45 39.94
C ASP D 369 -5.39 19.50 38.78
N LYS D 370 -5.16 18.21 39.04
CA LYS D 370 -5.03 17.18 38.02
C LYS D 370 -3.88 17.54 37.07
N MET D 371 -4.02 17.20 35.80
CA MET D 371 -2.96 17.47 34.83
C MET D 371 -2.85 18.95 34.49
N VAL D 372 -1.64 19.50 34.59
CA VAL D 372 -1.39 20.88 34.19
C VAL D 372 -0.15 20.95 33.31
N VAL D 373 -0.33 21.32 32.05
CA VAL D 373 0.79 21.34 31.12
C VAL D 373 1.30 22.76 30.86
N THR D 374 2.62 22.91 30.91
CA THR D 374 3.28 24.18 30.66
C THR D 374 3.92 24.20 29.28
N GLN D 385 14.47 16.33 8.00
CA GLN D 385 14.51 15.45 6.84
C GLN D 385 14.21 16.22 5.54
N LYS D 386 15.25 16.53 4.76
CA LYS D 386 15.04 17.29 3.53
C LYS D 386 14.26 16.46 2.53
N THR D 387 13.57 17.15 1.64
CA THR D 387 12.60 16.54 0.74
C THR D 387 12.48 17.38 -0.53
N VAL D 388 12.07 16.75 -1.63
CA VAL D 388 11.99 17.47 -2.90
C VAL D 388 10.81 18.42 -2.87
N VAL D 389 11.10 19.69 -3.11
CA VAL D 389 10.06 20.72 -3.15
C VAL D 389 9.46 20.82 -4.54
N VAL D 390 8.18 20.45 -4.63
CA VAL D 390 7.45 20.52 -5.89
C VAL D 390 6.60 21.79 -5.92
N THR D 391 6.77 22.59 -6.96
CA THR D 391 5.99 23.80 -7.12
C THR D 391 4.88 23.50 -8.11
N THR D 392 3.69 23.98 -7.80
CA THR D 392 2.51 23.74 -8.62
C THR D 392 1.58 24.93 -8.50
N ILE D 393 0.45 24.87 -9.19
CA ILE D 393 -0.44 26.03 -9.22
C ILE D 393 -1.87 25.61 -8.93
N LEU D 394 -2.63 26.48 -8.27
CA LEU D 394 -3.98 26.15 -7.83
C LEU D 394 -4.99 26.28 -8.97
N GLU D 395 -4.77 25.52 -10.03
CA GLU D 395 -5.69 25.51 -11.17
C GLU D 395 -6.51 24.22 -11.19
N SER D 396 -7.82 24.35 -11.03
CA SER D 396 -8.71 23.20 -11.03
C SER D 396 -8.90 22.63 -12.44
N PRO D 397 -9.00 21.30 -12.57
CA PRO D 397 -8.92 20.36 -11.45
C PRO D 397 -7.55 19.73 -11.31
N TYR D 398 -6.49 20.46 -11.62
CA TYR D 398 -5.15 19.90 -11.52
C TYR D 398 -4.68 19.85 -10.07
N VAL D 399 -4.80 20.99 -9.40
CA VAL D 399 -4.48 21.09 -7.99
C VAL D 399 -5.58 21.89 -7.31
N MET D 400 -6.24 21.29 -6.34
CA MET D 400 -7.36 21.93 -5.66
C MET D 400 -7.23 21.76 -4.17
N MET D 401 -7.79 22.70 -3.42
CA MET D 401 -7.82 22.56 -1.98
C MET D 401 -8.92 21.56 -1.61
N LYS D 402 -8.58 20.58 -0.79
CA LYS D 402 -9.58 19.63 -0.31
C LYS D 402 -10.62 20.40 0.50
N LYS D 403 -11.84 19.88 0.55
CA LYS D 403 -12.93 20.57 1.24
C LYS D 403 -12.61 20.81 2.71
N ASN D 404 -11.96 19.82 3.33
CA ASN D 404 -11.57 19.86 4.73
C ASN D 404 -10.11 20.25 4.93
N HIS D 405 -9.53 20.97 3.96
CA HIS D 405 -8.12 21.39 4.02
C HIS D 405 -7.79 22.09 5.33
N GLU D 406 -8.77 22.77 5.92
CA GLU D 406 -8.56 23.47 7.18
C GLU D 406 -8.25 22.49 8.31
N MET D 407 -8.89 21.31 8.27
CA MET D 407 -8.70 20.29 9.30
C MET D 407 -7.54 19.37 8.94
N LEU D 408 -6.87 19.67 7.84
CA LEU D 408 -5.75 18.85 7.36
C LEU D 408 -4.48 19.68 7.27
N GLU D 409 -3.35 18.99 7.08
CA GLU D 409 -2.06 19.66 6.99
C GLU D 409 -1.13 18.93 6.03
N GLY D 410 -0.02 19.59 5.68
CA GLY D 410 0.92 19.04 4.73
C GLY D 410 0.36 18.86 3.33
N ASN D 411 0.80 17.81 2.66
CA ASN D 411 0.39 17.54 1.28
C ASN D 411 -0.92 16.76 1.23
N GLU D 412 -1.61 16.72 2.38
CA GLU D 412 -2.93 16.14 2.43
C GLU D 412 -3.97 17.23 2.17
N ARG D 413 -3.50 18.48 2.10
CA ARG D 413 -4.38 19.61 1.84
C ARG D 413 -4.86 19.65 0.40
N TYR D 414 -4.09 19.04 -0.50
CA TYR D 414 -4.34 19.16 -1.93
C TYR D 414 -4.87 17.88 -2.58
N GLU D 415 -5.67 18.05 -3.62
CA GLU D 415 -6.12 16.93 -4.43
C GLU D 415 -6.21 17.40 -5.88
N GLY D 416 -6.17 16.46 -6.80
CA GLY D 416 -6.25 16.80 -8.22
C GLY D 416 -5.39 15.91 -9.11
N TYR D 417 -5.49 16.14 -10.41
CA TYR D 417 -4.74 15.40 -11.40
C TYR D 417 -3.23 15.44 -11.14
N CYS D 418 -2.72 16.64 -10.90
CA CYS D 418 -1.29 16.85 -10.72
C CYS D 418 -0.80 16.34 -9.37
N VAL D 419 -1.69 16.21 -8.39
CA VAL D 419 -1.33 15.64 -7.09
C VAL D 419 -1.06 14.15 -7.23
N ASP D 420 -1.99 13.47 -7.90
CA ASP D 420 -1.87 12.05 -8.15
C ASP D 420 -0.67 11.78 -9.06
N LEU D 421 -0.50 12.66 -10.04
CA LEU D 421 0.64 12.58 -10.94
C LEU D 421 1.95 12.76 -10.18
N ALA D 422 1.96 13.68 -9.23
CA ALA D 422 3.11 13.90 -8.35
C ALA D 422 3.41 12.62 -7.56
N ALA D 423 2.36 11.97 -7.07
CA ALA D 423 2.54 10.72 -6.33
C ALA D 423 3.15 9.63 -7.22
N GLU D 424 2.66 9.52 -8.45
CA GLU D 424 3.18 8.51 -9.38
C GLU D 424 4.63 8.76 -9.77
N ILE D 425 4.94 10.03 -10.05
CA ILE D 425 6.32 10.42 -10.37
C ILE D 425 7.24 10.13 -9.19
N ALA D 426 6.78 10.45 -7.99
CA ALA D 426 7.52 10.12 -6.77
C ALA D 426 7.75 8.60 -6.64
N LYS D 427 6.73 7.82 -6.98
CA LYS D 427 6.83 6.37 -6.97
C LYS D 427 7.93 5.88 -7.90
N HIS D 428 7.84 6.24 -9.18
CA HIS D 428 8.76 5.71 -10.16
C HIS D 428 10.14 6.36 -10.13
N CYS D 429 10.29 7.46 -9.43
CA CYS D 429 11.62 8.06 -9.28
C CYS D 429 12.21 7.80 -7.91
N GLY D 430 11.37 7.37 -6.98
CA GLY D 430 11.80 7.00 -5.64
C GLY D 430 12.26 8.18 -4.78
N PHE D 431 11.43 9.22 -4.70
CA PHE D 431 11.74 10.33 -3.80
C PHE D 431 10.50 10.77 -3.03
N LYS D 432 10.74 11.37 -1.87
CA LYS D 432 9.68 11.99 -1.08
C LYS D 432 9.50 13.41 -1.62
N TYR D 433 8.31 13.98 -1.49
CA TYR D 433 8.08 15.31 -2.05
C TYR D 433 7.25 16.22 -1.14
N LYS D 434 7.44 17.52 -1.33
CA LYS D 434 6.67 18.51 -0.58
C LYS D 434 5.99 19.47 -1.56
N LEU D 435 4.66 19.39 -1.61
CA LEU D 435 3.91 20.22 -2.55
C LEU D 435 3.81 21.65 -2.06
N THR D 436 4.10 22.60 -2.95
CA THR D 436 3.99 23.99 -2.61
C THR D 436 3.30 24.74 -3.74
N ILE D 437 2.52 25.75 -3.40
CA ILE D 437 1.84 26.56 -4.39
C ILE D 437 2.72 27.73 -4.76
N VAL D 438 2.93 27.92 -6.07
CA VAL D 438 3.76 29.00 -6.57
C VAL D 438 3.37 30.34 -5.95
N GLY D 439 4.38 31.04 -5.44
CA GLY D 439 4.18 32.27 -4.69
C GLY D 439 3.30 33.32 -5.33
N ASP D 440 3.60 33.69 -6.57
CA ASP D 440 2.87 34.76 -7.23
C ASP D 440 1.71 34.21 -8.08
N GLY D 441 1.48 32.92 -7.99
CA GLY D 441 0.35 32.31 -8.67
C GLY D 441 0.40 32.40 -10.19
N LYS D 442 1.59 32.53 -10.75
CA LYS D 442 1.77 32.66 -12.20
C LYS D 442 2.42 31.41 -12.77
N TYR D 443 2.29 31.19 -14.08
CA TYR D 443 2.90 30.00 -14.70
C TYR D 443 4.38 30.22 -15.00
N GLY D 444 4.66 31.16 -15.87
CA GLY D 444 5.94 31.84 -15.92
C GLY D 444 6.10 32.67 -17.19
N ALA D 445 6.75 33.82 -17.04
CA ALA D 445 7.09 34.71 -18.14
C ALA D 445 8.25 35.62 -17.77
N ARG D 446 8.83 36.27 -18.77
CA ARG D 446 9.92 37.20 -18.54
C ARG D 446 9.41 38.63 -18.70
N ASP D 447 9.72 39.50 -17.75
CA ASP D 447 9.35 40.91 -17.91
C ASP D 447 10.27 41.42 -19.01
N ALA D 448 9.75 42.24 -19.91
CA ALA D 448 10.53 42.62 -21.09
C ALA D 448 11.65 43.61 -20.79
N ASP D 449 11.72 44.06 -19.54
CA ASP D 449 12.75 45.00 -19.12
C ASP D 449 13.77 44.30 -18.25
N THR D 450 13.29 43.74 -17.15
CA THR D 450 14.14 43.05 -16.18
C THR D 450 14.60 41.67 -16.66
N LYS D 451 13.81 41.06 -17.52
CA LYS D 451 14.09 39.72 -18.07
C LYS D 451 14.20 38.70 -16.95
N ILE D 452 13.46 38.94 -15.88
CA ILE D 452 13.37 38.03 -14.75
C ILE D 452 12.16 37.10 -14.91
N TRP D 453 12.33 35.82 -14.62
CA TRP D 453 11.25 34.86 -14.73
C TRP D 453 10.35 34.88 -13.50
N ASN D 454 9.05 34.89 -13.73
CA ASN D 454 8.10 34.81 -12.63
C ASN D 454 7.50 33.40 -12.58
N GLY D 455 6.57 33.20 -11.65
CA GLY D 455 5.83 31.95 -11.58
C GLY D 455 6.65 30.71 -11.29
N MET D 456 6.12 29.56 -11.68
CA MET D 456 6.75 28.28 -11.39
C MET D 456 8.08 28.15 -12.11
N VAL D 457 8.15 28.64 -13.34
CA VAL D 457 9.40 28.64 -14.10
C VAL D 457 10.44 29.46 -13.34
N GLY D 458 10.00 30.60 -12.81
CA GLY D 458 10.85 31.44 -11.98
C GLY D 458 11.35 30.71 -10.76
N GLU D 459 10.46 29.96 -10.11
CA GLU D 459 10.79 29.16 -8.94
C GLU D 459 11.78 28.04 -9.26
N LEU D 460 11.72 27.52 -10.49
CA LEU D 460 12.68 26.52 -10.90
C LEU D 460 14.04 27.10 -11.23
N VAL D 461 14.06 28.14 -12.05
CA VAL D 461 15.31 28.74 -12.51
C VAL D 461 16.12 29.33 -11.36
N TYR D 462 15.42 29.93 -10.39
CA TYR D 462 16.09 30.63 -9.31
C TYR D 462 16.23 29.79 -8.05
N GLY D 463 15.87 28.52 -8.16
CA GLY D 463 16.16 27.56 -7.11
C GLY D 463 15.26 27.56 -5.89
N LYS D 464 14.06 28.14 -5.98
CA LYS D 464 13.15 28.07 -4.84
C LYS D 464 12.43 26.72 -4.79
N ALA D 465 12.39 26.01 -5.92
CA ALA D 465 11.77 24.70 -5.93
C ALA D 465 12.58 23.72 -6.76
N ASP D 466 12.40 22.42 -6.48
CA ASP D 466 13.21 21.40 -7.10
C ASP D 466 12.63 20.86 -8.40
N ILE D 467 11.31 20.96 -8.55
CA ILE D 467 10.64 20.48 -9.74
C ILE D 467 9.27 21.15 -9.86
N ALA D 468 8.72 21.22 -11.08
CA ALA D 468 7.38 21.75 -11.26
C ALA D 468 6.44 20.69 -11.83
N ILE D 469 5.39 20.34 -11.08
CA ILE D 469 4.38 19.43 -11.61
C ILE D 469 3.05 20.16 -11.65
N ALA D 470 2.66 20.60 -12.86
CA ALA D 470 1.47 21.40 -13.03
C ALA D 470 1.06 21.42 -14.52
N PRO D 471 -0.12 21.99 -14.85
CA PRO D 471 -0.44 22.15 -16.27
C PRO D 471 0.38 23.24 -16.94
N LEU D 472 1.69 22.97 -17.07
CA LEU D 472 2.63 23.93 -17.63
C LEU D 472 2.83 23.67 -19.12
N THR D 473 2.36 24.59 -19.96
CA THR D 473 2.47 24.40 -21.40
C THR D 473 3.89 24.59 -21.85
N ILE D 474 4.32 23.69 -22.72
CA ILE D 474 5.68 23.70 -23.25
C ILE D 474 5.84 24.76 -24.33
N THR D 475 6.76 25.70 -24.11
CA THR D 475 7.06 26.74 -25.07
C THR D 475 8.54 26.71 -25.44
N LEU D 476 8.89 27.41 -26.51
CA LEU D 476 10.29 27.54 -26.92
C LEU D 476 11.13 28.20 -25.83
N VAL D 477 10.71 29.39 -25.41
CA VAL D 477 11.47 30.16 -24.44
C VAL D 477 11.59 29.47 -23.08
N ARG D 478 10.56 28.71 -22.70
CA ARG D 478 10.64 27.97 -21.44
C ARG D 478 11.60 26.79 -21.58
N GLU D 479 11.57 26.11 -22.71
CA GLU D 479 12.52 25.03 -22.94
C GLU D 479 13.96 25.55 -22.95
N GLU D 480 14.11 26.85 -23.21
CA GLU D 480 15.45 27.42 -23.26
C GLU D 480 16.04 27.58 -21.85
N VAL D 481 15.18 27.75 -20.84
CA VAL D 481 15.69 28.01 -19.49
C VAL D 481 15.47 26.86 -18.50
N ILE D 482 14.60 25.92 -18.86
CA ILE D 482 14.38 24.71 -18.05
C ILE D 482 14.29 23.51 -18.97
N ASP D 483 14.32 22.32 -18.37
CA ASP D 483 14.14 21.11 -19.16
C ASP D 483 12.74 20.55 -18.97
N PHE D 484 12.04 20.33 -20.07
CA PHE D 484 10.73 19.73 -20.02
C PHE D 484 10.83 18.23 -20.22
N SER D 485 10.12 17.47 -19.40
CA SER D 485 9.95 16.05 -19.62
C SER D 485 9.05 15.88 -20.83
N LYS D 486 9.02 14.68 -21.39
CA LYS D 486 8.07 14.41 -22.46
C LYS D 486 6.68 14.72 -21.93
N PRO D 487 5.86 15.40 -22.73
CA PRO D 487 4.58 15.92 -22.25
C PRO D 487 3.60 14.82 -21.81
N PHE D 488 2.85 15.09 -20.75
CA PHE D 488 1.97 14.08 -20.18
C PHE D 488 0.51 14.27 -20.58
N MET D 489 0.23 15.37 -21.29
CA MET D 489 -1.15 15.63 -21.68
C MET D 489 -1.20 16.59 -22.85
N SER D 490 -2.05 16.27 -23.83
CA SER D 490 -2.21 17.07 -25.02
C SER D 490 -3.44 17.96 -24.95
N LEU D 491 -3.31 19.14 -25.54
CA LEU D 491 -4.41 20.08 -25.56
C LEU D 491 -4.33 21.01 -26.76
N GLY D 492 -5.20 22.01 -26.76
CA GLY D 492 -5.18 23.03 -27.78
C GLY D 492 -6.01 24.22 -27.35
N ILE D 493 -5.69 25.39 -27.90
CA ILE D 493 -6.44 26.59 -27.60
C ILE D 493 -7.82 26.46 -28.26
N SER D 494 -8.86 26.76 -27.49
CA SER D 494 -10.23 26.59 -27.96
C SER D 494 -11.14 27.70 -27.46
N ILE D 495 -12.39 27.66 -27.90
CA ILE D 495 -13.36 28.71 -27.63
C ILE D 495 -14.51 28.22 -26.74
N MET D 496 -14.79 28.98 -25.68
CA MET D 496 -15.90 28.69 -24.77
C MET D 496 -16.95 29.78 -24.88
N ILE D 497 -18.22 29.36 -25.00
CA ILE D 497 -19.33 30.30 -25.04
C ILE D 497 -20.38 29.93 -24.01
N LYS D 498 -21.30 30.87 -23.75
CA LYS D 498 -22.44 30.60 -22.89
C LYS D 498 -23.38 29.66 -23.62
N LYS D 499 -23.96 28.70 -22.89
CA LYS D 499 -24.80 27.67 -23.49
C LYS D 499 -26.00 28.27 -24.26
N PRO D 500 -26.08 28.01 -25.57
CA PRO D 500 -27.12 28.44 -26.51
C PRO D 500 -28.49 27.78 -26.25
N GLN D 501 -28.43 26.75 -25.42
CA GLN D 501 -29.47 25.78 -25.05
C GLN D 501 -30.17 25.06 -26.21
N LYS D 502 -31.35 24.53 -25.92
CA LYS D 502 -31.99 23.60 -26.84
C LYS D 502 -32.82 24.32 -27.88
N SER D 503 -33.43 25.39 -27.41
CA SER D 503 -34.27 26.26 -28.20
C SER D 503 -34.15 27.66 -27.62
N GLY D 506 -33.78 26.74 -35.91
CA GLY D 506 -33.13 26.87 -37.19
C GLY D 506 -34.00 26.29 -38.29
N VAL D 507 -34.92 27.10 -38.80
CA VAL D 507 -35.80 26.73 -39.90
C VAL D 507 -35.12 26.07 -41.09
N PHE D 508 -33.97 26.62 -41.44
CA PHE D 508 -33.19 26.15 -42.57
C PHE D 508 -32.78 24.69 -42.44
N SER D 509 -32.51 24.22 -41.22
CA SER D 509 -32.06 22.84 -41.05
C SER D 509 -33.23 21.88 -41.04
N PHE D 510 -34.43 22.40 -40.83
CA PHE D 510 -35.63 21.58 -40.90
C PHE D 510 -36.18 21.77 -42.30
N LEU D 511 -35.65 22.79 -42.97
CA LEU D 511 -35.96 22.92 -44.38
C LEU D 511 -34.86 22.24 -45.19
N ASP D 512 -33.90 21.61 -44.52
CA ASP D 512 -32.89 20.88 -45.27
C ASP D 512 -32.63 19.47 -44.70
N PRO D 513 -33.70 18.66 -44.53
CA PRO D 513 -33.50 17.21 -44.46
C PRO D 513 -32.83 16.72 -45.74
N LEU D 514 -33.25 17.33 -46.85
CA LEU D 514 -32.78 17.05 -48.19
C LEU D 514 -31.68 18.06 -48.44
N ALA D 515 -30.51 17.59 -48.86
CA ALA D 515 -29.39 18.47 -49.13
C ALA D 515 -29.75 19.54 -50.18
N TYR D 516 -29.10 20.70 -50.06
CA TYR D 516 -29.38 21.84 -50.93
C TYR D 516 -29.20 21.49 -52.41
N GLU D 517 -28.46 20.43 -52.69
CA GLU D 517 -28.27 19.98 -54.06
C GLU D 517 -29.57 19.33 -54.57
N ILE D 518 -30.32 18.70 -53.68
CA ILE D 518 -31.55 18.02 -54.06
C ILE D 518 -32.69 19.00 -54.26
N TRP D 519 -32.75 20.05 -53.43
CA TRP D 519 -33.75 21.09 -53.59
C TRP D 519 -33.61 21.82 -54.92
N MET D 520 -32.36 21.93 -55.40
CA MET D 520 -32.11 22.54 -56.69
C MET D 520 -32.53 21.61 -57.82
N ALA D 521 -32.09 20.35 -57.73
CA ALA D 521 -32.44 19.33 -58.72
C ALA D 521 -33.94 19.13 -58.85
N ILE D 522 -34.66 19.25 -57.74
CA ILE D 522 -36.12 19.16 -57.74
C ILE D 522 -36.73 20.30 -58.55
N VAL D 523 -36.09 21.47 -58.50
CA VAL D 523 -36.59 22.66 -59.18
C VAL D 523 -36.30 22.57 -60.68
N PHE D 524 -35.09 22.12 -61.02
CA PHE D 524 -34.71 21.97 -62.41
C PHE D 524 -35.54 20.88 -63.06
N ALA D 525 -35.81 19.82 -62.32
CA ALA D 525 -36.69 18.76 -62.80
C ALA D 525 -38.12 19.27 -62.92
N TYR D 526 -38.51 20.17 -62.02
CA TYR D 526 -39.85 20.74 -62.07
C TYR D 526 -40.06 21.55 -63.35
N ILE D 527 -39.13 22.46 -63.63
CA ILE D 527 -39.25 23.29 -64.83
C ILE D 527 -39.01 22.46 -66.09
N LEU D 528 -38.26 21.37 -65.96
CA LEU D 528 -37.95 20.52 -67.11
C LEU D 528 -39.13 19.64 -67.44
N VAL D 529 -39.98 19.38 -66.45
CA VAL D 529 -41.20 18.62 -66.70
C VAL D 529 -42.30 19.55 -67.18
N SER D 530 -42.35 20.74 -66.59
CA SER D 530 -43.34 21.72 -66.98
C SER D 530 -43.08 22.24 -68.39
N VAL D 531 -41.83 22.18 -68.84
CA VAL D 531 -41.50 22.70 -70.15
C VAL D 531 -41.78 21.62 -71.21
N VAL D 532 -41.66 20.35 -70.81
CA VAL D 532 -42.00 19.24 -71.70
C VAL D 532 -43.52 19.15 -71.86
N LEU D 533 -44.24 19.36 -70.75
CA LEU D 533 -45.68 19.44 -70.80
C LEU D 533 -46.10 20.67 -71.62
N PHE D 534 -45.31 21.74 -71.51
CA PHE D 534 -45.53 22.94 -72.30
C PHE D 534 -45.33 22.68 -73.78
N LEU D 535 -44.47 21.71 -74.09
CA LEU D 535 -44.23 21.35 -75.49
C LEU D 535 -45.32 20.43 -76.02
N VAL D 536 -46.06 19.79 -75.11
CA VAL D 536 -47.19 18.95 -75.51
C VAL D 536 -48.44 19.77 -75.81
N LEU D 584 -51.52 10.79 -74.87
CA LEU D 584 -51.27 9.90 -73.74
C LEU D 584 -49.90 10.17 -73.15
N SER D 585 -49.07 10.90 -73.89
CA SER D 585 -47.74 11.27 -73.45
C SER D 585 -47.81 12.06 -72.14
N ALA D 586 -48.74 13.01 -72.07
CA ALA D 586 -48.88 13.83 -70.87
C ALA D 586 -49.24 12.95 -69.68
N ARG D 587 -50.03 11.92 -69.93
CA ARG D 587 -50.43 10.99 -68.88
C ARG D 587 -49.23 10.20 -68.34
N ILE D 588 -48.39 9.71 -69.25
CA ILE D 588 -47.24 8.91 -68.81
C ILE D 588 -46.25 9.81 -68.07
N VAL D 589 -46.14 11.06 -68.52
CA VAL D 589 -45.33 12.05 -67.83
C VAL D 589 -45.83 12.27 -66.41
N ALA D 590 -47.14 12.47 -66.28
CA ALA D 590 -47.76 12.70 -64.98
C ALA D 590 -47.53 11.49 -64.07
N GLY D 591 -47.50 10.31 -64.66
CA GLY D 591 -47.27 9.09 -63.91
C GLY D 591 -45.85 9.03 -63.37
N VAL D 592 -44.88 9.26 -64.26
CA VAL D 592 -43.47 9.21 -63.86
C VAL D 592 -43.13 10.30 -62.84
N TRP D 593 -43.63 11.51 -63.07
CA TRP D 593 -43.41 12.62 -62.14
C TRP D 593 -44.09 12.34 -60.80
N TRP D 594 -45.22 11.66 -60.85
CA TRP D 594 -45.93 11.29 -59.63
C TRP D 594 -45.10 10.30 -58.82
N PHE D 595 -44.52 9.31 -59.50
CA PHE D 595 -43.65 8.34 -58.84
C PHE D 595 -42.42 9.03 -58.26
N PHE D 596 -41.93 10.03 -58.99
CA PHE D 596 -40.75 10.78 -58.60
C PHE D 596 -41.02 11.55 -57.31
N THR D 597 -42.10 12.33 -57.30
CA THR D 597 -42.44 13.14 -56.14
C THR D 597 -42.84 12.24 -54.97
N LEU D 598 -43.40 11.08 -55.27
CA LEU D 598 -43.72 10.10 -54.24
C LEU D 598 -42.47 9.64 -53.53
N ILE D 599 -41.47 9.25 -54.32
CA ILE D 599 -40.19 8.83 -53.76
C ILE D 599 -39.57 9.96 -52.95
N ILE D 600 -39.62 11.17 -53.51
CA ILE D 600 -39.03 12.34 -52.86
C ILE D 600 -39.65 12.62 -51.50
N ILE D 601 -40.97 12.74 -51.45
CA ILE D 601 -41.63 13.04 -50.19
C ILE D 601 -41.49 11.89 -49.20
N SER D 602 -41.39 10.66 -49.70
CA SER D 602 -41.19 9.51 -48.83
C SER D 602 -39.81 9.57 -48.20
N SER D 603 -38.83 9.95 -49.00
CA SER D 603 -37.46 10.09 -48.53
C SER D 603 -37.35 11.22 -47.51
N TYR D 604 -38.00 12.33 -47.79
CA TYR D 604 -38.04 13.47 -46.87
C TYR D 604 -38.64 13.07 -45.54
N THR D 605 -39.77 12.37 -45.61
CA THR D 605 -40.49 11.95 -44.42
C THR D 605 -39.67 10.98 -43.58
N ALA D 606 -39.12 9.96 -44.25
CA ALA D 606 -38.30 8.95 -43.59
C ALA D 606 -37.08 9.56 -42.92
N ASN D 607 -36.32 10.34 -43.69
CA ASN D 607 -35.10 10.96 -43.19
C ASN D 607 -35.38 11.96 -42.07
N LEU D 608 -36.48 12.68 -42.19
CA LEU D 608 -36.89 13.61 -41.14
C LEU D 608 -37.28 12.84 -39.89
N ALA D 609 -37.82 11.65 -40.08
CA ALA D 609 -38.20 10.79 -38.96
C ALA D 609 -36.95 10.33 -38.23
N ALA D 610 -35.95 9.91 -38.99
CA ALA D 610 -34.66 9.54 -38.42
C ALA D 610 -34.02 10.72 -37.71
N PHE D 611 -34.21 11.91 -38.27
CA PHE D 611 -33.61 13.14 -37.75
C PHE D 611 -34.28 13.61 -36.46
N LEU D 612 -35.58 13.34 -36.33
CA LEU D 612 -36.31 13.66 -35.11
C LEU D 612 -36.20 12.58 -34.04
N THR D 613 -35.88 11.36 -34.46
CA THR D 613 -35.71 10.26 -33.52
C THR D 613 -34.32 10.29 -32.91
N VAL D 614 -33.33 10.62 -33.73
CA VAL D 614 -31.94 10.69 -33.29
C VAL D 614 -31.27 12.00 -33.74
N GLU D 615 -30.08 12.21 -33.18
CA GLU D 615 -29.25 13.42 -33.13
C GLU D 615 -29.91 14.64 -32.43
N ARG D 616 -29.22 15.79 -32.54
CA ARG D 616 -29.52 17.01 -31.83
C ARG D 616 -28.60 18.13 -32.33
N MET D 617 -29.11 19.35 -32.37
CA MET D 617 -28.27 20.48 -32.74
C MET D 617 -28.57 21.64 -31.81
N VAL D 618 -27.51 22.27 -31.30
CA VAL D 618 -27.67 23.35 -30.35
C VAL D 618 -26.85 24.57 -30.79
N SER D 619 -25.53 24.40 -30.89
CA SER D 619 -24.61 25.46 -31.30
C SER D 619 -24.43 25.55 -32.82
N PRO D 620 -24.19 26.78 -33.34
CA PRO D 620 -23.99 27.04 -34.78
C PRO D 620 -22.68 26.47 -35.36
N ILE D 621 -21.74 26.10 -34.48
CA ILE D 621 -20.38 25.70 -34.87
C ILE D 621 -19.70 26.82 -35.66
N GLU D 622 -19.37 27.90 -34.95
CA GLU D 622 -18.76 29.07 -35.56
C GLU D 622 -17.24 28.95 -35.65
N SER D 623 -16.70 29.11 -36.86
CA SER D 623 -15.26 29.02 -37.08
C SER D 623 -14.52 30.14 -36.35
N ALA D 624 -13.28 29.88 -35.92
CA ALA D 624 -12.45 30.90 -35.30
C ALA D 624 -12.35 32.18 -36.16
N GLU D 625 -12.12 32.01 -37.46
CA GLU D 625 -12.03 33.15 -38.37
C GLU D 625 -13.36 33.89 -38.46
N ASP D 626 -14.44 33.13 -38.41
CA ASP D 626 -15.79 33.69 -38.44
C ASP D 626 -16.03 34.48 -37.17
N LEU D 627 -15.48 33.99 -36.06
CA LEU D 627 -15.70 34.68 -34.81
C LEU D 627 -15.01 36.05 -34.81
N SER D 628 -13.88 36.21 -35.50
CA SER D 628 -13.35 37.55 -35.62
C SER D 628 -14.02 38.08 -36.86
N LYS D 629 -15.05 38.88 -36.61
CA LYS D 629 -15.97 39.36 -37.65
C LYS D 629 -17.17 40.08 -37.03
N GLN D 630 -17.85 40.81 -37.91
CA GLN D 630 -18.97 41.71 -37.64
C GLN D 630 -18.60 42.80 -36.64
N THR D 631 -19.54 43.18 -35.79
CA THR D 631 -19.30 44.23 -34.80
C THR D 631 -19.52 43.69 -33.40
N GLU D 632 -18.45 43.72 -32.63
CA GLU D 632 -18.49 43.19 -31.29
C GLU D 632 -17.72 44.10 -30.37
N ILE D 633 -18.17 44.15 -29.12
CA ILE D 633 -17.51 44.96 -28.13
C ILE D 633 -16.07 44.51 -28.02
N ALA D 634 -15.91 43.19 -27.79
CA ALA D 634 -14.59 42.60 -27.60
C ALA D 634 -14.58 41.12 -27.11
N TYR D 635 -13.37 40.56 -26.96
CA TYR D 635 -13.12 39.22 -26.37
C TYR D 635 -11.60 38.95 -26.21
N GLY D 636 -11.22 38.18 -25.18
CA GLY D 636 -9.80 37.99 -24.92
C GLY D 636 -9.32 36.75 -24.16
N THR D 637 -8.00 36.62 -24.14
CA THR D 637 -7.31 35.54 -23.46
C THR D 637 -6.83 35.95 -22.06
N LEU D 638 -6.11 35.05 -21.39
CA LEU D 638 -5.65 35.32 -20.03
C LEU D 638 -4.53 36.35 -19.99
N ASP D 639 -4.36 36.96 -18.82
CA ASP D 639 -3.39 38.03 -18.60
C ASP D 639 -1.97 37.55 -18.84
N SER D 640 -1.73 36.27 -18.52
CA SER D 640 -0.42 35.66 -18.74
C SER D 640 -0.50 34.24 -19.36
N GLY D 641 0.57 33.85 -20.03
CA GLY D 641 0.65 32.50 -20.55
C GLY D 641 0.62 32.43 -22.06
N SER D 642 0.71 31.20 -22.56
CA SER D 642 0.98 30.92 -23.97
C SER D 642 -0.08 31.38 -24.97
N THR D 643 -1.36 31.28 -24.55
CA THR D 643 -2.50 31.65 -25.38
C THR D 643 -2.41 33.16 -25.68
N LYS D 644 -2.17 33.96 -24.64
CA LYS D 644 -1.99 35.40 -24.82
C LYS D 644 -0.78 35.61 -25.72
N GLU D 645 0.28 34.85 -25.45
CA GLU D 645 1.49 34.95 -26.24
C GLU D 645 1.32 34.38 -27.64
N PHE D 646 0.46 33.37 -27.80
CA PHE D 646 0.18 32.77 -29.10
C PHE D 646 -0.33 33.74 -30.14
N PHE D 647 -1.25 34.61 -29.73
CA PHE D 647 -1.85 35.58 -30.63
C PHE D 647 -0.90 36.71 -31.02
N ARG D 648 -0.07 37.14 -30.08
CA ARG D 648 0.90 38.19 -30.37
C ARG D 648 1.89 37.72 -31.44
N ARG D 649 2.29 36.46 -31.34
CA ARG D 649 3.27 35.85 -32.23
C ARG D 649 2.67 35.24 -33.50
N SER D 650 1.37 34.98 -33.49
CA SER D 650 0.68 34.25 -34.56
C SER D 650 0.92 34.82 -35.95
N LYS D 651 1.30 33.94 -36.88
CA LYS D 651 1.65 34.36 -38.23
C LYS D 651 0.52 34.19 -39.23
N ILE D 652 -0.66 33.81 -38.74
CA ILE D 652 -1.83 33.71 -39.61
C ILE D 652 -2.71 34.95 -39.45
N ALA D 653 -3.19 35.47 -40.58
CA ALA D 653 -3.94 36.73 -40.67
C ALA D 653 -4.92 36.95 -39.51
N VAL D 654 -5.88 36.05 -39.40
CA VAL D 654 -7.01 36.20 -38.50
C VAL D 654 -6.60 36.36 -37.04
N PHE D 655 -5.63 35.58 -36.59
CA PHE D 655 -5.17 35.65 -35.21
C PHE D 655 -4.44 36.98 -34.95
N ASP D 656 -3.75 37.49 -35.96
CA ASP D 656 -3.06 38.76 -35.85
C ASP D 656 -4.12 39.85 -35.71
N LYS D 657 -5.18 39.75 -36.49
CA LYS D 657 -6.28 40.69 -36.44
C LYS D 657 -6.94 40.65 -35.06
N MET D 658 -7.08 39.44 -34.54
CA MET D 658 -7.71 39.25 -33.25
C MET D 658 -6.85 39.88 -32.15
N TRP D 659 -5.53 39.71 -32.21
CA TRP D 659 -4.63 40.33 -31.23
C TRP D 659 -4.63 41.85 -31.30
N THR D 660 -4.55 42.37 -32.53
CA THR D 660 -4.57 43.80 -32.76
C THR D 660 -5.85 44.40 -32.21
N TYR D 661 -6.96 43.67 -32.30
CA TYR D 661 -8.21 44.13 -31.70
C TYR D 661 -8.16 44.06 -30.18
N MET D 662 -7.68 42.91 -29.68
CA MET D 662 -7.65 42.63 -28.26
C MET D 662 -6.87 43.66 -27.45
N ARG D 663 -5.73 44.11 -27.96
CA ARG D 663 -4.95 45.13 -27.25
C ARG D 663 -5.72 46.45 -27.13
N SER D 664 -6.64 46.68 -28.08
CA SER D 664 -7.37 47.94 -28.14
C SER D 664 -8.79 47.84 -27.58
N ALA D 665 -9.21 46.63 -27.22
CA ALA D 665 -10.60 46.36 -26.83
C ALA D 665 -11.07 47.13 -25.59
N GLU D 666 -12.29 47.62 -25.63
CA GLU D 666 -12.85 48.33 -24.48
C GLU D 666 -14.31 47.95 -24.27
N PRO D 667 -14.68 47.62 -23.01
CA PRO D 667 -13.79 47.52 -21.84
C PRO D 667 -12.82 46.33 -21.94
N SER D 668 -11.81 46.28 -21.09
CA SER D 668 -10.77 45.24 -21.16
C SER D 668 -11.31 43.81 -21.16
N VAL D 669 -10.76 43.00 -22.05
CA VAL D 669 -11.23 41.62 -22.27
C VAL D 669 -10.38 40.54 -21.67
N PHE D 670 -9.32 40.95 -21.01
CA PHE D 670 -8.39 40.01 -20.45
C PHE D 670 -8.80 39.74 -19.03
N VAL D 671 -8.65 38.49 -18.60
CA VAL D 671 -9.01 38.15 -17.23
C VAL D 671 -7.79 37.63 -16.48
N ARG D 672 -7.88 37.60 -15.17
CA ARG D 672 -6.75 37.26 -14.32
C ARG D 672 -6.73 35.77 -13.99
N THR D 673 -7.92 35.16 -13.94
CA THR D 673 -8.05 33.72 -13.71
C THR D 673 -9.04 33.10 -14.70
N THR D 674 -8.90 31.80 -14.93
CA THR D 674 -9.81 31.08 -15.83
C THR D 674 -11.25 31.17 -15.30
N ALA D 675 -11.40 31.00 -13.98
CA ALA D 675 -12.71 31.11 -13.34
C ALA D 675 -13.35 32.47 -13.61
N GLU D 676 -12.52 33.51 -13.65
CA GLU D 676 -12.99 34.86 -13.93
C GLU D 676 -13.48 34.97 -15.37
N GLY D 677 -12.76 34.34 -16.29
CA GLY D 677 -13.12 34.34 -17.69
C GLY D 677 -14.45 33.63 -17.91
N VAL D 678 -14.60 32.47 -17.28
CA VAL D 678 -15.82 31.68 -17.41
C VAL D 678 -17.01 32.44 -16.80
N ALA D 679 -16.76 33.08 -15.66
CA ALA D 679 -17.76 33.90 -15.00
C ALA D 679 -18.18 35.05 -15.91
N ARG D 680 -17.22 35.60 -16.63
CA ARG D 680 -17.49 36.65 -17.60
C ARG D 680 -18.36 36.13 -18.74
N VAL D 681 -18.10 34.89 -19.15
CA VAL D 681 -18.93 34.25 -20.18
C VAL D 681 -20.37 34.11 -19.71
N ARG D 682 -20.52 33.62 -18.49
CA ARG D 682 -21.84 33.37 -17.91
C ARG D 682 -22.61 34.67 -17.63
N LYS D 683 -21.90 35.74 -17.29
CA LYS D 683 -22.56 36.98 -16.92
C LYS D 683 -22.68 37.98 -18.07
N SER D 684 -22.10 37.65 -19.21
CA SER D 684 -22.26 38.52 -20.39
C SER D 684 -23.40 38.05 -21.28
N LYS D 685 -23.97 36.90 -20.94
CA LYS D 685 -25.14 36.37 -21.64
C LYS D 685 -24.94 36.23 -23.14
N GLY D 686 -23.74 35.83 -23.56
CA GLY D 686 -23.45 35.64 -24.97
C GLY D 686 -22.74 36.81 -25.63
N LYS D 687 -22.47 37.86 -24.84
CA LYS D 687 -21.76 39.04 -25.33
C LYS D 687 -20.24 38.92 -25.14
N TYR D 688 -19.82 37.84 -24.49
CA TYR D 688 -18.39 37.59 -24.30
C TYR D 688 -18.06 36.11 -24.53
N ALA D 689 -17.05 35.87 -25.37
CA ALA D 689 -16.55 34.53 -25.60
C ALA D 689 -15.15 34.42 -24.98
N TYR D 690 -14.81 33.26 -24.45
CA TYR D 690 -13.53 33.12 -23.75
C TYR D 690 -12.60 32.15 -24.45
N LEU D 691 -11.38 32.59 -24.72
CA LEU D 691 -10.39 31.74 -25.38
C LEU D 691 -9.48 31.11 -24.35
N LEU D 692 -9.51 29.78 -24.28
CA LEU D 692 -8.73 29.09 -23.25
C LEU D 692 -8.33 27.72 -23.73
N GLU D 693 -7.34 27.11 -23.08
CA GLU D 693 -6.91 25.78 -23.47
C GLU D 693 -8.02 24.74 -23.33
N SER D 694 -8.05 23.80 -24.28
CA SER D 694 -9.07 22.75 -24.35
C SER D 694 -9.33 22.00 -23.06
N THR D 695 -8.30 21.78 -22.27
CA THR D 695 -8.45 21.04 -21.03
C THR D 695 -9.41 21.72 -20.07
N MET D 696 -9.19 23.01 -19.81
CA MET D 696 -10.05 23.76 -18.89
C MET D 696 -11.45 23.89 -19.46
N ASN D 697 -11.56 24.09 -20.77
CA ASN D 697 -12.86 24.15 -21.43
C ASN D 697 -13.68 22.88 -21.23
N GLU D 698 -13.05 21.74 -21.53
CA GLU D 698 -13.68 20.44 -21.38
C GLU D 698 -14.06 20.20 -19.93
N TYR D 699 -13.23 20.68 -19.01
CA TYR D 699 -13.49 20.49 -17.58
C TYR D 699 -14.72 21.29 -17.14
N ILE D 700 -14.75 22.58 -17.45
CA ILE D 700 -15.86 23.43 -17.06
C ILE D 700 -17.16 22.99 -17.75
N GLU D 701 -17.03 22.43 -18.95
CA GLU D 701 -18.19 21.93 -19.67
C GLU D 701 -18.94 20.86 -18.86
N GLN D 702 -18.23 20.19 -17.96
CA GLN D 702 -18.81 19.13 -17.16
C GLN D 702 -19.20 19.57 -15.75
N ARG D 703 -18.98 20.84 -15.43
CA ARG D 703 -19.15 21.31 -14.05
C ARG D 703 -20.33 22.25 -13.87
N LYS D 704 -20.85 22.30 -12.65
CA LYS D 704 -21.99 23.14 -12.34
C LYS D 704 -21.72 24.62 -12.60
N PRO D 705 -22.75 25.35 -13.06
CA PRO D 705 -24.06 24.77 -13.37
C PRO D 705 -24.18 24.31 -14.82
N CYS D 706 -23.11 23.78 -15.40
CA CYS D 706 -23.13 23.24 -16.76
C CYS D 706 -23.79 24.17 -17.78
N ASP D 707 -23.46 25.45 -17.70
CA ASP D 707 -24.02 26.45 -18.60
C ASP D 707 -23.02 26.95 -19.64
N THR D 708 -21.86 26.31 -19.72
CA THR D 708 -20.84 26.70 -20.69
C THR D 708 -20.53 25.60 -21.69
N MET D 709 -20.03 25.97 -22.87
CA MET D 709 -19.77 24.97 -23.90
C MET D 709 -18.53 25.28 -24.74
N LYS D 710 -17.78 24.23 -25.05
CA LYS D 710 -16.64 24.32 -25.97
C LYS D 710 -17.16 24.21 -27.40
N VAL D 711 -16.81 25.20 -28.23
CA VAL D 711 -17.33 25.26 -29.59
C VAL D 711 -16.21 25.27 -30.62
N GLY D 712 -16.46 24.62 -31.76
CA GLY D 712 -15.46 24.47 -32.79
C GLY D 712 -14.39 23.48 -32.36
N GLY D 713 -13.33 23.39 -33.15
CA GLY D 713 -12.18 22.57 -32.80
C GLY D 713 -11.17 23.35 -31.98
N ASN D 714 -9.90 22.99 -32.11
CA ASN D 714 -8.83 23.73 -31.46
C ASN D 714 -8.04 24.58 -32.44
N LEU D 715 -7.44 25.66 -31.95
CA LEU D 715 -6.70 26.57 -32.80
C LEU D 715 -5.32 26.00 -33.10
N ASP D 716 -4.68 25.43 -32.08
CA ASP D 716 -3.39 24.77 -32.24
C ASP D 716 -3.35 23.49 -31.43
N SER D 717 -2.20 22.79 -31.44
CA SER D 717 -2.05 21.60 -30.61
C SER D 717 -0.69 21.56 -29.93
N LYS D 718 -0.70 21.55 -28.61
CA LYS D 718 0.52 21.51 -27.80
C LYS D 718 0.27 20.67 -26.56
N GLY D 719 1.26 20.62 -25.67
CA GLY D 719 1.12 19.79 -24.49
C GLY D 719 1.80 20.30 -23.22
N TYR D 720 1.28 19.83 -22.09
CA TYR D 720 1.83 20.15 -20.79
C TYR D 720 2.94 19.19 -20.48
N GLY D 721 3.97 19.69 -19.83
CA GLY D 721 5.04 18.80 -19.41
C GLY D 721 5.54 19.14 -18.01
N ILE D 722 6.15 18.16 -17.38
CA ILE D 722 6.75 18.36 -16.08
C ILE D 722 8.13 18.99 -16.26
N ALA D 723 8.37 20.09 -15.56
CA ALA D 723 9.58 20.87 -15.78
C ALA D 723 10.57 20.73 -14.63
N THR D 724 11.83 20.58 -15.00
CA THR D 724 12.94 20.46 -14.06
C THR D 724 13.96 21.56 -14.36
N PRO D 725 14.66 22.05 -13.32
CA PRO D 725 15.76 22.98 -13.58
C PRO D 725 16.80 22.28 -14.43
N LYS D 726 17.30 22.91 -15.48
CA LYS D 726 18.18 22.18 -16.39
C LYS D 726 19.48 21.79 -15.71
N GLY D 727 19.88 20.54 -15.89
CA GLY D 727 21.04 19.99 -15.19
C GLY D 727 20.65 19.28 -13.92
N SER D 728 19.35 19.17 -13.67
CA SER D 728 18.83 18.48 -12.50
C SER D 728 19.17 16.99 -12.48
N SER D 729 19.41 16.48 -11.27
CA SER D 729 19.60 15.05 -11.09
C SER D 729 18.26 14.33 -11.21
N LEU D 730 17.18 15.10 -11.25
CA LEU D 730 15.84 14.53 -11.35
C LEU D 730 15.28 14.50 -12.77
N GLY D 731 15.91 15.18 -13.71
CA GLY D 731 15.35 15.32 -15.04
C GLY D 731 15.03 14.05 -15.81
N THR D 732 16.05 13.24 -16.07
CA THR D 732 15.88 12.04 -16.87
C THR D 732 14.99 10.96 -16.22
N PRO D 733 15.16 10.68 -14.90
CA PRO D 733 14.24 9.70 -14.34
C PRO D 733 12.79 10.19 -14.34
N VAL D 734 12.57 11.49 -14.11
CA VAL D 734 11.22 12.03 -14.16
C VAL D 734 10.62 11.89 -15.56
N ASN D 735 11.43 12.20 -16.58
CA ASN D 735 10.96 12.05 -17.95
C ASN D 735 10.57 10.61 -18.27
N LEU D 736 11.48 9.70 -17.94
CA LEU D 736 11.26 8.28 -18.16
C LEU D 736 10.01 7.81 -17.42
N ALA D 737 9.81 8.36 -16.22
CA ALA D 737 8.63 8.05 -15.43
C ALA D 737 7.35 8.54 -16.11
N VAL D 738 7.42 9.73 -16.70
CA VAL D 738 6.25 10.29 -17.38
C VAL D 738 5.84 9.37 -18.54
N LEU D 739 6.79 9.00 -19.39
CA LEU D 739 6.40 8.16 -20.53
C LEU D 739 6.06 6.74 -20.10
N LYS D 740 6.66 6.30 -19.00
CA LYS D 740 6.29 5.01 -18.39
C LYS D 740 4.82 5.01 -17.99
N LEU D 741 4.40 6.07 -17.30
CA LEU D 741 3.02 6.24 -16.88
C LEU D 741 2.09 6.36 -18.08
N SER D 742 2.55 7.03 -19.14
CA SER D 742 1.76 7.18 -20.34
C SER D 742 1.49 5.83 -20.99
N GLU D 743 2.52 5.00 -21.08
CA GLU D 743 2.39 3.69 -21.71
C GLU D 743 1.59 2.70 -20.86
N GLN D 744 1.60 2.87 -19.54
CA GLN D 744 0.86 1.97 -18.65
C GLN D 744 -0.62 2.33 -18.52
N GLY D 745 -1.03 3.37 -19.22
CA GLY D 745 -2.41 3.83 -19.19
C GLY D 745 -2.76 4.66 -17.96
N VAL D 746 -1.75 4.97 -17.15
CA VAL D 746 -1.96 5.71 -15.91
C VAL D 746 -2.45 7.13 -16.18
N LEU D 747 -1.82 7.81 -17.13
CA LEU D 747 -2.17 9.19 -17.43
C LEU D 747 -3.59 9.30 -17.96
N ASP D 748 -3.98 8.36 -18.81
CA ASP D 748 -5.31 8.35 -19.39
C ASP D 748 -6.35 8.10 -18.30
N LYS D 749 -6.01 7.17 -17.41
CA LYS D 749 -6.91 6.80 -16.33
C LYS D 749 -7.12 7.99 -15.42
N LEU D 750 -6.05 8.72 -15.14
CA LEU D 750 -6.16 9.89 -14.28
C LEU D 750 -6.99 10.98 -14.95
N LYS D 751 -6.78 11.16 -16.25
CA LYS D 751 -7.54 12.16 -17.01
C LYS D 751 -9.03 11.85 -16.91
N ASN D 752 -9.38 10.59 -17.14
CA ASN D 752 -10.77 10.20 -17.00
C ASN D 752 -11.26 10.38 -15.58
N LYS D 753 -10.40 10.08 -14.61
CA LYS D 753 -10.76 10.19 -13.20
C LYS D 753 -11.17 11.61 -12.83
N TRP D 754 -10.37 12.60 -13.25
CA TRP D 754 -10.66 13.98 -12.84
C TRP D 754 -11.54 14.77 -13.82
N TRP D 755 -11.73 14.25 -15.02
CA TRP D 755 -12.51 14.98 -16.02
C TRP D 755 -13.93 14.44 -16.18
N TYR D 756 -14.05 13.16 -16.55
CA TYR D 756 -15.34 12.62 -16.96
C TYR D 756 -15.97 11.68 -15.93
N ASP D 757 -15.23 11.41 -14.84
CA ASP D 757 -15.77 10.63 -13.73
C ASP D 757 -16.40 11.53 -12.68
N LYS D 758 -15.77 12.67 -12.41
CA LYS D 758 -16.30 13.63 -11.45
C LYS D 758 -17.23 14.62 -12.16
N GLY D 759 -17.31 14.48 -13.47
CA GLY D 759 -18.20 15.29 -14.30
C GLY D 759 -19.65 15.15 -13.87
N GLU D 760 -20.31 16.29 -13.65
CA GLU D 760 -21.68 16.28 -13.19
C GLU D 760 -22.73 16.36 -14.33
N CYS D 761 -22.32 16.67 -15.55
CA CYS D 761 -23.28 16.74 -16.67
C CYS D 761 -23.38 15.66 -17.77
N GLY D 762 -22.70 14.51 -17.61
CA GLY D 762 -22.48 13.59 -18.71
C GLY D 762 -23.63 13.23 -19.64
N ALA D 763 -23.27 13.04 -20.92
CA ALA D 763 -24.21 12.73 -22.00
C ALA D 763 -23.51 12.14 -23.22
N SER D 773 -40.49 13.00 -27.29
CA SER D 773 -40.07 13.75 -28.47
C SER D 773 -40.73 15.12 -28.53
N ALA D 774 -41.92 15.21 -27.95
CA ALA D 774 -42.71 16.45 -27.92
C ALA D 774 -43.00 17.00 -29.32
N LEU D 775 -42.73 18.28 -29.53
CA LEU D 775 -43.06 18.93 -30.80
C LEU D 775 -42.10 20.03 -31.20
N SER D 776 -41.87 20.18 -32.50
CA SER D 776 -41.20 21.36 -32.99
C SER D 776 -42.26 22.45 -33.20
N LEU D 777 -42.20 23.53 -32.41
CA LEU D 777 -43.16 24.62 -32.57
C LEU D 777 -42.71 25.78 -33.47
N SER D 778 -41.40 25.97 -33.61
CA SER D 778 -40.85 27.09 -34.41
C SER D 778 -40.62 26.83 -35.90
N ASN D 779 -40.15 25.62 -36.22
CA ASN D 779 -39.74 25.29 -37.59
C ASN D 779 -40.82 25.47 -38.64
N VAL D 780 -42.05 25.13 -38.30
CA VAL D 780 -43.14 25.13 -39.27
C VAL D 780 -43.41 26.55 -39.76
N ALA D 781 -43.08 27.52 -38.91
CA ALA D 781 -43.24 28.93 -39.24
C ALA D 781 -42.45 29.26 -40.52
N GLY D 782 -41.28 28.64 -40.66
CA GLY D 782 -40.47 28.81 -41.84
C GLY D 782 -41.16 28.42 -43.13
N VAL D 783 -42.11 27.51 -43.02
CA VAL D 783 -42.87 27.10 -44.18
C VAL D 783 -43.99 28.09 -44.39
N PHE D 784 -44.43 28.70 -43.29
CA PHE D 784 -45.57 29.60 -43.37
C PHE D 784 -45.16 30.84 -44.12
N TYR D 785 -43.90 31.22 -43.95
CA TYR D 785 -43.34 32.36 -44.64
C TYR D 785 -43.38 32.11 -46.13
N ILE D 786 -43.04 30.89 -46.55
CA ILE D 786 -43.06 30.60 -47.98
C ILE D 786 -44.52 30.47 -48.43
N LEU D 787 -45.40 30.08 -47.52
CA LEU D 787 -46.82 29.96 -47.88
C LEU D 787 -47.42 31.33 -48.15
N VAL D 788 -47.35 32.19 -47.12
CA VAL D 788 -47.96 33.51 -47.20
C VAL D 788 -47.33 34.30 -48.32
N GLY D 789 -46.03 34.14 -48.48
CA GLY D 789 -45.32 34.86 -49.52
C GLY D 789 -45.86 34.44 -50.86
N GLY D 790 -46.06 33.13 -51.04
CA GLY D 790 -46.56 32.64 -52.31
C GLY D 790 -47.96 33.19 -52.49
N LEU D 791 -48.74 33.24 -51.41
CA LEU D 791 -50.11 33.75 -51.50
C LEU D 791 -50.06 35.19 -51.94
N GLY D 792 -49.09 35.94 -51.43
CA GLY D 792 -48.96 37.34 -51.80
C GLY D 792 -48.69 37.43 -53.30
N LEU D 793 -47.76 36.60 -53.78
CA LEU D 793 -47.44 36.58 -55.22
C LEU D 793 -48.71 36.23 -56.00
N ALA D 794 -49.49 35.29 -55.46
CA ALA D 794 -50.69 34.86 -56.15
C ALA D 794 -51.65 36.02 -56.21
N MET D 795 -51.73 36.76 -55.10
CA MET D 795 -52.66 37.88 -55.04
C MET D 795 -52.31 38.84 -56.15
N LEU D 796 -51.00 39.01 -56.37
CA LEU D 796 -50.54 39.98 -57.35
C LEU D 796 -50.91 39.47 -58.74
N VAL D 797 -50.64 38.18 -58.98
CA VAL D 797 -50.92 37.59 -60.28
C VAL D 797 -52.43 37.64 -60.51
N ALA D 798 -53.21 37.59 -59.43
CA ALA D 798 -54.67 37.68 -59.59
C ALA D 798 -55.02 39.09 -60.07
N LEU D 799 -54.52 40.09 -59.36
CA LEU D 799 -54.86 41.48 -59.69
C LEU D 799 -54.52 41.80 -61.14
N ILE D 800 -53.29 41.50 -61.54
CA ILE D 800 -52.83 41.83 -62.90
C ILE D 800 -53.63 41.04 -63.93
N GLU D 801 -54.09 39.86 -63.51
CA GLU D 801 -54.90 39.03 -64.38
C GLU D 801 -56.22 39.72 -64.69
N PHE D 802 -56.87 40.23 -63.65
CA PHE D 802 -58.15 40.93 -63.81
C PHE D 802 -57.93 42.34 -64.37
N ALA D 803 -56.66 42.75 -64.44
CA ALA D 803 -56.25 44.07 -64.91
C ALA D 803 -55.95 44.15 -66.42
N TYR D 804 -55.91 43.01 -67.10
CA TYR D 804 -55.56 42.99 -68.52
C TYR D 804 -56.53 43.77 -69.41
N LYS D 805 -57.80 43.82 -69.01
CA LYS D 805 -58.78 44.58 -69.76
C LYS D 805 -58.71 46.06 -69.39
#